data_4RJJ
#
_entry.id   4RJJ
#
_cell.length_a   111.671
_cell.length_b   170.003
_cell.length_c   339.812
_cell.angle_alpha   90.00
_cell.angle_beta   90.00
_cell.angle_gamma   90.00
#
_symmetry.space_group_name_H-M   'P 21 2 21'
#
loop_
_entity.id
_entity.type
_entity.pdbx_description
1 polymer 'Acetolactate synthase'
2 non-polymer 'THIAMINE DIPHOSPHATE'
3 non-polymer 'MAGNESIUM ION'
4 non-polymer 'TETRAETHYLENE GLYCOL'
5 non-polymer 'ACETATE ION'
6 water water
#
_entity_poly.entity_id   1
_entity_poly.type   'polypeptide(L)'
_entity_poly.pdbx_seq_one_letter_code
;MLTKATKEQKSLVKNRGAELVVDCLVEQGVTHVFGIPGAKIDAVFDALQDKGPEIIVARHEQNAAFMAQAVGRLTGKPGV
VLVTSGPGASNLATGLLTANTEGDPVVALAGNVIRADRLKRTHQSLDNAALFQPITKYSVEVQDVKNIPEAVTNAFRIAS
AGQAGAAFVSFPQDVVNEVTNTKNVRAVAAPKLGPAADDAISAAIAKIQTAKLPVVLVGMKGGRPEAIKAVRKLLKKVQL
PFVETYQAAGTLSRDLEDQYFGRIGLFRNQPGDLLLEQADVVLTIGYDPIEYDPKFWNINGDRTIIHLDEIIADIDHAYQ
PDLELIGDIPSTINHIEHDAVKVEFAEREQKILSDLKQYMHEGEQVPADWKSDRAHPLEIVKELRNAVDDHVTVTCDIGS
HAIWMSRYFRSYEPLTLMISNGMQTLGVALPWAIGASLVKPGEKVVSVSGDGGFLFSAMELETAVRLKAPIVHIVWNDST
YDMVAFQQLKKYNRTSAVDFGNIDIVKYAESFGATGLRVESPDQLADVLRQGMNAEGPVIIDVPVDYSDNINLASDKLPK
EFGELMKTKAL
;
_entity_poly.pdbx_strand_id   A,B,C,D,E,F,G,H
#
loop_
_chem_comp.id
_chem_comp.type
_chem_comp.name
_chem_comp.formula
ACT non-polymer 'ACETATE ION' 'C2 H3 O2 -1'
MG non-polymer 'MAGNESIUM ION' 'Mg 2'
PG4 non-polymer 'TETRAETHYLENE GLYCOL' 'C8 H18 O5'
TPP non-polymer 'THIAMINE DIPHOSPHATE' 'C12 H19 N4 O7 P2 S 1'
#
# COMPACT_ATOMS: atom_id res chain seq x y z
N LYS A 14 -7.37 -3.86 -78.90
CA LYS A 14 -6.31 -4.59 -78.19
C LYS A 14 -6.77 -5.13 -76.82
N ASN A 15 -6.24 -6.29 -76.46
CA ASN A 15 -6.61 -6.98 -75.21
C ASN A 15 -5.42 -7.37 -74.35
N ARG A 16 -4.52 -6.41 -74.07
CA ARG A 16 -3.38 -6.68 -73.19
C ARG A 16 -3.68 -6.26 -71.75
N GLY A 17 -2.79 -6.63 -70.82
CA GLY A 17 -2.88 -6.17 -69.46
C GLY A 17 -2.90 -4.66 -69.43
N ALA A 18 -2.14 -4.04 -70.34
CA ALA A 18 -2.11 -2.58 -70.43
C ALA A 18 -3.52 -2.00 -70.65
N GLU A 19 -4.31 -2.65 -71.50
CA GLU A 19 -5.65 -2.15 -71.75
C GLU A 19 -6.51 -2.23 -70.50
N LEU A 20 -6.31 -3.28 -69.71
CA LEU A 20 -7.06 -3.41 -68.47
C LEU A 20 -6.76 -2.22 -67.55
N VAL A 21 -5.49 -1.84 -67.48
CA VAL A 21 -5.08 -0.69 -66.67
C VAL A 21 -5.78 0.57 -67.12
N VAL A 22 -5.75 0.82 -68.42
CA VAL A 22 -6.41 2.00 -68.99
C VAL A 22 -7.92 1.96 -68.71
N ASP A 23 -8.50 0.77 -68.83
CA ASP A 23 -9.92 0.61 -68.56
C ASP A 23 -10.29 0.98 -67.13
N CYS A 24 -9.43 0.64 -66.17
CA CYS A 24 -9.66 1.04 -64.79
C CYS A 24 -9.63 2.56 -64.65
N LEU A 25 -8.68 3.20 -65.31
CA LEU A 25 -8.58 4.66 -65.23
C LEU A 25 -9.82 5.34 -65.77
N VAL A 26 -10.33 4.81 -66.89
CA VAL A 26 -11.54 5.33 -67.50
C VAL A 26 -12.72 5.20 -66.55
N GLU A 27 -12.87 4.00 -65.98
CA GLU A 27 -13.96 3.74 -65.05
C GLU A 27 -13.88 4.59 -63.78
N GLN A 28 -12.66 4.93 -63.35
CA GLN A 28 -12.43 5.76 -62.17
C GLN A 28 -12.73 7.23 -62.46
N GLY A 29 -12.96 7.56 -63.74
CA GLY A 29 -13.20 8.93 -64.15
C GLY A 29 -11.93 9.76 -64.16
N VAL A 30 -10.79 9.12 -64.33
CA VAL A 30 -9.53 9.85 -64.37
C VAL A 30 -9.38 10.62 -65.68
N THR A 31 -9.12 11.93 -65.57
CA THR A 31 -8.97 12.75 -66.77
C THR A 31 -7.50 13.09 -67.08
N HIS A 32 -6.65 13.04 -66.06
CA HIS A 32 -5.21 13.28 -66.28
C HIS A 32 -4.31 12.25 -65.62
N VAL A 33 -3.33 11.78 -66.37
CA VAL A 33 -2.29 10.94 -65.81
C VAL A 33 -0.97 11.71 -65.94
N PHE A 34 -0.27 11.86 -64.82
CA PHE A 34 1.05 12.51 -64.85
C PHE A 34 2.10 11.43 -64.89
N GLY A 35 3.04 11.53 -65.82
CA GLY A 35 4.03 10.47 -65.91
C GLY A 35 5.20 10.69 -66.84
N ILE A 36 6.08 9.70 -66.85
CA ILE A 36 7.23 9.68 -67.71
C ILE A 36 7.37 8.25 -68.17
N PRO A 37 7.39 8.04 -69.50
CA PRO A 37 7.45 6.68 -70.03
C PRO A 37 8.83 6.09 -69.92
N GLY A 38 8.91 4.79 -70.16
CA GLY A 38 10.16 4.07 -70.14
C GLY A 38 9.80 2.70 -70.67
N ALA A 39 10.80 1.89 -70.98
CA ALA A 39 10.58 0.62 -71.66
C ALA A 39 9.62 -0.33 -70.92
N LYS A 40 9.82 -0.49 -69.62
CA LYS A 40 9.06 -1.51 -68.87
C LYS A 40 7.55 -1.23 -68.79
N ILE A 41 7.16 0.05 -68.81
CA ILE A 41 5.77 0.44 -68.66
C ILE A 41 5.16 0.96 -69.98
N ASP A 42 5.97 1.00 -71.05
CA ASP A 42 5.53 1.66 -72.29
C ASP A 42 4.22 1.11 -72.89
N ALA A 43 3.87 -0.13 -72.59
CA ALA A 43 2.64 -0.71 -73.11
C ALA A 43 1.41 0.05 -72.61
N VAL A 44 1.44 0.49 -71.34
CA VAL A 44 0.34 1.31 -70.82
C VAL A 44 0.31 2.68 -71.51
N PHE A 45 1.48 3.26 -71.73
CA PHE A 45 1.55 4.52 -72.45
C PHE A 45 1.05 4.35 -73.87
N ASP A 46 1.35 3.19 -74.45
CA ASP A 46 0.82 2.89 -75.77
C ASP A 46 -0.70 2.78 -75.73
N ALA A 47 -1.23 2.02 -74.77
CA ALA A 47 -2.67 1.84 -74.65
C ALA A 47 -3.41 3.15 -74.40
N LEU A 48 -2.71 4.11 -73.79
CA LEU A 48 -3.32 5.42 -73.54
C LEU A 48 -3.45 6.25 -74.81
N GLN A 49 -2.87 5.78 -75.92
CA GLN A 49 -3.07 6.46 -77.21
C GLN A 49 -4.46 6.20 -77.77
N ASP A 50 -5.01 5.04 -77.45
CA ASP A 50 -6.32 4.63 -77.93
C ASP A 50 -7.51 5.21 -77.14
N LYS A 51 -7.34 5.30 -75.82
CA LYS A 51 -8.42 5.76 -74.94
C LYS A 51 -7.84 6.16 -73.59
N GLY A 52 -8.65 6.77 -72.74
CA GLY A 52 -8.24 7.09 -71.40
C GLY A 52 -7.88 8.54 -71.18
N PRO A 53 -7.43 8.87 -69.96
CA PRO A 53 -7.05 10.23 -69.55
C PRO A 53 -5.91 10.77 -70.42
N GLU A 54 -5.87 12.09 -70.51
CA GLU A 54 -4.77 12.83 -71.13
C GLU A 54 -3.48 12.60 -70.34
N ILE A 55 -2.39 12.39 -71.04
CA ILE A 55 -1.08 12.27 -70.40
C ILE A 55 -0.40 13.63 -70.23
N ILE A 56 -0.01 13.97 -69.01
CA ILE A 56 0.79 15.16 -68.78
C ILE A 56 2.26 14.75 -68.57
N VAL A 57 3.11 15.02 -69.56
CA VAL A 57 4.50 14.59 -69.49
C VAL A 57 5.24 15.47 -68.49
N ALA A 58 5.83 14.85 -67.48
CA ALA A 58 6.51 15.60 -66.42
C ALA A 58 8.01 15.68 -66.72
N ARG A 59 8.71 16.57 -66.03
CA ARG A 59 10.16 16.68 -66.22
C ARG A 59 10.97 15.96 -65.14
N HIS A 60 10.27 15.40 -64.16
CA HIS A 60 10.85 14.55 -63.12
C HIS A 60 9.68 13.83 -62.43
N GLU A 61 9.84 12.54 -62.15
CA GLU A 61 8.75 11.78 -61.51
C GLU A 61 8.33 12.35 -60.16
N GLN A 62 9.26 12.99 -59.45
CA GLN A 62 8.92 13.67 -58.20
C GLN A 62 7.79 14.68 -58.46
N ASN A 63 7.90 15.44 -59.54
CA ASN A 63 6.89 16.46 -59.82
C ASN A 63 5.59 15.84 -60.31
N ALA A 64 5.71 14.72 -60.99
CA ALA A 64 4.52 13.96 -61.42
C ALA A 64 3.73 13.51 -60.20
N ALA A 65 4.43 13.07 -59.16
CA ALA A 65 3.81 12.64 -57.90
C ALA A 65 3.17 13.82 -57.18
N PHE A 66 3.89 14.93 -57.17
CA PHE A 66 3.41 16.17 -56.56
C PHE A 66 2.09 16.65 -57.19
N MET A 67 2.06 16.68 -58.52
CA MET A 67 0.88 17.09 -59.25
C MET A 67 -0.30 16.15 -58.95
N ALA A 68 -0.01 14.85 -58.97
CA ALA A 68 -1.01 13.86 -58.64
C ALA A 68 -1.53 14.13 -57.22
N GLN A 69 -0.63 14.46 -56.31
CA GLN A 69 -1.02 14.78 -54.94
C GLN A 69 -1.95 16.00 -54.90
N ALA A 70 -1.62 17.02 -55.67
CA ALA A 70 -2.43 18.24 -55.71
C ALA A 70 -3.83 17.97 -56.27
N VAL A 71 -3.90 17.12 -57.30
CA VAL A 71 -5.18 16.73 -57.87
C VAL A 71 -6.00 15.96 -56.84
N GLY A 72 -5.33 15.10 -56.09
CA GLY A 72 -6.00 14.37 -55.03
C GLY A 72 -6.54 15.31 -53.97
N ARG A 73 -5.72 16.27 -53.54
CA ARG A 73 -6.14 17.18 -52.48
C ARG A 73 -7.33 18.02 -52.91
N LEU A 74 -7.32 18.46 -54.17
CA LEU A 74 -8.34 19.36 -54.68
C LEU A 74 -9.65 18.69 -55.06
N THR A 75 -9.61 17.40 -55.42
CA THR A 75 -10.81 16.75 -55.96
C THR A 75 -11.42 15.67 -55.08
N GLY A 76 -10.63 15.11 -54.17
CA GLY A 76 -11.10 14.01 -53.34
C GLY A 76 -11.04 12.65 -54.05
N LYS A 77 -10.69 12.68 -55.33
CA LYS A 77 -10.46 11.45 -56.08
C LYS A 77 -8.95 11.34 -56.31
N PRO A 78 -8.40 10.12 -56.25
CA PRO A 78 -6.94 9.97 -56.32
C PRO A 78 -6.32 10.58 -57.57
N GLY A 79 -5.30 11.42 -57.38
CA GLY A 79 -4.45 11.82 -58.49
C GLY A 79 -3.67 10.57 -58.93
N VAL A 80 -3.32 10.52 -60.21
CA VAL A 80 -2.68 9.34 -60.79
C VAL A 80 -1.32 9.62 -61.41
N VAL A 81 -0.32 8.84 -60.99
CA VAL A 81 1.05 9.00 -61.52
C VAL A 81 1.51 7.70 -62.18
N LEU A 82 2.16 7.79 -63.34
CA LEU A 82 2.52 6.61 -64.12
C LEU A 82 3.99 6.63 -64.52
N VAL A 83 4.76 5.64 -64.09
CA VAL A 83 6.21 5.68 -64.32
C VAL A 83 6.78 4.32 -64.73
N THR A 84 8.03 4.32 -65.16
CA THR A 84 8.67 3.07 -65.53
C THR A 84 9.37 2.42 -64.33
N SER A 85 10.06 1.31 -64.61
CA SER A 85 10.76 0.55 -63.58
C SER A 85 12.00 1.28 -63.05
N GLY A 86 12.60 0.71 -62.00
CA GLY A 86 13.83 1.22 -61.43
C GLY A 86 13.77 2.67 -60.97
N PRO A 87 14.62 3.53 -61.56
CA PRO A 87 14.68 4.92 -61.12
C PRO A 87 13.36 5.67 -61.38
N GLY A 88 12.53 5.21 -62.31
CA GLY A 88 11.21 5.78 -62.50
C GLY A 88 10.38 5.59 -61.24
N ALA A 89 10.35 4.36 -60.76
CA ALA A 89 9.55 4.07 -59.58
C ALA A 89 10.18 4.68 -58.33
N SER A 90 11.49 4.54 -58.18
CA SER A 90 12.17 5.02 -56.98
C SER A 90 12.08 6.54 -56.85
N ASN A 91 11.96 7.23 -57.98
CA ASN A 91 11.80 8.70 -57.94
C ASN A 91 10.46 9.13 -57.37
N LEU A 92 9.56 8.17 -57.12
CA LEU A 92 8.24 8.47 -56.54
C LEU A 92 8.25 8.51 -55.03
N ALA A 93 9.35 8.07 -54.41
CA ALA A 93 9.37 7.82 -52.96
C ALA A 93 8.89 9.01 -52.17
N THR A 94 9.51 10.17 -52.39
CA THR A 94 9.17 11.34 -51.62
C THR A 94 7.73 11.81 -51.85
N GLY A 95 7.30 11.83 -53.11
CA GLY A 95 5.93 12.20 -53.45
C GLY A 95 4.88 11.39 -52.72
N LEU A 96 4.97 10.08 -52.83
CA LEU A 96 4.00 9.20 -52.20
C LEU A 96 4.05 9.30 -50.69
N LEU A 97 5.24 9.40 -50.12
CA LEU A 97 5.36 9.55 -48.67
C LEU A 97 4.65 10.83 -48.20
N THR A 98 4.81 11.91 -48.97
CA THR A 98 4.18 13.18 -48.65
C THR A 98 2.65 13.09 -48.74
N ALA A 99 2.14 12.57 -49.85
CA ALA A 99 0.70 12.39 -49.98
C ALA A 99 0.18 11.49 -48.87
N ASN A 100 0.92 10.44 -48.56
CA ASN A 100 0.50 9.43 -47.60
C ASN A 100 0.43 9.94 -46.16
N THR A 101 1.13 11.02 -45.85
CA THR A 101 1.15 11.53 -44.48
C THR A 101 0.38 12.84 -44.35
N GLU A 102 -0.14 13.34 -45.47
CA GLU A 102 -0.84 14.62 -45.52
C GLU A 102 -2.32 14.51 -45.96
N GLY A 103 -2.85 13.29 -46.03
CA GLY A 103 -4.26 13.05 -46.28
C GLY A 103 -4.72 13.12 -47.74
N ASP A 104 -3.78 12.96 -48.67
CA ASP A 104 -4.09 13.12 -50.09
C ASP A 104 -4.11 11.80 -50.83
N PRO A 105 -5.26 11.51 -51.47
CA PRO A 105 -5.38 10.25 -52.21
C PRO A 105 -4.58 10.29 -53.51
N VAL A 106 -3.70 9.32 -53.69
CA VAL A 106 -2.87 9.22 -54.89
C VAL A 106 -2.75 7.74 -55.24
N VAL A 107 -2.89 7.43 -56.53
CA VAL A 107 -2.55 6.10 -57.01
C VAL A 107 -1.35 6.14 -57.97
N ALA A 108 -0.32 5.38 -57.62
CA ALA A 108 0.89 5.28 -58.44
C ALA A 108 0.91 3.94 -59.17
N LEU A 109 1.26 3.99 -60.46
CA LEU A 109 1.34 2.80 -61.29
C LEU A 109 2.75 2.73 -61.86
N ALA A 110 3.45 1.63 -61.58
CA ALA A 110 4.87 1.55 -61.97
C ALA A 110 5.21 0.25 -62.71
N GLY A 111 6.23 0.31 -63.56
CA GLY A 111 6.72 -0.88 -64.23
C GLY A 111 7.71 -1.66 -63.37
N ASN A 112 7.92 -2.91 -63.77
CA ASN A 112 9.04 -3.68 -63.25
C ASN A 112 9.53 -4.63 -64.34
N VAL A 113 10.68 -5.27 -64.11
CA VAL A 113 11.20 -6.22 -65.09
C VAL A 113 10.27 -7.41 -65.19
N ILE A 114 10.40 -8.19 -66.26
CA ILE A 114 9.57 -9.40 -66.45
C ILE A 114 9.68 -10.34 -65.26
N ARG A 115 8.61 -11.10 -65.01
CA ARG A 115 8.54 -12.01 -63.86
C ARG A 115 9.70 -13.01 -63.76
N ALA A 116 10.11 -13.53 -64.91
CA ALA A 116 11.14 -14.56 -64.96
C ALA A 116 12.49 -14.04 -64.49
N ASP A 117 12.67 -12.73 -64.60
CA ASP A 117 13.94 -12.11 -64.27
C ASP A 117 13.83 -11.30 -62.99
N ARG A 118 12.75 -11.51 -62.24
CA ARG A 118 12.42 -10.65 -61.11
C ARG A 118 13.46 -10.70 -59.99
N LEU A 119 14.23 -11.78 -59.93
CA LEU A 119 15.21 -11.93 -58.85
C LEU A 119 16.62 -11.58 -59.31
N LYS A 120 16.75 -11.22 -60.59
CA LYS A 120 18.06 -11.09 -61.21
C LYS A 120 18.66 -9.69 -61.11
N ARG A 121 19.99 -9.61 -61.21
CA ARG A 121 20.65 -8.33 -61.40
C ARG A 121 20.51 -7.98 -62.87
N THR A 122 19.48 -7.21 -63.17
CA THR A 122 19.12 -6.88 -64.54
C THR A 122 18.63 -5.42 -64.51
N HIS A 123 18.72 -4.73 -65.65
CA HIS A 123 18.40 -3.30 -65.70
C HIS A 123 17.10 -2.91 -65.02
N GLN A 124 17.20 -1.96 -64.08
CA GLN A 124 16.06 -1.30 -63.42
C GLN A 124 15.16 -2.21 -62.64
N SER A 125 15.74 -3.27 -62.08
CA SER A 125 14.98 -4.21 -61.26
C SER A 125 15.21 -3.96 -59.77
N LEU A 126 14.11 -3.93 -59.01
CA LEU A 126 14.16 -3.92 -57.56
C LEU A 126 12.84 -4.45 -57.04
N ASP A 127 12.77 -4.74 -55.74
CA ASP A 127 11.51 -5.15 -55.15
C ASP A 127 10.63 -3.93 -54.95
N ASN A 128 9.90 -3.55 -56.01
CA ASN A 128 9.11 -2.31 -56.01
C ASN A 128 8.18 -2.20 -54.82
N ALA A 129 7.42 -3.26 -54.58
CA ALA A 129 6.44 -3.27 -53.51
C ALA A 129 7.09 -3.12 -52.15
N ALA A 130 8.24 -3.75 -51.96
CA ALA A 130 8.90 -3.67 -50.65
C ALA A 130 9.39 -2.26 -50.41
N LEU A 131 9.81 -1.57 -51.48
CA LEU A 131 10.31 -0.21 -51.32
C LEU A 131 9.20 0.69 -50.81
N PHE A 132 7.99 0.49 -51.35
CA PHE A 132 6.86 1.37 -51.05
C PHE A 132 6.00 0.96 -49.85
N GLN A 133 6.21 -0.26 -49.38
CA GLN A 133 5.49 -0.75 -48.19
C GLN A 133 5.52 0.21 -46.98
N PRO A 134 6.70 0.76 -46.62
CA PRO A 134 6.72 1.60 -45.41
C PRO A 134 6.15 3.00 -45.59
N ILE A 135 5.87 3.41 -46.82
CA ILE A 135 5.49 4.79 -47.08
C ILE A 135 4.15 4.95 -47.80
N THR A 136 3.35 3.89 -47.83
CA THR A 136 2.06 3.94 -48.51
C THR A 136 1.02 3.20 -47.68
N LYS A 137 -0.27 3.38 -47.98
CA LYS A 137 -1.31 2.56 -47.36
C LYS A 137 -1.36 1.15 -47.97
N TYR A 138 -0.86 1.03 -49.20
CA TYR A 138 -1.08 -0.16 -50.02
C TYR A 138 -0.01 -0.19 -51.07
N SER A 139 0.75 -1.28 -51.06
CA SER A 139 1.89 -1.43 -51.94
C SER A 139 1.93 -2.86 -52.44
N VAL A 140 1.62 -3.06 -53.71
CA VAL A 140 1.51 -4.41 -54.23
C VAL A 140 2.11 -4.49 -55.63
N GLU A 141 2.47 -5.71 -56.02
CA GLU A 141 2.87 -6.01 -57.38
C GLU A 141 1.95 -7.10 -57.94
N VAL A 142 1.45 -6.89 -59.14
CA VAL A 142 0.57 -7.87 -59.81
C VAL A 142 1.38 -8.94 -60.56
N GLN A 143 1.13 -10.22 -60.27
CA GLN A 143 1.91 -11.29 -60.88
C GLN A 143 1.10 -12.18 -61.83
N ASP A 144 -0.12 -11.78 -62.11
CA ASP A 144 -0.95 -12.48 -63.07
C ASP A 144 -1.89 -11.49 -63.69
N VAL A 145 -1.93 -11.47 -65.01
CA VAL A 145 -2.70 -10.46 -65.73
C VAL A 145 -4.17 -10.35 -65.30
N LYS A 146 -4.76 -11.46 -64.86
CA LYS A 146 -6.16 -11.55 -64.42
C LYS A 146 -6.44 -10.69 -63.22
N ASN A 147 -5.40 -10.45 -62.42
CA ASN A 147 -5.54 -9.76 -61.15
C ASN A 147 -5.46 -8.22 -61.28
N ILE A 148 -5.07 -7.76 -62.47
CA ILE A 148 -4.97 -6.31 -62.74
C ILE A 148 -6.20 -5.46 -62.37
N PRO A 149 -7.41 -5.81 -62.86
CA PRO A 149 -8.56 -4.94 -62.56
C PRO A 149 -8.91 -4.91 -61.08
N GLU A 150 -8.70 -6.03 -60.41
CA GLU A 150 -8.93 -6.12 -58.98
C GLU A 150 -7.90 -5.31 -58.19
N ALA A 151 -6.63 -5.46 -58.54
CA ALA A 151 -5.56 -4.81 -57.80
C ALA A 151 -5.66 -3.29 -57.89
N VAL A 152 -5.96 -2.81 -59.08
CA VAL A 152 -6.03 -1.39 -59.29
C VAL A 152 -7.26 -0.81 -58.61
N THR A 153 -8.40 -1.51 -58.74
CA THR A 153 -9.63 -0.99 -58.14
C THR A 153 -9.51 -0.85 -56.63
N ASN A 154 -8.97 -1.88 -56.00
CA ASN A 154 -8.72 -1.82 -54.56
C ASN A 154 -7.74 -0.69 -54.23
N ALA A 155 -6.77 -0.44 -55.10
CA ALA A 155 -5.84 0.69 -54.84
C ALA A 155 -6.55 2.04 -54.82
N PHE A 156 -7.46 2.28 -55.77
CA PHE A 156 -8.24 3.53 -55.74
C PHE A 156 -9.09 3.68 -54.48
N ARG A 157 -9.77 2.61 -54.12
CA ARG A 157 -10.66 2.65 -52.95
C ARG A 157 -9.87 2.88 -51.68
N ILE A 158 -8.74 2.18 -51.55
CA ILE A 158 -7.89 2.28 -50.35
C ILE A 158 -7.25 3.67 -50.23
N ALA A 159 -6.85 4.23 -51.37
CA ALA A 159 -6.29 5.57 -51.42
C ALA A 159 -7.30 6.62 -50.97
N SER A 160 -8.59 6.39 -51.29
CA SER A 160 -9.66 7.32 -50.98
C SER A 160 -10.22 7.16 -49.57
N ALA A 161 -10.17 5.94 -49.05
CA ALA A 161 -10.81 5.64 -47.78
C ALA A 161 -10.11 6.36 -46.62
N GLY A 162 -10.90 6.91 -45.70
CA GLY A 162 -10.34 7.67 -44.60
C GLY A 162 -9.48 6.75 -43.76
N GLN A 163 -8.28 7.20 -43.37
CA GLN A 163 -7.71 8.48 -43.80
C GLN A 163 -7.03 8.32 -45.15
N ALA A 164 -7.33 9.21 -46.08
CA ALA A 164 -6.82 9.09 -47.45
C ALA A 164 -5.30 9.14 -47.50
N GLY A 165 -4.71 8.41 -48.46
CA GLY A 165 -3.28 8.39 -48.62
C GLY A 165 -2.87 7.80 -49.95
N ALA A 166 -1.66 7.24 -49.99
CA ALA A 166 -1.06 6.73 -51.22
C ALA A 166 -1.22 5.22 -51.37
N ALA A 167 -1.46 4.78 -52.61
CA ALA A 167 -1.48 3.36 -52.98
C ALA A 167 -0.52 3.14 -54.15
N PHE A 168 0.23 2.04 -54.13
CA PHE A 168 1.24 1.80 -55.15
C PHE A 168 0.99 0.43 -55.77
N VAL A 169 0.97 0.37 -57.10
CA VAL A 169 0.78 -0.89 -57.82
C VAL A 169 1.87 -1.07 -58.86
N SER A 170 2.60 -2.18 -58.75
CA SER A 170 3.71 -2.46 -59.67
C SER A 170 3.31 -3.50 -60.71
N PHE A 171 3.70 -3.28 -61.96
CA PHE A 171 3.42 -4.19 -63.08
C PHE A 171 4.69 -4.66 -63.78
N PRO A 172 5.01 -5.96 -63.66
CA PRO A 172 6.07 -6.56 -64.45
C PRO A 172 5.71 -6.41 -65.93
N GLN A 173 6.72 -6.12 -66.75
CA GLN A 173 6.54 -5.82 -68.17
C GLN A 173 5.71 -6.87 -68.93
N ASP A 174 5.97 -8.15 -68.67
CA ASP A 174 5.23 -9.21 -69.38
C ASP A 174 3.76 -9.25 -68.96
N VAL A 175 3.46 -8.83 -67.74
CA VAL A 175 2.07 -8.75 -67.27
C VAL A 175 1.27 -7.68 -68.04
N VAL A 176 1.86 -6.50 -68.25
CA VAL A 176 1.12 -5.48 -69.01
C VAL A 176 1.11 -5.71 -70.53
N ASN A 177 2.04 -6.53 -71.04
CA ASN A 177 2.06 -6.83 -72.47
C ASN A 177 1.21 -8.04 -72.85
N GLU A 178 0.84 -8.84 -71.86
CA GLU A 178 0.23 -10.14 -72.11
C GLU A 178 -1.20 -10.02 -72.67
N VAL A 179 -1.48 -10.76 -73.74
CA VAL A 179 -2.83 -10.76 -74.31
C VAL A 179 -3.74 -11.63 -73.43
N THR A 180 -4.95 -11.14 -73.15
CA THR A 180 -5.85 -11.81 -72.20
C THR A 180 -7.31 -11.52 -72.50
N ASN A 181 -8.19 -12.43 -72.11
CA ASN A 181 -9.62 -12.13 -72.22
C ASN A 181 -10.26 -11.83 -70.87
N THR A 182 -9.42 -11.49 -69.89
CA THR A 182 -9.89 -11.05 -68.59
C THR A 182 -10.84 -9.87 -68.73
N LYS A 183 -11.93 -9.93 -67.98
CA LYS A 183 -12.96 -8.90 -68.00
C LYS A 183 -12.67 -7.85 -66.94
N ASN A 184 -13.11 -6.62 -67.15
CA ASN A 184 -12.88 -5.63 -66.11
CA ASN A 184 -12.97 -5.55 -66.19
C ASN A 184 -13.89 -5.73 -64.99
N VAL A 185 -13.65 -4.96 -63.94
CA VAL A 185 -14.48 -4.97 -62.76
C VAL A 185 -15.14 -3.59 -62.65
N ARG A 186 -16.29 -3.50 -61.99
CA ARG A 186 -16.97 -2.23 -61.83
C ARG A 186 -16.15 -1.35 -60.88
N ALA A 187 -16.05 -0.05 -61.17
CA ALA A 187 -15.32 0.85 -60.26
C ALA A 187 -16.19 1.16 -59.05
N VAL A 188 -16.27 0.20 -58.13
CA VAL A 188 -17.12 0.35 -56.96
C VAL A 188 -16.58 1.46 -56.07
N ALA A 189 -17.34 2.54 -55.93
CA ALA A 189 -16.88 3.71 -55.19
C ALA A 189 -16.76 3.43 -53.69
N ALA A 190 -15.68 3.91 -53.08
CA ALA A 190 -15.52 3.81 -51.64
C ALA A 190 -16.71 4.50 -50.97
N PRO A 191 -17.42 3.76 -50.11
CA PRO A 191 -18.67 4.21 -49.50
C PRO A 191 -18.47 5.11 -48.28
N LYS A 192 -19.38 6.04 -48.06
CA LYS A 192 -19.29 6.90 -46.87
C LYS A 192 -19.74 6.18 -45.60
N LEU A 193 -19.09 6.50 -44.49
CA LEU A 193 -19.54 6.03 -43.19
C LEU A 193 -20.72 6.89 -42.74
N GLY A 194 -21.49 6.41 -41.78
CA GLY A 194 -22.52 7.22 -41.14
C GLY A 194 -21.87 8.11 -40.10
N PRO A 195 -22.68 8.96 -39.44
CA PRO A 195 -22.19 9.81 -38.33
C PRO A 195 -21.84 8.94 -37.10
N ALA A 196 -21.18 9.53 -36.10
CA ALA A 196 -20.94 8.84 -34.85
C ALA A 196 -22.28 8.48 -34.21
N ALA A 197 -22.26 7.53 -33.28
CA ALA A 197 -23.48 7.10 -32.60
C ALA A 197 -24.18 8.27 -31.93
N ASP A 198 -25.51 8.25 -31.93
CA ASP A 198 -26.31 9.34 -31.35
C ASP A 198 -25.93 9.65 -29.90
N ASP A 199 -25.75 8.59 -29.10
CA ASP A 199 -25.47 8.77 -27.68
C ASP A 199 -24.13 9.48 -27.43
N ALA A 200 -23.16 9.23 -28.30
CA ALA A 200 -21.88 9.93 -28.24
C ALA A 200 -22.03 11.40 -28.63
N ILE A 201 -22.86 11.65 -29.64
CA ILE A 201 -23.15 13.03 -30.05
C ILE A 201 -23.74 13.80 -28.87
N SER A 202 -24.71 13.19 -28.18
CA SER A 202 -25.33 13.83 -27.02
C SER A 202 -24.30 14.11 -25.97
N ALA A 203 -23.42 13.14 -25.77
CA ALA A 203 -22.37 13.26 -24.78
C ALA A 203 -21.43 14.42 -25.09
N ALA A 204 -21.14 14.62 -26.38
CA ALA A 204 -20.26 15.72 -26.79
C ALA A 204 -20.94 17.05 -26.55
N ILE A 205 -22.21 17.13 -26.96
CA ILE A 205 -22.97 18.34 -26.75
C ILE A 205 -22.98 18.70 -25.28
N ALA A 206 -23.26 17.70 -24.45
CA ALA A 206 -23.32 17.94 -23.02
C ALA A 206 -21.99 18.47 -22.50
N LYS A 207 -20.88 17.87 -22.94
CA LYS A 207 -19.55 18.30 -22.50
C LYS A 207 -19.29 19.73 -22.93
N ILE A 208 -19.80 20.09 -24.11
CA ILE A 208 -19.61 21.43 -24.61
C ILE A 208 -20.44 22.46 -23.87
N GLN A 209 -21.74 22.17 -23.65
CA GLN A 209 -22.64 23.15 -23.02
C GLN A 209 -22.18 23.51 -21.61
N THR A 210 -21.58 22.57 -20.91
CA THR A 210 -21.18 22.80 -19.54
C THR A 210 -19.74 23.34 -19.40
N ALA A 211 -19.10 23.67 -20.52
CA ALA A 211 -17.74 24.20 -20.50
C ALA A 211 -17.73 25.71 -20.23
N LYS A 212 -16.73 26.19 -19.48
CA LYS A 212 -16.50 27.63 -19.29
C LYS A 212 -15.96 28.27 -20.58
N LEU A 213 -15.10 27.52 -21.27
CA LEU A 213 -14.44 28.01 -22.48
C LEU A 213 -14.20 26.85 -23.46
N PRO A 214 -15.25 26.41 -24.15
CA PRO A 214 -15.02 25.37 -25.16
C PRO A 214 -14.40 25.99 -26.39
N VAL A 215 -13.46 25.29 -27.00
CA VAL A 215 -12.74 25.77 -28.18
C VAL A 215 -12.72 24.64 -29.21
N VAL A 216 -12.83 24.98 -30.49
CA VAL A 216 -12.77 24.01 -31.56
C VAL A 216 -11.38 24.05 -32.21
N LEU A 217 -10.75 22.88 -32.32
CA LEU A 217 -9.48 22.76 -33.05
C LEU A 217 -9.78 22.04 -34.36
N VAL A 218 -9.71 22.79 -35.46
CA VAL A 218 -9.97 22.28 -36.78
C VAL A 218 -8.66 21.76 -37.38
N GLY A 219 -8.65 20.47 -37.75
CA GLY A 219 -7.45 19.83 -38.26
C GLY A 219 -7.50 19.50 -39.73
N MET A 220 -6.56 18.64 -40.14
CA MET A 220 -6.34 18.25 -41.53
C MET A 220 -7.63 17.90 -42.25
N LYS A 221 -8.39 16.96 -41.69
CA LYS A 221 -9.60 16.48 -42.35
C LYS A 221 -10.81 17.32 -42.02
N GLY A 222 -10.60 18.33 -41.20
CA GLY A 222 -11.61 19.34 -40.97
C GLY A 222 -11.59 20.34 -42.11
N GLY A 223 -10.58 20.21 -42.98
CA GLY A 223 -10.38 21.12 -44.10
C GLY A 223 -10.96 20.74 -45.45
N ARG A 224 -11.59 19.57 -45.56
CA ARG A 224 -12.32 19.20 -46.78
C ARG A 224 -13.58 20.09 -46.87
N PRO A 225 -14.01 20.42 -48.09
CA PRO A 225 -15.16 21.33 -48.30
C PRO A 225 -16.42 21.00 -47.49
N GLU A 226 -16.93 19.76 -47.53
CA GLU A 226 -18.14 19.42 -46.79
C GLU A 226 -17.95 19.54 -45.28
N ALA A 227 -16.74 19.28 -44.81
CA ALA A 227 -16.46 19.39 -43.38
C ALA A 227 -16.44 20.86 -42.97
N ILE A 228 -15.81 21.69 -43.80
CA ILE A 228 -15.75 23.12 -43.54
C ILE A 228 -17.17 23.75 -43.57
N LYS A 229 -17.98 23.33 -44.52
CA LYS A 229 -19.36 23.77 -44.60
C LYS A 229 -20.07 23.49 -43.27
N ALA A 230 -19.89 22.29 -42.75
CA ALA A 230 -20.49 21.91 -41.48
C ALA A 230 -19.86 22.62 -40.30
N VAL A 231 -18.55 22.76 -40.30
CA VAL A 231 -17.86 23.43 -39.19
C VAL A 231 -18.38 24.87 -39.07
N ARG A 232 -18.49 25.57 -40.19
CA ARG A 232 -18.96 26.97 -40.22
C ARG A 232 -20.35 27.15 -39.58
N LYS A 233 -21.30 26.28 -39.93
CA LYS A 233 -22.62 26.31 -39.31
C LYS A 233 -22.51 26.12 -37.80
N LEU A 234 -21.71 25.15 -37.36
CA LEU A 234 -21.53 24.92 -35.93
C LEU A 234 -20.90 26.14 -35.26
N LEU A 235 -19.84 26.70 -35.85
CA LEU A 235 -19.18 27.83 -35.23
C LEU A 235 -20.13 29.04 -35.13
N LYS A 236 -20.92 29.27 -36.17
CA LYS A 236 -21.86 30.38 -36.17
C LYS A 236 -22.99 30.20 -35.15
N LYS A 237 -23.56 29.01 -35.09
CA LYS A 237 -24.69 28.77 -34.18
C LYS A 237 -24.30 28.78 -32.71
N VAL A 238 -23.23 28.07 -32.38
CA VAL A 238 -22.84 27.88 -30.98
C VAL A 238 -21.90 29.00 -30.52
N GLN A 239 -21.33 29.71 -31.51
CA GLN A 239 -20.42 30.84 -31.25
C GLN A 239 -19.18 30.40 -30.50
N LEU A 240 -18.60 29.30 -30.96
CA LEU A 240 -17.35 28.76 -30.43
C LEU A 240 -16.17 29.50 -31.03
N PRO A 241 -15.16 29.82 -30.19
CA PRO A 241 -13.86 30.24 -30.71
C PRO A 241 -13.13 29.06 -31.38
N PHE A 242 -12.30 29.34 -32.38
CA PHE A 242 -11.60 28.27 -33.08
C PHE A 242 -10.19 28.63 -33.57
N VAL A 243 -9.39 27.60 -33.84
CA VAL A 243 -8.04 27.74 -34.39
C VAL A 243 -7.91 26.76 -35.54
N GLU A 244 -7.00 27.03 -36.46
CA GLU A 244 -6.72 26.12 -37.57
C GLU A 244 -5.33 25.49 -37.46
N THR A 245 -5.20 24.25 -37.91
CA THR A 245 -3.88 23.73 -38.28
C THR A 245 -3.65 24.29 -39.66
N TYR A 246 -2.46 24.12 -40.21
CA TYR A 246 -2.16 24.72 -41.52
C TYR A 246 -3.04 24.12 -42.62
N GLN A 247 -3.32 22.83 -42.55
CA GLN A 247 -4.12 22.22 -43.61
C GLN A 247 -5.62 22.41 -43.38
N ALA A 248 -5.94 23.11 -42.31
CA ALA A 248 -7.31 23.55 -42.03
C ALA A 248 -7.53 24.96 -42.55
N ALA A 249 -6.51 25.54 -43.17
CA ALA A 249 -6.64 26.86 -43.78
C ALA A 249 -7.81 26.84 -44.76
N GLY A 250 -8.63 27.89 -44.72
CA GLY A 250 -9.81 27.95 -45.58
C GLY A 250 -11.08 27.64 -44.81
N THR A 251 -10.94 27.24 -43.55
CA THR A 251 -12.10 27.00 -42.70
C THR A 251 -12.79 28.32 -42.42
N LEU A 252 -11.95 29.30 -42.07
CA LEU A 252 -12.36 30.67 -41.81
C LEU A 252 -13.12 31.22 -42.98
N SER A 253 -14.16 31.98 -42.67
CA SER A 253 -14.84 32.83 -43.64
C SER A 253 -14.72 34.24 -43.08
N ARG A 254 -14.89 35.26 -43.90
CA ARG A 254 -14.77 36.65 -43.44
C ARG A 254 -15.75 36.94 -42.31
N ASP A 255 -16.84 36.16 -42.31
CA ASP A 255 -17.92 36.20 -41.35
C ASP A 255 -17.51 35.70 -39.95
N LEU A 256 -16.41 34.94 -39.86
CA LEU A 256 -16.04 34.28 -38.61
C LEU A 256 -14.76 34.83 -37.98
N GLU A 257 -14.23 35.90 -38.57
CA GLU A 257 -12.99 36.53 -38.09
C GLU A 257 -12.99 36.87 -36.58
N ASP A 258 -14.18 37.15 -36.03
CA ASP A 258 -14.32 37.48 -34.61
C ASP A 258 -14.10 36.27 -33.69
N GLN A 259 -14.31 35.08 -34.25
CA GLN A 259 -14.16 33.83 -33.49
C GLN A 259 -12.85 33.13 -33.81
N TYR A 260 -12.01 33.77 -34.62
CA TYR A 260 -10.81 33.14 -35.17
C TYR A 260 -9.56 33.46 -34.37
N PHE A 261 -8.87 32.43 -33.89
CA PHE A 261 -7.64 32.66 -33.14
C PHE A 261 -6.37 32.15 -33.81
N GLY A 262 -6.45 32.01 -35.13
CA GLY A 262 -5.26 31.82 -35.96
C GLY A 262 -4.86 30.38 -36.22
N ARG A 263 -3.68 30.23 -36.79
CA ARG A 263 -3.20 28.91 -37.14
C ARG A 263 -2.10 28.48 -36.20
N ILE A 264 -2.30 27.33 -35.60
CA ILE A 264 -1.31 26.79 -34.67
C ILE A 264 -0.30 25.91 -35.45
N GLY A 265 0.89 25.70 -34.88
CA GLY A 265 1.91 24.91 -35.55
C GLY A 265 3.35 25.36 -35.30
N LEU A 266 4.29 24.45 -35.50
CA LEU A 266 5.73 24.75 -35.48
C LEU A 266 6.27 25.15 -34.11
N PHE A 267 5.90 26.33 -33.62
CA PHE A 267 6.36 26.74 -32.30
C PHE A 267 5.21 27.11 -31.40
N ARG A 268 5.29 26.69 -30.14
CA ARG A 268 4.23 27.04 -29.20
C ARG A 268 4.41 28.44 -28.70
N ASN A 269 4.03 29.42 -29.52
CA ASN A 269 4.18 30.81 -29.13
C ASN A 269 3.09 31.69 -29.75
N GLN A 270 2.00 31.06 -30.17
CA GLN A 270 0.92 31.77 -30.85
C GLN A 270 -0.31 32.00 -29.96
N PRO A 271 -1.16 32.99 -30.33
CA PRO A 271 -2.42 33.25 -29.62
C PRO A 271 -3.29 32.00 -29.49
N GLY A 272 -3.25 31.12 -30.50
CA GLY A 272 -3.99 29.88 -30.48
C GLY A 272 -3.55 28.90 -29.41
N ASP A 273 -2.24 28.85 -29.14
CA ASP A 273 -1.74 27.98 -28.09
C ASP A 273 -2.28 28.41 -26.73
N LEU A 274 -2.26 29.72 -26.50
CA LEU A 274 -2.72 30.28 -25.23
C LEU A 274 -4.22 30.11 -25.09
N LEU A 275 -4.94 30.21 -26.21
CA LEU A 275 -6.37 29.92 -26.21
C LEU A 275 -6.62 28.46 -25.79
N LEU A 276 -5.90 27.53 -26.41
CA LEU A 276 -6.04 26.12 -26.10
C LEU A 276 -5.71 25.86 -24.64
N GLU A 277 -4.69 26.55 -24.14
CA GLU A 277 -4.30 26.42 -22.75
C GLU A 277 -5.42 26.88 -21.81
N GLN A 278 -6.09 27.97 -22.14
CA GLN A 278 -7.13 28.46 -21.25
C GLN A 278 -8.41 27.64 -21.34
N ALA A 279 -8.59 26.94 -22.47
CA ALA A 279 -9.80 26.17 -22.70
C ALA A 279 -9.92 25.01 -21.73
N ASP A 280 -11.16 24.69 -21.36
CA ASP A 280 -11.44 23.51 -20.52
C ASP A 280 -12.02 22.35 -21.33
N VAL A 281 -12.52 22.65 -22.52
CA VAL A 281 -12.96 21.62 -23.44
C VAL A 281 -12.44 21.96 -24.82
N VAL A 282 -11.77 20.99 -25.45
CA VAL A 282 -11.31 21.15 -26.82
C VAL A 282 -11.98 20.08 -27.66
N LEU A 283 -12.72 20.53 -28.67
CA LEU A 283 -13.28 19.61 -29.66
C LEU A 283 -12.32 19.62 -30.84
N THR A 284 -11.66 18.50 -31.09
CA THR A 284 -10.79 18.43 -32.26
C THR A 284 -11.56 17.83 -33.42
N ILE A 285 -11.31 18.37 -34.62
CA ILE A 285 -12.05 17.91 -35.80
C ILE A 285 -11.08 17.49 -36.89
N GLY A 286 -11.10 16.18 -37.21
CA GLY A 286 -10.21 15.63 -38.22
C GLY A 286 -8.76 15.93 -37.90
N TYR A 287 -8.42 15.83 -36.62
CA TYR A 287 -7.09 16.22 -36.16
C TYR A 287 -6.06 15.11 -36.32
N ASP A 288 -5.16 15.27 -37.28
CA ASP A 288 -3.97 14.43 -37.42
C ASP A 288 -2.82 15.14 -36.73
N PRO A 289 -2.27 14.55 -35.66
CA PRO A 289 -1.27 15.27 -34.86
C PRO A 289 0.03 15.56 -35.62
N ILE A 290 0.21 14.97 -36.81
CA ILE A 290 1.38 15.27 -37.61
C ILE A 290 1.51 16.81 -37.86
N GLU A 291 0.38 17.49 -37.92
CA GLU A 291 0.42 18.92 -38.19
C GLU A 291 0.97 19.76 -37.03
N TYR A 292 0.88 19.25 -35.81
CA TYR A 292 1.33 19.94 -34.60
C TYR A 292 1.15 18.97 -33.41
N ASP A 293 2.25 18.44 -32.89
CA ASP A 293 2.15 17.43 -31.82
C ASP A 293 1.42 17.93 -30.59
N PRO A 294 0.50 17.12 -30.06
CA PRO A 294 -0.29 17.55 -28.90
C PRO A 294 0.58 17.92 -27.68
N LYS A 295 1.80 17.39 -27.61
CA LYS A 295 2.66 17.71 -26.50
C LYS A 295 3.02 19.21 -26.47
N PHE A 296 2.78 19.89 -27.58
CA PHE A 296 3.05 21.32 -27.65
C PHE A 296 1.86 22.17 -27.15
N TRP A 297 0.62 21.73 -27.39
CA TRP A 297 -0.50 22.56 -27.00
C TRP A 297 -1.28 22.07 -25.76
N ASN A 298 -1.42 20.76 -25.63
CA ASN A 298 -2.17 20.17 -24.54
C ASN A 298 -1.27 19.97 -23.34
N ILE A 299 -0.88 21.07 -22.69
CA ILE A 299 0.17 20.98 -21.70
C ILE A 299 -0.17 21.42 -20.29
N ASN A 300 -0.48 22.71 -20.15
CA ASN A 300 -0.40 23.42 -18.89
C ASN A 300 -1.62 23.25 -17.98
N GLY A 301 -2.15 22.04 -17.93
CA GLY A 301 -3.27 21.74 -17.05
C GLY A 301 -4.26 20.87 -17.78
N ASP A 302 -4.95 20.01 -17.04
CA ASP A 302 -6.02 19.22 -17.63
C ASP A 302 -7.07 20.04 -18.37
N ARG A 303 -7.51 19.47 -19.48
CA ARG A 303 -8.59 20.00 -20.28
C ARG A 303 -9.27 18.82 -20.97
N THR A 304 -10.56 18.92 -21.21
CA THR A 304 -11.27 17.83 -21.83
C THR A 304 -11.07 17.83 -23.35
N ILE A 305 -10.71 16.67 -23.89
CA ILE A 305 -10.54 16.48 -25.33
C ILE A 305 -11.67 15.60 -25.87
N ILE A 306 -12.38 16.13 -26.85
CA ILE A 306 -13.39 15.41 -27.60
C ILE A 306 -12.80 15.23 -28.99
N HIS A 307 -12.55 13.97 -29.35
CA HIS A 307 -11.91 13.67 -30.63
C HIS A 307 -12.92 13.23 -31.69
N LEU A 308 -13.15 14.11 -32.67
CA LEU A 308 -14.07 13.90 -33.78
C LEU A 308 -13.28 13.67 -35.08
N ASP A 309 -13.46 12.50 -35.69
CA ASP A 309 -12.66 12.10 -36.83
C ASP A 309 -13.21 10.85 -37.55
N GLU A 310 -12.68 10.56 -38.74
CA GLU A 310 -13.08 9.40 -39.54
C GLU A 310 -12.36 8.12 -39.10
N ILE A 311 -11.32 8.26 -38.29
CA ILE A 311 -10.59 7.14 -37.70
C ILE A 311 -10.35 7.39 -36.22
N ILE A 312 -10.03 6.33 -35.47
CA ILE A 312 -9.79 6.49 -34.04
C ILE A 312 -8.53 7.32 -33.81
N ALA A 313 -8.42 7.91 -32.63
CA ALA A 313 -7.28 8.75 -32.28
C ALA A 313 -6.03 7.92 -31.95
N ASP A 314 -4.85 8.50 -32.16
CA ASP A 314 -3.61 7.94 -31.61
C ASP A 314 -3.50 8.38 -30.14
N ILE A 315 -3.25 7.43 -29.25
CA ILE A 315 -3.07 7.80 -27.86
C ILE A 315 -1.63 8.28 -27.63
N ASP A 316 -1.52 9.44 -26.96
CA ASP A 316 -0.26 10.09 -26.68
C ASP A 316 -0.28 10.47 -25.21
N HIS A 317 0.89 10.66 -24.61
CA HIS A 317 0.96 11.19 -23.25
C HIS A 317 0.12 12.46 -23.16
N ALA A 318 0.23 13.30 -24.18
CA ALA A 318 -0.46 14.58 -24.20
C ALA A 318 -1.77 14.51 -25.00
N TYR A 319 -2.31 13.31 -25.20
CA TYR A 319 -3.55 13.20 -25.98
C TYR A 319 -4.34 11.95 -25.66
N GLN A 320 -5.21 12.04 -24.64
CA GLN A 320 -6.02 10.93 -24.18
C GLN A 320 -7.47 11.43 -24.16
N PRO A 321 -8.18 11.30 -25.31
CA PRO A 321 -9.53 11.85 -25.47
C PRO A 321 -10.48 11.27 -24.43
N ASP A 322 -11.35 12.09 -23.84
CA ASP A 322 -12.37 11.58 -22.92
C ASP A 322 -13.52 10.98 -23.72
N LEU A 323 -13.63 11.39 -24.98
CA LEU A 323 -14.73 10.99 -25.87
C LEU A 323 -14.24 10.98 -27.31
N GLU A 324 -14.61 9.92 -28.04
CA GLU A 324 -14.28 9.79 -29.46
C GLU A 324 -15.55 9.68 -30.28
N LEU A 325 -15.73 10.56 -31.27
CA LEU A 325 -16.87 10.46 -32.19
C LEU A 325 -16.38 10.01 -33.56
N ILE A 326 -16.40 8.71 -33.82
CA ILE A 326 -15.80 8.23 -35.05
C ILE A 326 -16.88 7.92 -36.06
N GLY A 327 -16.74 8.51 -37.25
CA GLY A 327 -17.72 8.37 -38.32
C GLY A 327 -17.46 9.45 -39.35
N ASP A 328 -18.39 9.59 -40.29
CA ASP A 328 -18.30 10.62 -41.31
C ASP A 328 -18.24 11.99 -40.69
N ILE A 329 -17.21 12.76 -41.03
CA ILE A 329 -16.97 14.02 -40.36
C ILE A 329 -18.05 15.09 -40.55
N PRO A 330 -18.45 15.39 -41.80
CA PRO A 330 -19.50 16.41 -41.94
C PRO A 330 -20.82 16.02 -41.25
N SER A 331 -21.23 14.76 -41.38
CA SER A 331 -22.46 14.27 -40.76
C SER A 331 -22.45 14.38 -39.24
N THR A 332 -21.31 14.05 -38.63
CA THR A 332 -21.23 14.09 -37.18
C THR A 332 -21.33 15.53 -36.70
N ILE A 333 -20.63 16.42 -37.38
CA ILE A 333 -20.68 17.84 -37.04
C ILE A 333 -22.11 18.33 -37.17
N ASN A 334 -22.80 17.90 -38.22
CA ASN A 334 -24.18 18.30 -38.43
C ASN A 334 -25.10 17.92 -37.27
N HIS A 335 -24.98 16.69 -36.76
CA HIS A 335 -25.79 16.24 -35.63
C HIS A 335 -25.49 17.06 -34.38
N ILE A 336 -24.22 17.40 -34.19
CA ILE A 336 -23.86 18.22 -33.04
C ILE A 336 -24.53 19.58 -33.17
N GLU A 337 -24.35 20.19 -34.34
CA GLU A 337 -24.86 21.53 -34.64
C GLU A 337 -26.38 21.63 -34.44
N HIS A 338 -27.08 20.61 -34.88
CA HIS A 338 -28.53 20.59 -34.83
C HIS A 338 -29.05 20.75 -33.43
N ASP A 339 -28.45 20.05 -32.47
CA ASP A 339 -29.02 19.98 -31.13
C ASP A 339 -28.30 20.85 -30.11
N ALA A 340 -27.16 21.41 -30.50
CA ALA A 340 -26.42 22.29 -29.61
C ALA A 340 -27.06 23.67 -29.62
N VAL A 341 -26.83 24.42 -28.55
CA VAL A 341 -27.28 25.81 -28.55
C VAL A 341 -26.11 26.70 -28.24
N LYS A 342 -26.26 27.99 -28.56
CA LYS A 342 -25.24 29.01 -28.33
C LYS A 342 -24.65 28.95 -26.93
N VAL A 343 -23.33 29.09 -26.86
CA VAL A 343 -22.62 29.10 -25.59
C VAL A 343 -22.50 30.53 -25.08
N GLU A 344 -22.80 30.75 -23.80
CA GLU A 344 -22.68 32.05 -23.16
C GLU A 344 -21.43 32.14 -22.28
N PHE A 345 -20.54 33.07 -22.61
CA PHE A 345 -19.28 33.24 -21.87
C PHE A 345 -19.39 34.19 -20.69
N ALA A 346 -18.90 33.74 -19.54
CA ALA A 346 -18.82 34.59 -18.36
C ALA A 346 -17.74 35.65 -18.60
N GLU A 347 -17.77 36.71 -17.79
CA GLU A 347 -16.92 37.87 -18.04
C GLU A 347 -15.43 37.54 -18.06
N ARG A 348 -15.01 36.60 -17.24
CA ARG A 348 -13.61 36.21 -17.20
C ARG A 348 -13.14 35.67 -18.55
N GLU A 349 -13.95 34.82 -19.18
CA GLU A 349 -13.52 34.22 -20.43
C GLU A 349 -13.61 35.18 -21.61
N GLN A 350 -14.60 36.07 -21.60
CA GLN A 350 -14.73 37.09 -22.64
C GLN A 350 -13.50 37.98 -22.67
N LYS A 351 -12.96 38.26 -21.50
CA LYS A 351 -11.75 39.08 -21.41
C LYS A 351 -10.55 38.31 -21.98
N ILE A 352 -10.48 37.02 -21.64
CA ILE A 352 -9.40 36.17 -22.16
C ILE A 352 -9.44 36.18 -23.68
N LEU A 353 -10.63 35.98 -24.25
CA LEU A 353 -10.83 36.04 -25.69
C LEU A 353 -10.44 37.41 -26.27
N SER A 354 -10.82 38.48 -25.57
CA SER A 354 -10.50 39.85 -26.01
C SER A 354 -9.01 40.11 -26.01
N ASP A 355 -8.35 39.70 -24.93
CA ASP A 355 -6.93 39.91 -24.81
C ASP A 355 -6.19 39.16 -25.93
N LEU A 356 -6.58 37.91 -26.15
CA LEU A 356 -5.90 37.09 -27.17
C LEU A 356 -6.14 37.62 -28.58
N LYS A 357 -7.34 38.14 -28.82
CA LYS A 357 -7.64 38.74 -30.11
C LYS A 357 -6.74 39.94 -30.32
N GLN A 358 -6.47 40.66 -29.24
CA GLN A 358 -5.58 41.80 -29.36
C GLN A 358 -4.15 41.34 -29.58
N TYR A 359 -3.69 40.37 -28.79
CA TYR A 359 -2.36 39.80 -28.97
C TYR A 359 -2.20 39.27 -30.39
N MET A 360 -3.24 38.66 -30.91
CA MET A 360 -3.22 38.16 -32.26
C MET A 360 -3.02 39.29 -33.25
N HIS A 361 -3.77 40.37 -33.07
CA HIS A 361 -3.69 41.50 -33.97
C HIS A 361 -2.30 42.11 -33.98
N GLU A 362 -1.70 42.20 -32.79
CA GLU A 362 -0.34 42.72 -32.62
C GLU A 362 0.70 41.89 -33.37
N GLY A 363 0.54 40.56 -33.34
CA GLY A 363 1.46 39.64 -34.00
C GLY A 363 1.43 39.74 -35.51
N GLU A 364 0.38 40.34 -36.06
CA GLU A 364 0.24 40.47 -37.51
C GLU A 364 0.72 41.81 -38.05
N GLN A 365 1.31 42.65 -37.20
CA GLN A 365 1.72 43.99 -37.64
C GLN A 365 3.22 44.04 -37.88
N VAL A 366 3.63 44.75 -38.93
CA VAL A 366 5.03 45.07 -39.13
C VAL A 366 5.52 45.93 -37.95
N PRO A 367 6.68 45.59 -37.38
CA PRO A 367 7.24 46.31 -36.22
C PRO A 367 7.27 47.84 -36.39
N ALA A 368 7.17 48.56 -35.28
CA ALA A 368 7.09 50.02 -35.31
C ALA A 368 8.42 50.63 -35.79
N ASP A 369 9.52 50.07 -35.32
CA ASP A 369 10.87 50.53 -35.71
C ASP A 369 11.44 49.82 -36.95
N TRP A 370 10.56 49.24 -37.76
CA TRP A 370 11.02 48.50 -38.93
C TRP A 370 11.39 49.42 -40.08
N LYS A 371 12.62 49.26 -40.57
CA LYS A 371 13.06 49.91 -41.81
C LYS A 371 14.01 48.98 -42.51
N SER A 372 13.85 48.88 -43.83
CA SER A 372 14.70 48.01 -44.63
C SER A 372 14.60 48.41 -46.09
N ASP A 373 15.63 48.06 -46.86
CA ASP A 373 15.61 48.28 -48.30
C ASP A 373 14.89 47.12 -49.01
N ARG A 374 14.37 46.18 -48.23
CA ARG A 374 13.60 45.05 -48.77
C ARG A 374 12.27 44.92 -48.04
N ALA A 375 11.36 44.15 -48.61
CA ALA A 375 10.06 43.94 -47.99
C ALA A 375 10.20 43.13 -46.70
N HIS A 376 9.44 43.55 -45.68
CA HIS A 376 9.19 42.70 -44.53
C HIS A 376 8.23 41.62 -45.04
N PRO A 377 8.39 40.39 -44.55
CA PRO A 377 7.53 39.27 -44.91
C PRO A 377 6.05 39.59 -44.83
N LEU A 378 5.65 40.28 -43.78
CA LEU A 378 4.24 40.61 -43.59
C LEU A 378 3.74 41.56 -44.67
N GLU A 379 4.64 42.36 -45.24
CA GLU A 379 4.27 43.21 -46.38
C GLU A 379 3.99 42.35 -47.62
N ILE A 380 4.80 41.33 -47.82
CA ILE A 380 4.56 40.42 -48.91
C ILE A 380 3.25 39.68 -48.71
N VAL A 381 3.04 39.21 -47.48
CA VAL A 381 1.81 38.49 -47.17
C VAL A 381 0.57 39.34 -47.43
N LYS A 382 0.54 40.51 -46.80
CA LYS A 382 -0.59 41.44 -46.92
C LYS A 382 -0.86 41.79 -48.37
N GLU A 383 0.17 42.19 -49.11
CA GLU A 383 0.04 42.58 -50.51
C GLU A 383 -0.41 41.42 -51.40
N LEU A 384 0.16 40.25 -51.14
CA LEU A 384 -0.21 39.05 -51.89
C LEU A 384 -1.68 38.78 -51.68
N ARG A 385 -2.09 38.75 -50.42
CA ARG A 385 -3.48 38.45 -50.09
C ARG A 385 -4.40 39.50 -50.71
N ASN A 386 -3.95 40.74 -50.69
CA ASN A 386 -4.78 41.83 -51.14
C ASN A 386 -4.91 41.87 -52.66
N ALA A 387 -4.00 41.17 -53.34
CA ALA A 387 -3.97 41.19 -54.80
C ALA A 387 -4.59 39.92 -55.38
N VAL A 388 -5.02 39.04 -54.50
CA VAL A 388 -5.48 37.73 -54.97
C VAL A 388 -6.90 37.49 -54.49
N ASP A 389 -7.77 37.18 -55.45
CA ASP A 389 -9.17 36.93 -55.16
C ASP A 389 -9.33 35.74 -54.20
N ASP A 390 -10.31 35.84 -53.30
CA ASP A 390 -10.62 34.79 -52.31
C ASP A 390 -10.72 33.38 -52.91
N HIS A 391 -11.22 33.31 -54.14
CA HIS A 391 -11.46 32.03 -54.80
C HIS A 391 -10.19 31.41 -55.42
N VAL A 392 -9.13 32.21 -55.56
CA VAL A 392 -7.89 31.75 -56.22
C VAL A 392 -7.06 30.75 -55.40
N THR A 393 -6.71 29.64 -56.03
CA THR A 393 -5.93 28.61 -55.34
C THR A 393 -4.49 29.09 -55.12
N VAL A 394 -4.03 29.05 -53.87
CA VAL A 394 -2.65 29.43 -53.55
C VAL A 394 -1.87 28.25 -52.91
N THR A 395 -0.77 27.84 -53.54
CA THR A 395 0.07 26.77 -53.01
C THR A 395 1.34 27.35 -52.37
N CYS A 396 1.82 26.67 -51.33
CA CYS A 396 2.94 27.18 -50.58
C CYS A 396 4.03 26.11 -50.46
N ASP A 397 5.28 26.55 -50.48
CA ASP A 397 6.38 25.63 -50.35
C ASP A 397 6.77 25.51 -48.88
N ILE A 398 8.03 25.18 -48.64
CA ILE A 398 8.52 24.94 -47.29
C ILE A 398 9.72 25.84 -47.00
N GLY A 399 9.76 26.43 -45.82
CA GLY A 399 10.84 27.33 -45.47
C GLY A 399 10.32 28.46 -44.60
N SER A 400 11.15 29.47 -44.38
CA SER A 400 10.78 30.58 -43.54
C SER A 400 9.59 31.35 -44.09
N HIS A 401 9.57 31.54 -45.41
CA HIS A 401 8.42 32.18 -46.06
C HIS A 401 7.16 31.43 -45.71
N ALA A 402 7.27 30.11 -45.62
CA ALA A 402 6.10 29.29 -45.38
C ALA A 402 5.57 29.42 -43.96
N ILE A 403 6.44 29.78 -43.02
CA ILE A 403 5.98 30.06 -41.66
C ILE A 403 5.13 31.33 -41.66
N TRP A 404 5.60 32.36 -42.38
CA TRP A 404 4.85 33.62 -42.50
C TRP A 404 3.48 33.41 -43.14
N MET A 405 3.47 32.68 -44.24
CA MET A 405 2.24 32.38 -44.96
C MET A 405 1.31 31.53 -44.11
N SER A 406 1.86 30.50 -43.48
CA SER A 406 1.02 29.56 -42.74
C SER A 406 0.30 30.21 -41.57
N ARG A 407 0.96 31.19 -40.97
CA ARG A 407 0.41 31.86 -39.82
C ARG A 407 -0.45 33.05 -40.19
N TYR A 408 -0.02 33.78 -41.23
CA TYR A 408 -0.54 35.12 -41.46
C TYR A 408 -1.28 35.32 -42.79
N PHE A 409 -1.21 34.35 -43.69
CA PHE A 409 -1.95 34.49 -44.95
C PHE A 409 -3.37 33.98 -44.79
N ARG A 410 -4.34 34.89 -44.69
CA ARG A 410 -5.74 34.49 -44.55
C ARG A 410 -6.20 33.72 -45.74
N SER A 411 -7.09 32.74 -45.51
CA SER A 411 -7.75 32.01 -46.59
C SER A 411 -9.23 31.87 -46.21
N TYR A 412 -10.14 31.98 -47.18
CA TYR A 412 -11.56 32.11 -46.87
C TYR A 412 -12.44 31.09 -47.57
N GLU A 413 -11.80 30.18 -48.29
CA GLU A 413 -12.53 29.14 -49.03
C GLU A 413 -11.79 27.83 -48.86
N PRO A 414 -12.53 26.72 -48.82
CA PRO A 414 -11.87 25.40 -48.75
C PRO A 414 -10.87 25.24 -49.89
N LEU A 415 -9.71 24.65 -49.59
CA LEU A 415 -8.73 24.29 -50.62
C LEU A 415 -8.17 25.46 -51.45
N THR A 416 -7.99 26.64 -50.83
CA THR A 416 -7.40 27.80 -51.52
C THR A 416 -6.02 28.22 -50.96
N LEU A 417 -5.60 27.55 -49.90
CA LEU A 417 -4.22 27.69 -49.39
C LEU A 417 -3.66 26.30 -49.08
N MET A 418 -2.73 25.82 -49.91
CA MET A 418 -2.18 24.48 -49.76
C MET A 418 -0.77 24.44 -49.17
N ILE A 419 -0.63 23.74 -48.05
CA ILE A 419 0.63 23.61 -47.33
C ILE A 419 0.98 22.14 -47.11
N SER A 420 2.27 21.82 -47.24
CA SER A 420 2.79 20.50 -46.92
C SER A 420 3.05 20.42 -45.43
N ASN A 421 2.09 19.94 -44.65
CA ASN A 421 2.27 19.98 -43.21
C ASN A 421 2.39 18.60 -42.54
N GLY A 422 2.82 17.62 -43.36
CA GLY A 422 3.14 16.29 -42.88
C GLY A 422 4.60 15.96 -43.05
N MET A 423 5.08 16.04 -44.28
CA MET A 423 6.49 15.80 -44.60
C MET A 423 7.27 17.11 -44.68
N GLN A 424 6.56 18.23 -44.80
CA GLN A 424 7.21 19.52 -44.97
C GLN A 424 8.18 19.47 -46.16
N THR A 425 7.67 19.07 -47.31
CA THR A 425 8.52 18.74 -48.44
C THR A 425 8.87 19.94 -49.32
N LEU A 426 10.18 20.21 -49.43
CA LEU A 426 10.64 21.29 -50.31
C LEU A 426 10.30 21.00 -51.76
N GLY A 427 9.84 22.02 -52.48
CA GLY A 427 9.63 21.87 -53.92
C GLY A 427 8.21 21.61 -54.36
N VAL A 428 7.30 21.41 -53.40
CA VAL A 428 5.91 21.07 -53.75
C VAL A 428 5.11 22.19 -54.44
N ALA A 429 5.45 23.45 -54.14
CA ALA A 429 4.57 24.57 -54.48
C ALA A 429 4.23 24.68 -55.97
N LEU A 430 5.25 24.80 -56.80
CA LEU A 430 5.04 24.96 -58.24
C LEU A 430 4.32 23.76 -58.91
N PRO A 431 4.80 22.52 -58.66
CA PRO A 431 4.05 21.38 -59.21
C PRO A 431 2.62 21.28 -58.67
N TRP A 432 2.40 21.63 -57.41
CA TRP A 432 1.03 21.69 -56.90
C TRP A 432 0.17 22.67 -57.74
N ALA A 433 0.74 23.83 -58.08
CA ALA A 433 0.04 24.85 -58.89
C ALA A 433 -0.33 24.36 -60.29
N ILE A 434 0.56 23.59 -60.89
CA ILE A 434 0.28 23.01 -62.19
C ILE A 434 -0.91 22.03 -62.10
N GLY A 435 -0.88 21.15 -61.10
CA GLY A 435 -2.01 20.27 -60.87
C GLY A 435 -3.28 21.08 -60.64
N ALA A 436 -3.16 22.06 -59.77
CA ALA A 436 -4.26 22.95 -59.47
C ALA A 436 -4.80 23.62 -60.74
N SER A 437 -3.91 24.03 -61.65
CA SER A 437 -4.36 24.69 -62.87
C SER A 437 -5.19 23.77 -63.78
N LEU A 438 -4.88 22.48 -63.79
CA LEU A 438 -5.63 21.49 -64.55
C LEU A 438 -6.99 21.14 -63.93
N VAL A 439 -7.06 21.26 -62.60
CA VAL A 439 -8.30 21.06 -61.86
C VAL A 439 -9.18 22.32 -62.00
N LYS A 440 -8.55 23.46 -62.20
CA LYS A 440 -9.32 24.70 -62.34
C LYS A 440 -8.99 25.49 -63.60
N PRO A 441 -9.40 24.95 -64.77
CA PRO A 441 -9.09 25.60 -66.05
C PRO A 441 -9.74 26.97 -66.13
N GLY A 442 -9.03 27.94 -66.73
CA GLY A 442 -9.57 29.27 -66.85
C GLY A 442 -9.34 30.14 -65.63
N GLU A 443 -8.75 29.56 -64.59
CA GLU A 443 -8.47 30.33 -63.37
C GLU A 443 -6.98 30.51 -63.13
N LYS A 444 -6.62 31.68 -62.63
CA LYS A 444 -5.28 31.89 -62.12
C LYS A 444 -4.98 30.96 -60.92
N VAL A 445 -3.73 30.54 -60.83
CA VAL A 445 -3.25 29.81 -59.67
C VAL A 445 -1.95 30.45 -59.20
N VAL A 446 -1.86 30.69 -57.90
CA VAL A 446 -0.68 31.30 -57.31
C VAL A 446 0.15 30.26 -56.55
N SER A 447 1.47 30.28 -56.71
CA SER A 447 2.36 29.45 -55.92
C SER A 447 3.46 30.29 -55.24
N VAL A 448 3.83 29.90 -54.02
CA VAL A 448 4.79 30.69 -53.26
C VAL A 448 5.93 29.83 -52.70
N SER A 449 7.16 30.19 -53.01
CA SER A 449 8.29 29.43 -52.46
C SER A 449 9.44 30.34 -52.01
N GLY A 450 10.43 29.72 -51.36
CA GLY A 450 11.68 30.37 -51.09
C GLY A 450 12.57 30.15 -52.30
N ASP A 451 13.77 30.72 -52.29
CA ASP A 451 14.66 30.50 -53.43
C ASP A 451 15.30 29.09 -53.39
N GLY A 452 15.46 28.54 -52.19
CA GLY A 452 15.98 27.18 -52.01
C GLY A 452 15.00 26.15 -52.54
N GLY A 453 13.77 26.19 -52.04
CA GLY A 453 12.77 25.22 -52.47
C GLY A 453 12.41 25.36 -53.95
N PHE A 454 12.52 26.58 -54.47
CA PHE A 454 12.21 26.83 -55.88
C PHE A 454 12.99 25.91 -56.85
N LEU A 455 14.30 25.75 -56.66
CA LEU A 455 15.13 24.92 -57.55
C LEU A 455 14.93 23.41 -57.38
N PHE A 456 14.23 23.03 -56.31
CA PHE A 456 13.85 21.62 -56.16
C PHE A 456 12.94 21.12 -57.26
N SER A 457 12.14 22.04 -57.82
CA SER A 457 11.15 21.62 -58.82
C SER A 457 10.96 22.61 -59.96
N ALA A 458 11.80 23.64 -60.03
CA ALA A 458 11.62 24.68 -61.05
C ALA A 458 11.70 24.17 -62.51
N MET A 459 12.31 23.01 -62.74
CA MET A 459 12.32 22.42 -64.09
C MET A 459 10.89 22.16 -64.61
N GLU A 460 9.93 22.04 -63.68
CA GLU A 460 8.57 21.81 -64.10
C GLU A 460 7.92 23.07 -64.66
N LEU A 461 8.66 24.18 -64.69
CA LEU A 461 8.19 25.37 -65.37
C LEU A 461 8.01 25.09 -66.86
N GLU A 462 8.77 24.12 -67.37
CA GLU A 462 8.66 23.76 -68.77
C GLU A 462 7.25 23.20 -69.02
N THR A 463 6.81 22.35 -68.11
CA THR A 463 5.47 21.77 -68.19
C THR A 463 4.40 22.87 -68.15
N ALA A 464 4.58 23.81 -67.24
CA ALA A 464 3.65 24.95 -67.10
C ALA A 464 3.56 25.82 -68.37
N VAL A 465 4.69 26.09 -69.01
CA VAL A 465 4.71 26.85 -70.25
C VAL A 465 4.09 26.04 -71.39
N ARG A 466 4.47 24.77 -71.48
CA ARG A 466 3.90 23.87 -72.46
C ARG A 466 2.35 23.82 -72.35
N LEU A 467 1.85 23.97 -71.14
CA LEU A 467 0.39 23.97 -70.89
C LEU A 467 -0.24 25.38 -70.92
N LYS A 468 0.60 26.42 -71.04
CA LYS A 468 0.12 27.80 -71.01
C LYS A 468 -0.68 28.07 -69.75
N ALA A 469 -0.30 27.39 -68.66
CA ALA A 469 -0.99 27.50 -67.39
C ALA A 469 -0.82 28.88 -66.81
N PRO A 470 -1.93 29.46 -66.33
CA PRO A 470 -1.96 30.80 -65.73
C PRO A 470 -1.43 30.78 -64.30
N ILE A 471 -0.18 30.35 -64.14
CA ILE A 471 0.42 30.29 -62.82
C ILE A 471 1.28 31.53 -62.54
N VAL A 472 1.16 32.04 -61.30
CA VAL A 472 1.95 33.16 -60.84
C VAL A 472 2.78 32.68 -59.65
N HIS A 473 4.09 32.55 -59.84
CA HIS A 473 4.92 32.03 -58.76
C HIS A 473 5.72 33.13 -58.06
N ILE A 474 5.56 33.22 -56.74
CA ILE A 474 6.28 34.24 -56.00
C ILE A 474 7.47 33.61 -55.28
N VAL A 475 8.66 34.10 -55.63
CA VAL A 475 9.89 33.66 -54.97
C VAL A 475 10.36 34.68 -53.91
N TRP A 476 10.40 34.26 -52.65
CA TRP A 476 11.00 35.08 -51.61
C TRP A 476 12.53 34.94 -51.66
N ASN A 477 13.24 36.02 -51.98
CA ASN A 477 14.66 35.96 -52.25
C ASN A 477 15.55 36.47 -51.11
N ASP A 478 16.31 35.56 -50.49
CA ASP A 478 17.25 35.91 -49.41
C ASP A 478 18.65 35.29 -49.59
N SER A 479 18.75 34.25 -50.43
CA SER A 479 20.01 33.53 -50.72
C SER A 479 20.50 32.49 -49.67
N THR A 480 19.61 32.01 -48.78
CA THR A 480 19.95 30.97 -47.79
C THR A 480 18.83 29.94 -47.51
N TYR A 481 19.19 28.80 -46.90
CA TYR A 481 18.21 27.89 -46.29
C TYR A 481 17.85 28.48 -44.92
N ASP A 482 17.04 29.54 -44.94
CA ASP A 482 16.84 30.36 -43.76
C ASP A 482 16.11 29.67 -42.60
N MET A 483 15.07 28.88 -42.88
CA MET A 483 14.33 28.23 -41.81
C MET A 483 15.27 27.32 -41.00
N VAL A 484 16.21 26.70 -41.70
CA VAL A 484 17.24 25.92 -41.03
C VAL A 484 18.19 26.88 -40.27
N ALA A 485 18.60 27.95 -40.93
CA ALA A 485 19.61 28.84 -40.38
C ALA A 485 19.27 29.49 -39.03
N PHE A 486 18.07 30.07 -38.91
CA PHE A 486 17.71 30.79 -37.68
C PHE A 486 17.47 29.86 -36.48
N GLN A 487 17.04 28.64 -36.77
CA GLN A 487 16.90 27.60 -35.75
C GLN A 487 18.29 27.13 -35.28
N GLN A 488 19.24 27.10 -36.21
CA GLN A 488 20.62 26.77 -35.89
C GLN A 488 21.19 27.84 -34.94
N LEU A 489 20.88 29.10 -35.23
CA LEU A 489 21.35 30.22 -34.41
C LEU A 489 20.79 30.16 -32.98
N LYS A 490 19.52 29.76 -32.86
CA LYS A 490 18.87 29.59 -31.56
C LYS A 490 19.49 28.44 -30.74
N LYS A 491 19.93 27.38 -31.42
CA LYS A 491 20.50 26.23 -30.72
C LYS A 491 22.03 26.32 -30.55
N TYR A 492 22.73 26.76 -31.59
CA TYR A 492 24.18 26.63 -31.62
C TYR A 492 24.92 27.98 -31.70
N ASN A 493 24.16 29.05 -31.94
CA ASN A 493 24.69 30.40 -32.14
C ASN A 493 25.60 30.50 -33.39
N ARG A 494 25.43 29.53 -34.30
CA ARG A 494 26.14 29.51 -35.57
C ARG A 494 25.34 28.71 -36.59
N THR A 495 25.50 29.04 -37.87
CA THR A 495 24.82 28.33 -38.94
C THR A 495 25.77 27.31 -39.59
N SER A 496 25.20 26.39 -40.36
CA SER A 496 25.99 25.37 -41.04
C SER A 496 25.28 24.90 -42.30
N ALA A 497 25.93 25.09 -43.45
CA ALA A 497 25.43 24.59 -44.72
C ALA A 497 24.10 25.22 -45.17
N VAL A 498 23.97 26.53 -44.99
CA VAL A 498 22.72 27.19 -45.35
C VAL A 498 22.87 28.17 -46.50
N ASP A 499 24.12 28.44 -46.91
CA ASP A 499 24.39 29.45 -47.93
C ASP A 499 24.52 28.86 -49.34
N PHE A 500 23.91 29.52 -50.32
CA PHE A 500 24.13 29.18 -51.72
C PHE A 500 24.11 30.47 -52.52
N GLY A 501 24.57 30.41 -53.77
CA GLY A 501 24.58 31.58 -54.64
C GLY A 501 23.19 31.90 -55.18
N ASN A 502 23.01 33.11 -55.70
CA ASN A 502 21.74 33.47 -56.29
C ASN A 502 21.76 33.21 -57.80
N ILE A 503 20.58 32.97 -58.35
CA ILE A 503 20.41 32.92 -59.79
C ILE A 503 19.60 34.15 -60.21
N ASP A 504 19.61 34.47 -61.50
CA ASP A 504 18.71 35.51 -62.00
C ASP A 504 17.36 34.87 -62.34
N ILE A 505 16.41 35.05 -61.41
CA ILE A 505 15.08 34.48 -61.50
C ILE A 505 14.29 34.97 -62.71
N VAL A 506 14.40 36.27 -63.00
CA VAL A 506 13.75 36.85 -64.19
C VAL A 506 14.25 36.17 -65.47
N LYS A 507 15.57 36.09 -65.59
CA LYS A 507 16.19 35.49 -66.77
C LYS A 507 15.95 33.98 -66.80
N TYR A 508 15.84 33.38 -65.61
CA TYR A 508 15.51 31.96 -65.51
C TYR A 508 14.15 31.73 -66.14
N ALA A 509 13.18 32.54 -65.72
CA ALA A 509 11.83 32.43 -66.22
C ALA A 509 11.77 32.57 -67.73
N GLU A 510 12.50 33.56 -68.24
CA GLU A 510 12.46 33.84 -69.67
C GLU A 510 13.06 32.71 -70.48
N SER A 511 14.07 32.03 -69.92
CA SER A 511 14.73 30.95 -70.64
C SER A 511 13.76 29.79 -70.92
N PHE A 512 12.68 29.70 -70.11
CA PHE A 512 11.66 28.67 -70.32
C PHE A 512 10.55 29.17 -71.23
N GLY A 513 10.59 30.46 -71.58
CA GLY A 513 9.55 31.05 -72.40
C GLY A 513 8.42 31.53 -71.50
N ALA A 514 8.74 31.69 -70.22
CA ALA A 514 7.80 32.23 -69.25
C ALA A 514 8.11 33.71 -69.00
N THR A 515 7.21 34.38 -68.27
CA THR A 515 7.37 35.79 -67.97
C THR A 515 8.06 35.98 -66.61
N GLY A 516 9.08 36.82 -66.56
CA GLY A 516 9.78 37.06 -65.32
C GLY A 516 9.60 38.49 -64.85
N LEU A 517 9.23 38.67 -63.58
CA LEU A 517 9.08 39.99 -63.01
C LEU A 517 9.93 40.15 -61.76
N ARG A 518 10.37 41.37 -61.47
CA ARG A 518 11.16 41.59 -60.26
C ARG A 518 10.69 42.82 -59.50
N VAL A 519 10.55 42.68 -58.18
CA VAL A 519 10.24 43.81 -57.31
C VAL A 519 11.54 44.51 -56.95
N GLU A 520 11.86 45.57 -57.70
CA GLU A 520 13.15 46.25 -57.60
C GLU A 520 13.27 47.05 -56.31
N SER A 521 12.13 47.52 -55.81
CA SER A 521 12.04 48.15 -54.49
C SER A 521 10.71 47.76 -53.85
N PRO A 522 10.68 47.69 -52.51
CA PRO A 522 9.47 47.23 -51.82
C PRO A 522 8.19 48.01 -52.14
N ASP A 523 8.33 49.27 -52.53
CA ASP A 523 7.14 50.10 -52.77
C ASP A 523 6.41 49.73 -54.06
N GLN A 524 7.09 49.01 -54.93
CA GLN A 524 6.46 48.65 -56.21
C GLN A 524 5.83 47.25 -56.10
N LEU A 525 5.87 46.68 -54.91
CA LEU A 525 5.32 45.35 -54.65
C LEU A 525 3.88 45.15 -55.13
N ALA A 526 2.99 46.03 -54.69
CA ALA A 526 1.58 45.90 -55.04
C ALA A 526 1.40 45.90 -56.56
N ASP A 527 2.13 46.78 -57.22
CA ASP A 527 2.08 46.91 -58.68
C ASP A 527 2.61 45.68 -59.42
N VAL A 528 3.73 45.13 -58.95
CA VAL A 528 4.36 43.99 -59.63
C VAL A 528 3.48 42.75 -59.47
N LEU A 529 2.88 42.61 -58.29
CA LEU A 529 1.96 41.49 -58.03
C LEU A 529 0.75 41.54 -58.97
N ARG A 530 0.20 42.74 -59.14
CA ARG A 530 -0.95 42.91 -60.01
C ARG A 530 -0.60 42.69 -61.47
N GLN A 531 0.59 43.16 -61.86
CA GLN A 531 1.06 42.89 -63.20
C GLN A 531 1.12 41.39 -63.47
N GLY A 532 1.58 40.65 -62.48
CA GLY A 532 1.63 39.19 -62.58
C GLY A 532 0.25 38.58 -62.68
N MET A 533 -0.68 39.06 -61.84
CA MET A 533 -2.03 38.53 -61.84
C MET A 533 -2.76 38.79 -63.16
N ASN A 534 -2.28 39.78 -63.91
CA ASN A 534 -2.95 40.12 -65.16
C ASN A 534 -2.21 39.64 -66.40
N ALA A 535 -1.12 38.92 -66.20
CA ALA A 535 -0.32 38.42 -67.32
C ALA A 535 -0.81 37.08 -67.87
N GLU A 536 -0.41 36.76 -69.10
CA GLU A 536 -0.79 35.49 -69.74
C GLU A 536 0.34 34.47 -69.72
N GLY A 537 0.01 33.24 -69.36
CA GLY A 537 1.00 32.20 -69.25
C GLY A 537 1.74 32.39 -67.93
N PRO A 538 2.62 31.45 -67.62
CA PRO A 538 3.34 31.42 -66.34
C PRO A 538 4.17 32.68 -66.09
N VAL A 539 4.11 33.19 -64.85
CA VAL A 539 5.00 34.29 -64.46
C VAL A 539 5.70 33.92 -63.15
N ILE A 540 6.99 34.24 -63.08
CA ILE A 540 7.74 34.08 -61.85
C ILE A 540 8.07 35.48 -61.35
N ILE A 541 7.78 35.75 -60.09
CA ILE A 541 8.06 37.05 -59.54
C ILE A 541 9.15 36.93 -58.48
N ASP A 542 10.23 37.67 -58.71
CA ASP A 542 11.35 37.71 -57.77
C ASP A 542 11.05 38.78 -56.71
N VAL A 543 10.94 38.36 -55.44
CA VAL A 543 10.66 39.29 -54.35
C VAL A 543 11.75 39.27 -53.29
N PRO A 544 12.60 40.31 -53.27
CA PRO A 544 13.64 40.39 -52.23
C PRO A 544 12.99 40.55 -50.87
N VAL A 545 13.52 39.82 -49.87
CA VAL A 545 12.96 39.86 -48.52
CA VAL A 545 12.96 39.85 -48.53
C VAL A 545 14.07 40.06 -47.51
N ASP A 546 13.71 40.69 -46.40
CA ASP A 546 14.59 40.91 -45.27
C ASP A 546 14.18 39.92 -44.17
N TYR A 547 15.06 38.97 -43.84
CA TYR A 547 14.71 37.91 -42.90
C TYR A 547 15.21 38.14 -41.47
N SER A 548 15.61 39.36 -41.15
CA SER A 548 16.22 39.66 -39.85
C SER A 548 15.25 39.50 -38.67
N ASP A 549 13.96 39.50 -38.96
CA ASP A 549 12.95 39.40 -37.93
C ASP A 549 12.55 37.93 -37.72
N ASN A 550 13.09 37.04 -38.55
CA ASN A 550 12.68 35.62 -38.55
C ASN A 550 12.90 34.90 -37.25
N ILE A 551 13.99 35.23 -36.56
CA ILE A 551 14.29 34.59 -35.30
C ILE A 551 13.15 34.79 -34.31
N ASN A 552 12.36 35.85 -34.51
CA ASN A 552 11.20 36.11 -33.66
C ASN A 552 10.02 35.13 -33.82
N LEU A 553 9.99 34.41 -34.94
CA LEU A 553 8.97 33.38 -35.17
C LEU A 553 9.06 32.27 -34.11
N ALA A 554 10.25 32.10 -33.53
CA ALA A 554 10.44 31.08 -32.51
C ALA A 554 10.56 31.67 -31.10
N SER A 555 10.26 32.96 -30.97
CA SER A 555 10.42 33.64 -29.69
C SER A 555 9.38 33.19 -28.67
N ASP A 556 9.78 33.15 -27.39
CA ASP A 556 8.91 32.68 -26.33
C ASP A 556 8.29 33.90 -25.61
N LYS A 557 8.42 35.07 -26.23
CA LYS A 557 7.97 36.33 -25.64
C LYS A 557 6.47 36.38 -25.34
N LEU A 558 5.65 36.10 -26.36
CA LEU A 558 4.20 36.15 -26.20
C LEU A 558 3.65 35.28 -25.07
N PRO A 559 4.08 34.00 -24.99
CA PRO A 559 3.56 33.23 -23.86
C PRO A 559 3.99 33.84 -22.53
N LYS A 560 5.17 34.46 -22.48
CA LYS A 560 5.67 35.09 -21.26
C LYS A 560 4.90 36.35 -20.86
N GLU A 561 4.65 37.25 -21.81
CA GLU A 561 3.84 38.43 -21.51
C GLU A 561 2.47 38.00 -21.01
N PHE A 562 1.87 37.06 -21.74
CA PHE A 562 0.53 36.61 -21.40
C PHE A 562 0.51 35.78 -20.11
N GLY A 563 1.58 35.03 -19.86
CA GLY A 563 1.67 34.24 -18.64
C GLY A 563 1.75 35.09 -17.38
N GLU A 564 2.54 36.17 -17.43
CA GLU A 564 2.69 37.12 -16.31
C GLU A 564 1.41 37.92 -16.12
N LEU A 565 0.72 38.16 -17.23
CA LEU A 565 -0.55 38.87 -17.21
C LEU A 565 -1.66 38.08 -16.47
N MET A 566 -1.64 36.76 -16.62
CA MET A 566 -2.67 35.90 -16.03
C MET A 566 -2.45 35.66 -14.52
N LYS A 567 -1.54 36.44 -13.94
CA LYS A 567 -1.24 36.39 -12.51
C LYS A 567 -1.63 37.70 -11.82
N THR A 568 -1.93 38.73 -12.62
CA THR A 568 -2.23 40.05 -12.08
C THR A 568 -3.73 40.35 -12.12
N LYS B 14 32.64 20.06 -26.88
CA LYS B 14 31.41 19.27 -27.07
C LYS B 14 31.70 17.78 -27.35
N ASN B 15 30.85 16.91 -26.80
CA ASN B 15 30.95 15.47 -27.01
C ASN B 15 29.56 14.84 -27.02
N ARG B 16 28.83 15.14 -28.10
CA ARG B 16 27.52 14.55 -28.37
C ARG B 16 27.68 13.40 -29.35
N GLY B 17 26.59 12.68 -29.61
CA GLY B 17 26.60 11.68 -30.66
C GLY B 17 27.05 12.25 -31.99
N ALA B 18 26.68 13.51 -32.24
CA ALA B 18 27.06 14.20 -33.46
C ALA B 18 28.58 14.25 -33.63
N GLU B 19 29.30 14.42 -32.53
CA GLU B 19 30.77 14.45 -32.58
C GLU B 19 31.35 13.08 -32.91
N LEU B 20 30.70 12.03 -32.41
CA LEU B 20 31.13 10.65 -32.74
C LEU B 20 30.97 10.41 -34.24
N VAL B 21 29.89 10.91 -34.83
CA VAL B 21 29.69 10.80 -36.27
C VAL B 21 30.84 11.48 -37.00
N VAL B 22 31.15 12.71 -36.61
CA VAL B 22 32.22 13.44 -37.26
C VAL B 22 33.58 12.79 -37.05
N ASP B 23 33.81 12.28 -35.85
CA ASP B 23 35.07 11.59 -35.58
C ASP B 23 35.22 10.39 -36.53
N CYS B 24 34.11 9.70 -36.82
CA CYS B 24 34.18 8.59 -37.78
C CYS B 24 34.57 9.08 -39.17
N LEU B 25 34.00 10.21 -39.61
CA LEU B 25 34.35 10.74 -40.92
C LEU B 25 35.84 11.14 -41.00
N VAL B 26 36.36 11.71 -39.93
CA VAL B 26 37.78 12.05 -39.88
C VAL B 26 38.64 10.79 -39.97
N GLU B 27 38.32 9.77 -39.16
CA GLU B 27 39.06 8.52 -39.19
C GLU B 27 38.97 7.79 -40.53
N GLN B 28 37.87 7.99 -41.24
CA GLN B 28 37.70 7.38 -42.57
C GLN B 28 38.46 8.14 -43.65
N GLY B 29 38.95 9.33 -43.31
CA GLY B 29 39.65 10.14 -44.29
C GLY B 29 38.73 10.79 -45.31
N VAL B 30 37.50 11.08 -44.89
CA VAL B 30 36.50 11.74 -45.75
C VAL B 30 36.81 13.23 -45.87
N THR B 31 36.89 13.73 -47.10
CA THR B 31 37.23 15.14 -47.31
C THR B 31 36.05 16.02 -47.68
N HIS B 32 35.01 15.40 -48.25
CA HIS B 32 33.79 16.10 -48.65
C HIS B 32 32.53 15.37 -48.18
N VAL B 33 31.58 16.10 -47.61
CA VAL B 33 30.25 15.56 -47.31
C VAL B 33 29.22 16.29 -48.14
N PHE B 34 28.42 15.56 -48.91
CA PHE B 34 27.38 16.20 -49.71
C PHE B 34 26.07 16.13 -48.95
N GLY B 35 25.39 17.27 -48.83
CA GLY B 35 24.19 17.27 -48.01
C GLY B 35 23.33 18.52 -47.98
N ILE B 36 22.24 18.41 -47.24
CA ILE B 36 21.29 19.47 -47.08
C ILE B 36 20.83 19.36 -45.66
N PRO B 37 20.96 20.46 -44.90
CA PRO B 37 20.63 20.42 -43.47
C PRO B 37 19.14 20.42 -43.21
N GLY B 38 18.79 20.13 -41.96
CA GLY B 38 17.40 20.12 -41.55
C GLY B 38 17.45 19.94 -40.06
N ALA B 39 16.33 20.21 -39.40
CA ALA B 39 16.28 20.27 -37.94
C ALA B 39 16.73 18.96 -37.28
N LYS B 40 16.26 17.82 -37.78
CA LYS B 40 16.58 16.56 -37.13
C LYS B 40 18.07 16.18 -37.17
N ILE B 41 18.80 16.62 -38.20
CA ILE B 41 20.21 16.26 -38.38
C ILE B 41 21.18 17.41 -38.01
N ASP B 42 20.62 18.53 -37.53
CA ASP B 42 21.37 19.76 -37.21
C ASP B 42 22.67 19.59 -36.42
N ALA B 43 22.61 18.74 -35.40
CA ALA B 43 23.75 18.57 -34.50
C ALA B 43 24.98 18.11 -35.26
N VAL B 44 24.77 17.22 -36.24
CA VAL B 44 25.87 16.75 -37.05
C VAL B 44 26.45 17.89 -37.89
N PHE B 45 25.59 18.69 -38.48
CA PHE B 45 26.06 19.84 -39.25
C PHE B 45 26.76 20.85 -38.35
N ASP B 46 26.27 20.98 -37.13
CA ASP B 46 26.93 21.85 -36.18
C ASP B 46 28.33 21.32 -35.87
N ALA B 47 28.43 20.03 -35.60
CA ALA B 47 29.70 19.40 -35.27
C ALA B 47 30.70 19.51 -36.41
N LEU B 48 30.20 19.58 -37.64
CA LEU B 48 31.07 19.74 -38.82
C LEU B 48 31.68 21.14 -38.95
N GLN B 49 31.17 22.09 -38.17
CA GLN B 49 31.76 23.43 -38.15
C GLN B 49 33.06 23.43 -37.34
N ASP B 50 33.15 22.53 -36.35
CA ASP B 50 34.36 22.47 -35.52
C ASP B 50 35.50 21.71 -36.20
N LYS B 51 35.18 20.60 -36.86
CA LYS B 51 36.18 19.85 -37.64
C LYS B 51 35.51 18.87 -38.61
N GLY B 52 36.33 18.22 -39.42
CA GLY B 52 35.82 17.22 -40.33
C GLY B 52 35.85 17.68 -41.78
N PRO B 53 35.27 16.86 -42.67
CA PRO B 53 35.23 17.16 -44.10
C PRO B 53 34.50 18.48 -44.41
N GLU B 54 34.86 19.10 -45.52
CA GLU B 54 34.15 20.26 -46.06
C GLU B 54 32.71 19.86 -46.43
N ILE B 55 31.74 20.69 -46.08
CA ILE B 55 30.36 20.43 -46.48
C ILE B 55 30.06 20.98 -47.88
N ILE B 56 29.56 20.14 -48.77
CA ILE B 56 29.09 20.65 -50.06
C ILE B 56 27.57 20.68 -50.08
N VAL B 57 27.00 21.90 -50.04
CA VAL B 57 25.54 22.08 -50.02
C VAL B 57 24.94 21.78 -51.39
N ALA B 58 24.02 20.82 -51.43
CA ALA B 58 23.41 20.46 -52.71
C ALA B 58 22.11 21.21 -52.88
N ARG B 59 21.58 21.23 -54.11
CA ARG B 59 20.30 21.90 -54.35
C ARG B 59 19.14 20.87 -54.35
N HIS B 60 19.50 19.59 -54.23
CA HIS B 60 18.53 18.51 -54.08
C HIS B 60 19.30 17.32 -53.51
N GLU B 61 18.72 16.59 -52.56
CA GLU B 61 19.40 15.44 -52.00
C GLU B 61 19.71 14.37 -53.03
N GLN B 62 18.87 14.28 -54.07
CA GLN B 62 19.09 13.35 -55.15
C GLN B 62 20.49 13.58 -55.71
N ASN B 63 20.80 14.87 -55.92
CA ASN B 63 22.07 15.26 -56.53
C ASN B 63 23.21 15.09 -55.57
N ALA B 64 22.94 15.29 -54.28
CA ALA B 64 23.93 14.99 -53.25
C ALA B 64 24.29 13.52 -53.30
N ALA B 65 23.30 12.67 -53.55
CA ALA B 65 23.56 11.23 -53.68
C ALA B 65 24.38 10.92 -54.91
N PHE B 66 24.01 11.48 -56.06
CA PHE B 66 24.76 11.26 -57.29
C PHE B 66 26.23 11.66 -57.12
N MET B 67 26.43 12.82 -56.50
CA MET B 67 27.77 13.36 -56.26
C MET B 67 28.58 12.43 -55.36
N ALA B 68 27.95 11.89 -54.32
CA ALA B 68 28.60 10.92 -53.45
C ALA B 68 28.93 9.63 -54.23
N GLN B 69 28.02 9.26 -55.13
CA GLN B 69 28.23 8.08 -55.95
C GLN B 69 29.45 8.26 -56.84
N ALA B 70 29.58 9.45 -57.43
CA ALA B 70 30.70 9.71 -58.31
C ALA B 70 31.99 9.63 -57.51
N VAL B 71 31.96 10.17 -56.29
CA VAL B 71 33.14 10.12 -55.44
C VAL B 71 33.54 8.67 -55.10
N GLY B 72 32.54 7.84 -54.80
CA GLY B 72 32.77 6.44 -54.50
C GLY B 72 33.37 5.72 -55.70
N ARG B 73 32.79 5.95 -56.88
CA ARG B 73 33.31 5.31 -58.08
C ARG B 73 34.74 5.77 -58.39
N LEU B 74 35.01 7.05 -58.16
CA LEU B 74 36.30 7.61 -58.53
C LEU B 74 37.42 7.29 -57.52
N THR B 75 37.08 7.14 -56.25
CA THR B 75 38.13 6.98 -55.25
C THR B 75 38.21 5.60 -54.62
N GLY B 76 37.13 4.83 -54.70
CA GLY B 76 37.13 3.54 -54.04
C GLY B 76 36.86 3.67 -52.54
N LYS B 77 36.78 4.92 -52.09
CA LYS B 77 36.33 5.18 -50.73
C LYS B 77 34.90 5.71 -50.84
N PRO B 78 34.04 5.28 -49.91
CA PRO B 78 32.61 5.62 -49.99
C PRO B 78 32.38 7.12 -50.07
N GLY B 79 31.59 7.56 -51.05
CA GLY B 79 31.10 8.93 -51.06
C GLY B 79 30.16 9.06 -49.89
N VAL B 80 30.08 10.24 -49.29
CA VAL B 80 29.29 10.43 -48.08
C VAL B 80 28.19 11.46 -48.30
N VAL B 81 26.95 11.10 -47.99
CA VAL B 81 25.85 12.05 -48.13
C VAL B 81 25.12 12.19 -46.79
N LEU B 82 24.73 13.43 -46.46
CA LEU B 82 24.18 13.72 -45.13
C LEU B 82 22.89 14.54 -45.29
N VAL B 83 21.78 13.99 -44.79
CA VAL B 83 20.48 14.61 -45.00
C VAL B 83 19.61 14.56 -43.74
N THR B 84 18.51 15.31 -43.74
CA THR B 84 17.63 15.30 -42.59
C THR B 84 16.58 14.20 -42.70
N SER B 85 15.69 14.17 -41.72
CA SER B 85 14.61 13.20 -41.63
C SER B 85 13.57 13.33 -42.73
N GLY B 86 12.62 12.40 -42.74
CA GLY B 86 11.51 12.50 -43.67
C GLY B 86 11.87 12.64 -45.15
N PRO B 87 11.43 13.75 -45.80
CA PRO B 87 11.69 13.92 -47.24
C PRO B 87 13.18 14.09 -47.53
N GLY B 88 13.96 14.49 -46.53
CA GLY B 88 15.41 14.53 -46.69
C GLY B 88 15.99 13.15 -46.98
N ALA B 89 15.60 12.17 -46.18
CA ALA B 89 16.06 10.80 -46.39
C ALA B 89 15.41 10.18 -47.64
N SER B 90 14.10 10.34 -47.79
CA SER B 90 13.38 9.71 -48.90
C SER B 90 13.84 10.23 -50.24
N ASN B 91 14.32 11.47 -50.29
CA ASN B 91 14.89 12.01 -51.55
C ASN B 91 16.20 11.31 -51.95
N LEU B 92 16.70 10.44 -51.09
CA LEU B 92 17.94 9.71 -51.40
C LEU B 92 17.71 8.39 -52.16
N ALA B 93 16.45 7.94 -52.23
CA ALA B 93 16.16 6.58 -52.69
C ALA B 93 16.82 6.21 -54.02
N THR B 94 16.54 6.99 -55.04
CA THR B 94 17.06 6.68 -56.37
C THR B 94 18.60 6.70 -56.43
N GLY B 95 19.18 7.74 -55.84
CA GLY B 95 20.64 7.85 -55.75
C GLY B 95 21.28 6.61 -55.13
N LEU B 96 20.83 6.24 -53.94
CA LEU B 96 21.39 5.07 -53.28
C LEU B 96 21.12 3.78 -54.06
N LEU B 97 19.92 3.67 -54.63
CA LEU B 97 19.55 2.48 -55.43
C LEU B 97 20.50 2.37 -56.62
N THR B 98 20.78 3.51 -57.24
CA THR B 98 21.68 3.57 -58.38
C THR B 98 23.11 3.16 -57.98
N ALA B 99 23.62 3.77 -56.92
CA ALA B 99 24.95 3.39 -56.43
C ALA B 99 25.00 1.91 -56.07
N ASN B 100 23.94 1.44 -55.43
CA ASN B 100 23.92 0.09 -54.90
C ASN B 100 23.92 -1.01 -55.98
N THR B 101 23.50 -0.66 -57.19
CA THR B 101 23.42 -1.63 -58.27
C THR B 101 24.47 -1.38 -59.33
N GLU B 102 25.30 -0.35 -59.14
CA GLU B 102 26.34 -0.02 -60.12
C GLU B 102 27.76 -0.15 -59.59
N GLY B 103 27.88 -0.72 -58.39
CA GLY B 103 29.18 -1.06 -57.80
C GLY B 103 29.92 0.07 -57.11
N ASP B 104 29.16 1.09 -56.72
CA ASP B 104 29.75 2.29 -56.16
C ASP B 104 29.59 2.39 -54.64
N PRO B 105 30.70 2.57 -53.92
CA PRO B 105 30.59 2.65 -52.45
C PRO B 105 30.03 4.01 -51.98
N VAL B 106 28.95 3.98 -51.21
CA VAL B 106 28.33 5.22 -50.70
C VAL B 106 27.86 4.96 -49.28
N VAL B 107 28.10 5.93 -48.39
CA VAL B 107 27.53 5.90 -47.05
C VAL B 107 26.57 7.08 -46.88
N ALA B 108 25.30 6.79 -46.58
CA ALA B 108 24.29 7.83 -46.38
C ALA B 108 24.03 7.97 -44.89
N LEU B 109 23.96 9.22 -44.40
CA LEU B 109 23.71 9.48 -42.99
C LEU B 109 22.46 10.36 -42.92
N ALA B 110 21.41 9.88 -42.26
CA ALA B 110 20.16 10.62 -42.29
C ALA B 110 19.61 10.79 -40.90
N GLY B 111 18.90 11.90 -40.70
CA GLY B 111 18.26 12.11 -39.44
C GLY B 111 16.94 11.37 -39.35
N ASN B 112 16.46 11.24 -38.12
CA ASN B 112 15.08 10.86 -37.88
C ASN B 112 14.56 11.53 -36.62
N VAL B 113 13.27 11.37 -36.45
CA VAL B 113 12.54 11.85 -35.29
CA VAL B 113 12.53 11.85 -35.29
C VAL B 113 13.11 11.26 -33.99
N ILE B 114 12.93 11.94 -32.86
CA ILE B 114 13.42 11.42 -31.57
C ILE B 114 12.84 10.05 -31.26
N ARG B 115 13.57 9.25 -30.47
CA ARG B 115 13.15 7.88 -30.19
C ARG B 115 11.75 7.75 -29.60
N ALA B 116 11.42 8.69 -28.72
CA ALA B 116 10.16 8.65 -27.99
C ALA B 116 8.96 8.79 -28.90
N ASP B 117 9.18 9.47 -30.03
CA ASP B 117 8.09 9.75 -30.97
C ASP B 117 8.22 8.92 -32.26
N ARG B 118 9.04 7.88 -32.23
CA ARG B 118 9.35 7.16 -33.47
C ARG B 118 8.17 6.45 -34.13
N LEU B 119 7.14 6.14 -33.33
CA LEU B 119 5.96 5.39 -33.80
C LEU B 119 4.79 6.30 -34.11
N LYS B 120 5.00 7.61 -33.97
CA LYS B 120 3.91 8.58 -34.04
C LYS B 120 3.67 9.20 -35.42
N ARG B 121 2.46 9.72 -35.65
CA ARG B 121 2.26 10.61 -36.80
C ARG B 121 2.81 11.98 -36.37
N THR B 122 4.05 12.25 -36.76
CA THR B 122 4.76 13.45 -36.31
C THR B 122 5.61 13.89 -37.49
N HIS B 123 5.96 15.16 -37.55
CA HIS B 123 6.65 15.71 -38.72
C HIS B 123 7.86 14.88 -39.12
N GLN B 124 7.91 14.50 -40.40
CA GLN B 124 9.06 13.86 -41.04
C GLN B 124 9.51 12.52 -40.45
N SER B 125 8.57 11.77 -39.92
CA SER B 125 8.85 10.47 -39.36
C SER B 125 8.42 9.38 -40.34
N LEU B 126 9.28 8.38 -40.52
CA LEU B 126 8.91 7.14 -41.21
C LEU B 126 9.93 6.11 -40.76
N ASP B 127 9.69 4.83 -41.08
CA ASP B 127 10.70 3.82 -40.79
C ASP B 127 11.81 3.94 -41.85
N ASN B 128 12.82 4.76 -41.54
CA ASN B 128 13.93 5.03 -42.43
C ASN B 128 14.61 3.75 -42.89
N ALA B 129 14.94 2.90 -41.92
CA ALA B 129 15.70 1.69 -42.19
C ALA B 129 14.93 0.75 -43.11
N ALA B 130 13.61 0.67 -42.91
CA ALA B 130 12.78 -0.23 -43.70
C ALA B 130 12.71 0.28 -45.12
N LEU B 131 12.67 1.60 -45.28
CA LEU B 131 12.60 2.16 -46.62
C LEU B 131 13.84 1.79 -47.45
N PHE B 132 15.00 1.85 -46.82
CA PHE B 132 16.25 1.65 -47.53
C PHE B 132 16.69 0.20 -47.57
N GLN B 133 16.04 -0.64 -46.78
CA GLN B 133 16.36 -2.07 -46.74
C GLN B 133 16.45 -2.74 -48.13
N PRO B 134 15.45 -2.55 -49.01
CA PRO B 134 15.52 -3.24 -50.30
C PRO B 134 16.50 -2.60 -51.28
N ILE B 135 17.06 -1.45 -50.96
CA ILE B 135 17.85 -0.75 -51.97
C ILE B 135 19.29 -0.44 -51.54
N THR B 136 19.73 -1.09 -50.47
CA THR B 136 21.08 -0.90 -49.96
C THR B 136 21.63 -2.27 -49.54
N LYS B 137 22.95 -2.35 -49.35
CA LYS B 137 23.59 -3.53 -48.76
C LYS B 137 23.39 -3.59 -47.27
N TYR B 138 23.07 -2.45 -46.66
CA TYR B 138 23.09 -2.30 -45.21
C TYR B 138 22.27 -1.07 -44.84
N SER B 139 21.21 -1.27 -44.06
CA SER B 139 20.27 -0.21 -43.71
C SER B 139 19.91 -0.29 -42.23
N VAL B 140 20.34 0.68 -41.44
CA VAL B 140 20.20 0.57 -39.99
C VAL B 140 19.79 1.89 -39.30
N GLU B 141 19.20 1.76 -38.12
CA GLU B 141 18.94 2.91 -37.28
C GLU B 141 19.56 2.71 -35.93
N VAL B 142 20.34 3.71 -35.50
CA VAL B 142 21.03 3.65 -34.21
C VAL B 142 20.07 4.08 -33.09
N GLN B 143 19.88 3.26 -32.08
CA GLN B 143 18.93 3.60 -31.03
C GLN B 143 19.63 3.82 -29.69
N ASP B 144 20.96 3.88 -29.73
CA ASP B 144 21.73 4.16 -28.53
C ASP B 144 23.01 4.87 -28.96
N VAL B 145 23.28 6.02 -28.34
CA VAL B 145 24.41 6.86 -28.73
C VAL B 145 25.77 6.13 -28.70
N LYS B 146 25.91 5.16 -27.81
CA LYS B 146 27.14 4.39 -27.69
C LYS B 146 27.40 3.55 -28.95
N ASN B 147 26.34 3.22 -29.68
CA ASN B 147 26.46 2.31 -30.82
C ASN B 147 26.88 3.03 -32.09
N ILE B 148 26.80 4.37 -32.05
CA ILE B 148 27.16 5.18 -33.19
C ILE B 148 28.50 4.83 -33.88
N PRO B 149 29.60 4.71 -33.10
CA PRO B 149 30.88 4.46 -33.80
C PRO B 149 30.94 3.08 -34.48
N GLU B 150 30.29 2.10 -33.87
CA GLU B 150 30.23 0.76 -34.43
C GLU B 150 29.41 0.72 -35.71
N ALA B 151 28.22 1.31 -35.67
CA ALA B 151 27.28 1.30 -36.79
C ALA B 151 27.85 1.99 -38.01
N VAL B 152 28.51 3.11 -37.76
CA VAL B 152 29.10 3.89 -38.84
C VAL B 152 30.34 3.19 -39.44
N THR B 153 31.20 2.67 -38.59
CA THR B 153 32.40 2.01 -39.12
C THR B 153 32.00 0.78 -39.96
N ASN B 154 31.08 -0.04 -39.43
CA ASN B 154 30.57 -1.18 -40.18
C ASN B 154 29.90 -0.75 -41.49
N ALA B 155 29.25 0.41 -41.49
CA ALA B 155 28.69 0.95 -42.74
C ALA B 155 29.73 1.24 -43.80
N PHE B 156 30.85 1.82 -43.39
CA PHE B 156 31.95 2.07 -44.34
C PHE B 156 32.55 0.77 -44.90
N ARG B 157 32.79 -0.19 -44.02
CA ARG B 157 33.41 -1.44 -44.43
C ARG B 157 32.52 -2.18 -45.42
N ILE B 158 31.23 -2.26 -45.11
CA ILE B 158 30.28 -2.99 -45.96
C ILE B 158 30.05 -2.32 -47.31
N ALA B 159 30.01 -0.99 -47.31
CA ALA B 159 29.86 -0.27 -48.56
C ALA B 159 31.05 -0.54 -49.49
N SER B 160 32.21 -0.73 -48.88
CA SER B 160 33.45 -0.90 -49.63
C SER B 160 33.70 -2.35 -50.04
N ALA B 161 33.23 -3.27 -49.23
CA ALA B 161 33.51 -4.69 -49.46
C ALA B 161 32.81 -5.16 -50.73
N GLY B 162 33.50 -5.97 -51.52
CA GLY B 162 32.97 -6.46 -52.79
C GLY B 162 31.73 -7.30 -52.55
N GLN B 163 30.69 -7.10 -53.34
CA GLN B 163 30.64 -6.04 -54.35
C GLN B 163 30.21 -4.73 -53.69
N ALA B 164 30.90 -3.64 -54.01
CA ALA B 164 30.67 -2.35 -53.35
C ALA B 164 29.27 -1.84 -53.65
N GLY B 165 28.68 -1.16 -52.67
CA GLY B 165 27.36 -0.58 -52.87
C GLY B 165 27.02 0.42 -51.79
N ALA B 166 25.72 0.56 -51.50
CA ALA B 166 25.24 1.59 -50.58
C ALA B 166 25.01 1.08 -49.17
N ALA B 167 25.35 1.89 -48.18
CA ALA B 167 25.04 1.58 -46.80
C ALA B 167 24.31 2.80 -46.24
N PHE B 168 23.27 2.57 -45.45
CA PHE B 168 22.43 3.67 -44.95
C PHE B 168 22.34 3.61 -43.43
N VAL B 169 22.59 4.74 -42.77
CA VAL B 169 22.49 4.80 -41.32
C VAL B 169 21.63 5.97 -40.89
N SER B 170 20.59 5.67 -40.11
CA SER B 170 19.66 6.69 -39.63
C SER B 170 19.90 7.01 -38.16
N PHE B 171 19.82 8.28 -37.78
CA PHE B 171 20.02 8.72 -36.38
C PHE B 171 18.80 9.47 -35.83
N PRO B 172 18.13 8.92 -34.82
CA PRO B 172 17.10 9.74 -34.16
C PRO B 172 17.74 11.00 -33.59
N GLN B 173 17.07 12.15 -33.71
CA GLN B 173 17.59 13.44 -33.28
C GLN B 173 18.15 13.41 -31.87
N ASP B 174 17.45 12.72 -30.96
CA ASP B 174 17.92 12.69 -29.58
C ASP B 174 19.22 11.92 -29.45
N VAL B 175 19.45 10.97 -30.36
CA VAL B 175 20.66 10.17 -30.30
C VAL B 175 21.89 11.03 -30.65
N VAL B 176 21.77 11.86 -31.68
CA VAL B 176 22.92 12.70 -32.08
C VAL B 176 23.15 13.95 -31.21
N ASN B 177 22.12 14.36 -30.46
CA ASN B 177 22.23 15.49 -29.53
C ASN B 177 22.66 15.06 -28.12
N GLU B 178 22.66 13.76 -27.86
CA GLU B 178 22.95 13.26 -26.52
C GLU B 178 24.45 13.33 -26.17
N VAL B 179 24.73 13.93 -25.02
CA VAL B 179 26.09 14.05 -24.52
C VAL B 179 26.53 12.67 -24.00
N THR B 180 27.74 12.26 -24.33
CA THR B 180 28.18 10.91 -24.01
C THR B 180 29.69 10.82 -23.81
N ASN B 181 30.13 9.89 -22.98
CA ASN B 181 31.54 9.59 -22.79
CA ASN B 181 31.55 9.61 -22.80
C ASN B 181 32.02 8.47 -23.70
N THR B 182 31.17 8.05 -24.64
CA THR B 182 31.48 6.96 -25.57
C THR B 182 32.75 7.23 -26.39
N LYS B 183 33.59 6.21 -26.52
CA LYS B 183 34.82 6.34 -27.28
C LYS B 183 34.61 6.05 -28.75
N ASN B 184 35.43 6.69 -29.59
CA ASN B 184 35.45 6.32 -30.97
C ASN B 184 36.10 4.94 -31.11
N VAL B 185 35.88 4.35 -32.27
CA VAL B 185 36.41 3.06 -32.62
C VAL B 185 37.43 3.25 -33.76
N ARG B 186 38.44 2.37 -33.88
CA ARG B 186 39.40 2.55 -34.96
C ARG B 186 38.71 2.32 -36.30
N ALA B 187 39.07 3.12 -37.29
CA ALA B 187 38.52 2.90 -38.63
C ALA B 187 39.25 1.72 -39.26
N VAL B 188 38.89 0.50 -38.84
CA VAL B 188 39.53 -0.71 -39.37
C VAL B 188 39.12 -0.90 -40.84
N ALA B 189 40.09 -0.73 -41.75
CA ALA B 189 39.79 -0.78 -43.18
C ALA B 189 39.39 -2.19 -43.60
N ALA B 190 38.39 -2.31 -44.48
CA ALA B 190 38.00 -3.61 -45.01
C ALA B 190 39.20 -4.26 -45.74
N PRO B 191 39.55 -5.49 -45.37
CA PRO B 191 40.77 -6.16 -45.87
C PRO B 191 40.60 -6.75 -47.26
N LYS B 192 41.69 -6.79 -48.02
CA LYS B 192 41.69 -7.38 -49.35
C LYS B 192 41.54 -8.91 -49.29
N LEU B 193 40.83 -9.51 -50.24
CA LEU B 193 40.85 -10.96 -50.35
C LEU B 193 42.18 -11.37 -50.98
N GLY B 194 42.53 -12.64 -50.88
CA GLY B 194 43.64 -13.17 -51.63
C GLY B 194 43.14 -13.48 -53.03
N PRO B 195 44.04 -13.91 -53.94
CA PRO B 195 43.56 -14.35 -55.27
C PRO B 195 42.71 -15.64 -55.17
N ALA B 196 42.05 -15.99 -56.27
CA ALA B 196 41.32 -17.26 -56.34
C ALA B 196 42.29 -18.43 -56.10
N ALA B 197 41.76 -19.58 -55.70
CA ALA B 197 42.62 -20.73 -55.43
C ALA B 197 43.44 -21.14 -56.66
N ASP B 198 44.65 -21.63 -56.40
CA ASP B 198 45.61 -22.03 -57.43
C ASP B 198 45.04 -23.02 -58.43
N ASP B 199 44.31 -24.02 -57.93
CA ASP B 199 43.78 -25.08 -58.78
C ASP B 199 42.71 -24.56 -59.74
N ALA B 200 41.94 -23.59 -59.29
CA ALA B 200 40.99 -22.95 -60.18
C ALA B 200 41.73 -22.11 -61.24
N ILE B 201 42.79 -21.42 -60.83
CA ILE B 201 43.59 -20.64 -61.78
C ILE B 201 44.20 -21.50 -62.88
N SER B 202 44.83 -22.61 -62.48
CA SER B 202 45.51 -23.49 -63.41
C SER B 202 44.55 -24.02 -64.44
N ALA B 203 43.37 -24.42 -63.96
CA ALA B 203 42.35 -24.97 -64.85
C ALA B 203 41.93 -23.96 -65.90
N ALA B 204 41.81 -22.69 -65.49
CA ALA B 204 41.39 -21.63 -66.41
C ALA B 204 42.45 -21.38 -67.47
N ILE B 205 43.71 -21.36 -67.02
CA ILE B 205 44.84 -21.24 -67.94
C ILE B 205 44.79 -22.38 -68.97
N ALA B 206 44.61 -23.62 -68.49
CA ALA B 206 44.55 -24.74 -69.43
C ALA B 206 43.42 -24.59 -70.44
N LYS B 207 42.23 -24.20 -69.98
CA LYS B 207 41.10 -24.05 -70.88
C LYS B 207 41.32 -22.95 -71.89
N ILE B 208 42.04 -21.90 -71.48
CA ILE B 208 42.32 -20.81 -72.39
C ILE B 208 43.32 -21.23 -73.46
N GLN B 209 44.38 -21.92 -73.05
CA GLN B 209 45.41 -22.32 -74.01
C GLN B 209 44.90 -23.28 -75.07
N THR B 210 43.90 -24.09 -74.72
CA THR B 210 43.39 -25.11 -75.63
C THR B 210 42.24 -24.58 -76.48
N ALA B 211 41.89 -23.32 -76.30
CA ALA B 211 40.73 -22.76 -77.00
C ALA B 211 41.06 -22.43 -78.45
N LYS B 212 40.10 -22.64 -79.35
CA LYS B 212 40.22 -22.19 -80.74
C LYS B 212 40.09 -20.68 -80.80
N LEU B 213 39.20 -20.15 -79.95
CA LEU B 213 38.90 -18.72 -79.93
C LEU B 213 38.48 -18.23 -78.53
N PRO B 214 39.46 -18.08 -77.63
CA PRO B 214 39.17 -17.50 -76.31
C PRO B 214 39.08 -15.96 -76.40
N VAL B 215 38.12 -15.39 -75.68
CA VAL B 215 37.92 -13.94 -75.63
C VAL B 215 37.66 -13.49 -74.19
N VAL B 216 38.02 -12.24 -73.89
CA VAL B 216 37.82 -11.69 -72.56
C VAL B 216 36.64 -10.73 -72.57
N LEU B 217 35.72 -10.88 -71.61
CA LEU B 217 34.63 -9.93 -71.44
C LEU B 217 34.95 -9.14 -70.17
N VAL B 218 35.28 -7.85 -70.34
CA VAL B 218 35.63 -7.02 -69.19
C VAL B 218 34.35 -6.37 -68.70
N GLY B 219 34.01 -6.59 -67.43
CA GLY B 219 32.78 -6.04 -66.89
C GLY B 219 32.96 -4.94 -65.84
N MET B 220 31.89 -4.70 -65.09
CA MET B 220 31.81 -3.63 -64.10
C MET B 220 33.02 -3.53 -63.17
N LYS B 221 33.37 -4.63 -62.53
CA LYS B 221 34.46 -4.61 -61.54
C LYS B 221 35.83 -4.81 -62.20
N GLY B 222 35.83 -5.02 -63.50
CA GLY B 222 37.05 -5.00 -64.27
C GLY B 222 37.40 -3.58 -64.68
N GLY B 223 36.50 -2.63 -64.43
CA GLY B 223 36.73 -1.25 -64.82
C GLY B 223 37.45 -0.37 -63.79
N ARG B 224 37.72 -0.94 -62.61
CA ARG B 224 38.53 -0.25 -61.59
C ARG B 224 39.96 -0.12 -62.10
N PRO B 225 40.66 0.97 -61.72
CA PRO B 225 42.03 1.18 -62.19
C PRO B 225 42.97 -0.01 -61.98
N GLU B 226 42.99 -0.57 -60.78
CA GLU B 226 43.89 -1.71 -60.51
C GLU B 226 43.56 -2.95 -61.33
N ALA B 227 42.27 -3.14 -61.64
CA ALA B 227 41.86 -4.29 -62.46
C ALA B 227 42.20 -4.08 -63.92
N ILE B 228 41.93 -2.88 -64.43
CA ILE B 228 42.28 -2.55 -65.81
C ILE B 228 43.78 -2.76 -66.06
N LYS B 229 44.58 -2.25 -65.12
CA LYS B 229 46.03 -2.42 -65.16
C LYS B 229 46.40 -3.91 -65.30
N ALA B 230 45.78 -4.77 -64.49
CA ALA B 230 46.04 -6.20 -64.57
C ALA B 230 45.49 -6.80 -65.89
N VAL B 231 44.30 -6.38 -66.25
CA VAL B 231 43.67 -6.83 -67.47
C VAL B 231 44.54 -6.53 -68.68
N ARG B 232 45.10 -5.32 -68.71
CA ARG B 232 45.94 -4.90 -69.82
C ARG B 232 47.14 -5.82 -70.02
N LYS B 233 47.82 -6.16 -68.93
CA LYS B 233 48.95 -7.09 -69.03
C LYS B 233 48.49 -8.42 -69.61
N LEU B 234 47.36 -8.93 -69.11
CA LEU B 234 46.84 -10.23 -69.56
C LEU B 234 46.56 -10.21 -71.06
N LEU B 235 45.85 -9.18 -71.50
CA LEU B 235 45.49 -9.06 -72.91
C LEU B 235 46.72 -8.90 -73.80
N LYS B 236 47.70 -8.13 -73.33
CA LYS B 236 48.90 -7.89 -74.13
C LYS B 236 49.75 -9.14 -74.31
N LYS B 237 49.98 -9.87 -73.22
CA LYS B 237 50.81 -11.06 -73.28
C LYS B 237 50.14 -12.16 -74.04
N VAL B 238 48.88 -12.43 -73.71
CA VAL B 238 48.18 -13.60 -74.26
C VAL B 238 47.57 -13.29 -75.63
N GLN B 239 47.42 -11.99 -75.93
CA GLN B 239 46.88 -11.49 -77.20
C GLN B 239 45.43 -11.90 -77.44
N LEU B 240 44.63 -11.81 -76.38
CA LEU B 240 43.21 -12.13 -76.46
C LEU B 240 42.40 -10.98 -77.02
N PRO B 241 41.46 -11.28 -77.91
CA PRO B 241 40.45 -10.27 -78.21
C PRO B 241 39.59 -10.03 -76.95
N PHE B 242 39.04 -8.83 -76.85
CA PHE B 242 38.22 -8.47 -75.69
C PHE B 242 37.12 -7.47 -76.05
N VAL B 243 36.13 -7.38 -75.17
CA VAL B 243 35.05 -6.41 -75.29
C VAL B 243 34.83 -5.79 -73.92
N GLU B 244 34.27 -4.58 -73.90
CA GLU B 244 33.96 -3.90 -72.64
C GLU B 244 32.43 -3.84 -72.43
N THR B 245 31.99 -3.94 -71.18
CA THR B 245 30.66 -3.44 -70.84
C THR B 245 30.80 -1.92 -70.71
N TYR B 246 29.69 -1.21 -70.55
CA TYR B 246 29.77 0.24 -70.55
C TYR B 246 30.62 0.75 -69.37
N GLN B 247 30.52 0.08 -68.22
CA GLN B 247 31.25 0.51 -67.02
C GLN B 247 32.69 -0.01 -67.02
N ALA B 248 33.05 -0.74 -68.08
CA ALA B 248 34.44 -1.15 -68.27
C ALA B 248 35.19 -0.19 -69.20
N ALA B 249 34.52 0.88 -69.62
CA ALA B 249 35.16 1.89 -70.46
C ALA B 249 36.44 2.36 -69.81
N GLY B 250 37.49 2.50 -70.61
CA GLY B 250 38.79 2.88 -70.11
C GLY B 250 39.74 1.72 -70.07
N THR B 251 39.23 0.51 -70.29
CA THR B 251 40.10 -0.68 -70.37
C THR B 251 41.01 -0.52 -71.59
N LEU B 252 40.42 -0.09 -72.69
CA LEU B 252 41.17 0.14 -73.93
C LEU B 252 42.37 1.08 -73.81
N SER B 253 43.46 0.71 -74.48
CA SER B 253 44.59 1.61 -74.76
C SER B 253 44.77 1.62 -76.27
N ARG B 254 45.40 2.66 -76.83
CA ARG B 254 45.60 2.74 -78.29
C ARG B 254 46.35 1.53 -78.86
N ASP B 255 47.15 0.91 -78.00
CA ASP B 255 47.91 -0.29 -78.36
C ASP B 255 47.10 -1.58 -78.47
N LEU B 256 45.88 -1.58 -77.93
CA LEU B 256 45.06 -2.77 -77.89
C LEU B 256 43.87 -2.69 -78.85
N GLU B 257 43.83 -1.61 -79.63
CA GLU B 257 42.72 -1.37 -80.55
C GLU B 257 42.45 -2.55 -81.50
N ASP B 258 43.52 -3.24 -81.90
CA ASP B 258 43.42 -4.37 -82.83
C ASP B 258 42.84 -5.63 -82.18
N GLN B 259 42.86 -5.69 -80.85
CA GLN B 259 42.26 -6.80 -80.12
C GLN B 259 40.89 -6.40 -79.55
N TYR B 260 40.46 -5.19 -79.88
CA TYR B 260 39.29 -4.55 -79.28
C TYR B 260 38.05 -4.68 -80.16
N PHE B 261 37.00 -5.30 -79.62
CA PHE B 261 35.78 -5.50 -80.40
C PHE B 261 34.58 -4.72 -79.86
N GLY B 262 34.88 -3.64 -79.14
CA GLY B 262 33.88 -2.63 -78.80
C GLY B 262 33.13 -2.80 -77.49
N ARG B 263 32.07 -2.03 -77.31
CA ARG B 263 31.28 -2.10 -76.08
C ARG B 263 29.95 -2.79 -76.33
N ILE B 264 29.72 -3.85 -75.57
CA ILE B 264 28.49 -4.62 -75.70
C ILE B 264 27.42 -4.05 -74.79
N GLY B 265 26.15 -4.32 -75.13
CA GLY B 265 25.07 -3.84 -74.28
C GLY B 265 23.85 -3.42 -75.06
N LEU B 266 22.73 -3.36 -74.34
CA LEU B 266 21.47 -2.83 -74.85
C LEU B 266 20.80 -3.70 -75.91
N PHE B 267 21.38 -3.75 -77.11
CA PHE B 267 20.80 -4.54 -78.20
C PHE B 267 21.83 -5.51 -78.75
N ARG B 268 21.41 -6.73 -79.04
CA ARG B 268 22.34 -7.72 -79.56
C ARG B 268 22.53 -7.56 -81.08
N ASN B 269 23.36 -6.59 -81.46
CA ASN B 269 23.63 -6.33 -82.87
C ASN B 269 25.00 -5.72 -83.12
N GLN B 270 25.92 -5.91 -82.17
CA GLN B 270 27.27 -5.35 -82.24
C GLN B 270 28.30 -6.42 -82.58
N PRO B 271 29.47 -6.01 -83.11
CA PRO B 271 30.54 -6.98 -83.37
C PRO B 271 30.90 -7.80 -82.14
N GLY B 272 30.80 -7.17 -80.96
CA GLY B 272 31.15 -7.83 -79.71
C GLY B 272 30.27 -9.02 -79.42
N ASP B 273 28.99 -8.90 -79.79
CA ASP B 273 28.05 -10.00 -79.63
C ASP B 273 28.47 -11.17 -80.53
N LEU B 274 28.80 -10.84 -81.77
CA LEU B 274 29.19 -11.86 -82.75
C LEU B 274 30.52 -12.48 -82.37
N LEU B 275 31.42 -11.68 -81.79
CA LEU B 275 32.67 -12.21 -81.27
C LEU B 275 32.39 -13.24 -80.17
N LEU B 276 31.56 -12.85 -79.21
CA LEU B 276 31.20 -13.70 -78.10
C LEU B 276 30.52 -14.98 -78.58
N GLU B 277 29.70 -14.87 -79.61
CA GLU B 277 29.06 -16.05 -80.18
C GLU B 277 30.10 -16.99 -80.80
N GLN B 278 31.07 -16.44 -81.52
CA GLN B 278 32.06 -17.29 -82.17
C GLN B 278 33.07 -17.90 -81.18
N ALA B 279 33.20 -17.28 -80.00
CA ALA B 279 34.13 -17.77 -79.00
C ALA B 279 33.72 -19.14 -78.45
N ASP B 280 34.72 -19.96 -78.13
CA ASP B 280 34.48 -21.23 -77.46
C ASP B 280 34.86 -21.22 -75.96
N VAL B 281 35.64 -20.23 -75.55
CA VAL B 281 35.98 -19.98 -74.16
C VAL B 281 35.85 -18.47 -73.88
N VAL B 282 35.05 -18.13 -72.87
CA VAL B 282 34.86 -16.74 -72.46
C VAL B 282 35.29 -16.54 -71.02
N LEU B 283 36.27 -15.66 -70.83
CA LEU B 283 36.70 -15.25 -69.49
C LEU B 283 35.97 -13.95 -69.17
N THR B 284 35.05 -13.99 -68.22
CA THR B 284 34.39 -12.75 -67.82
C THR B 284 35.16 -12.21 -66.61
N ILE B 285 35.32 -10.88 -66.59
CA ILE B 285 36.07 -10.25 -65.53
C ILE B 285 35.24 -9.23 -64.77
N GLY B 286 34.98 -9.51 -63.50
CA GLY B 286 34.20 -8.60 -62.68
C GLY B 286 32.85 -8.30 -63.32
N TYR B 287 32.23 -9.35 -63.87
CA TYR B 287 31.00 -9.20 -64.65
C TYR B 287 29.72 -9.24 -63.82
N ASP B 288 29.08 -8.07 -63.69
CA ASP B 288 27.75 -7.98 -63.12
C ASP B 288 26.79 -7.97 -64.30
N PRO B 289 25.93 -9.01 -64.40
CA PRO B 289 25.08 -9.17 -65.60
C PRO B 289 24.04 -8.06 -65.79
N ILE B 290 23.88 -7.20 -64.79
CA ILE B 290 22.98 -6.05 -64.93
C ILE B 290 23.31 -5.18 -66.16
N GLU B 291 24.58 -5.12 -66.49
CA GLU B 291 25.02 -4.31 -67.62
C GLU B 291 24.58 -4.88 -68.97
N TYR B 292 24.40 -6.20 -69.02
CA TYR B 292 24.00 -6.89 -70.25
C TYR B 292 23.71 -8.32 -69.90
N ASP B 293 22.43 -8.70 -69.89
CA ASP B 293 22.04 -10.05 -69.48
C ASP B 293 22.66 -11.11 -70.37
N PRO B 294 23.18 -12.19 -69.76
CA PRO B 294 23.83 -13.29 -70.50
C PRO B 294 22.90 -13.93 -71.52
N LYS B 295 21.58 -13.81 -71.33
CA LYS B 295 20.63 -14.37 -72.28
C LYS B 295 20.74 -13.71 -73.66
N PHE B 296 21.41 -12.56 -73.72
CA PHE B 296 21.62 -11.86 -75.00
C PHE B 296 22.86 -12.31 -75.77
N TRP B 297 23.95 -12.61 -75.07
CA TRP B 297 25.18 -12.93 -75.76
C TRP B 297 25.53 -14.40 -75.70
N ASN B 298 25.20 -15.05 -74.58
CA ASN B 298 25.61 -16.44 -74.41
C ASN B 298 24.60 -17.38 -75.03
N ILE B 299 24.47 -17.29 -76.35
CA ILE B 299 23.48 -18.07 -77.08
C ILE B 299 24.09 -18.88 -78.22
N ASN B 300 23.24 -19.31 -79.14
CA ASN B 300 23.60 -20.14 -80.30
C ASN B 300 24.84 -21.07 -80.20
N GLY B 301 24.97 -21.80 -79.10
CA GLY B 301 25.99 -22.83 -79.00
C GLY B 301 26.71 -22.94 -77.67
N ASP B 302 27.09 -24.15 -77.31
CA ASP B 302 27.93 -24.40 -76.14
C ASP B 302 29.23 -23.60 -76.17
N ARG B 303 29.57 -23.01 -75.03
CA ARG B 303 30.86 -22.37 -74.89
C ARG B 303 31.27 -22.37 -73.42
N THR B 304 32.57 -22.42 -73.17
CA THR B 304 33.06 -22.46 -71.80
C THR B 304 33.00 -21.07 -71.17
N ILE B 305 32.40 -21.00 -69.99
CA ILE B 305 32.32 -19.75 -69.26
C ILE B 305 33.22 -19.87 -68.04
N ILE B 306 34.22 -18.99 -67.95
CA ILE B 306 35.08 -18.87 -66.77
C ILE B 306 34.75 -17.56 -66.08
N HIS B 307 34.25 -17.66 -64.85
CA HIS B 307 33.76 -16.49 -64.12
C HIS B 307 34.79 -15.98 -63.14
N LEU B 308 35.41 -14.85 -63.45
CA LEU B 308 36.42 -14.28 -62.57
C LEU B 308 35.85 -13.06 -61.84
N ASP B 309 35.76 -13.13 -60.50
CA ASP B 309 35.10 -12.07 -59.73
C ASP B 309 35.40 -12.12 -58.23
N GLU B 310 34.99 -11.05 -57.55
CA GLU B 310 35.22 -10.88 -56.11
C GLU B 310 34.10 -11.55 -55.32
N ILE B 311 33.00 -11.86 -56.00
CA ILE B 311 31.88 -12.56 -55.40
C ILE B 311 31.45 -13.69 -56.33
N ILE B 312 30.73 -14.69 -55.79
CA ILE B 312 30.27 -15.83 -56.58
C ILE B 312 29.27 -15.39 -57.67
N ALA B 313 29.14 -16.18 -58.72
CA ALA B 313 28.26 -15.81 -59.84
C ALA B 313 26.77 -16.04 -59.52
N ASP B 314 25.89 -15.30 -60.18
CA ASP B 314 24.47 -15.64 -60.21
C ASP B 314 24.25 -16.70 -61.29
N ILE B 315 23.64 -17.83 -60.94
CA ILE B 315 23.34 -18.85 -61.95
C ILE B 315 22.05 -18.48 -62.72
N ASP B 316 22.14 -18.51 -64.04
CA ASP B 316 21.07 -18.09 -64.96
C ASP B 316 20.94 -19.22 -65.98
N HIS B 317 19.78 -19.36 -66.65
CA HIS B 317 19.63 -20.31 -67.74
C HIS B 317 20.78 -20.13 -68.71
N ALA B 318 21.12 -18.86 -68.98
CA ALA B 318 22.16 -18.52 -69.95
C ALA B 318 23.51 -18.21 -69.33
N TYR B 319 23.73 -18.66 -68.10
CA TYR B 319 25.03 -18.42 -67.43
C TYR B 319 25.31 -19.46 -66.36
N GLN B 320 26.01 -20.52 -66.73
CA GLN B 320 26.34 -21.60 -65.81
C GLN B 320 27.85 -21.81 -65.89
N PRO B 321 28.61 -21.08 -65.07
CA PRO B 321 30.09 -21.12 -65.21
C PRO B 321 30.65 -22.52 -65.02
N ASP B 322 31.53 -22.88 -65.95
CA ASP B 322 32.25 -24.15 -65.87
C ASP B 322 33.34 -24.04 -64.82
N LEU B 323 33.73 -22.80 -64.52
CA LEU B 323 34.79 -22.54 -63.57
C LEU B 323 34.57 -21.17 -62.90
N GLU B 324 34.70 -21.11 -61.59
CA GLU B 324 34.58 -19.82 -60.90
C GLU B 324 35.90 -19.47 -60.20
N LEU B 325 36.47 -18.31 -60.54
CA LEU B 325 37.70 -17.84 -59.89
C LEU B 325 37.34 -16.66 -58.99
N ILE B 326 37.10 -16.97 -57.73
CA ILE B 326 36.59 -16.01 -56.78
C ILE B 326 37.65 -15.55 -55.82
N GLY B 327 37.91 -14.24 -55.80
CA GLY B 327 38.94 -13.69 -54.95
C GLY B 327 39.20 -12.28 -55.44
N ASP B 328 40.25 -11.66 -54.91
CA ASP B 328 40.67 -10.32 -55.35
C ASP B 328 40.93 -10.31 -56.84
N ILE B 329 40.24 -9.40 -57.54
CA ILE B 329 40.26 -9.45 -59.00
C ILE B 329 41.65 -9.24 -59.62
N PRO B 330 42.36 -8.15 -59.22
CA PRO B 330 43.67 -7.94 -59.85
C PRO B 330 44.68 -9.06 -59.59
N SER B 331 44.76 -9.57 -58.37
CA SER B 331 45.69 -10.65 -58.09
C SER B 331 45.36 -11.89 -58.90
N THR B 332 44.07 -12.18 -59.05
CA THR B 332 43.70 -13.38 -59.77
C THR B 332 44.13 -13.26 -61.22
N ILE B 333 43.88 -12.10 -61.81
CA ILE B 333 44.29 -11.85 -63.19
C ILE B 333 45.80 -11.96 -63.36
N ASN B 334 46.56 -11.38 -62.42
CA ASN B 334 48.03 -11.43 -62.47
C ASN B 334 48.57 -12.86 -62.47
N HIS B 335 47.98 -13.69 -61.62
CA HIS B 335 48.35 -15.11 -61.55
C HIS B 335 48.10 -15.82 -62.89
N ILE B 336 47.01 -15.47 -63.57
CA ILE B 336 46.74 -16.02 -64.88
C ILE B 336 47.79 -15.54 -65.86
N GLU B 337 48.02 -14.23 -65.86
CA GLU B 337 48.96 -13.59 -66.79
C GLU B 337 50.36 -14.20 -66.66
N HIS B 338 50.78 -14.45 -65.43
CA HIS B 338 52.12 -14.95 -65.13
C HIS B 338 52.41 -16.28 -65.82
N ASP B 339 51.41 -17.16 -65.84
CA ASP B 339 51.62 -18.51 -66.36
C ASP B 339 50.98 -18.79 -67.71
N ALA B 340 50.13 -17.90 -68.20
CA ALA B 340 49.57 -18.09 -69.52
C ALA B 340 50.60 -17.64 -70.55
N VAL B 341 50.49 -18.13 -71.79
CA VAL B 341 51.36 -17.72 -72.89
C VAL B 341 50.52 -17.23 -74.06
N LYS B 342 51.16 -16.59 -75.03
CA LYS B 342 50.47 -16.07 -76.20
C LYS B 342 49.58 -17.13 -76.86
N VAL B 343 48.36 -16.75 -77.23
CA VAL B 343 47.46 -17.68 -77.94
C VAL B 343 47.67 -17.55 -79.45
N GLU B 344 47.76 -18.71 -80.13
CA GLU B 344 47.93 -18.75 -81.57
C GLU B 344 46.61 -19.04 -82.28
N PHE B 345 46.19 -18.13 -83.16
CA PHE B 345 44.94 -18.34 -83.88
C PHE B 345 45.16 -19.05 -85.22
N ALA B 346 44.36 -20.09 -85.47
CA ALA B 346 44.36 -20.75 -86.76
C ALA B 346 43.68 -19.82 -87.76
N GLU B 347 43.87 -20.06 -89.06
CA GLU B 347 43.40 -19.10 -90.07
C GLU B 347 41.90 -18.87 -90.08
N ARG B 348 41.12 -19.90 -89.79
CA ARG B 348 39.68 -19.74 -89.73
C ARG B 348 39.34 -18.66 -88.72
N GLU B 349 40.00 -18.71 -87.57
CA GLU B 349 39.70 -17.73 -86.52
C GLU B 349 40.24 -16.34 -86.83
N GLN B 350 41.38 -16.27 -87.52
CA GLN B 350 41.94 -14.98 -87.94
C GLN B 350 41.00 -14.26 -88.88
N LYS B 351 40.36 -15.02 -89.76
CA LYS B 351 39.43 -14.46 -90.75
C LYS B 351 38.16 -13.96 -90.05
N ILE B 352 37.70 -14.72 -89.06
CA ILE B 352 36.55 -14.29 -88.27
C ILE B 352 36.85 -12.96 -87.58
N LEU B 353 38.01 -12.87 -86.92
CA LEU B 353 38.42 -11.63 -86.26
C LEU B 353 38.53 -10.47 -87.24
N SER B 354 39.16 -10.72 -88.39
CA SER B 354 39.33 -9.67 -89.41
C SER B 354 37.99 -9.20 -89.98
N ASP B 355 37.09 -10.15 -90.23
CA ASP B 355 35.77 -9.80 -90.74
C ASP B 355 35.06 -8.90 -89.75
N LEU B 356 35.13 -9.27 -88.48
CA LEU B 356 34.47 -8.50 -87.41
C LEU B 356 35.06 -7.09 -87.22
N LYS B 357 36.38 -6.95 -87.40
CA LYS B 357 37.01 -5.63 -87.33
C LYS B 357 36.52 -4.74 -88.49
N GLN B 358 36.33 -5.32 -89.67
CA GLN B 358 35.82 -4.52 -90.79
C GLN B 358 34.41 -4.06 -90.53
N TYR B 359 33.57 -4.99 -90.06
CA TYR B 359 32.20 -4.68 -89.68
C TYR B 359 32.19 -3.62 -88.58
N MET B 360 33.10 -3.77 -87.61
CA MET B 360 33.25 -2.79 -86.53
C MET B 360 33.62 -1.42 -87.09
N HIS B 361 34.59 -1.41 -88.00
CA HIS B 361 35.02 -0.15 -88.58
C HIS B 361 33.91 0.53 -89.39
N GLU B 362 33.15 -0.25 -90.15
CA GLU B 362 32.02 0.27 -90.91
C GLU B 362 30.95 0.85 -89.99
N GLY B 363 30.77 0.20 -88.84
CA GLY B 363 29.76 0.61 -87.88
C GLY B 363 30.01 1.96 -87.22
N GLU B 364 31.27 2.41 -87.30
CA GLU B 364 31.71 3.64 -86.65
C GLU B 364 31.68 4.84 -87.59
N GLN B 365 31.11 4.64 -88.78
CA GLN B 365 31.12 5.69 -89.79
C GLN B 365 29.75 6.32 -90.01
N VAL B 366 29.73 7.62 -90.26
CA VAL B 366 28.52 8.28 -90.78
C VAL B 366 28.21 7.74 -92.16
N PRO B 367 26.93 7.39 -92.42
CA PRO B 367 26.53 6.90 -93.75
C PRO B 367 26.94 7.87 -94.86
N ALA B 368 27.26 7.34 -96.04
CA ALA B 368 27.73 8.18 -97.15
C ALA B 368 26.61 9.07 -97.65
N ASP B 369 25.39 8.53 -97.60
CA ASP B 369 24.18 9.23 -98.04
C ASP B 369 23.60 10.16 -96.95
N TRP B 370 24.42 10.52 -95.97
CA TRP B 370 23.98 11.42 -94.91
C TRP B 370 24.05 12.89 -95.33
N LYS B 371 22.93 13.59 -95.18
CA LYS B 371 22.92 15.05 -95.32
C LYS B 371 21.88 15.61 -94.36
N SER B 372 22.27 16.63 -93.61
CA SER B 372 21.34 17.20 -92.63
C SER B 372 21.76 18.60 -92.26
N ASP B 373 20.81 19.37 -91.77
CA ASP B 373 21.11 20.71 -91.27
C ASP B 373 21.54 20.66 -89.81
N ARG B 374 21.64 19.45 -89.26
CA ARG B 374 22.14 19.24 -87.89
C ARG B 374 23.22 18.14 -87.87
N ALA B 375 23.99 18.11 -86.78
CA ALA B 375 25.05 17.12 -86.62
C ALA B 375 24.48 15.71 -86.50
N HIS B 376 25.18 14.76 -87.12
CA HIS B 376 24.97 13.35 -86.87
C HIS B 376 25.58 13.03 -85.51
N PRO B 377 24.95 12.11 -84.76
CA PRO B 377 25.48 11.69 -83.45
C PRO B 377 26.97 11.35 -83.52
N LEU B 378 27.40 10.69 -84.59
CA LEU B 378 28.80 10.31 -84.71
C LEU B 378 29.73 11.51 -84.90
N GLU B 379 29.24 12.60 -85.46
CA GLU B 379 30.04 13.81 -85.60
C GLU B 379 30.29 14.45 -84.24
N ILE B 380 29.26 14.47 -83.40
CA ILE B 380 29.40 14.97 -82.04
C ILE B 380 30.41 14.14 -81.24
N VAL B 381 30.27 12.82 -81.32
CA VAL B 381 31.17 11.89 -80.63
C VAL B 381 32.61 12.11 -81.07
N LYS B 382 32.82 12.10 -82.38
CA LYS B 382 34.15 12.30 -82.94
C LYS B 382 34.76 13.63 -82.54
N GLU B 383 34.01 14.71 -82.73
CA GLU B 383 34.55 16.04 -82.42
C GLU B 383 34.85 16.24 -80.94
N LEU B 384 33.97 15.72 -80.10
CA LEU B 384 34.16 15.80 -78.67
C LEU B 384 35.43 15.03 -78.28
N ARG B 385 35.58 13.80 -78.79
CA ARG B 385 36.76 13.00 -78.46
C ARG B 385 38.03 13.71 -78.89
N ASN B 386 37.96 14.40 -80.01
CA ASN B 386 39.12 15.10 -80.56
C ASN B 386 39.40 16.42 -79.84
N ALA B 387 38.41 16.91 -79.09
CA ALA B 387 38.57 18.15 -78.33
C ALA B 387 38.85 17.85 -76.85
N VAL B 388 38.97 16.58 -76.49
CA VAL B 388 39.15 16.23 -75.09
C VAL B 388 40.41 15.38 -74.84
N ASP B 389 41.29 15.87 -73.99
CA ASP B 389 42.50 15.12 -73.66
C ASP B 389 42.18 13.79 -72.97
N ASP B 390 43.04 12.79 -73.15
CA ASP B 390 42.80 11.46 -72.56
C ASP B 390 42.39 11.48 -71.07
N HIS B 391 43.03 12.34 -70.28
CA HIS B 391 42.86 12.27 -68.82
C HIS B 391 41.55 12.88 -68.31
N VAL B 392 40.90 13.67 -69.16
CA VAL B 392 39.71 14.38 -68.73
C VAL B 392 38.56 13.43 -68.50
N THR B 393 37.97 13.48 -67.31
CA THR B 393 36.79 12.67 -67.00
C THR B 393 35.57 13.18 -67.79
N VAL B 394 34.90 12.26 -68.46
CA VAL B 394 33.68 12.54 -69.21
C VAL B 394 32.56 11.77 -68.53
N THR B 395 31.51 12.46 -68.09
CA THR B 395 30.35 11.78 -67.54
C THR B 395 29.22 11.83 -68.56
N CYS B 396 28.37 10.80 -68.51
CA CYS B 396 27.29 10.61 -69.48
C CYS B 396 25.96 10.38 -68.77
N ASP B 397 24.89 10.86 -69.38
CA ASP B 397 23.54 10.67 -68.85
C ASP B 397 22.90 9.44 -69.48
N ILE B 398 21.57 9.42 -69.56
CA ILE B 398 20.85 8.27 -70.12
C ILE B 398 19.94 8.72 -71.26
N GLY B 399 19.92 7.96 -72.35
CA GLY B 399 19.10 8.30 -73.52
C GLY B 399 19.79 7.90 -74.79
N SER B 400 19.24 8.31 -75.93
CA SER B 400 19.81 7.93 -77.22
C SER B 400 21.24 8.43 -77.37
N HIS B 401 21.50 9.65 -76.90
CA HIS B 401 22.86 10.18 -76.86
C HIS B 401 23.81 9.25 -76.12
N ALA B 402 23.32 8.64 -75.04
CA ALA B 402 24.18 7.79 -74.25
C ALA B 402 24.45 6.47 -74.98
N ILE B 403 23.56 6.06 -75.87
CA ILE B 403 23.83 4.86 -76.67
C ILE B 403 24.99 5.10 -77.65
N TRP B 404 24.96 6.26 -78.30
CA TRP B 404 26.04 6.66 -79.20
C TRP B 404 27.37 6.80 -78.46
N MET B 405 27.33 7.45 -77.30
CA MET B 405 28.52 7.62 -76.48
C MET B 405 29.03 6.28 -75.93
N SER B 406 28.14 5.46 -75.42
CA SER B 406 28.53 4.19 -74.82
C SER B 406 29.19 3.28 -75.85
N ARG B 407 28.74 3.37 -77.09
CA ARG B 407 29.30 2.52 -78.15
C ARG B 407 30.54 3.14 -78.82
N TYR B 408 30.52 4.44 -79.06
CA TYR B 408 31.48 5.03 -80.00
C TYR B 408 32.48 6.02 -79.39
N PHE B 409 32.24 6.44 -78.16
CA PHE B 409 33.22 7.30 -77.52
C PHE B 409 34.34 6.48 -76.88
N ARG B 410 35.50 6.47 -77.52
CA ARG B 410 36.66 5.78 -77.01
C ARG B 410 37.09 6.44 -75.70
N SER B 411 37.60 5.62 -74.78
CA SER B 411 38.21 6.08 -73.54
C SER B 411 39.50 5.29 -73.38
N TYR B 412 40.55 5.93 -72.86
CA TYR B 412 41.87 5.31 -72.84
C TYR B 412 42.48 5.23 -71.45
N GLU B 413 41.71 5.70 -70.48
CA GLU B 413 42.18 5.74 -69.11
C GLU B 413 41.05 5.28 -68.22
N PRO B 414 41.40 4.56 -67.13
CA PRO B 414 40.40 4.15 -66.15
C PRO B 414 39.64 5.36 -65.64
N LEU B 415 38.32 5.20 -65.49
CA LEU B 415 37.46 6.21 -64.87
C LEU B 415 37.42 7.55 -65.59
N THR B 416 37.45 7.53 -66.92
CA THR B 416 37.34 8.75 -67.71
C THR B 416 36.10 8.78 -68.60
N LEU B 417 35.31 7.70 -68.56
CA LEU B 417 33.97 7.70 -69.16
C LEU B 417 33.00 7.00 -68.20
N MET B 418 32.17 7.79 -67.52
CA MET B 418 31.27 7.30 -66.47
C MET B 418 29.84 7.22 -66.96
N ILE B 419 29.26 6.01 -66.91
CA ILE B 419 27.92 5.73 -67.41
C ILE B 419 27.12 5.00 -66.35
N SER B 420 25.83 5.32 -66.25
CA SER B 420 24.90 4.62 -65.36
C SER B 420 24.35 3.41 -66.08
N ASN B 421 24.98 2.25 -65.85
CA ASN B 421 24.58 1.04 -66.58
C ASN B 421 24.04 -0.03 -65.66
N GLY B 422 23.52 0.39 -64.51
CA GLY B 422 22.80 -0.51 -63.63
C GLY B 422 21.34 -0.09 -63.56
N MET B 423 21.12 1.16 -63.15
CA MET B 423 19.75 1.66 -63.04
C MET B 423 19.40 2.53 -64.22
N GLN B 424 20.40 2.95 -65.00
CA GLN B 424 20.18 3.81 -66.16
C GLN B 424 19.43 5.08 -65.76
N THR B 425 19.95 5.77 -64.75
CA THR B 425 19.22 6.85 -64.10
C THR B 425 19.39 8.21 -64.81
N LEU B 426 18.29 8.82 -65.23
CA LEU B 426 18.33 10.17 -65.84
C LEU B 426 18.81 11.25 -64.86
N GLY B 427 19.66 12.16 -65.33
CA GLY B 427 20.10 13.25 -64.51
C GLY B 427 21.46 13.10 -63.84
N VAL B 428 22.11 11.95 -64.00
CA VAL B 428 23.38 11.73 -63.29
C VAL B 428 24.55 12.55 -63.79
N ALA B 429 24.55 12.87 -65.09
CA ALA B 429 25.78 13.36 -65.72
C ALA B 429 26.34 14.60 -65.04
N LEU B 430 25.53 15.66 -64.93
CA LEU B 430 26.01 16.92 -64.33
C LEU B 430 26.46 16.79 -62.87
N PRO B 431 25.64 16.18 -62.00
CA PRO B 431 26.16 16.01 -60.64
C PRO B 431 27.38 15.11 -60.55
N TRP B 432 27.47 14.08 -61.38
CA TRP B 432 28.68 13.25 -61.42
C TRP B 432 29.89 14.10 -61.75
N ALA B 433 29.73 15.02 -62.70
CA ALA B 433 30.81 15.93 -63.10
C ALA B 433 31.25 16.82 -61.95
N ILE B 434 30.30 17.26 -61.13
CA ILE B 434 30.63 18.07 -59.95
C ILE B 434 31.43 17.26 -58.94
N GLY B 435 30.98 16.02 -58.68
CA GLY B 435 31.75 15.12 -57.82
C GLY B 435 33.15 14.90 -58.39
N ALA B 436 33.23 14.62 -59.69
CA ALA B 436 34.51 14.43 -60.36
C ALA B 436 35.45 15.62 -60.20
N SER B 437 34.90 16.82 -60.38
CA SER B 437 35.70 18.03 -60.29
C SER B 437 36.24 18.22 -58.88
N LEU B 438 35.50 17.73 -57.88
CA LEU B 438 35.99 17.79 -56.51
C LEU B 438 37.08 16.75 -56.20
N VAL B 439 37.01 15.61 -56.89
CA VAL B 439 38.03 14.57 -56.71
C VAL B 439 39.29 14.96 -57.46
N LYS B 440 39.10 15.69 -58.55
CA LYS B 440 40.23 16.07 -59.38
C LYS B 440 40.29 17.59 -59.52
N PRO B 441 40.65 18.29 -58.43
CA PRO B 441 40.66 19.76 -58.54
C PRO B 441 41.69 20.24 -59.58
N GLY B 442 41.31 21.30 -60.30
CA GLY B 442 42.13 21.88 -61.36
C GLY B 442 41.90 21.30 -62.75
N GLU B 443 41.15 20.21 -62.87
CA GLU B 443 40.89 19.62 -64.19
C GLU B 443 39.50 19.90 -64.69
N LYS B 444 39.40 20.17 -65.98
CA LYS B 444 38.11 20.24 -66.66
C LYS B 444 37.42 18.89 -66.57
N VAL B 445 36.10 18.92 -66.46
CA VAL B 445 35.29 17.70 -66.50
C VAL B 445 34.20 17.96 -67.51
N VAL B 446 33.94 16.98 -68.38
CA VAL B 446 32.92 17.11 -69.39
C VAL B 446 31.71 16.27 -68.98
N SER B 447 30.52 16.83 -69.11
CA SER B 447 29.31 16.04 -68.85
C SER B 447 28.43 16.06 -70.09
N VAL B 448 27.81 14.93 -70.40
CA VAL B 448 27.03 14.81 -71.63
C VAL B 448 25.64 14.28 -71.32
N SER B 449 24.61 15.00 -71.76
CA SER B 449 23.24 14.53 -71.57
C SER B 449 22.35 14.89 -72.76
N GLY B 450 21.12 14.38 -72.73
CA GLY B 450 20.09 14.82 -73.65
C GLY B 450 19.35 15.99 -73.02
N ASP B 451 18.41 16.56 -73.75
CA ASP B 451 17.66 17.69 -73.19
C ASP B 451 16.66 17.22 -72.13
N GLY B 452 16.21 15.98 -72.24
CA GLY B 452 15.31 15.42 -71.23
C GLY B 452 15.98 15.25 -69.88
N GLY B 453 17.04 14.47 -69.83
CA GLY B 453 17.75 14.23 -68.59
C GLY B 453 18.40 15.48 -67.99
N PHE B 454 18.73 16.44 -68.85
CA PHE B 454 19.35 17.69 -68.39
C PHE B 454 18.56 18.32 -67.26
N LEU B 455 17.24 18.43 -67.42
CA LEU B 455 16.42 19.06 -66.40
C LEU B 455 16.14 18.23 -65.14
N PHE B 456 16.45 16.94 -65.19
CA PHE B 456 16.34 16.12 -64.00
C PHE B 456 17.23 16.62 -62.86
N SER B 457 18.35 17.24 -63.25
CA SER B 457 19.35 17.67 -62.27
C SER B 457 20.02 19.02 -62.60
N ALA B 458 19.51 19.74 -63.60
CA ALA B 458 20.16 20.98 -64.03
C ALA B 458 20.18 22.06 -62.96
N MET B 459 19.31 21.96 -61.97
CA MET B 459 19.35 22.90 -60.87
C MET B 459 20.70 22.86 -60.16
N GLU B 460 21.43 21.75 -60.27
CA GLU B 460 22.71 21.66 -59.59
C GLU B 460 23.79 22.53 -60.24
N LEU B 461 23.42 23.18 -61.34
CA LEU B 461 24.29 24.14 -61.99
C LEU B 461 24.67 25.26 -61.04
N GLU B 462 23.76 25.59 -60.11
CA GLU B 462 24.06 26.63 -59.14
C GLU B 462 25.23 26.19 -58.24
N THR B 463 25.22 24.92 -57.86
CA THR B 463 26.32 24.36 -57.09
C THR B 463 27.65 24.45 -57.86
N ALA B 464 27.61 24.09 -59.15
CA ALA B 464 28.79 24.17 -60.00
C ALA B 464 29.34 25.60 -60.12
N VAL B 465 28.44 26.57 -60.25
CA VAL B 465 28.82 27.97 -60.36
C VAL B 465 29.40 28.49 -59.04
N ARG B 466 28.75 28.12 -57.95
CA ARG B 466 29.21 28.46 -56.60
C ARG B 466 30.60 27.94 -56.29
N LEU B 467 30.92 26.75 -56.79
CA LEU B 467 32.21 26.10 -56.55
C LEU B 467 33.21 26.51 -57.61
N LYS B 468 32.74 27.25 -58.61
CA LYS B 468 33.53 27.65 -59.77
C LYS B 468 34.14 26.42 -60.44
N ALA B 469 33.42 25.31 -60.44
CA ALA B 469 33.91 24.06 -61.02
C ALA B 469 33.99 24.15 -62.53
N PRO B 470 35.16 23.76 -63.08
CA PRO B 470 35.43 23.83 -64.52
C PRO B 470 34.72 22.72 -65.29
N ILE B 471 33.40 22.76 -65.26
CA ILE B 471 32.57 21.79 -65.95
C ILE B 471 32.07 22.29 -67.32
N VAL B 472 32.14 21.41 -68.33
CA VAL B 472 31.60 21.68 -69.65
C VAL B 472 30.52 20.65 -69.95
N HIS B 473 29.26 21.10 -69.96
CA HIS B 473 28.12 20.20 -70.15
C HIS B 473 27.57 20.24 -71.58
N ILE B 474 27.55 19.08 -72.22
CA ILE B 474 27.13 18.98 -73.61
C ILE B 474 25.68 18.50 -73.63
N VAL B 475 24.79 19.33 -74.15
CA VAL B 475 23.39 18.92 -74.29
C VAL B 475 23.04 18.54 -75.72
N TRP B 476 22.75 17.27 -75.96
CA TRP B 476 22.25 16.85 -77.27
C TRP B 476 20.78 17.28 -77.39
N ASN B 477 20.49 18.20 -78.31
CA ASN B 477 19.16 18.80 -78.38
C ASN B 477 18.33 18.28 -79.55
N ASP B 478 17.22 17.61 -79.23
CA ASP B 478 16.27 17.09 -80.24
C ASP B 478 14.79 17.37 -79.88
N SER B 479 14.55 17.72 -78.61
CA SER B 479 13.22 18.04 -78.06
C SER B 479 12.30 16.84 -77.70
N THR B 480 12.88 15.64 -77.57
CA THR B 480 12.11 14.46 -77.14
C THR B 480 12.85 13.50 -76.19
N TYR B 481 12.09 12.65 -75.48
CA TYR B 481 12.65 11.50 -74.77
C TYR B 481 12.89 10.45 -75.83
N ASP B 482 13.93 10.65 -76.64
CA ASP B 482 14.12 9.89 -77.86
C ASP B 482 14.35 8.39 -77.69
N MET B 483 15.15 8.00 -76.70
CA MET B 483 15.46 6.58 -76.52
C MET B 483 14.18 5.76 -76.28
N VAL B 484 13.21 6.35 -75.57
CA VAL B 484 11.88 5.74 -75.42
C VAL B 484 11.14 5.75 -76.75
N ALA B 485 11.19 6.88 -77.43
CA ALA B 485 10.42 7.11 -78.65
C ALA B 485 10.71 6.13 -79.79
N PHE B 486 11.99 5.93 -80.12
CA PHE B 486 12.31 5.04 -81.24
C PHE B 486 12.02 3.59 -80.88
N GLN B 487 12.13 3.27 -79.59
CA GLN B 487 11.79 1.94 -79.11
C GLN B 487 10.28 1.69 -79.14
N GLN B 488 9.48 2.73 -78.88
CA GLN B 488 8.03 2.67 -79.02
C GLN B 488 7.61 2.44 -80.48
N LEU B 489 8.31 3.11 -81.40
CA LEU B 489 8.05 2.98 -82.83
C LEU B 489 8.34 1.56 -83.35
N LYS B 490 9.40 0.94 -82.83
CA LYS B 490 9.73 -0.44 -83.20
C LYS B 490 8.66 -1.43 -82.77
N LYS B 491 8.07 -1.20 -81.59
CA LYS B 491 7.08 -2.14 -81.03
C LYS B 491 5.67 -1.80 -81.47
N TYR B 492 5.32 -0.52 -81.44
CA TYR B 492 3.92 -0.10 -81.51
C TYR B 492 3.66 0.77 -82.74
N ASN B 493 4.74 1.17 -83.40
CA ASN B 493 4.69 2.07 -84.56
C ASN B 493 4.09 3.46 -84.28
N ARG B 494 4.07 3.85 -83.01
CA ARG B 494 3.59 5.17 -82.60
C ARG B 494 4.24 5.52 -81.27
N THR B 495 4.38 6.82 -80.98
CA THR B 495 4.97 7.25 -79.72
C THR B 495 3.91 7.67 -78.71
N SER B 496 4.33 7.77 -77.46
CA SER B 496 3.45 8.20 -76.39
C SER B 496 4.25 8.90 -75.30
N ALA B 497 3.93 10.18 -75.10
CA ALA B 497 4.49 10.96 -74.00
C ALA B 497 6.00 11.18 -74.07
N VAL B 498 6.51 11.46 -75.26
CA VAL B 498 7.94 11.67 -75.44
C VAL B 498 8.28 13.12 -75.77
N ASP B 499 7.25 13.93 -75.99
CA ASP B 499 7.41 15.32 -76.42
C ASP B 499 7.31 16.34 -75.29
N PHE B 500 8.19 17.33 -75.36
CA PHE B 500 8.11 18.50 -74.50
C PHE B 500 8.68 19.71 -75.26
N GLY B 501 8.44 20.92 -74.76
CA GLY B 501 8.93 22.11 -75.44
C GLY B 501 10.43 22.29 -75.25
N ASN B 502 11.04 23.14 -76.07
CA ASN B 502 12.46 23.44 -75.91
C ASN B 502 12.61 24.65 -74.99
N ILE B 503 13.71 24.70 -74.26
CA ILE B 503 14.07 25.89 -73.49
C ILE B 503 15.27 26.55 -74.17
N ASP B 504 15.55 27.81 -73.84
CA ASP B 504 16.78 28.45 -74.32
C ASP B 504 17.92 28.06 -73.40
N ILE B 505 18.68 27.05 -73.84
CA ILE B 505 19.75 26.48 -73.04
C ILE B 505 20.81 27.52 -72.70
N VAL B 506 21.14 28.35 -73.68
CA VAL B 506 22.09 29.44 -73.45
C VAL B 506 21.62 30.37 -72.32
N LYS B 507 20.39 30.81 -72.38
CA LYS B 507 19.87 31.69 -71.34
C LYS B 507 19.71 30.99 -70.02
N TYR B 508 19.40 29.69 -70.07
CA TYR B 508 19.30 28.90 -68.85
C TYR B 508 20.65 28.98 -68.14
N ALA B 509 21.72 28.69 -68.89
CA ALA B 509 23.06 28.73 -68.33
C ALA B 509 23.38 30.10 -67.74
N GLU B 510 23.04 31.14 -68.49
CA GLU B 510 23.37 32.49 -68.07
C GLU B 510 22.62 32.93 -66.83
N SER B 511 21.38 32.46 -66.67
CA SER B 511 20.59 32.83 -65.49
C SER B 511 21.22 32.31 -64.20
N PHE B 512 22.06 31.29 -64.33
CA PHE B 512 22.77 30.70 -63.20
C PHE B 512 24.13 31.33 -62.98
N GLY B 513 24.52 32.21 -63.88
CA GLY B 513 25.83 32.83 -63.80
C GLY B 513 26.87 31.95 -64.46
N ALA B 514 26.39 31.03 -65.30
CA ALA B 514 27.28 30.17 -66.06
C ALA B 514 27.36 30.68 -67.50
N THR B 515 28.24 30.08 -68.28
CA THR B 515 28.39 30.40 -69.68
C THR B 515 27.56 29.45 -70.52
N GLY B 516 26.80 30.00 -71.45
CA GLY B 516 26.02 29.18 -72.37
C GLY B 516 26.53 29.36 -73.78
N LEU B 517 26.75 28.26 -74.49
CA LEU B 517 27.17 28.31 -75.89
C LEU B 517 26.20 27.52 -76.77
N ARG B 518 26.16 27.86 -78.05
CA ARG B 518 25.27 27.15 -78.99
C ARG B 518 25.98 26.80 -80.30
N VAL B 519 25.83 25.56 -80.76
CA VAL B 519 26.31 25.21 -82.08
C VAL B 519 25.22 25.58 -83.10
N GLU B 520 25.37 26.74 -83.73
CA GLU B 520 24.33 27.29 -84.61
C GLU B 520 24.21 26.55 -85.95
N SER B 521 25.34 26.03 -86.43
CA SER B 521 25.39 25.14 -87.59
C SER B 521 26.45 24.07 -87.37
N PRO B 522 26.25 22.89 -87.95
CA PRO B 522 27.13 21.74 -87.67
C PRO B 522 28.61 21.98 -87.88
N ASP B 523 28.97 22.93 -88.75
CA ASP B 523 30.38 23.20 -89.01
C ASP B 523 31.09 23.93 -87.87
N GLN B 524 30.32 24.48 -86.92
CA GLN B 524 30.96 25.15 -85.80
C GLN B 524 31.15 24.21 -84.61
N LEU B 525 30.81 22.94 -84.80
CA LEU B 525 30.93 21.95 -83.72
C LEU B 525 32.32 21.97 -83.04
N ALA B 526 33.36 21.74 -83.82
CA ALA B 526 34.71 21.67 -83.27
C ALA B 526 35.08 22.94 -82.49
N ASP B 527 34.77 24.10 -83.06
CA ASP B 527 35.17 25.37 -82.46
CA ASP B 527 35.14 25.40 -82.48
C ASP B 527 34.33 25.71 -81.22
N VAL B 528 33.04 25.38 -81.24
CA VAL B 528 32.21 25.68 -80.07
C VAL B 528 32.60 24.83 -78.87
N LEU B 529 32.91 23.56 -79.13
CA LEU B 529 33.32 22.64 -78.07
C LEU B 529 34.62 23.13 -77.45
N ARG B 530 35.53 23.53 -78.31
CA ARG B 530 36.85 24.00 -77.90
C ARG B 530 36.68 25.29 -77.11
N GLN B 531 35.76 26.12 -77.58
CA GLN B 531 35.40 27.34 -76.89
C GLN B 531 34.89 27.06 -75.47
N GLY B 532 34.11 26.00 -75.32
CA GLY B 532 33.66 25.55 -74.00
C GLY B 532 34.81 25.05 -73.13
N MET B 533 35.72 24.27 -73.74
CA MET B 533 36.87 23.74 -72.99
C MET B 533 37.83 24.84 -72.54
N ASN B 534 37.79 25.99 -73.21
CA ASN B 534 38.69 27.11 -72.92
C ASN B 534 38.04 28.20 -72.08
N ALA B 535 36.81 27.96 -71.65
CA ALA B 535 36.06 28.95 -70.89
C ALA B 535 36.39 28.81 -69.42
N GLU B 536 36.05 29.84 -68.64
CA GLU B 536 36.21 29.84 -67.18
C GLU B 536 34.86 29.63 -66.48
N GLY B 537 34.83 28.75 -65.49
CA GLY B 537 33.61 28.43 -64.78
C GLY B 537 32.74 27.48 -65.59
N PRO B 538 31.61 27.04 -65.03
CA PRO B 538 30.71 26.11 -65.72
C PRO B 538 30.20 26.61 -67.07
N VAL B 539 30.19 25.73 -68.06
CA VAL B 539 29.60 26.07 -69.34
C VAL B 539 28.64 24.97 -69.78
N ILE B 540 27.49 25.39 -70.32
CA ILE B 540 26.54 24.50 -70.96
C ILE B 540 26.57 24.74 -72.47
N ILE B 541 26.68 23.67 -73.25
CA ILE B 541 26.72 23.79 -74.69
C ILE B 541 25.50 23.16 -75.34
N ASP B 542 24.76 23.96 -76.08
CA ASP B 542 23.59 23.46 -76.78
C ASP B 542 24.00 22.93 -78.15
N VAL B 543 23.84 21.62 -78.35
CA VAL B 543 24.21 21.02 -79.62
C VAL B 543 23.01 20.36 -80.30
N PRO B 544 22.46 21.01 -81.35
CA PRO B 544 21.37 20.40 -82.11
C PRO B 544 21.82 19.12 -82.80
N VAL B 545 20.97 18.10 -82.77
CA VAL B 545 21.35 16.82 -83.30
C VAL B 545 20.20 16.23 -84.13
N ASP B 546 20.56 15.47 -85.14
CA ASP B 546 19.62 14.80 -86.02
C ASP B 546 19.51 13.34 -85.57
N TYR B 547 18.34 12.95 -85.10
CA TYR B 547 18.17 11.61 -84.55
C TYR B 547 17.54 10.62 -85.56
N SER B 548 17.50 10.99 -86.84
CA SER B 548 16.80 10.15 -87.81
C SER B 548 17.47 8.79 -88.03
N ASP B 549 18.73 8.66 -87.62
CA ASP B 549 19.50 7.42 -87.78
C ASP B 549 19.43 6.52 -86.54
N ASN B 550 18.79 7.01 -85.48
CA ASN B 550 18.77 6.30 -84.20
C ASN B 550 18.14 4.91 -84.23
N ILE B 551 17.11 4.74 -85.05
CA ILE B 551 16.38 3.47 -85.11
C ILE B 551 17.32 2.32 -85.50
N ASN B 552 18.40 2.65 -86.20
CA ASN B 552 19.41 1.67 -86.60
C ASN B 552 20.24 1.11 -85.45
N LEU B 553 20.22 1.79 -84.31
CA LEU B 553 20.93 1.33 -83.13
C LEU B 553 20.37 -0.02 -82.69
N ALA B 554 19.10 -0.25 -83.04
CA ALA B 554 18.38 -1.48 -82.70
C ALA B 554 18.19 -2.39 -83.92
N SER B 555 18.88 -2.06 -85.01
CA SER B 555 18.73 -2.83 -86.25
C SER B 555 19.40 -4.20 -86.12
N ASP B 556 18.82 -5.19 -86.78
CA ASP B 556 19.30 -6.57 -86.73
C ASP B 556 20.13 -6.83 -87.99
N LYS B 557 20.51 -5.77 -88.70
CA LYS B 557 21.24 -5.89 -89.98
C LYS B 557 22.57 -6.64 -89.88
N LEU B 558 23.44 -6.21 -88.96
CA LEU B 558 24.75 -6.81 -88.80
C LEU B 558 24.74 -8.33 -88.45
N PRO B 559 23.92 -8.75 -87.45
CA PRO B 559 23.90 -10.19 -87.16
C PRO B 559 23.42 -11.06 -88.34
N LYS B 560 22.53 -10.54 -89.18
CA LYS B 560 22.07 -11.26 -90.36
C LYS B 560 23.14 -11.35 -91.44
N GLU B 561 23.80 -10.22 -91.71
CA GLU B 561 24.89 -10.17 -92.69
C GLU B 561 26.01 -11.13 -92.31
N PHE B 562 26.38 -11.15 -91.03
CA PHE B 562 27.47 -12.02 -90.59
C PHE B 562 27.01 -13.48 -90.67
N GLY B 563 25.73 -13.71 -90.41
CA GLY B 563 25.16 -15.05 -90.53
C GLY B 563 25.22 -15.57 -91.96
N GLU B 564 24.96 -14.68 -92.92
CA GLU B 564 25.00 -15.06 -94.34
C GLU B 564 26.43 -15.35 -94.75
N LEU B 565 27.36 -14.57 -94.20
CA LEU B 565 28.78 -14.69 -94.50
C LEU B 565 29.33 -16.02 -93.97
N MET B 566 28.78 -16.48 -92.84
CA MET B 566 29.25 -17.70 -92.21
C MET B 566 28.75 -18.94 -92.94
N LYS C 14 6.08 -35.70 -65.72
CA LYS C 14 4.91 -34.91 -66.12
C LYS C 14 5.26 -33.52 -66.70
N ASN C 15 6.50 -33.07 -66.49
CA ASN C 15 6.94 -31.73 -66.92
C ASN C 15 6.21 -30.51 -66.31
N ARG C 16 5.99 -30.52 -64.99
CA ARG C 16 5.46 -29.34 -64.29
C ARG C 16 6.61 -28.61 -63.60
N GLY C 17 6.31 -27.43 -63.09
CA GLY C 17 7.26 -26.72 -62.24
C GLY C 17 7.68 -27.63 -61.11
N ALA C 18 6.76 -28.44 -60.61
CA ALA C 18 7.09 -29.38 -59.54
C ALA C 18 8.24 -30.32 -59.95
N GLU C 19 8.25 -30.74 -61.22
CA GLU C 19 9.33 -31.60 -61.70
C GLU C 19 10.66 -30.87 -61.72
N LEU C 20 10.63 -29.59 -62.06
CA LEU C 20 11.86 -28.79 -62.05
C LEU C 20 12.44 -28.70 -60.63
N VAL C 21 11.55 -28.54 -59.65
CA VAL C 21 11.98 -28.50 -58.26
C VAL C 21 12.68 -29.79 -57.87
N VAL C 22 12.04 -30.92 -58.16
CA VAL C 22 12.60 -32.24 -57.85
C VAL C 22 13.92 -32.49 -58.58
N ASP C 23 14.01 -32.04 -59.83
CA ASP C 23 15.23 -32.20 -60.61
C ASP C 23 16.42 -31.48 -59.97
N CYS C 24 16.15 -30.30 -59.42
CA CYS C 24 17.16 -29.56 -58.68
C CYS C 24 17.62 -30.32 -57.46
N LEU C 25 16.69 -30.93 -56.72
CA LEU C 25 17.08 -31.69 -55.54
C LEU C 25 17.95 -32.89 -55.92
N VAL C 26 17.59 -33.54 -57.02
CA VAL C 26 18.38 -34.63 -57.55
C VAL C 26 19.78 -34.15 -57.93
N GLU C 27 19.88 -33.04 -58.67
CA GLU C 27 21.19 -32.48 -59.04
C GLU C 27 22.03 -32.01 -57.85
N GLN C 28 21.35 -31.58 -56.79
CA GLN C 28 22.05 -31.15 -55.58
C GLN C 28 22.54 -32.30 -54.75
N GLY C 29 22.13 -33.52 -55.12
CA GLY C 29 22.50 -34.70 -54.37
C GLY C 29 21.78 -34.82 -53.04
N VAL C 30 20.58 -34.26 -52.95
CA VAL C 30 19.82 -34.34 -51.72
C VAL C 30 19.23 -35.74 -51.54
N THR C 31 19.43 -36.35 -50.39
CA THR C 31 18.90 -37.69 -50.21
C THR C 31 17.63 -37.74 -49.35
N HIS C 32 17.46 -36.73 -48.49
CA HIS C 32 16.30 -36.63 -47.59
C HIS C 32 15.67 -35.25 -47.65
N VAL C 33 14.34 -35.22 -47.74
CA VAL C 33 13.56 -33.98 -47.64
CA VAL C 33 13.57 -33.98 -47.63
C VAL C 33 12.61 -34.08 -46.44
N PHE C 34 12.73 -33.15 -45.51
CA PHE C 34 11.86 -33.16 -44.33
C PHE C 34 10.70 -32.22 -44.60
N GLY C 35 9.48 -32.69 -44.36
CA GLY C 35 8.33 -31.86 -44.67
C GLY C 35 6.97 -32.37 -44.26
N ILE C 36 5.97 -31.55 -44.53
CA ILE C 36 4.60 -31.90 -44.25
C ILE C 36 3.80 -31.34 -45.41
N PRO C 37 3.01 -32.20 -46.08
CA PRO C 37 2.30 -31.80 -47.30
C PRO C 37 1.08 -30.93 -47.02
N GLY C 38 0.55 -30.32 -48.06
CA GLY C 38 -0.65 -29.50 -48.00
C GLY C 38 -1.07 -29.13 -49.41
N ALA C 39 -2.28 -28.62 -49.57
CA ALA C 39 -2.85 -28.40 -50.90
C ALA C 39 -1.98 -27.55 -51.81
N LYS C 40 -1.46 -26.45 -51.27
CA LYS C 40 -0.71 -25.50 -52.11
C LYS C 40 0.62 -26.03 -52.65
N ILE C 41 1.25 -26.94 -51.91
CA ILE C 41 2.56 -27.49 -52.27
C ILE C 41 2.45 -28.95 -52.78
N ASP C 42 1.22 -29.44 -52.91
CA ASP C 42 0.93 -30.85 -53.27
C ASP C 42 1.67 -31.40 -54.50
N ALA C 43 1.79 -30.60 -55.56
CA ALA C 43 2.40 -31.09 -56.78
C ALA C 43 3.85 -31.51 -56.56
N VAL C 44 4.57 -30.77 -55.71
CA VAL C 44 5.96 -31.16 -55.45
C VAL C 44 6.01 -32.51 -54.74
N PHE C 45 5.13 -32.72 -53.77
CA PHE C 45 5.08 -34.01 -53.08
C PHE C 45 4.65 -35.13 -54.05
N ASP C 46 3.79 -34.80 -55.01
CA ASP C 46 3.40 -35.78 -56.02
C ASP C 46 4.62 -36.14 -56.85
N ALA C 47 5.34 -35.12 -57.33
CA ALA C 47 6.53 -35.34 -58.14
C ALA C 47 7.62 -36.13 -57.43
N LEU C 48 7.67 -36.05 -56.10
CA LEU C 48 8.66 -36.80 -55.32
C LEU C 48 8.31 -38.29 -55.24
N GLN C 49 7.11 -38.65 -55.67
CA GLN C 49 6.71 -40.05 -55.76
C GLN C 49 7.38 -40.73 -56.98
N ASP C 50 7.64 -39.95 -58.02
CA ASP C 50 8.31 -40.48 -59.22
C ASP C 50 9.82 -40.63 -59.04
N LYS C 51 10.46 -39.64 -58.43
CA LYS C 51 11.89 -39.69 -58.15
C LYS C 51 12.31 -38.62 -57.16
N GLY C 52 13.58 -38.66 -56.79
CA GLY C 52 14.12 -37.65 -55.92
C GLY C 52 14.41 -38.22 -54.56
N PRO C 53 14.81 -37.35 -53.63
CA PRO C 53 15.16 -37.73 -52.26
C PRO C 53 13.98 -38.39 -51.52
N GLU C 54 14.28 -39.22 -50.55
CA GLU C 54 13.27 -39.81 -49.68
C GLU C 54 12.59 -38.72 -48.84
N ILE C 55 11.27 -38.77 -48.72
CA ILE C 55 10.53 -37.84 -47.88
C ILE C 55 10.45 -38.32 -46.44
N ILE C 56 10.89 -37.49 -45.51
CA ILE C 56 10.71 -37.77 -44.08
C ILE C 56 9.55 -36.92 -43.54
N VAL C 57 8.45 -37.57 -43.21
CA VAL C 57 7.25 -36.88 -42.73
C VAL C 57 7.47 -36.46 -41.30
N ALA C 58 7.37 -35.16 -41.05
CA ALA C 58 7.59 -34.63 -39.70
C ALA C 58 6.26 -34.48 -38.98
N ARG C 59 6.31 -34.32 -37.66
CA ARG C 59 5.10 -34.12 -36.89
C ARG C 59 4.83 -32.63 -36.57
N HIS C 60 5.76 -31.77 -36.97
CA HIS C 60 5.61 -30.32 -36.87
C HIS C 60 6.66 -29.70 -37.77
N GLU C 61 6.32 -28.66 -38.53
CA GLU C 61 7.29 -28.08 -39.44
C GLU C 61 8.52 -27.56 -38.72
N GLN C 62 8.32 -27.14 -37.47
CA GLN C 62 9.44 -26.71 -36.65
C GLN C 62 10.50 -27.79 -36.63
N ASN C 63 10.06 -29.02 -36.41
CA ASN C 63 10.99 -30.12 -36.24
C ASN C 63 11.59 -30.53 -37.57
N ALA C 64 10.81 -30.34 -38.64
CA ALA C 64 11.34 -30.56 -39.97
C ALA C 64 12.49 -29.59 -40.24
N ALA C 65 12.32 -28.33 -39.84
CA ALA C 65 13.39 -27.35 -40.02
C ALA C 65 14.60 -27.68 -39.15
N PHE C 66 14.37 -28.06 -37.89
CA PHE C 66 15.47 -28.47 -37.02
C PHE C 66 16.24 -29.65 -37.64
N MET C 67 15.49 -30.64 -38.17
CA MET C 67 16.12 -31.81 -38.79
C MET C 67 17.01 -31.44 -39.97
N ALA C 68 16.50 -30.55 -40.82
CA ALA C 68 17.24 -30.02 -41.96
C ALA C 68 18.48 -29.27 -41.49
N GLN C 69 18.35 -28.53 -40.40
CA GLN C 69 19.49 -27.81 -39.82
C GLN C 69 20.59 -28.78 -39.41
N ALA C 70 20.23 -29.87 -38.76
CA ALA C 70 21.23 -30.84 -38.32
C ALA C 70 21.92 -31.51 -39.51
N VAL C 71 21.17 -31.83 -40.56
CA VAL C 71 21.77 -32.41 -41.77
C VAL C 71 22.77 -31.43 -42.37
N GLY C 72 22.39 -30.16 -42.41
CA GLY C 72 23.28 -29.13 -42.92
C GLY C 72 24.54 -29.02 -42.08
N ARG C 73 24.41 -28.98 -40.76
CA ARG C 73 25.60 -28.86 -39.93
C ARG C 73 26.51 -30.06 -40.10
N LEU C 74 25.91 -31.26 -40.20
CA LEU C 74 26.70 -32.50 -40.24
C LEU C 74 27.32 -32.77 -41.58
N THR C 75 26.68 -32.34 -42.66
CA THR C 75 27.14 -32.72 -44.00
C THR C 75 27.79 -31.59 -44.80
N GLY C 76 27.51 -30.34 -44.44
CA GLY C 76 28.01 -29.22 -45.24
C GLY C 76 27.20 -28.93 -46.48
N LYS C 77 26.20 -29.77 -46.73
CA LYS C 77 25.23 -29.55 -47.80
C LYS C 77 23.90 -29.13 -47.17
N PRO C 78 23.19 -28.20 -47.81
CA PRO C 78 21.96 -27.68 -47.20
C PRO C 78 20.95 -28.78 -46.92
N GLY C 79 20.48 -28.85 -45.66
CA GLY C 79 19.34 -29.67 -45.31
C GLY C 79 18.13 -29.05 -46.01
N VAL C 80 17.18 -29.90 -46.38
CA VAL C 80 16.05 -29.44 -47.16
C VAL C 80 14.74 -29.71 -46.42
N VAL C 81 13.91 -28.67 -46.31
CA VAL C 81 12.60 -28.79 -45.71
C VAL C 81 11.55 -28.28 -46.70
N LEU C 82 10.41 -28.97 -46.78
CA LEU C 82 9.38 -28.69 -47.78
C LEU C 82 8.02 -28.57 -47.09
N VAL C 83 7.36 -27.42 -47.23
CA VAL C 83 6.11 -27.23 -46.47
C VAL C 83 5.03 -26.57 -47.32
N THR C 84 3.80 -26.58 -46.82
CA THR C 84 2.72 -25.95 -47.58
C THR C 84 2.60 -24.46 -47.25
N SER C 85 1.58 -23.81 -47.81
CA SER C 85 1.35 -22.39 -47.62
C SER C 85 0.91 -22.05 -46.20
N GLY C 86 0.80 -20.75 -45.95
CA GLY C 86 0.29 -20.28 -44.69
C GLY C 86 1.01 -20.78 -43.44
N PRO C 87 0.28 -21.47 -42.56
CA PRO C 87 0.87 -21.96 -41.31
C PRO C 87 1.95 -23.02 -41.57
N GLY C 88 1.92 -23.64 -42.75
CA GLY C 88 3.01 -24.52 -43.12
C GLY C 88 4.30 -23.70 -43.17
N ALA C 89 4.27 -22.59 -43.89
CA ALA C 89 5.46 -21.77 -44.02
C ALA C 89 5.84 -21.09 -42.69
N SER C 90 4.86 -20.45 -42.04
CA SER C 90 5.14 -19.64 -40.84
C SER C 90 5.67 -20.49 -39.68
N ASN C 91 5.34 -21.78 -39.68
CA ASN C 91 5.92 -22.69 -38.70
C ASN C 91 7.43 -22.92 -38.90
N LEU C 92 7.98 -22.38 -39.99
CA LEU C 92 9.41 -22.55 -40.23
C LEU C 92 10.23 -21.46 -39.57
N ALA C 93 9.56 -20.41 -39.09
CA ALA C 93 10.23 -19.18 -38.69
C ALA C 93 11.42 -19.41 -37.77
N THR C 94 11.18 -20.06 -36.65
CA THR C 94 12.22 -20.25 -35.66
C THR C 94 13.32 -21.18 -36.19
N GLY C 95 12.91 -22.25 -36.85
CA GLY C 95 13.85 -23.18 -37.42
C GLY C 95 14.84 -22.49 -38.33
N LEU C 96 14.32 -21.74 -39.29
CA LEU C 96 15.21 -21.07 -40.24
C LEU C 96 16.08 -19.99 -39.60
N LEU C 97 15.50 -19.23 -38.66
CA LEU C 97 16.22 -18.18 -37.94
C LEU C 97 17.41 -18.78 -37.16
N THR C 98 17.18 -19.94 -36.56
CA THR C 98 18.19 -20.64 -35.77
C THR C 98 19.33 -21.10 -36.68
N ALA C 99 18.99 -21.77 -37.78
CA ALA C 99 20.00 -22.14 -38.76
C ALA C 99 20.72 -20.92 -39.31
N ASN C 100 19.99 -19.82 -39.55
CA ASN C 100 20.59 -18.66 -40.18
C ASN C 100 21.63 -17.99 -39.32
N THR C 101 21.53 -18.19 -38.01
CA THR C 101 22.45 -17.52 -37.10
C THR C 101 23.44 -18.46 -36.47
N GLU C 102 23.38 -19.74 -36.82
CA GLU C 102 24.29 -20.71 -36.21
C GLU C 102 25.21 -21.37 -37.23
N GLY C 103 25.21 -20.87 -38.47
CA GLY C 103 26.16 -21.28 -39.49
C GLY C 103 25.77 -22.53 -40.26
N ASP C 104 24.48 -22.85 -40.26
CA ASP C 104 24.00 -24.08 -40.85
C ASP C 104 23.28 -23.87 -42.17
N PRO C 105 23.75 -24.56 -43.22
CA PRO C 105 23.09 -24.41 -44.51
C PRO C 105 21.76 -25.16 -44.55
N VAL C 106 20.71 -24.44 -44.92
CA VAL C 106 19.38 -25.00 -45.01
C VAL C 106 18.70 -24.37 -46.20
N VAL C 107 18.03 -25.20 -47.01
CA VAL C 107 17.12 -24.69 -48.04
C VAL C 107 15.67 -25.02 -47.71
N ALA C 108 14.83 -23.99 -47.61
CA ALA C 108 13.41 -24.19 -47.33
C ALA C 108 12.58 -23.95 -48.59
N LEU C 109 11.63 -24.83 -48.87
CA LEU C 109 10.76 -24.70 -50.02
C LEU C 109 9.32 -24.67 -49.54
N ALA C 110 8.59 -23.61 -49.84
CA ALA C 110 7.22 -23.46 -49.31
C ALA C 110 6.24 -23.14 -50.42
N GLY C 111 5.01 -23.60 -50.25
CA GLY C 111 3.95 -23.29 -51.21
C GLY C 111 3.31 -21.95 -50.89
N ASN C 112 2.59 -21.38 -51.84
CA ASN C 112 1.74 -20.22 -51.57
C ASN C 112 0.52 -20.32 -52.46
N VAL C 113 -0.45 -19.43 -52.24
CA VAL C 113 -1.67 -19.41 -53.04
C VAL C 113 -1.32 -19.02 -54.49
N ILE C 114 -2.24 -19.26 -55.42
CA ILE C 114 -2.02 -18.88 -56.82
C ILE C 114 -1.74 -17.39 -56.99
N ARG C 115 -0.96 -17.08 -58.04
CA ARG C 115 -0.53 -15.73 -58.34
C ARG C 115 -1.67 -14.75 -58.48
N ALA C 116 -2.77 -15.20 -59.08
CA ALA C 116 -3.90 -14.34 -59.34
C ALA C 116 -4.57 -13.87 -58.04
N ASP C 117 -4.40 -14.66 -56.97
CA ASP C 117 -5.02 -14.39 -55.68
C ASP C 117 -4.02 -13.97 -54.61
N ARG C 118 -2.80 -13.61 -55.02
CA ARG C 118 -1.72 -13.36 -54.06
C ARG C 118 -1.98 -12.18 -53.13
N LEU C 119 -2.88 -11.29 -53.55
CA LEU C 119 -3.15 -10.08 -52.77
C LEU C 119 -4.40 -10.21 -51.91
N LYS C 120 -5.06 -11.37 -52.01
CA LYS C 120 -6.39 -11.53 -51.43
C LYS C 120 -6.45 -12.05 -50.01
N ARG C 121 -7.56 -11.77 -49.34
CA ARG C 121 -7.88 -12.49 -48.12
C ARG C 121 -8.42 -13.85 -48.54
N THR C 122 -7.53 -14.83 -48.59
CA THR C 122 -7.88 -16.15 -49.08
C THR C 122 -7.06 -17.13 -48.26
N HIS C 123 -7.56 -18.36 -48.13
CA HIS C 123 -6.95 -19.35 -47.23
C HIS C 123 -5.42 -19.45 -47.34
N GLN C 124 -4.77 -19.31 -46.19
CA GLN C 124 -3.34 -19.52 -46.01
C GLN C 124 -2.47 -18.61 -46.89
N SER C 125 -2.93 -17.39 -47.16
CA SER C 125 -2.15 -16.49 -47.99
C SER C 125 -1.40 -15.44 -47.15
N LEU C 126 -0.11 -15.26 -47.44
CA LEU C 126 0.66 -14.16 -46.86
C LEU C 126 1.90 -13.87 -47.72
N ASP C 127 2.58 -12.77 -47.44
CA ASP C 127 3.79 -12.45 -48.14
C ASP C 127 4.90 -13.31 -47.54
N ASN C 128 5.05 -14.51 -48.10
CA ASN C 128 6.02 -15.50 -47.65
C ASN C 128 7.42 -14.92 -47.62
N ALA C 129 7.79 -14.30 -48.74
CA ALA C 129 9.14 -13.77 -48.89
C ALA C 129 9.39 -12.65 -47.88
N ALA C 130 8.39 -11.78 -47.68
CA ALA C 130 8.57 -10.67 -46.75
C ALA C 130 8.76 -11.18 -45.33
N LEU C 131 8.07 -12.27 -45.01
CA LEU C 131 8.16 -12.87 -43.68
C LEU C 131 9.58 -13.40 -43.39
N PHE C 132 10.21 -14.03 -44.38
CA PHE C 132 11.49 -14.67 -44.15
C PHE C 132 12.70 -13.78 -44.46
N GLN C 133 12.43 -12.63 -45.07
CA GLN C 133 13.48 -11.66 -45.40
C GLN C 133 14.40 -11.33 -44.21
N PRO C 134 13.81 -11.03 -43.02
CA PRO C 134 14.71 -10.65 -41.92
C PRO C 134 15.42 -11.80 -41.23
N ILE C 135 15.10 -13.05 -41.55
CA ILE C 135 15.66 -14.16 -40.78
C ILE C 135 16.38 -15.20 -41.64
N THR C 136 16.64 -14.85 -42.90
CA THR C 136 17.33 -15.73 -43.84
C THR C 136 18.35 -14.92 -44.63
N LYS C 137 19.29 -15.60 -45.29
CA LYS C 137 20.22 -14.97 -46.23
C LYS C 137 19.57 -14.65 -47.57
N TYR C 138 18.47 -15.32 -47.86
CA TYR C 138 17.89 -15.30 -49.19
C TYR C 138 16.44 -15.76 -49.04
N SER C 139 15.53 -14.89 -49.45
CA SER C 139 14.11 -15.12 -49.29
C SER C 139 13.41 -14.63 -50.54
N VAL C 140 12.88 -15.55 -51.34
CA VAL C 140 12.32 -15.16 -52.63
C VAL C 140 11.04 -15.92 -52.95
N GLU C 141 10.24 -15.32 -53.82
CA GLU C 141 9.09 -16.02 -54.39
C GLU C 141 9.18 -16.02 -55.91
N VAL C 142 9.00 -17.19 -56.50
CA VAL C 142 9.08 -17.39 -57.95
C VAL C 142 7.74 -17.03 -58.59
N GLN C 143 7.75 -16.13 -59.59
CA GLN C 143 6.49 -15.73 -60.22
C GLN C 143 6.40 -16.18 -61.68
N ASP C 144 7.34 -17.01 -62.11
CA ASP C 144 7.29 -17.56 -63.46
C ASP C 144 7.93 -18.92 -63.43
N VAL C 145 7.24 -19.90 -63.99
CA VAL C 145 7.70 -21.29 -63.92
C VAL C 145 9.11 -21.47 -64.48
N LYS C 146 9.50 -20.66 -65.47
CA LYS C 146 10.83 -20.77 -66.06
C LYS C 146 11.95 -20.50 -65.06
N ASN C 147 11.64 -19.70 -64.05
CA ASN C 147 12.67 -19.17 -63.16
C ASN C 147 12.99 -20.17 -62.06
N ILE C 148 12.16 -21.20 -61.93
CA ILE C 148 12.35 -22.20 -60.87
C ILE C 148 13.78 -22.79 -60.72
N PRO C 149 14.38 -23.29 -61.83
CA PRO C 149 15.72 -23.88 -61.66
C PRO C 149 16.79 -22.85 -61.23
N GLU C 150 16.64 -21.61 -61.67
CA GLU C 150 17.55 -20.53 -61.25
C GLU C 150 17.37 -20.18 -59.77
N ALA C 151 16.13 -20.00 -59.34
CA ALA C 151 15.87 -19.59 -57.97
C ALA C 151 16.38 -20.63 -57.00
N VAL C 152 16.11 -21.88 -57.32
CA VAL C 152 16.48 -22.98 -56.44
C VAL C 152 17.99 -23.19 -56.42
N THR C 153 18.63 -23.14 -57.58
CA THR C 153 20.08 -23.35 -57.60
C THR C 153 20.81 -22.26 -56.82
N ASN C 154 20.43 -21.01 -57.06
CA ASN C 154 21.00 -19.90 -56.30
C ASN C 154 20.72 -20.01 -54.79
N ALA C 155 19.55 -20.52 -54.45
CA ALA C 155 19.23 -20.71 -53.04
C ALA C 155 20.22 -21.67 -52.38
N PHE C 156 20.53 -22.78 -53.05
CA PHE C 156 21.52 -23.72 -52.53
C PHE C 156 22.92 -23.10 -52.40
N ARG C 157 23.35 -22.34 -53.41
CA ARG C 157 24.69 -21.75 -53.38
C ARG C 157 24.85 -20.74 -52.25
N ILE C 158 23.84 -19.88 -52.09
CA ILE C 158 23.86 -18.86 -51.06
C ILE C 158 23.78 -19.48 -49.66
N ALA C 159 22.97 -20.52 -49.53
CA ALA C 159 22.86 -21.23 -48.26
C ALA C 159 24.21 -21.81 -47.84
N SER C 160 24.99 -22.25 -48.82
CA SER C 160 26.27 -22.91 -48.54
C SER C 160 27.43 -21.94 -48.39
N ALA C 161 27.37 -20.80 -49.09
CA ALA C 161 28.49 -19.88 -49.14
C ALA C 161 28.72 -19.26 -47.76
N GLY C 162 30.00 -19.10 -47.39
CA GLY C 162 30.35 -18.54 -46.10
C GLY C 162 29.82 -17.11 -46.00
N GLN C 163 29.21 -16.75 -44.88
CA GLN C 163 28.90 -17.67 -43.78
C GLN C 163 27.59 -18.38 -44.10
N ALA C 164 27.58 -19.70 -43.89
CA ALA C 164 26.42 -20.51 -44.26
C ALA C 164 25.19 -20.09 -43.46
N GLY C 165 24.02 -20.21 -44.06
CA GLY C 165 22.79 -19.90 -43.36
C GLY C 165 21.58 -20.41 -44.12
N ALA C 166 20.44 -19.76 -43.92
CA ALA C 166 19.17 -20.24 -44.48
C ALA C 166 18.76 -19.49 -45.76
N ALA C 167 18.19 -20.23 -46.70
CA ALA C 167 17.62 -19.64 -47.90
C ALA C 167 16.16 -20.11 -47.97
N PHE C 168 15.27 -19.22 -48.40
CA PHE C 168 13.85 -19.57 -48.42
C PHE C 168 13.30 -19.34 -49.80
N VAL C 169 12.59 -20.34 -50.34
CA VAL C 169 12.00 -20.18 -51.67
C VAL C 169 10.53 -20.56 -51.66
N SER C 170 9.70 -19.61 -52.07
CA SER C 170 8.25 -19.79 -52.08
C SER C 170 7.72 -19.98 -53.49
N PHE C 171 6.78 -20.91 -53.66
CA PHE C 171 6.19 -21.23 -54.97
C PHE C 171 4.69 -21.08 -54.95
N PRO C 172 4.14 -20.13 -55.72
CA PRO C 172 2.68 -20.08 -55.88
C PRO C 172 2.15 -21.37 -56.50
N GLN C 173 0.99 -21.84 -56.04
CA GLN C 173 0.46 -23.14 -56.48
C GLN C 173 0.41 -23.31 -58.01
N ASP C 174 -0.03 -22.28 -58.74
CA ASP C 174 -0.13 -22.42 -60.18
C ASP C 174 1.25 -22.53 -60.82
N VAL C 175 2.26 -21.95 -60.18
CA VAL C 175 3.64 -22.02 -60.69
C VAL C 175 4.19 -23.47 -60.64
N VAL C 176 3.99 -24.18 -59.52
CA VAL C 176 4.43 -25.57 -59.43
C VAL C 176 3.52 -26.59 -60.18
N ASN C 177 2.28 -26.22 -60.49
CA ASN C 177 1.37 -27.09 -61.26
C ASN C 177 1.42 -26.86 -62.78
N GLU C 178 2.06 -25.77 -63.21
CA GLU C 178 2.11 -25.36 -64.62
C GLU C 178 3.04 -26.25 -65.43
N VAL C 179 2.54 -26.70 -66.59
CA VAL C 179 3.33 -27.52 -67.50
C VAL C 179 4.28 -26.63 -68.31
N THR C 180 5.53 -27.06 -68.45
CA THR C 180 6.54 -26.23 -69.10
C THR C 180 7.66 -27.09 -69.70
N ASN C 181 8.29 -26.58 -70.74
CA ASN C 181 9.44 -27.26 -71.31
C ASN C 181 10.75 -26.60 -70.91
N THR C 182 10.69 -25.79 -69.84
CA THR C 182 11.86 -25.16 -69.27
C THR C 182 12.92 -26.22 -68.95
N LYS C 183 14.18 -25.93 -69.26
CA LYS C 183 15.27 -26.85 -68.97
C LYS C 183 15.80 -26.63 -67.56
N ASN C 184 16.31 -27.70 -66.94
CA ASN C 184 17.03 -27.58 -65.67
C ASN C 184 18.35 -26.83 -65.91
N VAL C 185 18.97 -26.32 -64.86
CA VAL C 185 20.30 -25.76 -65.00
C VAL C 185 21.24 -26.67 -64.23
N ARG C 186 22.54 -26.58 -64.53
CA ARG C 186 23.50 -27.42 -63.85
C ARG C 186 23.61 -26.95 -62.39
N ALA C 187 23.76 -27.90 -61.47
CA ALA C 187 23.97 -27.54 -60.07
C ALA C 187 25.41 -27.03 -59.90
N VAL C 188 25.65 -25.78 -60.31
CA VAL C 188 26.99 -25.23 -60.21
C VAL C 188 27.33 -25.01 -58.75
N ALA C 189 28.28 -25.79 -58.25
CA ALA C 189 28.60 -25.75 -56.82
C ALA C 189 29.31 -24.45 -56.48
N ALA C 190 28.94 -23.86 -55.35
CA ALA C 190 29.63 -22.66 -54.83
C ALA C 190 31.10 -23.01 -54.61
N PRO C 191 31.99 -22.19 -55.18
CA PRO C 191 33.43 -22.49 -55.12
C PRO C 191 34.06 -22.03 -53.81
N LYS C 192 35.04 -22.76 -53.29
CA LYS C 192 35.68 -22.24 -52.07
C LYS C 192 36.66 -21.12 -52.44
N LEU C 193 36.88 -20.21 -51.50
CA LEU C 193 37.85 -19.13 -51.66
C LEU C 193 39.28 -19.64 -51.52
N GLY C 194 40.24 -18.82 -51.91
CA GLY C 194 41.64 -19.11 -51.62
C GLY C 194 41.95 -18.69 -50.19
N PRO C 195 43.18 -18.98 -49.73
CA PRO C 195 43.58 -18.49 -48.40
C PRO C 195 43.63 -16.96 -48.38
N ALA C 196 43.75 -16.41 -47.17
CA ALA C 196 43.93 -14.98 -46.99
C ALA C 196 45.21 -14.53 -47.68
N ALA C 197 45.34 -13.24 -47.92
CA ALA C 197 46.51 -12.71 -48.62
C ALA C 197 47.81 -13.09 -47.92
N ASP C 198 48.86 -13.38 -48.69
CA ASP C 198 50.18 -13.76 -48.15
C ASP C 198 50.76 -12.77 -47.13
N ASP C 199 50.69 -11.47 -47.39
CA ASP C 199 51.34 -10.56 -46.44
CA ASP C 199 51.28 -10.47 -46.49
C ASP C 199 50.54 -10.40 -45.16
N ALA C 200 49.23 -10.62 -45.22
CA ALA C 200 48.47 -10.67 -43.98
C ALA C 200 48.89 -11.92 -43.18
N ILE C 201 49.09 -13.04 -43.87
CA ILE C 201 49.57 -14.26 -43.19
C ILE C 201 50.94 -14.04 -42.52
N SER C 202 51.87 -13.43 -43.26
CA SER C 202 53.23 -13.20 -42.76
C SER C 202 53.20 -12.35 -41.52
N ALA C 203 52.41 -11.29 -41.56
CA ALA C 203 52.28 -10.38 -40.44
C ALA C 203 51.70 -11.10 -39.21
N ALA C 204 50.77 -12.02 -39.46
CA ALA C 204 50.13 -12.76 -38.37
C ALA C 204 51.14 -13.67 -37.71
N ILE C 205 51.95 -14.35 -38.51
CA ILE C 205 53.01 -15.19 -37.96
C ILE C 205 53.95 -14.36 -37.12
N ALA C 206 54.37 -13.23 -37.65
CA ALA C 206 55.29 -12.37 -36.92
C ALA C 206 54.76 -11.92 -35.55
N LYS C 207 53.49 -11.51 -35.50
CA LYS C 207 52.90 -11.05 -34.24
C LYS C 207 52.79 -12.20 -33.24
N ILE C 208 52.55 -13.41 -33.73
CA ILE C 208 52.43 -14.55 -32.85
C ILE C 208 53.79 -14.92 -32.27
N GLN C 209 54.82 -14.91 -33.12
CA GLN C 209 56.18 -15.24 -32.70
C GLN C 209 56.73 -14.28 -31.64
N THR C 210 56.31 -13.02 -31.68
CA THR C 210 56.84 -12.02 -30.75
C THR C 210 55.99 -11.90 -29.49
N ALA C 211 54.96 -12.73 -29.36
CA ALA C 211 54.06 -12.57 -28.23
C ALA C 211 54.58 -13.21 -26.94
N LYS C 212 54.28 -12.59 -25.80
CA LYS C 212 54.55 -13.24 -24.50
C LYS C 212 53.59 -14.41 -24.30
N LEU C 213 52.33 -14.23 -24.71
CA LEU C 213 51.31 -15.26 -24.53
C LEU C 213 50.27 -15.23 -25.65
N PRO C 214 50.63 -15.78 -26.81
CA PRO C 214 49.64 -15.86 -27.88
C PRO C 214 48.68 -17.01 -27.57
N VAL C 215 47.39 -16.81 -27.82
CA VAL C 215 46.39 -17.84 -27.55
C VAL C 215 45.41 -17.92 -28.72
N VAL C 216 44.83 -19.10 -28.92
CA VAL C 216 43.84 -19.29 -29.97
C VAL C 216 42.41 -19.42 -29.42
N LEU C 217 41.51 -18.61 -29.95
CA LEU C 217 40.09 -18.72 -29.65
C LEU C 217 39.43 -19.42 -30.84
N VAL C 218 39.00 -20.66 -30.65
CA VAL C 218 38.37 -21.40 -31.75
C VAL C 218 36.86 -21.21 -31.71
N GLY C 219 36.31 -20.66 -32.79
CA GLY C 219 34.88 -20.39 -32.85
C GLY C 219 34.05 -21.28 -33.79
N MET C 220 32.84 -20.79 -34.06
N MET C 220 32.82 -20.81 -34.04
CA MET C 220 31.82 -21.51 -34.80
CA MET C 220 31.82 -21.53 -34.81
C MET C 220 32.33 -22.15 -36.11
C MET C 220 32.33 -22.16 -36.11
N LYS C 221 32.99 -21.36 -36.95
CA LYS C 221 33.45 -21.90 -38.22
C LYS C 221 34.83 -22.57 -38.13
N GLY C 222 35.42 -22.56 -36.94
CA GLY C 222 36.58 -23.36 -36.68
C GLY C 222 36.15 -24.77 -36.30
N GLY C 223 34.84 -24.97 -36.14
CA GLY C 223 34.29 -26.23 -35.71
C GLY C 223 33.97 -27.23 -36.81
N ARG C 224 34.15 -26.84 -38.07
CA ARG C 224 33.99 -27.76 -39.19
C ARG C 224 35.13 -28.78 -39.21
N PRO C 225 34.85 -30.02 -39.66
CA PRO C 225 35.91 -31.05 -39.67
C PRO C 225 37.21 -30.57 -40.34
N GLU C 226 37.13 -29.99 -41.54
CA GLU C 226 38.33 -29.53 -42.23
C GLU C 226 39.05 -28.41 -41.47
N ALA C 227 38.30 -27.58 -40.74
CA ALA C 227 38.90 -26.50 -39.95
C ALA C 227 39.57 -27.05 -38.68
N ILE C 228 38.88 -27.98 -38.02
CA ILE C 228 39.43 -28.60 -36.83
C ILE C 228 40.75 -29.32 -37.15
N LYS C 229 40.74 -30.01 -38.28
CA LYS C 229 41.91 -30.71 -38.80
C LYS C 229 43.12 -29.73 -38.97
N ALA C 230 42.87 -28.58 -39.58
CA ALA C 230 43.92 -27.59 -39.75
C ALA C 230 44.29 -26.97 -38.39
N VAL C 231 43.28 -26.69 -37.57
CA VAL C 231 43.51 -26.08 -36.27
C VAL C 231 44.44 -26.95 -35.42
N ARG C 232 44.15 -28.24 -35.37
CA ARG C 232 44.95 -29.15 -34.56
C ARG C 232 46.44 -29.15 -34.93
N LYS C 233 46.76 -29.17 -36.22
CA LYS C 233 48.17 -29.12 -36.64
C LYS C 233 48.85 -27.86 -36.14
N LEU C 234 48.16 -26.72 -36.28
CA LEU C 234 48.68 -25.42 -35.84
C LEU C 234 48.95 -25.41 -34.34
N LEU C 235 47.97 -25.91 -33.58
CA LEU C 235 48.07 -25.96 -32.13
C LEU C 235 49.19 -26.89 -31.68
N LYS C 236 49.33 -27.99 -32.40
CA LYS C 236 50.32 -28.99 -32.04
C LYS C 236 51.74 -28.50 -32.25
N LYS C 237 51.97 -27.89 -33.41
CA LYS C 237 53.29 -27.38 -33.80
C LYS C 237 53.72 -26.13 -33.03
N VAL C 238 52.81 -25.18 -32.93
CA VAL C 238 53.13 -23.88 -32.35
C VAL C 238 52.98 -23.93 -30.83
N GLN C 239 52.25 -24.94 -30.35
CA GLN C 239 52.09 -25.16 -28.91
C GLN C 239 51.31 -24.02 -28.24
N LEU C 240 50.24 -23.59 -28.91
CA LEU C 240 49.38 -22.53 -28.38
C LEU C 240 48.34 -23.04 -27.40
N PRO C 241 48.17 -22.32 -26.29
CA PRO C 241 46.96 -22.60 -25.50
C PRO C 241 45.74 -22.20 -26.32
N PHE C 242 44.62 -22.86 -26.09
CA PHE C 242 43.44 -22.58 -26.89
C PHE C 242 42.18 -22.76 -26.07
N VAL C 243 41.11 -22.18 -26.60
CA VAL C 243 39.81 -22.24 -25.98
C VAL C 243 38.78 -22.51 -27.07
N GLU C 244 37.65 -23.18 -26.73
CA GLU C 244 36.59 -23.43 -27.71
C GLU C 244 35.33 -22.62 -27.39
N THR C 245 34.61 -22.15 -28.41
CA THR C 245 33.23 -21.72 -28.21
C THR C 245 32.40 -23.00 -28.21
N TYR C 246 31.11 -22.92 -27.90
CA TYR C 246 30.34 -24.16 -27.77
C TYR C 246 30.25 -24.89 -29.10
N GLN C 247 30.14 -24.16 -30.21
CA GLN C 247 30.00 -24.80 -31.50
C GLN C 247 31.36 -25.19 -32.10
N ALA C 248 32.42 -24.94 -31.34
CA ALA C 248 33.76 -25.44 -31.67
C ALA C 248 34.11 -26.71 -30.89
N ALA C 249 33.16 -27.21 -30.12
CA ALA C 249 33.34 -28.47 -29.42
C ALA C 249 33.78 -29.51 -30.43
N GLY C 250 34.72 -30.36 -30.02
CA GLY C 250 35.24 -31.38 -30.91
C GLY C 250 36.60 -31.01 -31.47
N THR C 251 37.02 -29.78 -31.23
CA THR C 251 38.36 -29.33 -31.62
C THR C 251 39.42 -30.10 -30.83
N LEU C 252 39.14 -30.28 -29.54
CA LEU C 252 40.01 -31.03 -28.63
C LEU C 252 40.34 -32.46 -29.08
N SER C 253 41.58 -32.86 -28.81
CA SER C 253 42.02 -34.24 -28.87
C SER C 253 42.56 -34.52 -27.48
N ARG C 254 42.64 -35.78 -27.08
CA ARG C 254 43.19 -36.13 -25.75
C ARG C 254 44.64 -35.63 -25.61
N ASP C 255 45.31 -35.53 -26.74
CA ASP C 255 46.69 -35.06 -26.84
C ASP C 255 46.90 -33.57 -26.67
N LEU C 256 45.81 -32.81 -26.74
CA LEU C 256 45.89 -31.36 -26.67
C LEU C 256 45.32 -30.88 -25.33
N GLU C 257 44.98 -31.83 -24.46
CA GLU C 257 44.41 -31.52 -23.15
C GLU C 257 45.26 -30.53 -22.31
N ASP C 258 46.58 -30.58 -22.46
CA ASP C 258 47.42 -29.67 -21.69
C ASP C 258 47.36 -28.24 -22.18
N GLN C 259 46.98 -28.05 -23.45
CA GLN C 259 46.90 -26.71 -24.01
C GLN C 259 45.47 -26.20 -23.99
N TYR C 260 44.59 -27.01 -23.42
CA TYR C 260 43.16 -26.75 -23.50
C TYR C 260 42.66 -26.04 -22.26
N PHE C 261 42.04 -24.87 -22.45
CA PHE C 261 41.53 -24.14 -21.29
C PHE C 261 40.01 -24.02 -21.30
N GLY C 262 39.37 -24.92 -22.05
CA GLY C 262 37.93 -25.14 -21.94
C GLY C 262 37.04 -24.33 -22.86
N ARG C 263 35.74 -24.34 -22.57
CA ARG C 263 34.77 -23.64 -23.41
C ARG C 263 34.28 -22.36 -22.75
N ILE C 264 34.43 -21.25 -23.46
CA ILE C 264 33.95 -19.96 -22.99
C ILE C 264 32.52 -19.74 -23.46
N GLY C 265 31.79 -18.88 -22.74
CA GLY C 265 30.43 -18.57 -23.11
C GLY C 265 29.57 -18.28 -21.90
N LEU C 266 28.45 -17.60 -22.15
CA LEU C 266 27.40 -17.33 -21.17
C LEU C 266 27.76 -16.31 -20.05
N PHE C 267 28.61 -16.71 -19.11
CA PHE C 267 29.03 -15.83 -18.01
C PHE C 267 30.54 -15.75 -18.00
N ARG C 268 31.09 -14.56 -17.76
CA ARG C 268 32.55 -14.39 -17.73
C ARG C 268 33.17 -14.80 -16.39
N ASN C 269 33.36 -16.10 -16.18
CA ASN C 269 33.89 -16.60 -14.93
C ASN C 269 34.63 -17.93 -15.09
N GLN C 270 35.10 -18.18 -16.31
CA GLN C 270 35.75 -19.44 -16.62
C GLN C 270 37.25 -19.24 -16.80
N PRO C 271 38.05 -20.30 -16.60
CA PRO C 271 39.50 -20.22 -16.82
C PRO C 271 39.83 -19.68 -18.21
N GLY C 272 39.01 -20.01 -19.20
CA GLY C 272 39.23 -19.54 -20.55
C GLY C 272 39.17 -18.04 -20.67
N ASP C 273 38.29 -17.41 -19.87
CA ASP C 273 38.19 -15.95 -19.80
C ASP C 273 39.48 -15.36 -19.24
N LEU C 274 39.99 -15.97 -18.18
CA LEU C 274 41.21 -15.50 -17.54
C LEU C 274 42.40 -15.67 -18.47
N LEU C 275 42.41 -16.76 -19.24
CA LEU C 275 43.46 -16.98 -20.23
C LEU C 275 43.45 -15.86 -21.28
N LEU C 276 42.27 -15.58 -21.81
CA LEU C 276 42.14 -14.56 -22.84
C LEU C 276 42.56 -13.18 -22.34
N GLU C 277 42.23 -12.88 -21.07
CA GLU C 277 42.61 -11.61 -20.45
C GLU C 277 44.12 -11.48 -20.35
N GLN C 278 44.77 -12.57 -19.95
CA GLN C 278 46.22 -12.55 -19.78
C GLN C 278 46.96 -12.53 -21.11
N ALA C 279 46.29 -12.93 -22.20
CA ALA C 279 46.95 -12.96 -23.52
C ALA C 279 47.29 -11.57 -24.04
N ASP C 280 48.41 -11.47 -24.76
CA ASP C 280 48.75 -10.20 -25.40
C ASP C 280 48.47 -10.28 -26.89
N VAL C 281 48.30 -11.50 -27.39
CA VAL C 281 47.87 -11.72 -28.77
C VAL C 281 46.80 -12.82 -28.79
N VAL C 282 45.67 -12.53 -29.43
CA VAL C 282 44.63 -13.54 -29.62
C VAL C 282 44.37 -13.76 -31.11
N LEU C 283 44.52 -14.99 -31.56
CA LEU C 283 44.15 -15.39 -32.92
C LEU C 283 42.74 -16.02 -32.84
N THR C 284 41.72 -15.36 -33.39
CA THR C 284 40.39 -15.97 -33.43
C THR C 284 40.17 -16.68 -34.75
N ILE C 285 39.54 -17.86 -34.70
CA ILE C 285 39.34 -18.68 -35.89
C ILE C 285 37.85 -18.99 -36.15
N GLY C 286 37.32 -18.49 -37.27
CA GLY C 286 35.91 -18.68 -37.60
C GLY C 286 34.98 -18.18 -36.49
N TYR C 287 35.35 -17.05 -35.89
CA TYR C 287 34.65 -16.55 -34.70
C TYR C 287 33.43 -15.72 -35.02
N ASP C 288 32.25 -16.28 -34.76
CA ASP C 288 31.02 -15.51 -34.83
C ASP C 288 30.73 -15.06 -33.40
N PRO C 289 30.74 -13.74 -33.16
CA PRO C 289 30.64 -13.24 -31.77
C PRO C 289 29.33 -13.58 -31.05
N ILE C 290 28.33 -14.05 -31.79
CA ILE C 290 27.06 -14.47 -31.20
C ILE C 290 27.24 -15.55 -30.11
N GLU C 291 28.28 -16.36 -30.23
CA GLU C 291 28.52 -17.43 -29.27
C GLU C 291 28.97 -16.90 -27.92
N TYR C 292 29.58 -15.72 -27.92
CA TYR C 292 30.09 -15.07 -26.71
C TYR C 292 30.60 -13.70 -27.13
N ASP C 293 29.90 -12.64 -26.73
CA ASP C 293 30.27 -11.27 -27.15
C ASP C 293 31.65 -10.87 -26.67
N PRO C 294 32.43 -10.23 -27.55
CA PRO C 294 33.79 -9.78 -27.23
C PRO C 294 33.82 -8.78 -26.05
N LYS C 295 32.72 -8.10 -25.73
CA LYS C 295 32.72 -7.20 -24.57
C LYS C 295 32.91 -7.97 -23.25
N PHE C 296 32.67 -9.28 -23.26
CA PHE C 296 32.86 -10.08 -22.05
C PHE C 296 34.31 -10.54 -21.85
N TRP C 297 35.04 -10.83 -22.92
CA TRP C 297 36.39 -11.39 -22.76
C TRP C 297 37.50 -10.44 -23.15
N ASN C 298 37.25 -9.60 -24.15
CA ASN C 298 38.28 -8.69 -24.63
C ASN C 298 38.28 -7.39 -23.84
N ILE C 299 38.61 -7.51 -22.56
CA ILE C 299 38.60 -6.38 -21.66
C ILE C 299 39.93 -6.21 -20.94
N ASN C 300 39.88 -5.48 -19.83
CA ASN C 300 41.03 -5.13 -18.99
C ASN C 300 42.42 -5.09 -19.63
N GLY C 301 42.54 -4.40 -20.76
CA GLY C 301 43.85 -4.18 -21.33
C GLY C 301 43.99 -4.25 -22.82
N ASP C 302 44.91 -3.44 -23.33
CA ASP C 302 45.33 -3.49 -24.71
C ASP C 302 45.78 -4.91 -25.10
N ARG C 303 45.30 -5.40 -26.23
CA ARG C 303 45.65 -6.74 -26.65
C ARG C 303 45.55 -6.88 -28.17
N THR C 304 46.46 -7.63 -28.80
CA THR C 304 46.43 -7.73 -30.26
C THR C 304 45.37 -8.76 -30.71
N ILE C 305 44.48 -8.35 -31.61
CA ILE C 305 43.45 -9.24 -32.12
C ILE C 305 43.71 -9.61 -33.59
N ILE C 306 43.89 -10.89 -33.89
CA ILE C 306 44.02 -11.35 -35.28
C ILE C 306 42.77 -12.16 -35.67
N HIS C 307 42.00 -11.64 -36.62
CA HIS C 307 40.71 -12.21 -37.03
C HIS C 307 40.84 -13.09 -38.29
N LEU C 308 40.77 -14.41 -38.12
CA LEU C 308 40.88 -15.35 -39.24
C LEU C 308 39.50 -15.93 -39.52
N ASP C 309 38.96 -15.68 -40.71
CA ASP C 309 37.58 -16.07 -41.01
C ASP C 309 37.31 -16.04 -42.51
N GLU C 310 36.15 -16.56 -42.90
CA GLU C 310 35.72 -16.64 -44.30
C GLU C 310 35.01 -15.36 -44.74
N ILE C 311 34.61 -14.55 -43.75
CA ILE C 311 33.99 -13.25 -44.00
C ILE C 311 34.67 -12.17 -43.14
N ILE C 312 34.48 -10.89 -43.48
CA ILE C 312 35.09 -9.80 -42.70
C ILE C 312 34.50 -9.73 -41.28
N ALA C 313 35.24 -9.10 -40.38
CA ALA C 313 34.76 -9.00 -39.00
C ALA C 313 33.68 -7.92 -38.82
N ASP C 314 32.85 -8.09 -37.79
CA ASP C 314 32.01 -6.99 -37.32
C ASP C 314 32.84 -6.13 -36.38
N ILE C 315 32.90 -4.84 -36.63
CA ILE C 315 33.64 -3.98 -35.71
C ILE C 315 32.79 -3.65 -34.49
N ASP C 316 33.36 -3.85 -33.30
CA ASP C 316 32.70 -3.66 -32.01
C ASP C 316 33.64 -2.82 -31.11
N HIS C 317 33.10 -2.13 -30.11
CA HIS C 317 33.94 -1.42 -29.13
C HIS C 317 35.01 -2.36 -28.57
N ALA C 318 34.62 -3.60 -28.32
CA ALA C 318 35.53 -4.59 -27.74
C ALA C 318 36.13 -5.52 -28.77
N TYR C 319 36.07 -5.15 -30.05
CA TYR C 319 36.65 -6.01 -31.09
C TYR C 319 37.04 -5.20 -32.31
N GLN C 320 38.29 -4.73 -32.32
CA GLN C 320 38.81 -3.93 -33.42
C GLN C 320 40.07 -4.62 -33.88
N PRO C 321 39.91 -5.55 -34.82
CA PRO C 321 41.05 -6.38 -35.24
C PRO C 321 42.21 -5.57 -35.80
N ASP C 322 43.40 -5.91 -35.32
CA ASP C 322 44.65 -5.35 -35.78
C ASP C 322 45.02 -5.96 -37.12
N LEU C 323 44.45 -7.13 -37.40
CA LEU C 323 44.77 -7.86 -38.61
C LEU C 323 43.58 -8.76 -39.00
N GLU C 324 43.19 -8.76 -40.27
CA GLU C 324 42.11 -9.64 -40.72
C GLU C 324 42.62 -10.60 -41.80
N LEU C 325 42.49 -11.90 -41.55
CA LEU C 325 42.93 -12.87 -42.56
C LEU C 325 41.66 -13.49 -43.14
N ILE C 326 41.19 -12.92 -44.24
CA ILE C 326 39.88 -13.30 -44.80
C ILE C 326 40.03 -14.18 -46.03
N GLY C 327 39.43 -15.35 -45.96
CA GLY C 327 39.53 -16.32 -47.05
C GLY C 327 39.14 -17.67 -46.50
N ASP C 328 39.36 -18.72 -47.30
CA ASP C 328 39.09 -20.10 -46.89
C ASP C 328 39.84 -20.43 -45.61
N ILE C 329 39.08 -20.89 -44.62
CA ILE C 329 39.63 -21.05 -43.27
C ILE C 329 40.73 -22.11 -43.14
N PRO C 330 40.48 -23.37 -43.60
CA PRO C 330 41.54 -24.36 -43.42
C PRO C 330 42.83 -24.04 -44.18
N SER C 331 42.72 -23.61 -45.45
CA SER C 331 43.93 -23.27 -46.20
C SER C 331 44.67 -22.08 -45.52
N THR C 332 43.93 -21.12 -44.97
CA THR C 332 44.60 -19.99 -44.31
C THR C 332 45.39 -20.45 -43.10
N ILE C 333 44.76 -21.29 -42.28
CA ILE C 333 45.43 -21.87 -41.11
C ILE C 333 46.66 -22.67 -41.52
N ASN C 334 46.53 -23.46 -42.58
CA ASN C 334 47.66 -24.27 -43.08
C ASN C 334 48.87 -23.41 -43.44
N HIS C 335 48.64 -22.27 -44.09
CA HIS C 335 49.71 -21.34 -44.43
C HIS C 335 50.40 -20.81 -43.18
N ILE C 336 49.62 -20.50 -42.15
CA ILE C 336 50.20 -20.10 -40.87
C ILE C 336 51.02 -21.23 -40.27
N GLU C 337 50.43 -22.43 -40.18
CA GLU C 337 51.10 -23.58 -39.56
C GLU C 337 52.45 -23.89 -40.25
N HIS C 338 52.45 -23.82 -41.58
CA HIS C 338 53.61 -24.13 -42.39
C HIS C 338 54.86 -23.32 -42.00
N ASP C 339 54.68 -22.01 -41.78
CA ASP C 339 55.82 -21.13 -41.52
C ASP C 339 55.99 -20.71 -40.06
N ALA C 340 54.99 -20.95 -39.23
CA ALA C 340 55.15 -20.59 -37.82
C ALA C 340 56.02 -21.64 -37.15
N VAL C 341 56.62 -21.27 -36.01
CA VAL C 341 57.39 -22.23 -35.23
C VAL C 341 56.89 -22.27 -33.80
N LYS C 342 57.32 -23.28 -33.07
CA LYS C 342 56.97 -23.42 -31.66
C LYS C 342 57.21 -22.15 -30.85
N VAL C 343 56.24 -21.80 -30.01
CA VAL C 343 56.34 -20.63 -29.15
C VAL C 343 56.98 -21.03 -27.81
N GLU C 344 57.92 -20.21 -27.35
CA GLU C 344 58.62 -20.46 -26.11
C GLU C 344 58.06 -19.59 -24.99
N PHE C 345 57.55 -20.21 -23.94
CA PHE C 345 57.01 -19.42 -22.82
C PHE C 345 58.02 -19.11 -21.73
N ALA C 346 58.06 -17.84 -21.32
CA ALA C 346 58.88 -17.45 -20.19
C ALA C 346 58.24 -17.97 -18.91
N GLU C 347 59.02 -17.99 -17.84
CA GLU C 347 58.65 -18.61 -16.59
C GLU C 347 57.39 -17.98 -15.99
N ARG C 348 57.26 -16.67 -16.18
CA ARG C 348 56.10 -15.93 -15.71
C ARG C 348 54.80 -16.42 -16.34
N GLU C 349 54.84 -16.62 -17.65
CA GLU C 349 53.67 -17.06 -18.39
C GLU C 349 53.39 -18.54 -18.17
N GLN C 350 54.44 -19.34 -17.96
CA GLN C 350 54.24 -20.75 -17.65
C GLN C 350 53.45 -20.91 -16.35
N LYS C 351 53.76 -20.08 -15.36
CA LYS C 351 53.09 -20.19 -14.06
C LYS C 351 51.62 -19.76 -14.19
N ILE C 352 51.38 -18.75 -15.02
CA ILE C 352 50.01 -18.34 -15.28
C ILE C 352 49.22 -19.49 -15.91
N LEU C 353 49.79 -20.10 -16.95
CA LEU C 353 49.14 -21.22 -17.63
C LEU C 353 48.92 -22.33 -16.66
N SER C 354 49.93 -22.57 -15.85
CA SER C 354 49.89 -23.66 -14.88
C SER C 354 48.80 -23.44 -13.84
N ASP C 355 48.73 -22.23 -13.29
CA ASP C 355 47.72 -21.94 -12.27
C ASP C 355 46.29 -22.05 -12.84
N LEU C 356 46.07 -21.54 -14.06
CA LEU C 356 44.76 -21.64 -14.70
C LEU C 356 44.33 -23.10 -14.96
N LYS C 357 45.30 -23.94 -15.30
CA LYS C 357 45.04 -25.37 -15.48
C LYS C 357 44.58 -26.00 -14.14
N GLN C 358 45.19 -25.59 -13.04
CA GLN C 358 44.78 -26.08 -11.73
C GLN C 358 43.38 -25.57 -11.36
N TYR C 359 43.12 -24.29 -11.62
CA TYR C 359 41.78 -23.75 -11.39
C TYR C 359 40.76 -24.50 -12.21
N MET C 360 41.12 -24.81 -13.45
CA MET C 360 40.24 -25.54 -14.38
C MET C 360 39.87 -26.92 -13.85
N HIS C 361 40.87 -27.65 -13.37
CA HIS C 361 40.64 -28.99 -12.85
C HIS C 361 39.67 -28.96 -11.67
N GLU C 362 39.83 -27.98 -10.78
CA GLU C 362 38.95 -27.85 -9.62
C GLU C 362 37.50 -27.58 -10.02
N GLY C 363 37.32 -26.76 -11.06
CA GLY C 363 35.99 -26.41 -11.50
C GLY C 363 35.19 -27.59 -12.05
N GLU C 364 35.88 -28.65 -12.45
CA GLU C 364 35.24 -29.82 -13.06
C GLU C 364 34.91 -30.90 -12.02
N GLN C 365 35.09 -30.57 -10.74
CA GLN C 365 34.90 -31.55 -9.68
C GLN C 365 33.62 -31.32 -8.93
N VAL C 366 32.97 -32.40 -8.50
CA VAL C 366 31.90 -32.28 -7.52
C VAL C 366 32.51 -31.79 -6.20
N PRO C 367 31.90 -30.75 -5.60
CA PRO C 367 32.34 -30.20 -4.31
C PRO C 367 32.44 -31.30 -3.25
N ALA C 368 33.35 -31.16 -2.28
CA ALA C 368 33.56 -32.22 -1.28
C ALA C 368 32.38 -32.38 -0.32
N ASP C 369 31.74 -31.27 0.06
CA ASP C 369 30.61 -31.31 0.99
C ASP C 369 29.29 -31.60 0.27
N TRP C 370 29.38 -32.20 -0.92
CA TRP C 370 28.17 -32.54 -1.68
C TRP C 370 27.52 -33.82 -1.17
N LYS C 371 26.23 -33.73 -0.86
CA LYS C 371 25.43 -34.91 -0.57
C LYS C 371 24.02 -34.66 -1.10
N SER C 372 23.46 -35.66 -1.76
CA SER C 372 22.14 -35.56 -2.35
C SER C 372 21.52 -36.91 -2.63
N ASP C 373 20.19 -36.95 -2.69
CA ASP C 373 19.48 -38.17 -3.06
C ASP C 373 19.29 -38.25 -4.58
N ARG C 374 19.83 -37.25 -5.27
CA ARG C 374 19.78 -37.13 -6.73
C ARG C 374 21.19 -36.91 -7.26
N ALA C 375 21.37 -37.08 -8.57
CA ALA C 375 22.68 -36.90 -9.18
C ALA C 375 23.10 -35.43 -9.17
N HIS C 376 24.39 -35.21 -8.97
CA HIS C 376 24.97 -33.91 -9.29
C HIS C 376 25.13 -33.84 -10.81
N PRO C 377 24.93 -32.64 -11.39
CA PRO C 377 25.11 -32.47 -12.83
C PRO C 377 26.43 -33.02 -13.35
N LEU C 378 27.52 -32.86 -12.60
CA LEU C 378 28.82 -33.33 -13.05
C LEU C 378 28.90 -34.86 -13.06
N GLU C 379 28.09 -35.52 -12.23
CA GLU C 379 28.01 -36.98 -12.27
C GLU C 379 27.34 -37.44 -13.54
N ILE C 380 26.30 -36.71 -13.95
CA ILE C 380 25.61 -37.01 -15.20
C ILE C 380 26.52 -36.81 -16.42
N VAL C 381 27.24 -35.68 -16.45
CA VAL C 381 28.18 -35.40 -17.54
C VAL C 381 29.24 -36.49 -17.63
N LYS C 382 29.90 -36.75 -16.50
CA LYS C 382 30.95 -37.77 -16.43
C LYS C 382 30.47 -39.16 -16.83
N GLU C 383 29.35 -39.60 -16.26
CA GLU C 383 28.90 -40.94 -16.55
C GLU C 383 28.45 -41.06 -18.01
N LEU C 384 27.80 -40.03 -18.51
CA LEU C 384 27.36 -40.02 -19.91
C LEU C 384 28.57 -40.16 -20.83
N ARG C 385 29.60 -39.34 -20.58
CA ARG C 385 30.80 -39.34 -21.41
C ARG C 385 31.51 -40.70 -21.39
N ASN C 386 31.45 -41.36 -20.24
CA ASN C 386 32.12 -42.65 -20.03
C ASN C 386 31.33 -43.83 -20.62
N ALA C 387 30.09 -43.55 -20.97
CA ALA C 387 29.21 -44.56 -21.55
C ALA C 387 29.06 -44.36 -23.05
N VAL C 388 29.73 -43.35 -23.61
CA VAL C 388 29.54 -43.02 -25.02
C VAL C 388 30.90 -42.99 -25.75
N ASP C 389 31.04 -43.81 -26.78
CA ASP C 389 32.26 -43.88 -27.57
C ASP C 389 32.52 -42.56 -28.32
N ASP C 390 33.79 -42.21 -28.52
CA ASP C 390 34.16 -40.94 -29.17
C ASP C 390 33.32 -40.59 -30.40
N HIS C 391 32.99 -41.59 -31.22
CA HIS C 391 32.39 -41.33 -32.52
C HIS C 391 30.90 -40.99 -32.47
N VAL C 392 30.27 -41.27 -31.34
CA VAL C 392 28.82 -41.05 -31.24
C VAL C 392 28.41 -39.59 -31.17
N THR C 393 27.55 -39.16 -32.08
CA THR C 393 27.04 -37.81 -32.04
C THR C 393 26.08 -37.59 -30.86
N VAL C 394 26.38 -36.55 -30.09
CA VAL C 394 25.56 -36.14 -28.93
C VAL C 394 24.94 -34.78 -29.27
N THR C 395 23.62 -34.67 -29.20
CA THR C 395 22.97 -33.38 -29.42
C THR C 395 22.55 -32.83 -28.07
N CYS C 396 22.49 -31.51 -27.96
CA CYS C 396 22.16 -30.85 -26.70
C CYS C 396 21.03 -29.83 -26.87
N ASP C 397 20.18 -29.71 -25.87
CA ASP C 397 19.11 -28.70 -25.90
C ASP C 397 19.57 -27.45 -25.17
N ILE C 398 18.63 -26.68 -24.64
CA ILE C 398 18.98 -25.40 -24.04
C ILE C 398 18.49 -25.37 -22.58
N GLY C 399 19.33 -24.86 -21.69
CA GLY C 399 18.96 -24.81 -20.30
C GLY C 399 20.14 -25.04 -19.39
N SER C 400 19.86 -25.21 -18.10
CA SER C 400 20.91 -25.36 -17.11
C SER C 400 21.71 -26.61 -17.40
N HIS C 401 21.04 -27.70 -17.79
CA HIS C 401 21.71 -28.92 -18.22
C HIS C 401 22.73 -28.66 -19.32
N ALA C 402 22.36 -27.77 -20.24
CA ALA C 402 23.15 -27.46 -21.40
C ALA C 402 24.38 -26.63 -21.03
N ILE C 403 24.27 -25.88 -19.94
CA ILE C 403 25.44 -25.17 -19.44
C ILE C 403 26.48 -26.16 -18.93
N TRP C 404 26.06 -27.13 -18.12
CA TRP C 404 26.96 -28.17 -17.62
C TRP C 404 27.59 -28.97 -18.78
N MET C 405 26.77 -29.35 -19.75
CA MET C 405 27.24 -30.06 -20.92
C MET C 405 28.20 -29.20 -21.74
N SER C 406 27.81 -27.95 -21.98
CA SER C 406 28.60 -27.08 -22.85
C SER C 406 29.96 -26.80 -22.24
N ARG C 407 30.03 -26.75 -20.91
CA ARG C 407 31.30 -26.48 -20.28
C ARG C 407 32.09 -27.76 -20.04
N TYR C 408 31.41 -28.83 -19.62
CA TYR C 408 32.15 -29.94 -19.03
C TYR C 408 32.13 -31.26 -19.79
N PHE C 409 31.26 -31.38 -20.80
CA PHE C 409 31.23 -32.59 -21.62
C PHE C 409 32.28 -32.50 -22.72
N ARG C 410 33.36 -33.24 -22.54
CA ARG C 410 34.45 -33.30 -23.50
C ARG C 410 33.96 -33.92 -24.80
N SER C 411 34.48 -33.43 -25.91
CA SER C 411 34.20 -34.00 -27.23
C SER C 411 35.54 -34.12 -27.93
N TYR C 412 35.74 -35.18 -28.71
CA TYR C 412 37.07 -35.43 -29.26
C TYR C 412 37.09 -35.57 -30.77
N GLU C 413 35.93 -35.38 -31.40
CA GLU C 413 35.76 -35.47 -32.84
C GLU C 413 34.84 -34.34 -33.29
N PRO C 414 35.10 -33.78 -34.49
CA PRO C 414 34.24 -32.76 -35.08
C PRO C 414 32.81 -33.26 -35.16
N LEU C 415 31.83 -32.39 -34.92
CA LEU C 415 30.43 -32.75 -35.12
C LEU C 415 29.92 -33.91 -34.23
N THR C 416 30.43 -34.02 -33.00
CA THR C 416 29.91 -35.03 -32.08
C THR C 416 29.27 -34.45 -30.82
N LEU C 417 29.30 -33.12 -30.69
CA LEU C 417 28.54 -32.44 -29.66
C LEU C 417 27.91 -31.20 -30.29
N MET C 418 26.60 -31.28 -30.54
CA MET C 418 25.86 -30.20 -31.21
C MET C 418 25.01 -29.36 -30.23
N ILE C 419 25.30 -28.06 -30.18
CA ILE C 419 24.66 -27.12 -29.27
C ILE C 419 24.11 -25.95 -30.08
N SER C 420 22.95 -25.44 -29.70
CA SER C 420 22.38 -24.25 -30.31
C SER C 420 22.95 -23.05 -29.61
N ASN C 421 23.98 -22.46 -30.19
CA ASN C 421 24.63 -21.34 -29.53
C ASN C 421 24.50 -20.00 -30.27
N GLY C 422 23.48 -19.88 -31.09
CA GLY C 422 23.16 -18.61 -31.73
C GLY C 422 21.82 -18.08 -31.24
N MET C 423 20.77 -18.88 -31.43
CA MET C 423 19.41 -18.50 -31.04
C MET C 423 19.07 -19.12 -29.69
N GLN C 424 19.87 -20.10 -29.27
CA GLN C 424 19.64 -20.81 -28.02
C GLN C 424 18.19 -21.40 -27.96
N THR C 425 17.82 -22.15 -29.00
CA THR C 425 16.44 -22.52 -29.23
C THR C 425 16.02 -23.78 -28.49
N LEU C 426 15.00 -23.67 -27.64
CA LEU C 426 14.48 -24.84 -26.94
C LEU C 426 13.87 -25.85 -27.93
N GLY C 427 14.13 -27.12 -27.70
CA GLY C 427 13.52 -28.18 -28.49
C GLY C 427 14.38 -28.78 -29.59
N VAL C 428 15.59 -28.26 -29.81
CA VAL C 428 16.40 -28.75 -30.93
C VAL C 428 16.96 -30.17 -30.79
N ALA C 429 17.26 -30.57 -29.56
CA ALA C 429 18.08 -31.77 -29.35
C ALA C 429 17.52 -33.05 -29.99
N LEU C 430 16.27 -33.39 -29.67
CA LEU C 430 15.70 -34.62 -30.20
C LEU C 430 15.58 -34.60 -31.74
N PRO C 431 15.00 -33.54 -32.33
CA PRO C 431 14.96 -33.51 -33.80
C PRO C 431 16.35 -33.51 -34.45
N TRP C 432 17.32 -32.81 -33.85
CA TRP C 432 18.71 -32.88 -34.30
C TRP C 432 19.23 -34.33 -34.26
N ALA C 433 18.90 -35.08 -33.20
CA ALA C 433 19.35 -36.48 -33.12
C ALA C 433 18.74 -37.31 -34.25
N ILE C 434 17.50 -37.00 -34.61
CA ILE C 434 16.85 -37.70 -35.70
C ILE C 434 17.56 -37.40 -37.01
N GLY C 435 17.84 -36.12 -37.27
CA GLY C 435 18.61 -35.75 -38.45
C GLY C 435 19.96 -36.47 -38.49
N ALA C 436 20.66 -36.47 -37.35
CA ALA C 436 21.95 -37.15 -37.24
C ALA C 436 21.88 -38.63 -37.57
N SER C 437 20.83 -39.29 -37.08
CA SER C 437 20.70 -40.72 -37.26
C SER C 437 20.55 -41.05 -38.73
N LEU C 438 19.91 -40.15 -39.47
CA LEU C 438 19.72 -40.32 -40.90
C LEU C 438 21.02 -40.03 -41.69
N VAL C 439 21.84 -39.16 -41.14
CA VAL C 439 23.13 -38.85 -41.75
C VAL C 439 24.11 -39.98 -41.42
N LYS C 440 23.95 -40.57 -40.25
CA LYS C 440 24.86 -41.64 -39.84
C LYS C 440 24.10 -42.94 -39.52
N PRO C 441 23.58 -43.61 -40.56
CA PRO C 441 22.79 -44.83 -40.33
C PRO C 441 23.59 -45.92 -39.63
N GLY C 442 22.96 -46.64 -38.73
CA GLY C 442 23.66 -47.69 -37.97
C GLY C 442 24.35 -47.22 -36.72
N GLU C 443 24.38 -45.91 -36.47
CA GLU C 443 25.02 -45.43 -35.25
C GLU C 443 24.00 -44.94 -34.24
N LYS C 444 24.25 -45.25 -32.97
CA LYS C 444 23.49 -44.63 -31.90
C LYS C 444 23.70 -43.11 -31.99
N VAL C 445 22.68 -42.35 -31.62
CA VAL C 445 22.80 -40.90 -31.48
C VAL C 445 22.23 -40.53 -30.14
N VAL C 446 22.95 -39.70 -29.41
CA VAL C 446 22.51 -39.33 -28.08
C VAL C 446 21.95 -37.92 -28.10
N SER C 447 20.79 -37.73 -27.46
CA SER C 447 20.23 -36.37 -27.32
C SER C 447 20.03 -36.05 -25.84
N VAL C 448 20.28 -34.79 -25.47
CA VAL C 448 20.20 -34.41 -24.07
C VAL C 448 19.36 -33.15 -23.92
N SER C 449 18.34 -33.18 -23.06
CA SER C 449 17.57 -31.96 -22.80
C SER C 449 17.18 -31.85 -21.34
N GLY C 450 16.55 -30.73 -20.99
CA GLY C 450 15.86 -30.61 -19.71
C GLY C 450 14.42 -31.06 -19.90
N ASP C 451 13.63 -31.07 -18.82
CA ASP C 451 12.22 -31.46 -18.94
C ASP C 451 11.39 -30.35 -19.60
N GLY C 452 11.86 -29.11 -19.51
CA GLY C 452 11.18 -28.00 -20.14
C GLY C 452 11.26 -28.07 -21.65
N GLY C 453 12.47 -28.06 -22.18
CA GLY C 453 12.68 -28.12 -23.63
C GLY C 453 12.23 -29.42 -24.26
N PHE C 454 12.27 -30.52 -23.51
CA PHE C 454 11.84 -31.82 -24.03
C PHE C 454 10.45 -31.76 -24.68
N LEU C 455 9.48 -31.12 -24.01
CA LEU C 455 8.13 -31.02 -24.57
C LEU C 455 7.96 -30.02 -25.73
N PHE C 456 8.95 -29.17 -25.97
CA PHE C 456 8.92 -28.32 -27.15
C PHE C 456 8.88 -29.13 -28.45
N SER C 457 9.47 -30.33 -28.44
CA SER C 457 9.63 -31.10 -29.67
C SER C 457 9.42 -32.62 -29.47
N ALA C 458 8.99 -33.03 -28.29
CA ALA C 458 8.89 -34.45 -27.98
C ALA C 458 7.90 -35.22 -28.89
N MET C 459 6.97 -34.52 -29.52
CA MET C 459 6.08 -35.18 -30.47
C MET C 459 6.85 -35.85 -31.60
N GLU C 460 8.06 -35.38 -31.86
CA GLU C 460 8.83 -35.96 -32.95
C GLU C 460 9.37 -37.36 -32.61
N LEU C 461 9.10 -37.80 -31.37
CA LEU C 461 9.42 -39.16 -30.96
C LEU C 461 8.69 -40.20 -31.83
N GLU C 462 7.55 -39.82 -32.39
CA GLU C 462 6.82 -40.75 -33.25
C GLU C 462 7.63 -41.01 -34.50
N THR C 463 8.19 -39.94 -35.06
CA THR C 463 9.03 -40.04 -36.23
C THR C 463 10.22 -40.95 -35.95
N ALA C 464 10.82 -40.77 -34.78
CA ALA C 464 11.95 -41.58 -34.40
C ALA C 464 11.58 -43.06 -34.32
N VAL C 465 10.42 -43.34 -33.73
CA VAL C 465 9.97 -44.72 -33.59
C VAL C 465 9.63 -45.30 -34.97
N ARG C 466 8.95 -44.51 -35.79
CA ARG C 466 8.61 -44.88 -37.15
C ARG C 466 9.81 -45.21 -38.03
N LEU C 467 10.94 -44.57 -37.77
CA LEU C 467 12.18 -44.79 -38.52
C LEU C 467 13.02 -45.87 -37.87
N LYS C 468 12.61 -46.30 -36.68
CA LYS C 468 13.38 -47.22 -35.84
C LYS C 468 14.75 -46.61 -35.54
N ALA C 469 14.79 -45.29 -35.37
CA ALA C 469 16.03 -44.59 -35.11
C ALA C 469 16.61 -44.94 -33.74
N PRO C 470 17.89 -45.31 -33.71
CA PRO C 470 18.60 -45.67 -32.47
C PRO C 470 19.04 -44.44 -31.66
N ILE C 471 18.05 -43.64 -31.27
CA ILE C 471 18.32 -42.44 -30.50
C ILE C 471 18.18 -42.71 -29.02
N VAL C 472 19.10 -42.16 -28.23
CA VAL C 472 18.99 -42.26 -26.79
C VAL C 472 18.89 -40.83 -26.20
N HIS C 473 17.71 -40.50 -25.68
CA HIS C 473 17.46 -39.16 -25.16
C HIS C 473 17.55 -39.11 -23.64
N ILE C 474 18.42 -38.24 -23.13
CA ILE C 474 18.62 -38.13 -21.69
C ILE C 474 17.83 -36.91 -21.20
N VAL C 475 16.86 -37.12 -20.32
CA VAL C 475 16.11 -35.99 -19.73
C VAL C 475 16.59 -35.66 -18.31
N TRP C 476 17.15 -34.46 -18.14
CA TRP C 476 17.49 -33.96 -16.80
C TRP C 476 16.22 -33.44 -16.14
N ASN C 477 15.80 -34.10 -15.07
CA ASN C 477 14.51 -33.79 -14.47
C ASN C 477 14.62 -32.98 -13.17
N ASP C 478 14.09 -31.76 -13.18
CA ASP C 478 14.04 -30.91 -11.99
C ASP C 478 12.68 -30.24 -11.78
N SER C 479 11.84 -30.24 -12.83
CA SER C 479 10.47 -29.67 -12.85
C SER C 479 10.32 -28.13 -12.99
N THR C 480 11.37 -27.44 -13.45
CA THR C 480 11.28 -25.99 -13.69
C THR C 480 12.05 -25.54 -14.93
N TYR C 481 11.79 -24.31 -15.39
CA TYR C 481 12.67 -23.64 -16.35
C TYR C 481 13.88 -23.10 -15.59
N ASP C 482 14.82 -23.98 -15.22
CA ASP C 482 15.87 -23.61 -14.25
C ASP C 482 16.84 -22.50 -14.66
N MET C 483 17.29 -22.51 -15.92
CA MET C 483 18.26 -21.50 -16.38
C MET C 483 17.71 -20.07 -16.23
N VAL C 484 16.41 -19.91 -16.48
CA VAL C 484 15.73 -18.64 -16.24
C VAL C 484 15.67 -18.40 -14.74
N ALA C 485 15.32 -19.46 -14.01
CA ALA C 485 15.09 -19.37 -12.56
C ALA C 485 16.28 -18.88 -11.74
N PHE C 486 17.47 -19.45 -11.94
CA PHE C 486 18.60 -19.02 -11.11
C PHE C 486 19.10 -17.62 -11.47
N GLN C 487 18.94 -17.26 -12.74
CA GLN C 487 19.26 -15.91 -13.19
C GLN C 487 18.26 -14.89 -12.62
N GLN C 488 17.00 -15.28 -12.49
CA GLN C 488 16.01 -14.41 -11.86
C GLN C 488 16.37 -14.16 -10.39
N LEU C 489 16.80 -15.22 -9.69
CA LEU C 489 17.22 -15.14 -8.28
C LEU C 489 18.46 -14.26 -8.10
N LYS C 490 19.40 -14.34 -9.03
CA LYS C 490 20.58 -13.48 -8.97
C LYS C 490 20.21 -12.00 -9.12
N LYS C 491 19.22 -11.73 -9.96
CA LYS C 491 18.83 -10.36 -10.25
C LYS C 491 17.75 -9.79 -9.32
N TYR C 492 16.75 -10.61 -9.01
CA TYR C 492 15.53 -10.15 -8.35
C TYR C 492 15.30 -10.82 -6.99
N ASN C 493 16.14 -11.81 -6.69
CA ASN C 493 16.01 -12.61 -5.48
CA ASN C 493 16.01 -12.61 -5.48
C ASN C 493 14.65 -13.34 -5.42
N ARG C 494 14.02 -13.49 -6.59
CA ARG C 494 12.74 -14.20 -6.75
C ARG C 494 12.57 -14.72 -8.19
N THR C 495 11.81 -15.81 -8.35
CA THR C 495 11.54 -16.38 -9.67
C THR C 495 10.15 -15.99 -10.17
N SER C 496 9.92 -16.19 -11.46
CA SER C 496 8.61 -15.89 -12.07
C SER C 496 8.35 -16.76 -13.29
N ALA C 497 7.24 -17.51 -13.24
CA ALA C 497 6.78 -18.30 -14.37
C ALA C 497 7.75 -19.44 -14.78
N VAL C 498 8.34 -20.10 -13.79
CA VAL C 498 9.32 -21.14 -14.10
C VAL C 498 8.82 -22.52 -13.71
N ASP C 499 7.69 -22.58 -13.04
CA ASP C 499 7.18 -23.87 -12.56
C ASP C 499 6.14 -24.50 -13.48
N PHE C 500 6.27 -25.80 -13.63
CA PHE C 500 5.27 -26.62 -14.30
C PHE C 500 5.25 -27.99 -13.63
N GLY C 501 4.23 -28.79 -13.93
CA GLY C 501 4.13 -30.13 -13.38
C GLY C 501 5.09 -31.09 -14.05
N ASN C 502 5.31 -32.24 -13.43
CA ASN C 502 6.11 -33.30 -14.04
C ASN C 502 5.18 -34.25 -14.80
N ILE C 503 5.67 -34.84 -15.89
CA ILE C 503 4.94 -35.90 -16.58
C ILE C 503 5.67 -37.22 -16.29
N ASP C 504 5.03 -38.35 -16.53
CA ASP C 504 5.70 -39.64 -16.38
C ASP C 504 6.47 -39.97 -17.65
N ILE C 505 7.77 -39.68 -17.64
CA ILE C 505 8.61 -39.78 -18.83
C ILE C 505 8.70 -41.21 -19.39
N VAL C 506 8.83 -42.19 -18.50
CA VAL C 506 8.84 -43.60 -18.91
C VAL C 506 7.54 -43.95 -19.64
N LYS C 507 6.41 -43.62 -19.06
CA LYS C 507 5.13 -43.90 -19.69
C LYS C 507 4.89 -43.03 -20.91
N TYR C 508 5.45 -41.82 -20.90
CA TYR C 508 5.39 -40.96 -22.09
C TYR C 508 6.07 -41.71 -23.22
N ALA C 509 7.30 -42.14 -22.99
CA ALA C 509 8.05 -42.85 -24.01
C ALA C 509 7.29 -44.06 -24.49
N GLU C 510 6.70 -44.80 -23.56
CA GLU C 510 6.03 -46.05 -23.90
C GLU C 510 4.81 -45.87 -24.79
N SER C 511 4.08 -44.79 -24.58
CA SER C 511 2.88 -44.53 -25.37
C SER C 511 3.20 -44.35 -26.86
N PHE C 512 4.45 -44.00 -27.16
CA PHE C 512 4.92 -43.79 -28.55
C PHE C 512 5.47 -45.08 -29.15
N GLY C 513 5.55 -46.13 -28.33
CA GLY C 513 6.14 -47.37 -28.76
C GLY C 513 7.64 -47.30 -28.59
N ALA C 514 8.10 -46.34 -27.79
CA ALA C 514 9.52 -46.22 -27.51
C ALA C 514 9.79 -46.91 -26.18
N THR C 515 11.06 -47.03 -25.82
CA THR C 515 11.48 -47.61 -24.54
C THR C 515 11.73 -46.47 -23.53
N GLY C 516 11.18 -46.63 -22.33
CA GLY C 516 11.39 -45.64 -21.28
C GLY C 516 12.18 -46.22 -20.13
N LEU C 517 13.22 -45.51 -19.69
CA LEU C 517 14.04 -45.93 -18.54
C LEU C 517 14.08 -44.83 -17.49
N ARG C 518 14.33 -45.20 -16.24
CA ARG C 518 14.43 -44.20 -15.19
C ARG C 518 15.61 -44.47 -14.28
N VAL C 519 16.36 -43.43 -13.97
CA VAL C 519 17.40 -43.56 -12.95
C VAL C 519 16.73 -43.30 -11.59
N GLU C 520 16.32 -44.37 -10.94
CA GLU C 520 15.55 -44.24 -9.70
C GLU C 520 16.41 -43.83 -8.51
N SER C 521 17.68 -44.21 -8.52
CA SER C 521 18.63 -43.68 -7.54
C SER C 521 19.98 -43.41 -8.21
N PRO C 522 20.70 -42.38 -7.74
CA PRO C 522 21.93 -41.90 -8.39
C PRO C 522 22.98 -42.97 -8.63
N ASP C 523 22.92 -44.04 -7.84
CA ASP C 523 23.90 -45.10 -7.99
C ASP C 523 23.64 -45.96 -9.23
N GLN C 524 22.44 -45.87 -9.82
CA GLN C 524 22.18 -46.67 -11.02
C GLN C 524 22.42 -45.94 -12.34
N LEU C 525 22.92 -44.71 -12.27
CA LEU C 525 23.16 -43.91 -13.48
C LEU C 525 23.97 -44.64 -14.56
N ALA C 526 25.13 -45.17 -14.21
CA ALA C 526 25.97 -45.85 -15.20
C ALA C 526 25.25 -47.00 -15.88
N ASP C 527 24.58 -47.83 -15.09
CA ASP C 527 23.84 -48.99 -15.62
C ASP C 527 22.69 -48.62 -16.54
N VAL C 528 21.92 -47.60 -16.13
CA VAL C 528 20.73 -47.23 -16.89
C VAL C 528 21.14 -46.58 -18.22
N LEU C 529 22.22 -45.80 -18.21
CA LEU C 529 22.72 -45.21 -19.45
C LEU C 529 23.15 -46.31 -20.43
N ARG C 530 23.85 -47.31 -19.90
CA ARG C 530 24.37 -48.38 -20.74
C ARG C 530 23.20 -49.20 -21.27
N GLN C 531 22.22 -49.43 -20.41
CA GLN C 531 21.00 -50.10 -20.82
C GLN C 531 20.31 -49.35 -21.96
N GLY C 532 20.31 -48.02 -21.89
CA GLY C 532 19.80 -47.25 -23.01
C GLY C 532 20.65 -47.42 -24.25
N MET C 533 21.97 -47.34 -24.09
CA MET C 533 22.87 -47.50 -25.25
C MET C 533 22.76 -48.88 -25.89
N ASN C 534 22.28 -49.85 -25.14
CA ASN C 534 22.21 -51.22 -25.66
C ASN C 534 20.80 -51.64 -26.13
N ALA C 535 19.86 -50.70 -26.12
CA ALA C 535 18.48 -51.00 -26.50
C ALA C 535 18.24 -50.84 -27.98
N GLU C 536 17.12 -51.40 -28.44
CA GLU C 536 16.70 -51.33 -29.83
C GLU C 536 15.59 -50.27 -30.00
N GLY C 537 15.68 -49.45 -31.03
CA GLY C 537 14.71 -48.38 -31.20
C GLY C 537 14.97 -47.23 -30.24
N PRO C 538 14.19 -46.15 -30.38
CA PRO C 538 14.35 -44.96 -29.53
C PRO C 538 14.15 -45.24 -28.04
N VAL C 539 15.00 -44.62 -27.23
CA VAL C 539 14.95 -44.71 -25.77
C VAL C 539 14.84 -43.32 -25.20
N ILE C 540 13.99 -43.14 -24.19
CA ILE C 540 14.03 -41.91 -23.38
C ILE C 540 14.44 -42.27 -21.96
N ILE C 541 15.41 -41.53 -21.41
CA ILE C 541 15.86 -41.80 -20.05
C ILE C 541 15.55 -40.67 -19.09
N ASP C 542 14.82 -41.01 -18.03
CA ASP C 542 14.49 -40.04 -17.00
C ASP C 542 15.60 -39.97 -15.94
N VAL C 543 16.29 -38.83 -15.87
CA VAL C 543 17.38 -38.69 -14.90
C VAL C 543 17.12 -37.54 -13.93
N PRO C 544 16.72 -37.87 -12.68
CA PRO C 544 16.54 -36.83 -11.67
C PRO C 544 17.87 -36.15 -11.36
N VAL C 545 17.85 -34.82 -11.23
CA VAL C 545 19.06 -34.06 -11.00
C VAL C 545 18.84 -33.05 -9.86
N ASP C 546 19.90 -32.77 -9.11
CA ASP C 546 19.88 -31.80 -8.03
C ASP C 546 20.53 -30.53 -8.55
N TYR C 547 19.74 -29.46 -8.66
CA TYR C 547 20.22 -28.22 -9.27
C TYR C 547 20.66 -27.15 -8.26
N SER C 548 20.87 -27.54 -7.01
CA SER C 548 21.18 -26.56 -5.97
C SER C 548 22.52 -25.84 -6.17
N ASP C 549 23.37 -26.43 -7.01
CA ASP C 549 24.71 -25.89 -7.28
C ASP C 549 24.66 -24.96 -8.51
N ASN C 550 23.52 -24.90 -9.19
CA ASN C 550 23.42 -24.17 -10.46
C ASN C 550 23.75 -22.69 -10.35
N ILE C 551 23.41 -22.11 -9.20
CA ILE C 551 23.66 -20.69 -9.00
C ILE C 551 25.14 -20.35 -9.15
N ASN C 552 26.02 -21.31 -8.85
CA ASN C 552 27.47 -21.12 -8.94
C ASN C 552 28.00 -21.01 -10.38
N LEU C 553 27.17 -21.41 -11.36
CA LEU C 553 27.51 -21.27 -12.78
C LEU C 553 27.68 -19.80 -13.20
N ALA C 554 27.07 -18.90 -12.45
CA ALA C 554 27.18 -17.47 -12.73
C ALA C 554 28.03 -16.76 -11.67
N SER C 555 28.69 -17.54 -10.82
CA SER C 555 29.46 -16.97 -9.72
C SER C 555 30.75 -16.31 -10.19
N ASP C 556 31.14 -15.23 -9.52
CA ASP C 556 32.35 -14.49 -9.87
C ASP C 556 33.51 -14.87 -8.95
N LYS C 557 33.37 -15.99 -8.24
CA LYS C 557 34.38 -16.41 -7.28
C LYS C 557 35.75 -16.60 -7.92
N LEU C 558 35.80 -17.39 -8.99
CA LEU C 558 37.07 -17.67 -9.68
C LEU C 558 37.84 -16.45 -10.23
N PRO C 559 37.15 -15.53 -10.96
CA PRO C 559 37.90 -14.35 -11.41
C PRO C 559 38.42 -13.51 -10.24
N LYS C 560 37.68 -13.49 -9.13
CA LYS C 560 38.12 -12.78 -7.92
C LYS C 560 39.33 -13.46 -7.26
N GLU C 561 39.24 -14.78 -7.09
CA GLU C 561 40.37 -15.53 -6.53
C GLU C 561 41.60 -15.36 -7.39
N PHE C 562 41.43 -15.44 -8.70
CA PHE C 562 42.57 -15.31 -9.60
C PHE C 562 43.11 -13.88 -9.61
N GLY C 563 42.21 -12.91 -9.42
CA GLY C 563 42.60 -11.52 -9.33
C GLY C 563 43.53 -11.23 -8.16
N GLU C 564 43.27 -11.85 -7.01
CA GLU C 564 44.13 -11.69 -5.83
C GLU C 564 45.49 -12.33 -6.02
N LEU C 565 45.49 -13.47 -6.71
CA LEU C 565 46.72 -14.20 -6.96
C LEU C 565 47.64 -13.33 -7.83
N MET C 566 47.04 -12.57 -8.75
CA MET C 566 47.79 -11.71 -9.67
C MET C 566 48.27 -10.40 -9.05
N LYS D 14 8.67 -0.46 -8.69
CA LYS D 14 10.11 -0.24 -8.74
C LYS D 14 10.46 0.87 -9.75
N ASN D 15 9.44 1.37 -10.45
CA ASN D 15 9.56 2.38 -11.50
C ASN D 15 10.42 2.01 -12.72
N ARG D 16 10.33 0.77 -13.20
CA ARG D 16 11.03 0.41 -14.43
C ARG D 16 10.07 0.42 -15.59
N GLY D 17 10.61 0.31 -16.82
CA GLY D 17 9.77 0.14 -17.99
C GLY D 17 8.86 -1.07 -17.84
N ALA D 18 9.38 -2.09 -17.17
CA ALA D 18 8.60 -3.29 -16.90
C ALA D 18 7.30 -2.99 -16.14
N GLU D 19 7.37 -2.10 -15.16
CA GLU D 19 6.20 -1.73 -14.36
C GLU D 19 5.18 -0.99 -15.21
N LEU D 20 5.66 -0.19 -16.15
CA LEU D 20 4.76 0.47 -17.10
C LEU D 20 3.98 -0.55 -17.93
N VAL D 21 4.65 -1.62 -18.35
CA VAL D 21 3.96 -2.67 -19.10
C VAL D 21 2.86 -3.31 -18.27
N VAL D 22 3.20 -3.70 -17.03
CA VAL D 22 2.23 -4.31 -16.13
C VAL D 22 1.08 -3.35 -15.82
N ASP D 23 1.41 -2.07 -15.66
CA ASP D 23 0.39 -1.06 -15.42
C ASP D 23 -0.63 -0.97 -16.57
N CYS D 24 -0.16 -1.09 -17.81
CA CYS D 24 -1.08 -1.09 -18.96
C CYS D 24 -2.01 -2.31 -18.92
N LEU D 25 -1.44 -3.46 -18.59
CA LEU D 25 -2.23 -4.70 -18.51
C LEU D 25 -3.30 -4.56 -17.43
N VAL D 26 -2.93 -3.95 -16.31
CA VAL D 26 -3.89 -3.67 -15.23
C VAL D 26 -5.00 -2.73 -15.70
N GLU D 27 -4.63 -1.64 -16.34
CA GLU D 27 -5.61 -0.69 -16.84
C GLU D 27 -6.53 -1.28 -17.91
N GLN D 28 -6.00 -2.21 -18.69
CA GLN D 28 -6.76 -2.88 -19.76
C GLN D 28 -7.70 -3.98 -19.25
N GLY D 29 -7.61 -4.31 -17.97
CA GLY D 29 -8.43 -5.36 -17.40
C GLY D 29 -7.98 -6.76 -17.80
N VAL D 30 -6.70 -6.94 -18.09
CA VAL D 30 -6.19 -8.27 -18.46
C VAL D 30 -6.10 -9.16 -17.23
N THR D 31 -6.73 -10.33 -17.30
CA THR D 31 -6.68 -11.22 -16.14
C THR D 31 -5.68 -12.37 -16.30
N HIS D 32 -5.38 -12.73 -17.54
CA HIS D 32 -4.42 -13.81 -17.77
C HIS D 32 -3.41 -13.38 -18.81
N VAL D 33 -2.15 -13.62 -18.53
CA VAL D 33 -1.07 -13.46 -19.50
C VAL D 33 -0.48 -14.84 -19.75
N PHE D 34 -0.46 -15.23 -21.02
CA PHE D 34 0.11 -16.51 -21.39
C PHE D 34 1.54 -16.28 -21.83
N GLY D 35 2.47 -17.04 -21.28
CA GLY D 35 3.85 -16.81 -21.64
C GLY D 35 4.88 -17.83 -21.20
N ILE D 36 6.10 -17.55 -21.61
CA ILE D 36 7.24 -18.34 -21.24
C ILE D 36 8.36 -17.32 -21.05
N PRO D 37 9.01 -17.34 -19.88
CA PRO D 37 10.05 -16.35 -19.56
C PRO D 37 11.40 -16.63 -20.23
N GLY D 38 12.27 -15.62 -20.14
CA GLY D 38 13.62 -15.68 -20.68
C GLY D 38 14.37 -14.43 -20.23
N ALA D 39 15.69 -14.41 -20.38
CA ALA D 39 16.52 -13.33 -19.84
C ALA D 39 16.15 -11.92 -20.29
N LYS D 40 15.87 -11.74 -21.59
CA LYS D 40 15.61 -10.41 -22.13
C LYS D 40 14.30 -9.79 -21.64
N ILE D 41 13.31 -10.61 -21.36
CA ILE D 41 11.98 -10.13 -21.01
C ILE D 41 11.71 -10.29 -19.50
N ASP D 42 12.72 -10.78 -18.78
CA ASP D 42 12.64 -11.09 -17.34
C ASP D 42 12.01 -10.03 -16.44
N ALA D 43 12.35 -8.77 -16.65
CA ALA D 43 11.87 -7.69 -15.79
C ALA D 43 10.35 -7.61 -15.82
N VAL D 44 9.75 -7.87 -16.99
CA VAL D 44 8.29 -7.85 -17.05
C VAL D 44 7.72 -8.97 -16.20
N PHE D 45 8.32 -10.15 -16.31
CA PHE D 45 7.88 -11.28 -15.49
C PHE D 45 8.11 -11.00 -14.00
N ASP D 46 9.19 -10.28 -13.67
CA ASP D 46 9.43 -9.88 -12.29
C ASP D 46 8.33 -8.91 -11.81
N ALA D 47 8.05 -7.89 -12.60
CA ALA D 47 7.04 -6.90 -12.22
C ALA D 47 5.68 -7.55 -12.02
N LEU D 48 5.44 -8.66 -12.72
CA LEU D 48 4.17 -9.38 -12.60
C LEU D 48 4.06 -10.15 -11.29
N GLN D 49 5.17 -10.30 -10.57
CA GLN D 49 5.14 -10.92 -9.26
C GLN D 49 4.54 -9.99 -8.22
N ASP D 50 4.70 -8.67 -8.43
CA ASP D 50 4.16 -7.68 -7.52
C ASP D 50 2.67 -7.45 -7.74
N LYS D 51 2.25 -7.37 -9.00
CA LYS D 51 0.83 -7.21 -9.31
C LYS D 51 0.55 -7.48 -10.78
N GLY D 52 -0.73 -7.44 -11.16
CA GLY D 52 -1.10 -7.65 -12.54
C GLY D 52 -1.81 -8.98 -12.78
N PRO D 53 -2.07 -9.30 -14.05
CA PRO D 53 -2.73 -10.55 -14.45
C PRO D 53 -1.94 -11.78 -14.04
N GLU D 54 -2.69 -12.86 -13.84
CA GLU D 54 -2.11 -14.16 -13.58
C GLU D 54 -1.30 -14.65 -14.79
N ILE D 55 -0.11 -15.18 -14.51
CA ILE D 55 0.72 -15.74 -15.56
C ILE D 55 0.34 -17.19 -15.78
N ILE D 56 -0.06 -17.55 -17.00
CA ILE D 56 -0.26 -18.94 -17.34
CA ILE D 56 -0.27 -18.95 -17.35
C ILE D 56 0.99 -19.43 -18.08
N VAL D 57 1.77 -20.29 -17.44
CA VAL D 57 3.01 -20.76 -18.05
C VAL D 57 2.71 -21.76 -19.14
N ALA D 58 3.16 -21.47 -20.36
CA ALA D 58 2.86 -22.36 -21.48
C ALA D 58 4.00 -23.34 -21.72
N ARG D 59 3.75 -24.39 -22.51
CA ARG D 59 4.81 -25.35 -22.80
C ARG D 59 5.43 -25.09 -24.18
N HIS D 60 4.82 -24.16 -24.92
CA HIS D 60 5.38 -23.70 -26.19
C HIS D 60 4.74 -22.36 -26.52
N GLU D 61 5.54 -21.41 -27.01
CA GLU D 61 4.98 -20.09 -27.31
C GLU D 61 3.88 -20.14 -28.36
N GLN D 62 3.92 -21.15 -29.23
CA GLN D 62 2.84 -21.32 -30.20
C GLN D 62 1.51 -21.47 -29.46
N ASN D 63 1.52 -22.29 -28.42
CA ASN D 63 0.30 -22.58 -27.67
C ASN D 63 -0.13 -21.37 -26.80
N ALA D 64 0.84 -20.61 -26.31
CA ALA D 64 0.53 -19.39 -25.59
C ALA D 64 -0.21 -18.45 -26.52
N ALA D 65 0.23 -18.38 -27.77
CA ALA D 65 -0.46 -17.56 -28.76
C ALA D 65 -1.87 -18.08 -29.10
N PHE D 66 -2.04 -19.39 -29.26
CA PHE D 66 -3.36 -19.95 -29.53
C PHE D 66 -4.32 -19.62 -28.35
N MET D 67 -3.83 -19.83 -27.13
CA MET D 67 -4.61 -19.54 -25.93
C MET D 67 -5.02 -18.07 -25.88
N ALA D 68 -4.08 -17.19 -26.21
CA ALA D 68 -4.39 -15.76 -26.28
C ALA D 68 -5.43 -15.48 -27.37
N GLN D 69 -5.33 -16.21 -28.48
CA GLN D 69 -6.29 -16.04 -29.57
C GLN D 69 -7.71 -16.42 -29.14
N ALA D 70 -7.82 -17.50 -28.38
CA ALA D 70 -9.11 -17.98 -27.91
C ALA D 70 -9.75 -16.98 -26.97
N VAL D 71 -8.94 -16.40 -26.10
CA VAL D 71 -9.44 -15.40 -25.17
C VAL D 71 -9.96 -14.16 -25.91
N GLY D 72 -9.22 -13.73 -26.92
CA GLY D 72 -9.64 -12.62 -27.76
C GLY D 72 -10.94 -12.91 -28.51
N ARG D 73 -11.05 -14.11 -29.08
CA ARG D 73 -12.27 -14.47 -29.79
C ARG D 73 -13.49 -14.53 -28.87
N LEU D 74 -13.31 -15.09 -27.67
CA LEU D 74 -14.40 -15.30 -26.73
C LEU D 74 -14.81 -14.05 -25.93
N THR D 75 -13.90 -13.11 -25.68
CA THR D 75 -14.21 -11.96 -24.80
C THR D 75 -14.31 -10.62 -25.52
N GLY D 76 -13.77 -10.56 -26.74
CA GLY D 76 -13.77 -9.32 -27.50
C GLY D 76 -12.68 -8.36 -27.07
N LYS D 77 -11.98 -8.71 -25.99
CA LYS D 77 -10.83 -7.96 -25.51
C LYS D 77 -9.58 -8.80 -25.77
N PRO D 78 -8.46 -8.13 -26.11
CA PRO D 78 -7.27 -8.84 -26.58
C PRO D 78 -6.68 -9.88 -25.61
N GLY D 79 -6.44 -11.08 -26.12
CA GLY D 79 -5.65 -12.06 -25.39
C GLY D 79 -4.22 -11.56 -25.37
N VAL D 80 -3.50 -11.88 -24.31
CA VAL D 80 -2.15 -11.35 -24.16
C VAL D 80 -1.16 -12.48 -24.05
N VAL D 81 -0.12 -12.41 -24.89
CA VAL D 81 0.97 -13.38 -24.86
C VAL D 81 2.28 -12.64 -24.58
N LEU D 82 3.12 -13.22 -23.74
CA LEU D 82 4.35 -12.55 -23.31
C LEU D 82 5.54 -13.49 -23.47
N VAL D 83 6.52 -13.09 -24.28
CA VAL D 83 7.66 -13.98 -24.54
C VAL D 83 9.01 -13.28 -24.54
N THR D 84 10.08 -14.09 -24.51
CA THR D 84 11.41 -13.54 -24.54
C THR D 84 11.86 -13.31 -25.97
N SER D 85 13.10 -12.85 -26.11
CA SER D 85 13.72 -12.52 -27.40
C SER D 85 14.00 -13.72 -28.29
N GLY D 86 14.41 -13.43 -29.51
CA GLY D 86 14.84 -14.47 -30.45
C GLY D 86 13.77 -15.52 -30.74
N PRO D 87 14.07 -16.77 -30.38
CA PRO D 87 13.17 -17.90 -30.65
C PRO D 87 11.89 -17.80 -29.81
N GLY D 88 11.94 -17.06 -28.70
CA GLY D 88 10.75 -16.77 -27.94
C GLY D 88 9.76 -15.99 -28.81
N ALA D 89 10.24 -14.92 -29.43
CA ALA D 89 9.38 -14.14 -30.32
C ALA D 89 9.05 -14.88 -31.62
N SER D 90 10.04 -15.49 -32.26
CA SER D 90 9.79 -16.14 -33.55
C SER D 90 8.82 -17.33 -33.40
N ASN D 91 8.79 -17.94 -32.23
CA ASN D 91 7.81 -19.01 -31.99
C ASN D 91 6.37 -18.54 -31.97
N LEU D 92 6.16 -17.22 -32.04
CA LEU D 92 4.80 -16.64 -32.05
C LEU D 92 4.25 -16.48 -33.46
N ALA D 93 5.09 -16.71 -34.47
CA ALA D 93 4.73 -16.28 -35.83
C ALA D 93 3.38 -16.80 -36.29
N THR D 94 3.21 -18.11 -36.25
CA THR D 94 1.99 -18.72 -36.79
C THR D 94 0.77 -18.32 -35.97
N GLY D 95 0.91 -18.37 -34.64
CA GLY D 95 -0.16 -17.94 -33.76
C GLY D 95 -0.67 -16.55 -34.08
N LEU D 96 0.24 -15.57 -34.17
CA LEU D 96 -0.17 -14.21 -34.50
C LEU D 96 -0.76 -14.12 -35.91
N LEU D 97 -0.16 -14.84 -36.86
CA LEU D 97 -0.69 -14.83 -38.22
C LEU D 97 -2.13 -15.36 -38.25
N THR D 98 -2.36 -16.44 -37.52
CA THR D 98 -3.67 -17.05 -37.44
C THR D 98 -4.71 -16.10 -36.83
N ALA D 99 -4.40 -15.55 -35.66
CA ALA D 99 -5.30 -14.57 -35.04
C ALA D 99 -5.56 -13.40 -35.99
N ASN D 100 -4.52 -12.96 -36.68
CA ASN D 100 -4.62 -11.77 -37.53
C ASN D 100 -5.48 -11.94 -38.78
N THR D 101 -5.71 -13.18 -39.19
CA THR D 101 -6.51 -13.42 -40.38
C THR D 101 -7.88 -14.04 -40.03
N GLU D 102 -8.13 -14.25 -38.74
CA GLU D 102 -9.38 -14.87 -38.32
C GLU D 102 -10.26 -13.98 -37.42
N GLY D 103 -9.87 -12.71 -37.29
CA GLY D 103 -10.68 -11.70 -36.61
C GLY D 103 -10.55 -11.68 -35.10
N ASP D 104 -9.44 -12.21 -34.59
CA ASP D 104 -9.25 -12.33 -33.14
C ASP D 104 -8.22 -11.32 -32.64
N PRO D 105 -8.62 -10.50 -31.67
CA PRO D 105 -7.71 -9.49 -31.10
C PRO D 105 -6.67 -10.12 -30.17
N VAL D 106 -5.39 -9.86 -30.42
CA VAL D 106 -4.32 -10.42 -29.59
C VAL D 106 -3.23 -9.38 -29.45
N VAL D 107 -2.71 -9.21 -28.24
CA VAL D 107 -1.52 -8.39 -28.07
C VAL D 107 -0.35 -9.24 -27.64
N ALA D 108 0.71 -9.21 -28.44
CA ALA D 108 1.93 -9.96 -28.14
C ALA D 108 2.96 -8.98 -27.64
N LEU D 109 3.66 -9.39 -26.58
CA LEU D 109 4.70 -8.58 -25.96
C LEU D 109 5.98 -9.40 -25.92
N ALA D 110 7.03 -8.89 -26.54
CA ALA D 110 8.26 -9.69 -26.68
C ALA D 110 9.52 -8.92 -26.31
N GLY D 111 10.52 -9.64 -25.81
CA GLY D 111 11.81 -9.04 -25.54
C GLY D 111 12.75 -8.95 -26.74
N ASN D 112 13.74 -8.07 -26.63
CA ASN D 112 14.82 -8.07 -27.59
C ASN D 112 16.10 -7.66 -26.86
N VAL D 113 17.23 -7.77 -27.55
CA VAL D 113 18.50 -7.40 -26.93
C VAL D 113 18.55 -5.89 -26.68
N ILE D 114 19.50 -5.45 -25.86
CA ILE D 114 19.68 -4.03 -25.56
C ILE D 114 19.89 -3.21 -26.81
N ARG D 115 19.46 -1.96 -26.75
CA ARG D 115 19.50 -1.07 -27.90
C ARG D 115 20.90 -0.96 -28.46
N ALA D 116 21.87 -0.94 -27.57
CA ALA D 116 23.25 -0.75 -27.98
C ALA D 116 23.74 -1.90 -28.86
N ASP D 117 23.17 -3.08 -28.69
CA ASP D 117 23.67 -4.26 -29.41
C ASP D 117 22.68 -4.72 -30.48
N ARG D 118 21.72 -3.85 -30.78
CA ARG D 118 20.59 -4.27 -31.63
C ARG D 118 20.99 -4.71 -33.03
N LEU D 119 22.14 -4.25 -33.50
CA LEU D 119 22.60 -4.51 -34.87
C LEU D 119 23.61 -5.67 -34.93
N LYS D 120 23.95 -6.21 -33.77
CA LYS D 120 25.07 -7.14 -33.67
C LYS D 120 24.67 -8.61 -33.84
N ARG D 121 25.63 -9.43 -34.22
CA ARG D 121 25.45 -10.87 -34.10
C ARG D 121 25.64 -11.22 -32.63
N THR D 122 24.52 -11.31 -31.93
CA THR D 122 24.54 -11.53 -30.48
C THR D 122 23.33 -12.41 -30.16
N HIS D 123 23.43 -13.12 -29.05
CA HIS D 123 22.42 -14.10 -28.66
C HIS D 123 20.98 -13.58 -28.77
N GLN D 124 20.19 -14.31 -29.55
CA GLN D 124 18.74 -14.10 -29.68
C GLN D 124 18.30 -12.76 -30.22
N SER D 125 19.13 -12.17 -31.09
CA SER D 125 18.82 -10.87 -31.67
C SER D 125 18.29 -11.00 -33.10
N LEU D 126 17.20 -10.31 -33.39
CA LEU D 126 16.73 -10.16 -34.76
C LEU D 126 15.86 -8.94 -34.80
N ASP D 127 15.49 -8.50 -36.00
CA ASP D 127 14.58 -7.40 -36.17
C ASP D 127 13.14 -7.88 -35.92
N ASN D 128 12.76 -7.89 -34.64
CA ASN D 128 11.47 -8.37 -34.18
C ASN D 128 10.33 -7.72 -34.96
N ALA D 129 10.39 -6.40 -35.06
CA ALA D 129 9.31 -5.66 -35.70
C ALA D 129 9.18 -6.00 -37.19
N ALA D 130 10.33 -6.15 -37.86
CA ALA D 130 10.29 -6.42 -39.30
C ALA D 130 9.69 -7.79 -39.57
N LEU D 131 9.96 -8.75 -38.69
CA LEU D 131 9.43 -10.11 -38.82
C LEU D 131 7.89 -10.14 -38.71
N PHE D 132 7.32 -9.36 -37.79
CA PHE D 132 5.88 -9.37 -37.55
C PHE D 132 5.11 -8.37 -38.41
N GLN D 133 5.84 -7.49 -39.08
CA GLN D 133 5.17 -6.52 -39.96
C GLN D 133 4.15 -7.15 -40.94
N PRO D 134 4.51 -8.24 -41.66
CA PRO D 134 3.57 -8.79 -42.66
C PRO D 134 2.44 -9.65 -42.11
N ILE D 135 2.48 -9.94 -40.82
CA ILE D 135 1.51 -10.89 -40.28
C ILE D 135 0.71 -10.31 -39.11
N THR D 136 0.76 -9.00 -38.95
CA THR D 136 0.07 -8.34 -37.85
C THR D 136 -0.56 -7.07 -38.38
N LYS D 137 -1.52 -6.52 -37.64
CA LYS D 137 -2.06 -5.19 -37.97
C LYS D 137 -1.05 -4.11 -37.56
N TYR D 138 -0.18 -4.45 -36.61
CA TYR D 138 0.64 -3.46 -35.92
C TYR D 138 1.83 -4.15 -35.32
N SER D 139 3.02 -3.71 -35.70
CA SER D 139 4.26 -4.35 -35.26
C SER D 139 5.30 -3.27 -34.97
N VAL D 140 5.67 -3.09 -33.71
CA VAL D 140 6.55 -1.98 -33.38
C VAL D 140 7.58 -2.41 -32.37
N GLU D 141 8.69 -1.67 -32.33
CA GLU D 141 9.66 -1.86 -31.25
C GLU D 141 9.82 -0.54 -30.52
N VAL D 142 9.75 -0.56 -29.19
CA VAL D 142 9.85 0.66 -28.40
C VAL D 142 11.32 1.00 -28.16
N GLN D 143 11.75 2.21 -28.52
CA GLN D 143 13.17 2.53 -28.36
C GLN D 143 13.42 3.63 -27.29
N ASP D 144 12.39 4.00 -26.53
CA ASP D 144 12.56 4.94 -25.41
C ASP D 144 11.53 4.52 -24.34
N VAL D 145 12.01 4.34 -23.10
CA VAL D 145 11.16 3.85 -22.02
C VAL D 145 9.88 4.68 -21.86
N LYS D 146 9.95 5.98 -22.17
CA LYS D 146 8.80 6.87 -22.07
C LYS D 146 7.64 6.48 -22.94
N ASN D 147 7.94 5.74 -24.01
CA ASN D 147 6.97 5.46 -25.07
C ASN D 147 6.15 4.21 -24.80
N ILE D 148 6.56 3.46 -23.78
CA ILE D 148 5.89 2.21 -23.43
C ILE D 148 4.35 2.30 -23.30
N PRO D 149 3.85 3.21 -22.44
CA PRO D 149 2.40 3.22 -22.27
C PRO D 149 1.67 3.62 -23.55
N GLU D 150 2.26 4.51 -24.34
CA GLU D 150 1.66 4.90 -25.60
C GLU D 150 1.66 3.70 -26.58
N ALA D 151 2.81 3.04 -26.72
CA ALA D 151 2.90 1.94 -27.67
C ALA D 151 1.96 0.80 -27.30
N VAL D 152 1.90 0.47 -26.01
CA VAL D 152 1.07 -0.64 -25.58
C VAL D 152 -0.41 -0.29 -25.71
N THR D 153 -0.79 0.92 -25.28
CA THR D 153 -2.20 1.31 -25.35
C THR D 153 -2.71 1.33 -26.78
N ASN D 154 -1.94 1.89 -27.71
CA ASN D 154 -2.33 1.81 -29.11
C ASN D 154 -2.39 0.37 -29.64
N ALA D 155 -1.53 -0.51 -29.12
CA ALA D 155 -1.57 -1.90 -29.52
C ALA D 155 -2.91 -2.55 -29.17
N PHE D 156 -3.39 -2.30 -27.96
CA PHE D 156 -4.70 -2.81 -27.54
C PHE D 156 -5.84 -2.26 -28.40
N ARG D 157 -5.80 -0.96 -28.68
CA ARG D 157 -6.87 -0.33 -29.44
C ARG D 157 -6.89 -0.86 -30.87
N ILE D 158 -5.72 -0.95 -31.47
CA ILE D 158 -5.61 -1.41 -32.86
C ILE D 158 -5.98 -2.88 -33.02
N ALA D 159 -5.60 -3.70 -32.03
CA ALA D 159 -5.96 -5.11 -32.07
C ALA D 159 -7.50 -5.28 -32.09
N SER D 160 -8.20 -4.40 -31.36
CA SER D 160 -9.64 -4.51 -31.18
C SER D 160 -10.49 -3.86 -32.27
N ALA D 161 -9.96 -2.82 -32.90
CA ALA D 161 -10.72 -2.03 -33.86
C ALA D 161 -11.05 -2.91 -35.06
N GLY D 162 -12.25 -2.76 -35.63
CA GLY D 162 -12.64 -3.59 -36.77
C GLY D 162 -11.71 -3.32 -37.93
N GLN D 163 -11.23 -4.36 -38.61
CA GLN D 163 -11.43 -5.76 -38.25
C GLN D 163 -10.36 -6.15 -37.25
N ALA D 164 -10.78 -6.78 -36.16
CA ALA D 164 -9.87 -7.05 -35.07
C ALA D 164 -8.72 -7.96 -35.52
N GLY D 165 -7.54 -7.80 -34.94
CA GLY D 165 -6.43 -8.67 -35.33
C GLY D 165 -5.28 -8.69 -34.34
N ALA D 166 -4.07 -8.96 -34.82
CA ALA D 166 -2.91 -9.11 -33.94
C ALA D 166 -2.07 -7.83 -33.88
N ALA D 167 -1.58 -7.51 -32.68
CA ALA D 167 -0.69 -6.36 -32.47
C ALA D 167 0.57 -6.89 -31.78
N PHE D 168 1.75 -6.41 -32.20
CA PHE D 168 3.02 -6.94 -31.68
C PHE D 168 3.88 -5.79 -31.14
N VAL D 169 4.34 -5.91 -29.90
CA VAL D 169 5.18 -4.86 -29.32
C VAL D 169 6.46 -5.45 -28.74
N SER D 170 7.60 -4.97 -29.23
CA SER D 170 8.90 -5.52 -28.84
C SER D 170 9.62 -4.58 -27.86
N PHE D 171 10.26 -5.17 -26.84
CA PHE D 171 10.96 -4.37 -25.84
C PHE D 171 12.44 -4.76 -25.70
N PRO D 172 13.35 -3.88 -26.11
CA PRO D 172 14.78 -4.08 -25.82
C PRO D 172 14.98 -4.21 -24.32
N GLN D 173 15.82 -5.16 -23.91
CA GLN D 173 16.02 -5.45 -22.50
C GLN D 173 16.32 -4.22 -21.64
N ASP D 174 17.18 -3.32 -22.14
CA ASP D 174 17.53 -2.14 -21.36
C ASP D 174 16.34 -1.20 -21.20
N VAL D 175 15.43 -1.20 -22.17
CA VAL D 175 14.23 -0.39 -22.10
C VAL D 175 13.26 -0.87 -21.01
N VAL D 176 13.04 -2.18 -20.86
CA VAL D 176 12.16 -2.64 -19.78
C VAL D 176 12.84 -2.63 -18.40
N ASN D 177 14.17 -2.57 -18.37
CA ASN D 177 14.88 -2.53 -17.10
C ASN D 177 15.16 -1.11 -16.60
N GLU D 178 14.98 -0.13 -17.47
CA GLU D 178 15.34 1.24 -17.15
C GLU D 178 14.38 1.87 -16.15
N VAL D 179 14.94 2.51 -15.12
CA VAL D 179 14.17 3.25 -14.12
C VAL D 179 13.72 4.58 -14.75
N THR D 180 12.46 4.96 -14.52
CA THR D 180 11.87 6.15 -15.18
C THR D 180 10.77 6.79 -14.34
N ASN D 181 10.54 8.08 -14.53
CA ASN D 181 9.45 8.79 -13.85
C ASN D 181 8.25 9.01 -14.76
N THR D 182 8.27 8.28 -15.87
CA THR D 182 7.20 8.27 -16.86
C THR D 182 5.82 7.88 -16.29
N LYS D 183 4.79 8.62 -16.71
CA LYS D 183 3.43 8.32 -16.26
C LYS D 183 2.75 7.30 -17.20
N ASN D 184 1.82 6.54 -16.63
CA ASN D 184 0.93 5.71 -17.44
C ASN D 184 -0.06 6.62 -18.19
N VAL D 185 -0.75 6.05 -19.18
CA VAL D 185 -1.83 6.76 -19.85
C VAL D 185 -3.14 6.05 -19.59
N ARG D 186 -4.26 6.73 -19.80
CA ARG D 186 -5.56 6.10 -19.64
C ARG D 186 -5.77 5.04 -20.71
N ALA D 187 -6.33 3.90 -20.32
CA ALA D 187 -6.66 2.86 -21.30
C ALA D 187 -7.89 3.29 -22.06
N VAL D 188 -7.72 4.25 -22.97
CA VAL D 188 -8.86 4.78 -23.72
C VAL D 188 -9.41 3.72 -24.67
N ALA D 189 -10.62 3.23 -24.38
CA ALA D 189 -11.19 2.15 -25.16
C ALA D 189 -11.49 2.60 -26.57
N ALA D 190 -11.13 1.77 -27.53
CA ALA D 190 -11.46 2.00 -28.93
C ALA D 190 -12.98 2.08 -29.07
N PRO D 191 -13.47 3.17 -29.67
CA PRO D 191 -14.92 3.38 -29.78
C PRO D 191 -15.50 2.67 -30.98
N LYS D 192 -16.73 2.18 -30.86
CA LYS D 192 -17.46 1.55 -31.97
C LYS D 192 -17.92 2.58 -33.01
N LEU D 193 -18.05 2.15 -34.26
CA LEU D 193 -18.62 3.03 -35.28
C LEU D 193 -20.13 3.17 -35.06
N GLY D 194 -20.74 4.16 -35.70
CA GLY D 194 -22.20 4.24 -35.73
C GLY D 194 -22.74 3.27 -36.79
N PRO D 195 -24.07 3.16 -36.89
CA PRO D 195 -24.65 2.32 -37.95
C PRO D 195 -24.32 2.87 -39.34
N ALA D 196 -24.59 2.09 -40.39
CA ALA D 196 -24.35 2.59 -41.74
C ALA D 196 -25.25 3.80 -42.01
N ALA D 197 -24.87 4.62 -42.99
CA ALA D 197 -25.66 5.80 -43.33
C ALA D 197 -27.10 5.42 -43.69
N ASP D 198 -28.05 6.28 -43.33
CA ASP D 198 -29.48 6.01 -43.60
C ASP D 198 -29.84 5.69 -45.05
N ASP D 199 -29.27 6.40 -46.04
CA ASP D 199 -29.71 6.15 -47.42
C ASP D 199 -29.34 4.74 -47.85
N ALA D 200 -28.20 4.27 -47.36
CA ALA D 200 -27.75 2.94 -47.68
C ALA D 200 -28.64 1.90 -47.02
N ILE D 201 -29.06 2.12 -45.77
CA ILE D 201 -29.98 1.19 -45.10
C ILE D 201 -31.28 1.09 -45.90
N SER D 202 -31.82 2.24 -46.31
CA SER D 202 -33.05 2.30 -47.08
C SER D 202 -32.95 1.53 -48.37
N ALA D 203 -31.82 1.70 -49.06
CA ALA D 203 -31.57 1.01 -50.32
C ALA D 203 -31.54 -0.49 -50.15
N ALA D 204 -30.99 -0.95 -49.02
CA ALA D 204 -30.91 -2.37 -48.74
C ALA D 204 -32.29 -2.98 -48.51
N ILE D 205 -33.10 -2.30 -47.70
CA ILE D 205 -34.48 -2.75 -47.46
C ILE D 205 -35.19 -2.82 -48.82
N ALA D 206 -35.05 -1.77 -49.62
CA ALA D 206 -35.67 -1.76 -50.93
C ALA D 206 -35.21 -2.94 -51.77
N LYS D 207 -33.91 -3.25 -51.71
CA LYS D 207 -33.39 -4.41 -52.46
C LYS D 207 -33.98 -5.74 -51.99
N ILE D 208 -34.18 -5.86 -50.68
CA ILE D 208 -34.70 -7.10 -50.10
C ILE D 208 -36.19 -7.30 -50.39
N GLN D 209 -36.99 -6.24 -50.23
CA GLN D 209 -38.44 -6.37 -50.46
C GLN D 209 -38.78 -6.67 -51.92
N THR D 210 -37.96 -6.18 -52.84
CA THR D 210 -38.24 -6.32 -54.27
C THR D 210 -37.64 -7.62 -54.81
N ALA D 211 -36.98 -8.39 -53.94
CA ALA D 211 -36.29 -9.60 -54.41
C ALA D 211 -37.21 -10.82 -54.58
N LYS D 212 -36.93 -11.62 -55.61
CA LYS D 212 -37.59 -12.91 -55.81
C LYS D 212 -37.20 -13.88 -54.72
N LEU D 213 -35.91 -13.87 -54.39
CA LEU D 213 -35.31 -14.79 -53.42
C LEU D 213 -34.13 -14.11 -52.74
N PRO D 214 -34.41 -13.28 -51.75
CA PRO D 214 -33.32 -12.64 -51.01
C PRO D 214 -32.77 -13.65 -49.99
N VAL D 215 -31.45 -13.71 -49.83
CA VAL D 215 -30.84 -14.64 -48.88
CA VAL D 215 -30.81 -14.66 -48.93
C VAL D 215 -29.75 -13.96 -48.07
N VAL D 216 -29.53 -14.43 -46.83
CA VAL D 216 -28.51 -13.86 -45.98
C VAL D 216 -27.29 -14.78 -45.87
N LEU D 217 -26.10 -14.23 -46.12
CA LEU D 217 -24.87 -14.99 -45.92
C LEU D 217 -24.17 -14.44 -44.69
N VAL D 218 -24.15 -15.22 -43.60
CA VAL D 218 -23.52 -14.78 -42.36
C VAL D 218 -22.08 -15.26 -42.32
N GLY D 219 -21.16 -14.29 -42.24
CA GLY D 219 -19.73 -14.56 -42.23
C GLY D 219 -19.10 -14.35 -40.87
N MET D 220 -17.77 -14.21 -40.88
CA MET D 220 -16.93 -14.10 -39.68
C MET D 220 -17.42 -13.09 -38.66
N LYS D 221 -17.60 -11.84 -39.07
CA LYS D 221 -17.94 -10.84 -38.07
C LYS D 221 -19.43 -10.77 -37.82
N GLY D 222 -20.19 -11.63 -38.51
CA GLY D 222 -21.58 -11.83 -38.20
C GLY D 222 -21.74 -12.83 -37.07
N GLY D 223 -20.63 -13.47 -36.69
CA GLY D 223 -20.62 -14.51 -35.66
C GLY D 223 -20.39 -14.02 -34.23
N ARG D 224 -20.14 -12.72 -34.08
CA ARG D 224 -20.05 -12.14 -32.73
C ARG D 224 -21.42 -12.20 -32.03
N PRO D 225 -21.43 -12.32 -30.69
CA PRO D 225 -22.71 -12.41 -29.95
C PRO D 225 -23.70 -11.28 -30.26
N GLU D 226 -23.29 -10.02 -30.17
CA GLU D 226 -24.25 -8.95 -30.44
C GLU D 226 -24.75 -8.97 -31.88
N ALA D 227 -23.91 -9.42 -32.81
CA ALA D 227 -24.30 -9.46 -34.21
C ALA D 227 -25.28 -10.61 -34.42
N ILE D 228 -25.02 -11.74 -33.78
CA ILE D 228 -25.93 -12.87 -33.90
C ILE D 228 -27.33 -12.53 -33.41
N LYS D 229 -27.40 -11.92 -32.22
CA LYS D 229 -28.67 -11.46 -31.62
C LYS D 229 -29.45 -10.56 -32.63
N ALA D 230 -28.75 -9.63 -33.26
CA ALA D 230 -29.35 -8.76 -34.26
C ALA D 230 -29.74 -9.53 -35.52
N VAL D 231 -28.88 -10.46 -35.95
CA VAL D 231 -29.17 -11.25 -37.15
C VAL D 231 -30.44 -12.07 -36.96
N ARG D 232 -30.56 -12.70 -35.80
CA ARG D 232 -31.70 -13.55 -35.47
C ARG D 232 -33.05 -12.81 -35.55
N LYS D 233 -33.11 -11.60 -34.98
CA LYS D 233 -34.32 -10.79 -35.08
C LYS D 233 -34.66 -10.48 -36.54
N LEU D 234 -33.66 -10.10 -37.32
CA LEU D 234 -33.88 -9.80 -38.73
C LEU D 234 -34.40 -11.04 -39.46
N LEU D 235 -33.77 -12.18 -39.23
CA LEU D 235 -34.15 -13.41 -39.91
C LEU D 235 -35.58 -13.86 -39.56
N LYS D 236 -35.94 -13.76 -38.29
CA LYS D 236 -37.27 -14.16 -37.83
C LYS D 236 -38.36 -13.22 -38.37
N LYS D 237 -38.10 -11.92 -38.36
CA LYS D 237 -39.09 -10.95 -38.83
C LYS D 237 -39.29 -11.03 -40.34
N VAL D 238 -38.19 -11.07 -41.08
CA VAL D 238 -38.27 -11.00 -42.53
C VAL D 238 -38.41 -12.39 -43.15
N GLN D 239 -38.06 -13.41 -42.35
CA GLN D 239 -38.19 -14.80 -42.80
C GLN D 239 -37.29 -15.05 -44.02
N LEU D 240 -36.07 -14.54 -43.95
CA LEU D 240 -35.07 -14.77 -44.99
C LEU D 240 -34.42 -16.12 -44.73
N PRO D 241 -34.20 -16.88 -45.81
CA PRO D 241 -33.33 -18.06 -45.71
C PRO D 241 -31.89 -17.60 -45.50
N PHE D 242 -31.06 -18.43 -44.86
CA PHE D 242 -29.68 -18.04 -44.60
C PHE D 242 -28.67 -19.18 -44.59
N VAL D 243 -27.40 -18.77 -44.63
CA VAL D 243 -26.28 -19.71 -44.60
CA VAL D 243 -26.28 -19.71 -44.56
C VAL D 243 -25.18 -19.16 -43.67
N GLU D 244 -24.35 -20.05 -43.13
CA GLU D 244 -23.20 -19.66 -42.32
C GLU D 244 -21.85 -20.00 -43.00
N THR D 245 -20.87 -19.12 -42.82
CA THR D 245 -19.49 -19.52 -43.02
C THR D 245 -19.12 -20.30 -41.75
N TYR D 246 -17.94 -20.93 -41.70
CA TYR D 246 -17.62 -21.75 -40.53
C TYR D 246 -17.50 -20.91 -39.24
N GLN D 247 -16.98 -19.70 -39.35
CA GLN D 247 -16.80 -18.92 -38.13
C GLN D 247 -18.08 -18.18 -37.74
N ALA D 248 -19.12 -18.33 -38.56
CA ALA D 248 -20.44 -17.80 -38.21
C ALA D 248 -21.28 -18.85 -37.50
N ALA D 249 -20.66 -19.99 -37.19
CA ALA D 249 -21.35 -21.04 -36.46
C ALA D 249 -21.96 -20.47 -35.18
N GLY D 250 -23.18 -20.88 -34.86
CA GLY D 250 -23.83 -20.39 -33.66
C GLY D 250 -24.83 -19.30 -33.97
N THR D 251 -24.87 -18.88 -35.25
CA THR D 251 -25.85 -17.91 -35.68
C THR D 251 -27.22 -18.58 -35.60
N LEU D 252 -27.28 -19.83 -36.05
CA LEU D 252 -28.50 -20.61 -35.99
C LEU D 252 -29.05 -20.66 -34.57
N SER D 253 -30.37 -20.53 -34.44
CA SER D 253 -31.02 -20.88 -33.20
C SER D 253 -31.98 -21.98 -33.58
N ARG D 254 -32.43 -22.76 -32.59
CA ARG D 254 -33.33 -23.87 -32.86
C ARG D 254 -34.62 -23.41 -33.56
N ASP D 255 -34.99 -22.15 -33.33
CA ASP D 255 -36.14 -21.53 -33.96
C ASP D 255 -35.99 -21.26 -35.46
N LEU D 256 -34.75 -21.28 -35.93
CA LEU D 256 -34.48 -20.89 -37.31
C LEU D 256 -34.07 -22.06 -38.18
N GLU D 257 -34.18 -23.28 -37.64
CA GLU D 257 -33.78 -24.48 -38.39
C GLU D 257 -34.44 -24.56 -39.76
N ASP D 258 -35.67 -24.07 -39.87
CA ASP D 258 -36.42 -24.10 -41.12
C ASP D 258 -35.96 -23.11 -42.18
N GLN D 259 -35.24 -22.08 -41.76
CA GLN D 259 -34.74 -21.09 -42.70
C GLN D 259 -33.24 -21.31 -42.97
N TYR D 260 -32.71 -22.39 -42.41
CA TYR D 260 -31.26 -22.64 -42.36
C TYR D 260 -30.76 -23.54 -43.49
N PHE D 261 -29.80 -23.05 -44.26
CA PHE D 261 -29.29 -23.87 -45.37
C PHE D 261 -27.82 -24.32 -45.26
N GLY D 262 -27.34 -24.42 -44.02
CA GLY D 262 -26.09 -25.09 -43.72
C GLY D 262 -24.88 -24.18 -43.74
N ARG D 263 -23.69 -24.78 -43.69
CA ARG D 263 -22.44 -24.03 -43.70
C ARG D 263 -21.72 -24.17 -45.05
N ILE D 264 -21.40 -23.04 -45.66
CA ILE D 264 -20.69 -23.09 -46.91
C ILE D 264 -19.18 -23.04 -46.67
N GLY D 265 -18.41 -23.51 -47.64
CA GLY D 265 -16.97 -23.52 -47.53
C GLY D 265 -16.27 -24.71 -48.17
N LEU D 266 -14.97 -24.52 -48.43
CA LEU D 266 -14.06 -25.58 -48.90
C LEU D 266 -14.35 -26.09 -50.32
N PHE D 267 -15.45 -26.80 -50.52
CA PHE D 267 -15.80 -27.29 -51.85
C PHE D 267 -17.18 -26.79 -52.22
N ARG D 268 -17.36 -26.36 -53.46
CA ARG D 268 -18.67 -25.89 -53.89
C ARG D 268 -19.57 -27.04 -54.26
N ASN D 269 -20.18 -27.66 -53.26
CA ASN D 269 -21.06 -28.80 -53.51
C ASN D 269 -22.14 -28.95 -52.43
N GLN D 270 -22.45 -27.84 -51.74
CA GLN D 270 -23.38 -27.87 -50.61
C GLN D 270 -24.70 -27.21 -50.97
N PRO D 271 -25.78 -27.57 -50.23
CA PRO D 271 -27.06 -26.90 -50.47
C PRO D 271 -26.95 -25.37 -50.39
N GLY D 272 -26.11 -24.87 -49.48
CA GLY D 272 -25.92 -23.43 -49.34
C GLY D 272 -25.38 -22.77 -50.61
N ASP D 273 -24.54 -23.50 -51.35
CA ASP D 273 -24.05 -23.02 -52.64
C ASP D 273 -25.18 -22.85 -53.64
N LEU D 274 -26.03 -23.88 -53.72
CA LEU D 274 -27.12 -23.89 -54.68
C LEU D 274 -28.16 -22.85 -54.31
N LEU D 275 -28.39 -22.66 -53.01
CA LEU D 275 -29.24 -21.57 -52.59
C LEU D 275 -28.67 -20.24 -53.06
N LEU D 276 -27.38 -20.03 -52.78
CA LEU D 276 -26.77 -18.76 -53.15
C LEU D 276 -26.85 -18.53 -54.65
N GLU D 277 -26.70 -19.60 -55.43
CA GLU D 277 -26.79 -19.49 -56.87
C GLU D 277 -28.18 -19.00 -57.29
N GLN D 278 -29.21 -19.53 -56.64
CA GLN D 278 -30.58 -19.20 -56.99
C GLN D 278 -31.00 -17.80 -56.52
N ALA D 279 -30.31 -17.25 -55.54
CA ALA D 279 -30.68 -15.93 -55.02
C ALA D 279 -30.47 -14.82 -56.04
N ASP D 280 -31.35 -13.83 -56.03
CA ASP D 280 -31.14 -12.65 -56.88
C ASP D 280 -30.61 -11.50 -56.03
N VAL D 281 -30.75 -11.65 -54.72
CA VAL D 281 -30.18 -10.69 -53.78
C VAL D 281 -29.48 -11.47 -52.67
N VAL D 282 -28.23 -11.11 -52.40
CA VAL D 282 -27.49 -11.69 -51.28
C VAL D 282 -27.06 -10.60 -50.31
N LEU D 283 -27.52 -10.73 -49.07
CA LEU D 283 -27.06 -9.85 -48.02
C LEU D 283 -25.96 -10.55 -47.26
N THR D 284 -24.74 -10.06 -47.41
CA THR D 284 -23.64 -10.64 -46.68
CA THR D 284 -23.61 -10.63 -46.67
C THR D 284 -23.36 -9.81 -45.41
N ILE D 285 -23.05 -10.51 -44.31
CA ILE D 285 -22.85 -9.86 -43.02
C ILE D 285 -21.52 -10.22 -42.37
N GLY D 286 -20.63 -9.23 -42.22
CA GLY D 286 -19.32 -9.50 -41.63
C GLY D 286 -18.58 -10.58 -42.40
N TYR D 287 -18.66 -10.49 -43.72
CA TYR D 287 -18.08 -11.50 -44.60
C TYR D 287 -16.62 -11.20 -44.94
N ASP D 288 -15.74 -11.98 -44.33
CA ASP D 288 -14.34 -12.00 -44.74
C ASP D 288 -14.23 -13.16 -45.70
N PRO D 289 -13.91 -12.86 -46.98
CA PRO D 289 -13.93 -13.89 -48.03
C PRO D 289 -12.90 -14.99 -47.83
N ILE D 290 -11.99 -14.79 -46.87
CA ILE D 290 -11.01 -15.82 -46.55
C ILE D 290 -11.70 -17.11 -46.19
N GLU D 291 -12.89 -17.01 -45.62
CA GLU D 291 -13.60 -18.22 -45.18
C GLU D 291 -14.08 -19.08 -46.35
N TYR D 292 -14.29 -18.44 -47.49
CA TYR D 292 -14.80 -19.09 -48.71
C TYR D 292 -14.77 -18.07 -49.83
N ASP D 293 -13.85 -18.24 -50.79
CA ASP D 293 -13.69 -17.23 -51.83
C ASP D 293 -14.97 -17.08 -52.65
N PRO D 294 -15.37 -15.82 -52.92
CA PRO D 294 -16.59 -15.56 -53.68
C PRO D 294 -16.58 -16.15 -55.09
N LYS D 295 -15.40 -16.47 -55.65
CA LYS D 295 -15.35 -17.07 -56.99
C LYS D 295 -15.99 -18.46 -56.99
N PHE D 296 -16.19 -19.01 -55.79
CA PHE D 296 -16.85 -20.30 -55.63
C PHE D 296 -18.37 -20.23 -55.62
N TRP D 297 -18.92 -19.19 -55.00
CA TRP D 297 -20.37 -19.14 -54.84
C TRP D 297 -21.07 -18.11 -55.72
N ASN D 298 -20.42 -16.97 -55.97
CA ASN D 298 -21.05 -15.91 -56.76
C ASN D 298 -20.83 -16.13 -58.25
N ILE D 299 -21.40 -17.21 -58.76
CA ILE D 299 -21.17 -17.64 -60.13
C ILE D 299 -22.50 -17.73 -60.83
N ASN D 300 -22.59 -18.58 -61.85
CA ASN D 300 -23.80 -18.70 -62.66
C ASN D 300 -24.05 -17.36 -63.37
N GLY D 301 -24.35 -16.33 -62.60
CA GLY D 301 -24.42 -14.99 -63.14
C GLY D 301 -25.51 -14.09 -62.60
N ASP D 302 -25.14 -12.81 -62.53
CA ASP D 302 -26.03 -11.73 -62.11
C ASP D 302 -26.88 -11.95 -60.86
N ARG D 303 -26.44 -11.34 -59.77
CA ARG D 303 -27.20 -11.32 -58.55
C ARG D 303 -26.75 -10.11 -57.76
N THR D 304 -27.65 -9.52 -56.99
CA THR D 304 -27.29 -8.32 -56.24
C THR D 304 -26.53 -8.70 -54.97
N ILE D 305 -25.42 -8.01 -54.73
CA ILE D 305 -24.64 -8.21 -53.51
C ILE D 305 -24.80 -6.99 -52.61
N ILE D 306 -25.28 -7.23 -51.40
CA ILE D 306 -25.30 -6.18 -50.40
C ILE D 306 -24.26 -6.52 -49.35
N HIS D 307 -23.22 -5.69 -49.28
CA HIS D 307 -22.08 -5.97 -48.39
C HIS D 307 -22.20 -5.22 -47.08
N LEU D 308 -22.53 -5.96 -46.01
CA LEU D 308 -22.69 -5.35 -44.70
C LEU D 308 -21.55 -5.74 -43.76
N ASP D 309 -20.75 -4.74 -43.36
CA ASP D 309 -19.54 -5.01 -42.58
C ASP D 309 -19.01 -3.76 -41.87
N GLU D 310 -18.08 -3.96 -40.93
CA GLU D 310 -17.47 -2.88 -40.15
C GLU D 310 -16.32 -2.22 -40.92
N ILE D 311 -15.88 -2.86 -42.00
CA ILE D 311 -14.88 -2.30 -42.92
C ILE D 311 -15.32 -2.50 -44.37
N ILE D 312 -14.72 -1.72 -45.26
CA ILE D 312 -14.95 -1.76 -46.70
CA ILE D 312 -15.10 -1.81 -46.67
C ILE D 312 -14.73 -3.16 -47.29
N ALA D 313 -15.40 -3.49 -48.40
CA ALA D 313 -15.17 -4.76 -49.07
C ALA D 313 -13.87 -4.79 -49.91
N ASP D 314 -13.31 -6.01 -50.05
CA ASP D 314 -12.31 -6.27 -51.07
C ASP D 314 -13.06 -6.49 -52.39
N ILE D 315 -12.65 -5.77 -53.44
CA ILE D 315 -13.23 -5.98 -54.75
C ILE D 315 -12.55 -7.16 -55.47
N ASP D 316 -13.38 -8.08 -55.99
CA ASP D 316 -12.92 -9.33 -56.59
C ASP D 316 -13.65 -9.46 -57.91
N HIS D 317 -13.12 -10.25 -58.84
CA HIS D 317 -13.85 -10.52 -60.09
C HIS D 317 -15.25 -11.00 -59.73
N ALA D 318 -15.34 -11.84 -58.70
CA ALA D 318 -16.60 -12.43 -58.29
C ALA D 318 -17.26 -11.73 -57.10
N TYR D 319 -16.83 -10.51 -56.81
CA TYR D 319 -17.39 -9.82 -55.66
C TYR D 319 -17.31 -8.32 -55.83
N GLN D 320 -18.37 -7.77 -56.41
CA GLN D 320 -18.47 -6.37 -56.71
C GLN D 320 -19.78 -5.88 -56.14
N PRO D 321 -19.75 -5.45 -54.86
CA PRO D 321 -21.00 -5.07 -54.17
C PRO D 321 -21.74 -3.94 -54.84
N ASP D 322 -23.03 -4.15 -55.02
CA ASP D 322 -23.90 -3.11 -55.56
C ASP D 322 -24.23 -2.13 -54.45
N LEU D 323 -24.06 -2.58 -53.21
CA LEU D 323 -24.40 -1.76 -52.07
C LEU D 323 -23.49 -2.12 -50.92
N GLU D 324 -22.90 -1.11 -50.27
CA GLU D 324 -22.04 -1.33 -49.11
C GLU D 324 -22.61 -0.62 -47.88
N LEU D 325 -22.89 -1.36 -46.81
CA LEU D 325 -23.35 -0.72 -45.58
C LEU D 325 -22.24 -0.82 -44.56
N ILE D 326 -21.42 0.22 -44.47
CA ILE D 326 -20.24 0.16 -43.62
C ILE D 326 -20.48 0.91 -42.32
N GLY D 327 -20.28 0.21 -41.21
CA GLY D 327 -20.50 0.74 -39.88
C GLY D 327 -20.56 -0.40 -38.88
N ASP D 328 -20.92 -0.08 -37.64
CA ASP D 328 -21.14 -1.10 -36.62
C ASP D 328 -22.17 -2.13 -37.08
N ILE D 329 -21.80 -3.39 -36.99
CA ILE D 329 -22.63 -4.44 -37.56
C ILE D 329 -23.99 -4.65 -36.89
N PRO D 330 -24.04 -4.84 -35.55
CA PRO D 330 -25.38 -5.00 -34.97
C PRO D 330 -26.30 -3.79 -35.17
N SER D 331 -25.80 -2.57 -35.00
CA SER D 331 -26.65 -1.38 -35.16
C SER D 331 -27.24 -1.33 -36.55
N THR D 332 -26.43 -1.67 -37.53
CA THR D 332 -26.88 -1.62 -38.92
C THR D 332 -27.97 -2.64 -39.17
N ILE D 333 -27.76 -3.85 -38.63
CA ILE D 333 -28.75 -4.92 -38.80
C ILE D 333 -30.08 -4.51 -38.15
N ASN D 334 -30.01 -3.92 -36.96
CA ASN D 334 -31.22 -3.45 -36.28
C ASN D 334 -32.01 -2.43 -37.11
N HIS D 335 -31.30 -1.50 -37.76
CA HIS D 335 -31.97 -0.51 -38.61
C HIS D 335 -32.71 -1.19 -39.76
N ILE D 336 -32.09 -2.20 -40.34
CA ILE D 336 -32.74 -2.94 -41.42
C ILE D 336 -33.95 -3.66 -40.85
N GLU D 337 -33.77 -4.35 -39.74
CA GLU D 337 -34.84 -5.13 -39.13
C GLU D 337 -36.08 -4.29 -38.81
N HIS D 338 -35.85 -3.11 -38.26
CA HIS D 338 -36.94 -2.26 -37.80
C HIS D 338 -37.92 -1.89 -38.91
N ASP D 339 -37.41 -1.59 -40.10
CA ASP D 339 -38.26 -1.09 -41.20
C ASP D 339 -38.58 -2.10 -42.29
N ALA D 340 -37.90 -3.24 -42.28
CA ALA D 340 -38.19 -4.26 -43.27
C ALA D 340 -39.43 -5.07 -42.87
N VAL D 341 -40.12 -5.62 -43.85
CA VAL D 341 -41.30 -6.44 -43.57
CA VAL D 341 -41.28 -6.46 -43.55
C VAL D 341 -41.03 -7.86 -44.05
N LYS D 342 -41.85 -8.79 -43.58
CA LYS D 342 -41.78 -10.17 -43.99
C LYS D 342 -41.74 -10.29 -45.51
N VAL D 343 -40.90 -11.20 -46.00
CA VAL D 343 -40.83 -11.46 -47.43
C VAL D 343 -41.77 -12.60 -47.79
N GLU D 344 -42.55 -12.42 -48.85
CA GLU D 344 -43.46 -13.45 -49.34
C GLU D 344 -42.86 -14.12 -50.56
N PHE D 345 -42.69 -15.43 -50.50
CA PHE D 345 -42.12 -16.17 -51.61
C PHE D 345 -43.17 -16.69 -52.59
N ALA D 346 -42.89 -16.49 -53.88
CA ALA D 346 -43.70 -17.05 -54.95
C ALA D 346 -43.48 -18.56 -54.98
N GLU D 347 -44.40 -19.28 -55.60
CA GLU D 347 -44.38 -20.73 -55.48
C GLU D 347 -43.11 -21.37 -56.03
N ARG D 348 -42.61 -20.81 -57.13
CA ARG D 348 -41.40 -21.30 -57.75
C ARG D 348 -40.24 -21.33 -56.76
N GLU D 349 -40.08 -20.25 -56.02
CA GLU D 349 -38.99 -20.15 -55.06
C GLU D 349 -39.25 -21.00 -53.82
N GLN D 350 -40.53 -21.15 -53.45
CA GLN D 350 -40.89 -22.02 -52.33
C GLN D 350 -40.46 -23.45 -52.61
N LYS D 351 -40.64 -23.86 -53.86
CA LYS D 351 -40.29 -25.21 -54.29
C LYS D 351 -38.78 -25.40 -54.26
N ILE D 352 -38.06 -24.38 -54.70
CA ILE D 352 -36.61 -24.38 -54.67
C ILE D 352 -36.11 -24.54 -53.25
N LEU D 353 -36.66 -23.74 -52.35
CA LEU D 353 -36.28 -23.80 -50.95
C LEU D 353 -36.53 -25.20 -50.37
N SER D 354 -37.68 -25.77 -50.72
CA SER D 354 -38.08 -27.10 -50.24
C SER D 354 -37.15 -28.22 -50.69
N ASP D 355 -36.80 -28.18 -51.96
CA ASP D 355 -35.93 -29.19 -52.56
C ASP D 355 -34.54 -29.12 -51.93
N LEU D 356 -34.01 -27.90 -51.83
CA LEU D 356 -32.69 -27.68 -51.24
C LEU D 356 -32.69 -28.14 -49.79
N LYS D 357 -33.80 -27.90 -49.10
CA LYS D 357 -33.96 -28.33 -47.72
C LYS D 357 -33.95 -29.86 -47.61
N GLN D 358 -34.53 -30.55 -48.58
CA GLN D 358 -34.50 -32.02 -48.60
C GLN D 358 -33.13 -32.57 -48.93
N TYR D 359 -32.49 -31.99 -49.95
CA TYR D 359 -31.12 -32.36 -50.31
C TYR D 359 -30.23 -32.20 -49.10
N MET D 360 -30.46 -31.12 -48.36
CA MET D 360 -29.70 -30.84 -47.16
C MET D 360 -29.88 -31.96 -46.14
N HIS D 361 -31.12 -32.38 -45.91
CA HIS D 361 -31.39 -33.46 -44.94
C HIS D 361 -30.73 -34.79 -45.36
N GLU D 362 -30.76 -35.11 -46.65
CA GLU D 362 -30.06 -36.30 -47.16
C GLU D 362 -28.53 -36.22 -46.99
N GLY D 363 -27.98 -35.01 -47.17
CA GLY D 363 -26.55 -34.81 -47.04
C GLY D 363 -26.02 -35.04 -45.63
N GLU D 364 -26.93 -34.98 -44.65
CA GLU D 364 -26.60 -35.12 -43.23
C GLU D 364 -26.78 -36.54 -42.70
N GLN D 365 -27.07 -37.49 -43.59
CA GLN D 365 -27.34 -38.86 -43.15
C GLN D 365 -26.20 -39.81 -43.48
N VAL D 366 -25.95 -40.78 -42.60
CA VAL D 366 -25.07 -41.90 -42.94
C VAL D 366 -25.69 -42.68 -44.09
N PRO D 367 -24.89 -42.95 -45.14
CA PRO D 367 -25.32 -43.68 -46.34
C PRO D 367 -26.02 -45.01 -46.02
N ALA D 368 -26.92 -45.44 -46.90
CA ALA D 368 -27.67 -46.67 -46.69
C ALA D 368 -26.77 -47.90 -46.79
N ASP D 369 -25.82 -47.84 -47.72
CA ASP D 369 -24.88 -48.94 -47.96
C ASP D 369 -23.65 -48.97 -47.04
N TRP D 370 -23.73 -48.27 -45.92
CA TRP D 370 -22.62 -48.19 -44.98
C TRP D 370 -22.49 -49.38 -44.03
N LYS D 371 -21.30 -49.98 -43.98
CA LYS D 371 -20.98 -50.93 -42.94
C LYS D 371 -19.51 -50.82 -42.57
N SER D 372 -19.23 -50.84 -41.27
CA SER D 372 -17.85 -50.70 -40.80
C SER D 372 -17.63 -51.15 -39.36
N ASP D 373 -16.39 -51.53 -39.08
CA ASP D 373 -15.99 -51.87 -37.71
C ASP D 373 -15.61 -50.59 -36.94
N ARG D 374 -15.73 -49.44 -37.61
CA ARG D 374 -15.49 -48.15 -36.99
C ARG D 374 -16.62 -47.17 -37.24
N ALA D 375 -16.64 -46.08 -36.47
CA ALA D 375 -17.68 -45.05 -36.60
C ALA D 375 -17.58 -44.30 -37.91
N HIS D 376 -18.73 -43.99 -38.48
CA HIS D 376 -18.80 -43.02 -39.56
C HIS D 376 -18.64 -41.64 -38.95
N PRO D 377 -17.96 -40.72 -39.66
CA PRO D 377 -17.81 -39.36 -39.16
C PRO D 377 -19.13 -38.78 -38.67
N LEU D 378 -20.23 -39.03 -39.38
CA LEU D 378 -21.53 -38.48 -38.97
C LEU D 378 -22.05 -39.07 -37.69
N GLU D 379 -21.63 -40.29 -37.37
CA GLU D 379 -21.97 -40.89 -36.10
C GLU D 379 -21.21 -40.18 -34.99
N ILE D 380 -19.95 -39.86 -35.25
CA ILE D 380 -19.18 -39.13 -34.26
C ILE D 380 -19.80 -37.74 -34.04
N VAL D 381 -20.11 -37.07 -35.14
CA VAL D 381 -20.75 -35.76 -35.04
C VAL D 381 -22.06 -35.82 -34.25
N LYS D 382 -22.95 -36.72 -34.65
CA LYS D 382 -24.25 -36.84 -33.98
C LYS D 382 -24.12 -37.14 -32.49
N GLU D 383 -23.33 -38.15 -32.17
CA GLU D 383 -23.26 -38.54 -30.78
C GLU D 383 -22.62 -37.44 -29.96
N LEU D 384 -21.62 -36.77 -30.54
N LEU D 384 -21.63 -36.75 -30.55
CA LEU D 384 -20.95 -35.68 -29.83
CA LEU D 384 -20.96 -35.68 -29.82
C LEU D 384 -21.93 -34.56 -29.57
C LEU D 384 -21.93 -34.55 -29.57
N ARG D 385 -22.67 -34.17 -30.61
CA ARG D 385 -23.63 -33.11 -30.48
C ARG D 385 -24.67 -33.48 -29.42
N ASN D 386 -25.03 -34.76 -29.38
CA ASN D 386 -26.05 -35.23 -28.45
C ASN D 386 -25.54 -35.42 -27.02
N ALA D 387 -24.22 -35.47 -26.83
CA ALA D 387 -23.69 -35.65 -25.47
C ALA D 387 -23.22 -34.34 -24.83
N VAL D 388 -23.33 -33.25 -25.59
CA VAL D 388 -22.80 -31.94 -25.18
C VAL D 388 -23.90 -30.87 -25.17
N ASP D 389 -24.08 -30.19 -24.04
CA ASP D 389 -25.10 -29.15 -23.93
C ASP D 389 -24.84 -28.00 -24.89
N ASP D 390 -25.93 -27.37 -25.37
CA ASP D 390 -25.85 -26.21 -26.28
C ASP D 390 -24.86 -25.13 -25.86
N HIS D 391 -24.74 -24.90 -24.56
CA HIS D 391 -23.95 -23.79 -24.04
C HIS D 391 -22.45 -24.11 -23.93
N VAL D 392 -22.10 -25.39 -24.02
CA VAL D 392 -20.69 -25.78 -23.88
C VAL D 392 -19.88 -25.34 -25.10
N THR D 393 -18.75 -24.68 -24.87
CA THR D 393 -17.86 -24.32 -25.98
C THR D 393 -17.15 -25.56 -26.55
N VAL D 394 -17.22 -25.70 -27.86
CA VAL D 394 -16.55 -26.78 -28.58
C VAL D 394 -15.47 -26.19 -29.49
N THR D 395 -14.21 -26.61 -29.32
CA THR D 395 -13.18 -26.13 -30.25
C THR D 395 -12.78 -27.22 -31.26
N CYS D 396 -12.36 -26.82 -32.46
CA CYS D 396 -12.06 -27.75 -33.52
C CYS D 396 -10.69 -27.52 -34.15
N ASP D 397 -10.01 -28.61 -34.50
CA ASP D 397 -8.71 -28.52 -35.16
C ASP D 397 -8.96 -28.52 -36.65
N ILE D 398 -7.96 -28.96 -37.40
CA ILE D 398 -7.98 -28.89 -38.86
C ILE D 398 -7.73 -30.24 -39.50
N GLY D 399 -8.50 -30.56 -40.52
CA GLY D 399 -8.37 -31.86 -41.16
C GLY D 399 -9.71 -32.37 -41.65
N SER D 400 -9.76 -33.64 -42.01
CA SER D 400 -10.99 -34.23 -42.52
C SER D 400 -12.10 -34.21 -41.49
N HIS D 401 -11.76 -34.53 -40.24
CA HIS D 401 -12.71 -34.43 -39.12
C HIS D 401 -13.35 -33.02 -39.06
N ALA D 402 -12.54 -32.00 -39.35
CA ALA D 402 -12.98 -30.63 -39.26
C ALA D 402 -13.92 -30.25 -40.42
N ILE D 403 -13.79 -30.93 -41.55
CA ILE D 403 -14.75 -30.74 -42.64
C ILE D 403 -16.11 -31.25 -42.20
N TRP D 404 -16.09 -32.43 -41.60
CA TRP D 404 -17.31 -33.03 -41.07
C TRP D 404 -17.88 -32.15 -39.99
N MET D 405 -17.03 -31.70 -39.05
CA MET D 405 -17.52 -30.83 -37.97
C MET D 405 -18.03 -29.49 -38.49
N SER D 406 -17.28 -28.87 -39.40
CA SER D 406 -17.64 -27.55 -39.87
C SER D 406 -18.99 -27.58 -40.58
N ARG D 407 -19.29 -28.69 -41.23
CA ARG D 407 -20.54 -28.79 -41.96
C ARG D 407 -21.73 -29.30 -41.12
N TYR D 408 -21.50 -30.30 -40.29
CA TYR D 408 -22.62 -31.10 -39.75
C TYR D 408 -22.82 -30.97 -38.24
N PHE D 409 -21.86 -30.36 -37.56
CA PHE D 409 -22.02 -30.12 -36.14
C PHE D 409 -22.81 -28.83 -35.91
N ARG D 410 -24.08 -28.97 -35.58
CA ARG D 410 -24.94 -27.82 -35.33
C ARG D 410 -24.42 -27.06 -34.13
N SER D 411 -24.55 -25.75 -34.18
CA SER D 411 -24.23 -24.93 -33.01
C SER D 411 -25.36 -23.93 -32.90
N TYR D 412 -25.76 -23.63 -31.66
CA TYR D 412 -26.98 -22.85 -31.40
C TYR D 412 -26.74 -21.64 -30.52
N GLU D 413 -25.49 -21.42 -30.13
CA GLU D 413 -25.16 -20.29 -29.27
C GLU D 413 -23.88 -19.66 -29.82
N PRO D 414 -23.77 -18.32 -29.71
CA PRO D 414 -22.54 -17.64 -30.17
C PRO D 414 -21.28 -18.21 -29.51
N LEU D 415 -20.22 -18.35 -30.30
CA LEU D 415 -18.91 -18.73 -29.76
C LEU D 415 -18.90 -20.07 -29.04
N THR D 416 -19.72 -21.02 -29.51
CA THR D 416 -19.71 -22.37 -28.92
C THR D 416 -19.15 -23.43 -29.90
N LEU D 417 -18.82 -22.99 -31.11
CA LEU D 417 -18.08 -23.83 -32.08
C LEU D 417 -16.97 -22.98 -32.69
N MET D 418 -15.74 -23.22 -32.25
CA MET D 418 -14.60 -22.43 -32.69
C MET D 418 -13.71 -23.16 -33.71
N ILE D 419 -13.59 -22.57 -34.89
CA ILE D 419 -12.82 -23.17 -35.99
C ILE D 419 -11.81 -22.16 -36.55
N SER D 420 -10.63 -22.67 -36.91
CA SER D 420 -9.62 -21.87 -37.59
C SER D 420 -9.92 -21.83 -39.08
N ASN D 421 -10.61 -20.79 -39.53
CA ASN D 421 -11.02 -20.73 -40.93
C ASN D 421 -10.42 -19.59 -41.73
N GLY D 422 -9.24 -19.13 -41.31
CA GLY D 422 -8.48 -18.17 -42.08
C GLY D 422 -7.17 -18.81 -42.48
N MET D 423 -6.44 -19.30 -41.47
CA MET D 423 -5.15 -19.90 -41.72
C MET D 423 -5.24 -21.43 -41.74
N GLN D 424 -6.34 -21.99 -41.24
CA GLN D 424 -6.53 -23.45 -41.16
C GLN D 424 -5.36 -24.07 -40.43
N THR D 425 -5.10 -23.57 -39.22
CA THR D 425 -3.88 -23.91 -38.51
C THR D 425 -4.01 -25.16 -37.67
N LEU D 426 -3.17 -26.17 -37.94
CA LEU D 426 -3.14 -27.40 -37.15
C LEU D 426 -2.66 -27.17 -35.72
N GLY D 427 -3.32 -27.85 -34.79
CA GLY D 427 -2.89 -27.82 -33.40
C GLY D 427 -3.67 -26.84 -32.52
N VAL D 428 -4.55 -26.04 -33.13
CA VAL D 428 -5.26 -25.03 -32.33
C VAL D 428 -6.26 -25.58 -31.32
N ALA D 429 -6.89 -26.72 -31.60
CA ALA D 429 -8.06 -27.11 -30.78
C ALA D 429 -7.81 -27.20 -29.26
N LEU D 430 -6.82 -27.99 -28.83
CA LEU D 430 -6.57 -28.16 -27.39
C LEU D 430 -6.17 -26.87 -26.64
N PRO D 431 -5.21 -26.09 -27.19
CA PRO D 431 -4.91 -24.81 -26.54
C PRO D 431 -6.09 -23.82 -26.57
N TRP D 432 -6.87 -23.80 -27.64
CA TRP D 432 -8.09 -23.00 -27.65
C TRP D 432 -8.98 -23.37 -26.48
N ALA D 433 -9.07 -24.67 -26.22
CA ALA D 433 -9.93 -25.17 -25.16
C ALA D 433 -9.42 -24.72 -23.78
N ILE D 434 -8.11 -24.67 -23.61
CA ILE D 434 -7.55 -24.19 -22.37
C ILE D 434 -7.84 -22.71 -22.18
N GLY D 435 -7.64 -21.91 -23.22
CA GLY D 435 -8.02 -20.51 -23.19
C GLY D 435 -9.52 -20.37 -22.84
N ALA D 436 -10.35 -21.17 -23.51
CA ALA D 436 -11.79 -21.15 -23.26
C ALA D 436 -12.17 -21.44 -21.80
N SER D 437 -11.50 -22.43 -21.21
CA SER D 437 -11.82 -22.85 -19.84
C SER D 437 -11.49 -21.79 -18.82
N LEU D 438 -10.49 -20.95 -19.13
CA LEU D 438 -10.12 -19.84 -18.23
C LEU D 438 -11.14 -18.70 -18.33
N VAL D 439 -11.72 -18.54 -19.51
CA VAL D 439 -12.77 -17.56 -19.80
C VAL D 439 -14.14 -18.08 -19.32
N LYS D 440 -14.28 -19.40 -19.19
CA LYS D 440 -15.55 -19.95 -18.72
C LYS D 440 -15.38 -20.86 -17.52
N PRO D 441 -15.09 -20.26 -16.35
CA PRO D 441 -14.90 -21.04 -15.13
C PRO D 441 -16.20 -21.79 -14.79
N GLY D 442 -16.08 -23.01 -14.28
CA GLY D 442 -17.26 -23.79 -13.96
C GLY D 442 -17.86 -24.54 -15.14
N GLU D 443 -17.33 -24.35 -16.36
CA GLU D 443 -17.85 -25.03 -17.55
C GLU D 443 -16.87 -26.03 -18.16
N LYS D 444 -17.38 -27.19 -18.58
CA LYS D 444 -16.64 -28.09 -19.45
C LYS D 444 -16.36 -27.38 -20.78
N VAL D 445 -15.21 -27.70 -21.40
CA VAL D 445 -14.93 -27.24 -22.75
C VAL D 445 -14.55 -28.48 -23.56
N VAL D 446 -15.09 -28.58 -24.78
CA VAL D 446 -14.82 -29.74 -25.60
C VAL D 446 -13.86 -29.35 -26.74
N SER D 447 -12.83 -30.17 -26.96
CA SER D 447 -11.94 -29.97 -28.10
C SER D 447 -11.90 -31.22 -28.98
N VAL D 448 -11.84 -31.00 -30.29
CA VAL D 448 -11.89 -32.06 -31.30
C VAL D 448 -10.74 -31.90 -32.30
N SER D 449 -9.99 -32.97 -32.53
CA SER D 449 -8.91 -32.93 -33.53
C SER D 449 -8.75 -34.28 -34.22
N GLY D 450 -7.92 -34.30 -35.26
CA GLY D 450 -7.46 -35.56 -35.84
C GLY D 450 -6.22 -35.99 -35.08
N ASP D 451 -5.65 -37.14 -35.44
CA ASP D 451 -4.43 -37.60 -34.77
C ASP D 451 -3.18 -36.85 -35.23
N GLY D 452 -3.22 -36.33 -36.46
CA GLY D 452 -2.11 -35.54 -36.97
C GLY D 452 -2.00 -34.23 -36.23
N GLY D 453 -3.08 -33.46 -36.26
CA GLY D 453 -3.09 -32.17 -35.59
C GLY D 453 -2.94 -32.26 -34.09
N PHE D 454 -3.42 -33.36 -33.48
CA PHE D 454 -3.28 -33.56 -32.03
C PHE D 454 -1.84 -33.39 -31.53
N LEU D 455 -0.88 -34.04 -32.18
CA LEU D 455 0.52 -33.95 -31.73
C LEU D 455 1.21 -32.62 -31.98
N PHE D 456 0.60 -31.74 -32.77
CA PHE D 456 1.12 -30.38 -32.94
C PHE D 456 1.14 -29.58 -31.65
N SER D 457 0.19 -29.85 -30.76
CA SER D 457 0.08 -29.03 -29.56
C SER D 457 -0.24 -29.82 -28.32
N ALA D 458 -0.20 -31.15 -28.42
CA ALA D 458 -0.62 -32.01 -27.31
C ALA D 458 0.26 -31.88 -26.06
N MET D 459 1.47 -31.36 -26.21
CA MET D 459 2.32 -31.14 -25.03
C MET D 459 1.65 -30.16 -24.04
N GLU D 460 0.73 -29.33 -24.54
CA GLU D 460 0.02 -28.39 -23.68
C GLU D 460 -1.02 -29.08 -22.76
N LEU D 461 -1.17 -30.38 -22.91
CA LEU D 461 -1.98 -31.16 -21.99
C LEU D 461 -1.42 -31.03 -20.57
N GLU D 462 -0.11 -30.80 -20.46
CA GLU D 462 0.48 -30.62 -19.15
C GLU D 462 -0.07 -29.33 -18.53
N THR D 463 -0.24 -28.30 -19.35
CA THR D 463 -0.83 -27.06 -18.88
C THR D 463 -2.28 -27.30 -18.39
N ALA D 464 -3.05 -28.07 -19.15
CA ALA D 464 -4.42 -28.39 -18.77
C ALA D 464 -4.54 -29.16 -17.46
N VAL D 465 -3.62 -30.11 -17.27
CA VAL D 465 -3.59 -30.89 -16.05
C VAL D 465 -3.18 -30.01 -14.88
N ARG D 466 -2.17 -29.19 -15.09
CA ARG D 466 -1.68 -28.28 -14.06
C ARG D 466 -2.76 -27.31 -13.54
N LEU D 467 -3.66 -26.91 -14.45
CA LEU D 467 -4.76 -26.00 -14.15
C LEU D 467 -6.04 -26.76 -13.74
N LYS D 468 -5.99 -28.09 -13.82
CA LYS D 468 -7.15 -28.93 -13.58
C LYS D 468 -8.33 -28.51 -14.47
N ALA D 469 -8.00 -28.16 -15.71
CA ALA D 469 -9.04 -27.70 -16.66
C ALA D 469 -9.98 -28.84 -17.04
N PRO D 470 -11.29 -28.56 -17.00
CA PRO D 470 -12.37 -29.51 -17.34
C PRO D 470 -12.54 -29.64 -18.86
N ILE D 471 -11.47 -30.08 -19.51
CA ILE D 471 -11.48 -30.21 -20.96
CA ILE D 471 -11.50 -30.20 -20.97
C ILE D 471 -11.63 -31.66 -21.39
N VAL D 472 -12.41 -31.88 -22.43
CA VAL D 472 -12.65 -33.21 -22.97
C VAL D 472 -12.19 -33.15 -24.42
N HIS D 473 -11.08 -33.82 -24.74
CA HIS D 473 -10.53 -33.80 -26.10
C HIS D 473 -10.84 -35.08 -26.88
N ILE D 474 -11.48 -34.89 -28.03
CA ILE D 474 -11.90 -36.00 -28.87
C ILE D 474 -10.92 -36.13 -30.02
N VAL D 475 -10.19 -37.23 -30.07
CA VAL D 475 -9.26 -37.48 -31.18
C VAL D 475 -9.87 -38.44 -32.21
N TRP D 476 -10.11 -37.95 -33.43
CA TRP D 476 -10.52 -38.82 -34.52
C TRP D 476 -9.30 -39.55 -35.04
N ASN D 477 -9.29 -40.87 -34.85
CA ASN D 477 -8.11 -41.68 -35.10
C ASN D 477 -8.19 -42.47 -36.40
N ASP D 478 -7.30 -42.16 -37.35
CA ASP D 478 -7.22 -42.90 -38.64
C ASP D 478 -5.77 -43.21 -39.06
N SER D 479 -4.79 -42.54 -38.45
CA SER D 479 -3.35 -42.73 -38.70
C SER D 479 -2.77 -42.08 -39.98
N THR D 480 -3.47 -41.10 -40.55
CA THR D 480 -2.96 -40.36 -41.73
C THR D 480 -3.26 -38.86 -41.66
N TYR D 481 -2.56 -38.08 -42.49
CA TYR D 481 -2.93 -36.71 -42.77
C TYR D 481 -4.05 -36.75 -43.83
N ASP D 482 -5.25 -37.13 -43.42
CA ASP D 482 -6.29 -37.50 -44.38
C ASP D 482 -6.76 -36.38 -45.32
N MET D 483 -6.93 -35.16 -44.81
CA MET D 483 -7.47 -34.06 -45.63
C MET D 483 -6.56 -33.80 -46.84
N VAL D 484 -5.25 -33.92 -46.62
CA VAL D 484 -4.28 -33.85 -47.70
C VAL D 484 -4.43 -35.09 -48.61
N ALA D 485 -4.58 -36.26 -48.00
CA ALA D 485 -4.60 -37.54 -48.74
C ALA D 485 -5.69 -37.68 -49.82
N PHE D 486 -6.96 -37.39 -49.47
CA PHE D 486 -8.03 -37.57 -50.48
C PHE D 486 -8.00 -36.52 -51.60
N GLN D 487 -7.51 -35.33 -51.27
CA GLN D 487 -7.31 -34.30 -52.29
C GLN D 487 -6.17 -34.69 -53.23
N GLN D 488 -5.16 -35.39 -52.69
CA GLN D 488 -4.07 -35.95 -53.49
C GLN D 488 -4.59 -37.04 -54.42
N LEU D 489 -5.46 -37.90 -53.89
CA LEU D 489 -6.04 -38.97 -54.69
C LEU D 489 -6.92 -38.41 -55.81
N LYS D 490 -7.65 -37.33 -55.50
CA LYS D 490 -8.53 -36.68 -56.46
C LYS D 490 -7.74 -36.02 -57.60
N LYS D 491 -6.54 -35.52 -57.30
CA LYS D 491 -5.72 -34.83 -58.31
C LYS D 491 -4.77 -35.79 -59.04
N TYR D 492 -4.14 -36.69 -58.29
CA TYR D 492 -3.01 -37.46 -58.80
C TYR D 492 -3.24 -38.97 -58.78
N ASN D 493 -4.28 -39.39 -58.06
CA ASN D 493 -4.57 -40.82 -57.82
C ASN D 493 -3.47 -41.55 -57.05
N ARG D 494 -2.71 -40.78 -56.26
CA ARG D 494 -1.72 -41.35 -55.36
C ARG D 494 -1.51 -40.39 -54.18
N THR D 495 -1.14 -40.92 -53.03
CA THR D 495 -0.86 -40.07 -51.88
C THR D 495 0.65 -39.87 -51.77
N SER D 496 1.03 -38.85 -51.00
CA SER D 496 2.44 -38.55 -50.78
C SER D 496 2.62 -37.87 -49.41
N ALA D 497 3.39 -38.54 -48.55
CA ALA D 497 3.77 -38.02 -47.24
C ALA D 497 2.58 -37.80 -46.29
N VAL D 498 1.67 -38.76 -46.24
CA VAL D 498 0.49 -38.61 -45.39
C VAL D 498 0.44 -39.64 -44.24
N ASP D 499 1.33 -40.64 -44.28
CA ASP D 499 1.32 -41.75 -43.32
C ASP D 499 2.28 -41.54 -42.15
N PHE D 500 1.81 -41.89 -40.95
CA PHE D 500 2.64 -41.93 -39.76
C PHE D 500 2.16 -43.07 -38.88
N GLY D 501 2.96 -43.48 -37.89
CA GLY D 501 2.55 -44.55 -37.00
C GLY D 501 1.56 -44.05 -35.98
N ASN D 502 0.83 -44.95 -35.33
CA ASN D 502 -0.08 -44.53 -34.27
C ASN D 502 0.59 -44.61 -32.90
N ILE D 503 0.17 -43.72 -32.01
CA ILE D 503 0.59 -43.79 -30.62
C ILE D 503 -0.57 -44.28 -29.76
N ASP D 504 -0.28 -44.72 -28.54
CA ASP D 504 -1.34 -45.10 -27.62
C ASP D 504 -1.91 -43.85 -26.94
N ILE D 505 -3.03 -43.36 -27.46
CA ILE D 505 -3.63 -42.12 -26.99
C ILE D 505 -4.03 -42.18 -25.52
N VAL D 506 -4.59 -43.30 -25.10
CA VAL D 506 -4.94 -43.50 -23.69
C VAL D 506 -3.72 -43.35 -22.79
N LYS D 507 -2.64 -44.03 -23.14
CA LYS D 507 -1.43 -43.95 -22.32
C LYS D 507 -0.72 -42.58 -22.43
N TYR D 508 -0.87 -41.93 -23.58
CA TYR D 508 -0.33 -40.60 -23.71
C TYR D 508 -1.02 -39.73 -22.68
N ALA D 509 -2.35 -39.81 -22.65
CA ALA D 509 -3.13 -39.03 -21.70
C ALA D 509 -2.70 -39.33 -20.27
N GLU D 510 -2.56 -40.63 -19.98
CA GLU D 510 -2.20 -41.04 -18.63
C GLU D 510 -0.81 -40.59 -18.20
N SER D 511 0.13 -40.52 -19.14
CA SER D 511 1.50 -40.11 -18.76
C SER D 511 1.55 -38.68 -18.26
N PHE D 512 0.57 -37.86 -18.70
CA PHE D 512 0.48 -36.46 -18.31
C PHE D 512 -0.34 -36.32 -17.02
N GLY D 513 -0.90 -37.43 -16.55
CA GLY D 513 -1.73 -37.39 -15.35
C GLY D 513 -3.13 -36.97 -15.72
N ALA D 514 -3.45 -37.09 -17.02
CA ALA D 514 -4.80 -36.80 -17.49
C ALA D 514 -5.58 -38.12 -17.55
N THR D 515 -6.87 -38.05 -17.86
CA THR D 515 -7.68 -39.26 -18.03
C THR D 515 -7.72 -39.63 -19.51
N GLY D 516 -7.50 -40.91 -19.81
CA GLY D 516 -7.58 -41.41 -21.17
C GLY D 516 -8.71 -42.43 -21.35
N LEU D 517 -9.55 -42.21 -22.36
CA LEU D 517 -10.65 -43.13 -22.65
C LEU D 517 -10.57 -43.59 -24.11
N ARG D 518 -11.14 -44.76 -24.40
CA ARG D 518 -11.16 -45.24 -25.79
C ARG D 518 -12.54 -45.79 -26.20
N VAL D 519 -13.02 -45.41 -27.38
CA VAL D 519 -14.21 -46.04 -27.94
C VAL D 519 -13.75 -47.34 -28.63
N GLU D 520 -13.85 -48.44 -27.89
CA GLU D 520 -13.30 -49.72 -28.32
C GLU D 520 -14.10 -50.31 -29.49
N SER D 521 -15.40 -50.05 -29.49
CA SER D 521 -16.24 -50.38 -30.65
C SER D 521 -17.31 -49.30 -30.81
N PRO D 522 -17.72 -49.04 -32.07
CA PRO D 522 -18.59 -47.92 -32.45
C PRO D 522 -19.87 -47.77 -31.63
N ASP D 523 -20.37 -48.87 -31.08
CA ASP D 523 -21.59 -48.83 -30.29
C ASP D 523 -21.35 -48.19 -28.91
N GLN D 524 -20.09 -48.00 -28.54
CA GLN D 524 -19.78 -47.44 -27.24
C GLN D 524 -19.66 -45.94 -27.25
N LEU D 525 -19.85 -45.36 -28.44
CA LEU D 525 -19.63 -43.93 -28.64
C LEU D 525 -20.35 -43.05 -27.61
N ALA D 526 -21.67 -43.19 -27.50
CA ALA D 526 -22.43 -42.35 -26.58
C ALA D 526 -21.98 -42.49 -25.13
N ASP D 527 -21.77 -43.73 -24.69
CA ASP D 527 -21.37 -44.00 -23.30
C ASP D 527 -20.03 -43.40 -22.96
N VAL D 528 -19.06 -43.55 -23.86
CA VAL D 528 -17.72 -43.05 -23.59
C VAL D 528 -17.69 -41.53 -23.58
N LEU D 529 -18.44 -40.91 -24.50
CA LEU D 529 -18.50 -39.46 -24.56
C LEU D 529 -19.09 -38.87 -23.28
N ARG D 530 -20.15 -39.48 -22.78
CA ARG D 530 -20.80 -39.03 -21.55
C ARG D 530 -19.84 -39.21 -20.38
N GLN D 531 -19.11 -40.32 -20.40
CA GLN D 531 -18.10 -40.57 -19.38
C GLN D 531 -17.04 -39.45 -19.35
N GLY D 532 -16.66 -38.98 -20.52
CA GLY D 532 -15.73 -37.86 -20.59
C GLY D 532 -16.33 -36.59 -20.01
N MET D 533 -17.59 -36.33 -20.32
CA MET D 533 -18.26 -35.14 -19.82
C MET D 533 -18.39 -35.17 -18.31
N ASN D 534 -18.35 -36.36 -17.73
CA ASN D 534 -18.53 -36.47 -16.30
C ASN D 534 -17.25 -36.75 -15.56
N ALA D 535 -16.13 -36.81 -16.28
CA ALA D 535 -14.86 -37.14 -15.64
C ALA D 535 -14.26 -35.91 -14.97
N GLU D 536 -13.32 -36.15 -14.06
CA GLU D 536 -12.67 -35.11 -13.29
C GLU D 536 -11.32 -34.82 -13.93
N GLY D 537 -11.03 -33.53 -14.17
CA GLY D 537 -9.80 -33.17 -14.82
C GLY D 537 -9.85 -33.41 -16.32
N PRO D 538 -8.76 -33.06 -17.02
CA PRO D 538 -8.70 -33.20 -18.49
C PRO D 538 -8.91 -34.64 -18.96
N VAL D 539 -9.65 -34.80 -20.06
CA VAL D 539 -9.82 -36.10 -20.69
C VAL D 539 -9.42 -36.07 -22.15
N ILE D 540 -8.72 -37.11 -22.59
CA ILE D 540 -8.53 -37.35 -24.02
C ILE D 540 -9.30 -38.60 -24.38
N ILE D 541 -10.10 -38.51 -25.42
CA ILE D 541 -10.85 -39.67 -25.87
C ILE D 541 -10.38 -40.10 -27.25
N ASP D 542 -9.96 -41.36 -27.35
CA ASP D 542 -9.50 -41.96 -28.60
C ASP D 542 -10.72 -42.49 -29.37
N VAL D 543 -11.03 -41.92 -30.53
CA VAL D 543 -12.20 -42.36 -31.30
C VAL D 543 -11.80 -42.88 -32.68
N PRO D 544 -11.77 -44.20 -32.84
CA PRO D 544 -11.47 -44.78 -34.15
C PRO D 544 -12.50 -44.36 -35.19
N VAL D 545 -12.03 -44.00 -36.38
CA VAL D 545 -12.95 -43.50 -37.40
C VAL D 545 -12.65 -44.13 -38.76
N ASP D 546 -13.70 -44.32 -39.56
CA ASP D 546 -13.57 -44.85 -40.91
C ASP D 546 -13.70 -43.72 -41.92
N TYR D 547 -12.63 -43.45 -42.66
CA TYR D 547 -12.56 -42.32 -43.59
C TYR D 547 -12.80 -42.66 -45.07
N SER D 548 -13.32 -43.85 -45.37
CA SER D 548 -13.48 -44.29 -46.77
C SER D 548 -14.54 -43.49 -47.54
N ASP D 549 -15.40 -42.80 -46.81
CA ASP D 549 -16.47 -41.99 -47.40
C ASP D 549 -16.03 -40.53 -47.62
N ASN D 550 -14.80 -40.21 -47.21
CA ASN D 550 -14.32 -38.83 -47.24
C ASN D 550 -14.21 -38.14 -48.59
N ILE D 551 -13.85 -38.89 -49.63
CA ILE D 551 -13.67 -38.29 -50.96
C ILE D 551 -14.99 -37.68 -51.47
N ASN D 552 -16.11 -38.15 -50.93
CA ASN D 552 -17.40 -37.58 -51.29
C ASN D 552 -17.63 -36.16 -50.73
N LEU D 553 -16.82 -35.75 -49.75
CA LEU D 553 -16.89 -34.37 -49.24
C LEU D 553 -16.55 -33.40 -50.36
N ALA D 554 -15.80 -33.89 -51.36
CA ALA D 554 -15.44 -33.09 -52.52
C ALA D 554 -16.21 -33.52 -53.77
N SER D 555 -17.21 -34.38 -53.61
CA SER D 555 -17.94 -34.90 -54.76
C SER D 555 -18.86 -33.86 -55.37
N ASP D 556 -19.00 -33.92 -56.68
CA ASP D 556 -19.81 -32.94 -57.40
C ASP D 556 -21.21 -33.44 -57.71
N LYS D 557 -21.63 -34.52 -57.04
CA LYS D 557 -22.92 -35.15 -57.33
C LYS D 557 -24.13 -34.20 -57.12
N LEU D 558 -24.19 -33.55 -55.95
CA LEU D 558 -25.31 -32.66 -55.61
C LEU D 558 -25.54 -31.48 -56.58
N PRO D 559 -24.48 -30.72 -56.93
CA PRO D 559 -24.69 -29.66 -57.93
C PRO D 559 -25.12 -30.22 -59.30
N LYS D 560 -24.67 -31.43 -59.65
CA LYS D 560 -25.13 -32.07 -60.89
C LYS D 560 -26.59 -32.50 -60.79
N GLU D 561 -26.93 -33.18 -59.69
CA GLU D 561 -28.30 -33.65 -59.47
C GLU D 561 -29.28 -32.50 -59.54
N PHE D 562 -28.96 -31.43 -58.83
CA PHE D 562 -29.83 -30.27 -58.73
C PHE D 562 -29.91 -29.54 -60.07
N GLY D 563 -28.80 -29.58 -60.82
CA GLY D 563 -28.77 -29.00 -62.15
C GLY D 563 -29.72 -29.69 -63.13
N GLU D 564 -29.81 -31.02 -63.03
CA GLU D 564 -30.68 -31.81 -63.88
C GLU D 564 -32.14 -31.53 -63.57
N LEU D 565 -32.41 -31.29 -62.28
CA LEU D 565 -33.76 -30.99 -61.82
C LEU D 565 -34.27 -29.67 -62.40
N MET D 566 -33.37 -28.70 -62.53
CA MET D 566 -33.77 -27.37 -63.00
C MET D 566 -33.92 -27.35 -64.51
N VAL E 13 -3.69 -32.62 -3.65
CA VAL E 13 -2.62 -32.39 -2.69
C VAL E 13 -3.17 -32.25 -1.27
N LYS E 14 -4.14 -31.35 -1.10
CA LYS E 14 -4.86 -31.21 0.16
C LYS E 14 -6.34 -31.40 -0.16
N ASN E 15 -7.02 -32.22 0.63
CA ASN E 15 -8.42 -32.56 0.39
C ASN E 15 -9.32 -32.30 1.61
N ARG E 16 -9.26 -31.08 2.14
CA ARG E 16 -10.08 -30.70 3.29
C ARG E 16 -11.39 -30.05 2.86
N GLY E 17 -12.30 -29.82 3.83
CA GLY E 17 -13.50 -29.03 3.60
C GLY E 17 -13.17 -27.66 3.05
N ALA E 18 -12.06 -27.11 3.51
CA ALA E 18 -11.60 -25.81 3.03
C ALA E 18 -11.44 -25.79 1.51
N GLU E 19 -10.92 -26.89 0.96
CA GLU E 19 -10.75 -26.99 -0.50
C GLU E 19 -12.10 -27.04 -1.23
N LEU E 20 -13.09 -27.70 -0.62
CA LEU E 20 -14.44 -27.74 -1.19
C LEU E 20 -15.00 -26.33 -1.31
N VAL E 21 -14.78 -25.54 -0.26
CA VAL E 21 -15.19 -24.15 -0.26
C VAL E 21 -14.53 -23.36 -1.41
N VAL E 22 -13.21 -23.50 -1.53
CA VAL E 22 -12.48 -22.79 -2.58
C VAL E 22 -12.88 -23.27 -3.98
N ASP E 23 -13.09 -24.58 -4.11
CA ASP E 23 -13.52 -25.12 -5.41
C ASP E 23 -14.85 -24.49 -5.86
N CYS E 24 -15.80 -24.30 -4.94
CA CYS E 24 -17.06 -23.63 -5.29
C CYS E 24 -16.82 -22.20 -5.77
N LEU E 25 -15.94 -21.50 -5.07
CA LEU E 25 -15.60 -20.15 -5.48
C LEU E 25 -14.97 -20.16 -6.87
N VAL E 26 -14.13 -21.16 -7.11
CA VAL E 26 -13.55 -21.31 -8.45
C VAL E 26 -14.65 -21.59 -9.47
N GLU E 27 -15.53 -22.55 -9.18
CA GLU E 27 -16.61 -22.87 -10.12
C GLU E 27 -17.63 -21.74 -10.34
N GLN E 28 -17.87 -20.92 -9.30
CA GLN E 28 -18.79 -19.78 -9.41
C GLN E 28 -18.17 -18.60 -10.17
N GLY E 29 -16.88 -18.71 -10.48
CA GLY E 29 -16.19 -17.65 -11.20
C GLY E 29 -15.89 -16.44 -10.32
N VAL E 30 -15.72 -16.67 -9.01
CA VAL E 30 -15.42 -15.59 -8.09
C VAL E 30 -13.96 -15.12 -8.26
N THR E 31 -13.75 -13.84 -8.47
CA THR E 31 -12.37 -13.36 -8.65
C THR E 31 -11.80 -12.61 -7.44
N HIS E 32 -12.69 -12.05 -6.61
CA HIS E 32 -12.23 -11.35 -5.41
C HIS E 32 -12.99 -11.86 -4.20
N VAL E 33 -12.25 -12.15 -3.14
CA VAL E 33 -12.84 -12.46 -1.84
C VAL E 33 -12.39 -11.39 -0.87
N PHE E 34 -13.35 -10.72 -0.22
CA PHE E 34 -13.03 -9.71 0.78
C PHE E 34 -13.10 -10.36 2.15
N GLY E 35 -12.07 -10.16 2.97
CA GLY E 35 -12.07 -10.82 4.26
C GLY E 35 -10.98 -10.46 5.24
N ILE E 36 -11.09 -11.06 6.40
CA ILE E 36 -10.17 -10.87 7.49
C ILE E 36 -10.05 -12.23 8.13
N PRO E 37 -8.82 -12.75 8.22
CA PRO E 37 -8.58 -14.11 8.70
C PRO E 37 -8.69 -14.23 10.22
N GLY E 38 -8.77 -15.47 10.69
CA GLY E 38 -8.84 -15.74 12.11
C GLY E 38 -8.72 -17.23 12.28
N ALA E 39 -8.47 -17.66 13.52
CA ALA E 39 -8.15 -19.06 13.76
C ALA E 39 -9.21 -20.04 13.25
N LYS E 40 -10.49 -19.77 13.50
CA LYS E 40 -11.51 -20.74 13.13
C LYS E 40 -11.67 -20.93 11.63
N ILE E 41 -11.39 -19.89 10.86
CA ILE E 41 -11.66 -19.92 9.42
C ILE E 41 -10.35 -20.07 8.64
N ASP E 42 -9.27 -20.29 9.38
CA ASP E 42 -7.89 -20.34 8.85
C ASP E 42 -7.64 -21.25 7.64
N ALA E 43 -8.21 -22.46 7.69
CA ALA E 43 -8.00 -23.46 6.65
C ALA E 43 -8.49 -22.97 5.28
N VAL E 44 -9.61 -22.28 5.26
CA VAL E 44 -10.12 -21.70 4.02
C VAL E 44 -9.19 -20.63 3.44
N PHE E 45 -8.65 -19.76 4.29
CA PHE E 45 -7.65 -18.79 3.86
C PHE E 45 -6.37 -19.52 3.42
N ASP E 46 -6.06 -20.63 4.09
CA ASP E 46 -4.91 -21.44 3.69
C ASP E 46 -5.14 -22.01 2.28
N ALA E 47 -6.32 -22.56 2.06
CA ALA E 47 -6.65 -23.13 0.75
C ALA E 47 -6.63 -22.08 -0.34
N LEU E 48 -6.87 -20.83 0.01
CA LEU E 48 -6.87 -19.75 -0.97
C LEU E 48 -5.45 -19.39 -1.39
N GLN E 49 -4.46 -19.93 -0.69
CA GLN E 49 -3.08 -19.73 -1.11
C GLN E 49 -2.72 -20.57 -2.34
N ASP E 50 -3.33 -21.73 -2.49
CA ASP E 50 -3.05 -22.63 -3.62
C ASP E 50 -3.80 -22.22 -4.87
N LYS E 51 -5.06 -21.83 -4.72
CA LYS E 51 -5.85 -21.40 -5.88
C LYS E 51 -7.10 -20.64 -5.45
N GLY E 52 -7.81 -20.09 -6.41
CA GLY E 52 -9.05 -19.40 -6.12
C GLY E 52 -8.91 -17.91 -6.30
N PRO E 53 -9.98 -17.19 -5.97
CA PRO E 53 -10.04 -15.73 -6.10
C PRO E 53 -8.95 -15.05 -5.27
N GLU E 54 -8.56 -13.86 -5.72
CA GLU E 54 -7.64 -13.04 -4.95
C GLU E 54 -8.31 -12.63 -3.65
N ILE E 55 -7.54 -12.68 -2.56
CA ILE E 55 -8.00 -12.20 -1.28
C ILE E 55 -7.72 -10.70 -1.14
N ILE E 56 -8.75 -9.91 -0.89
CA ILE E 56 -8.55 -8.51 -0.54
CA ILE E 56 -8.58 -8.50 -0.56
C ILE E 56 -8.71 -8.37 0.98
N VAL E 57 -7.62 -8.06 1.66
CA VAL E 57 -7.66 -7.94 3.12
C VAL E 57 -8.33 -6.62 3.48
N ALA E 58 -9.41 -6.71 4.28
CA ALA E 58 -10.15 -5.53 4.70
C ALA E 58 -9.63 -5.01 6.04
N ARG E 59 -10.00 -3.78 6.41
CA ARG E 59 -9.59 -3.26 7.73
C ARG E 59 -10.71 -3.37 8.77
N HIS E 60 -11.88 -3.82 8.30
CA HIS E 60 -13.05 -4.11 9.14
C HIS E 60 -14.03 -4.99 8.35
N GLU E 61 -14.59 -6.02 9.00
CA GLU E 61 -15.51 -6.91 8.31
C GLU E 61 -16.75 -6.18 7.76
N GLN E 62 -17.16 -5.10 8.41
CA GLN E 62 -18.25 -4.29 7.90
C GLN E 62 -17.91 -3.83 6.48
N ASN E 63 -16.67 -3.37 6.30
CA ASN E 63 -16.26 -2.83 5.00
C ASN E 63 -16.06 -3.92 3.93
N ALA E 64 -15.62 -5.10 4.37
CA ALA E 64 -15.54 -6.26 3.48
C ALA E 64 -16.96 -6.58 2.99
N ALA E 65 -17.92 -6.49 3.91
CA ALA E 65 -19.32 -6.71 3.56
C ALA E 65 -19.82 -5.70 2.55
N PHE E 66 -19.51 -4.42 2.79
CA PHE E 66 -19.89 -3.35 1.86
C PHE E 66 -19.26 -3.59 0.47
N MET E 67 -17.98 -3.93 0.45
CA MET E 67 -17.29 -4.18 -0.82
C MET E 67 -17.94 -5.32 -1.59
N ALA E 68 -18.25 -6.40 -0.89
CA ALA E 68 -18.94 -7.51 -1.53
C ALA E 68 -20.31 -7.09 -2.05
N GLN E 69 -20.98 -6.22 -1.31
CA GLN E 69 -22.30 -5.74 -1.73
C GLN E 69 -22.18 -4.98 -3.06
N ALA E 70 -21.15 -4.15 -3.16
CA ALA E 70 -20.90 -3.38 -4.37
C ALA E 70 -20.61 -4.29 -5.58
N VAL E 71 -19.82 -5.34 -5.36
CA VAL E 71 -19.51 -6.27 -6.46
C VAL E 71 -20.78 -6.96 -6.93
N GLY E 72 -21.63 -7.37 -5.99
CA GLY E 72 -22.92 -7.95 -6.34
C GLY E 72 -23.84 -6.97 -7.08
N ARG E 73 -23.90 -5.72 -6.63
CA ARG E 73 -24.75 -4.76 -7.32
C ARG E 73 -24.24 -4.52 -8.74
N LEU E 74 -22.92 -4.43 -8.90
CA LEU E 74 -22.34 -4.07 -10.19
C LEU E 74 -22.25 -5.21 -11.18
N THR E 75 -22.15 -6.45 -10.70
CA THR E 75 -21.91 -7.55 -11.62
C THR E 75 -23.10 -8.47 -11.78
N GLY E 76 -24.05 -8.40 -10.84
CA GLY E 76 -25.18 -9.31 -10.89
C GLY E 76 -24.80 -10.68 -10.35
N LYS E 77 -23.52 -10.86 -10.04
CA LYS E 77 -23.06 -12.10 -9.38
C LYS E 77 -22.66 -11.81 -7.94
N PRO E 78 -22.97 -12.73 -7.02
CA PRO E 78 -22.76 -12.44 -5.59
C PRO E 78 -21.33 -12.05 -5.24
N GLY E 79 -21.18 -10.92 -4.54
CA GLY E 79 -19.93 -10.57 -3.91
C GLY E 79 -19.68 -11.52 -2.75
N VAL E 80 -18.41 -11.80 -2.47
CA VAL E 80 -18.08 -12.78 -1.45
C VAL E 80 -17.25 -12.18 -0.32
N VAL E 81 -17.71 -12.44 0.90
CA VAL E 81 -17.00 -12.02 2.11
C VAL E 81 -16.67 -13.26 2.95
N LEU E 82 -15.48 -13.26 3.55
CA LEU E 82 -14.96 -14.43 4.26
C LEU E 82 -14.41 -13.98 5.62
N VAL E 83 -14.97 -14.48 6.71
CA VAL E 83 -14.57 -13.98 8.01
C VAL E 83 -14.46 -15.10 9.02
N THR E 84 -13.89 -14.77 10.17
CA THR E 84 -13.74 -15.76 11.21
C THR E 84 -14.94 -15.80 12.15
N SER E 85 -14.85 -16.66 13.15
CA SER E 85 -15.94 -16.86 14.08
C SER E 85 -16.16 -15.68 14.99
N GLY E 86 -17.22 -15.76 15.77
CA GLY E 86 -17.54 -14.75 16.75
C GLY E 86 -17.66 -13.33 16.24
N PRO E 87 -16.79 -12.43 16.75
CA PRO E 87 -16.89 -11.02 16.35
C PRO E 87 -16.58 -10.84 14.85
N GLY E 88 -15.84 -11.77 14.25
CA GLY E 88 -15.62 -11.76 12.80
C GLY E 88 -16.96 -11.86 12.07
N ALA E 89 -17.80 -12.81 12.49
CA ALA E 89 -19.12 -12.97 11.90
C ALA E 89 -20.10 -11.89 12.33
N SER E 90 -20.13 -11.56 13.62
CA SER E 90 -21.11 -10.57 14.07
C SER E 90 -20.85 -9.18 13.46
N ASN E 91 -19.60 -8.90 13.10
CA ASN E 91 -19.28 -7.64 12.43
C ASN E 91 -19.89 -7.54 11.03
N LEU E 92 -20.48 -8.64 10.55
CA LEU E 92 -21.13 -8.67 9.24
C LEU E 92 -22.60 -8.25 9.24
N ALA E 93 -23.20 -8.08 10.42
CA ALA E 93 -24.65 -7.95 10.54
C ALA E 93 -25.25 -6.89 9.64
N THR E 94 -24.74 -5.66 9.80
CA THR E 94 -25.27 -4.54 9.08
C THR E 94 -25.04 -4.68 7.60
N GLY E 95 -23.82 -5.08 7.25
CA GLY E 95 -23.46 -5.31 5.86
C GLY E 95 -24.42 -6.26 5.18
N LEU E 96 -24.65 -7.42 5.78
CA LEU E 96 -25.60 -8.34 5.15
C LEU E 96 -27.05 -7.81 5.15
N LEU E 97 -27.46 -7.15 6.22
CA LEU E 97 -28.82 -6.60 6.30
C LEU E 97 -29.01 -5.56 5.21
N THR E 98 -27.99 -4.72 5.02
CA THR E 98 -28.05 -3.70 3.99
C THR E 98 -28.21 -4.31 2.59
N ALA E 99 -27.36 -5.28 2.26
CA ALA E 99 -27.46 -5.94 0.95
C ALA E 99 -28.79 -6.65 0.78
N ASN E 100 -29.23 -7.31 1.85
CA ASN E 100 -30.44 -8.14 1.83
C ASN E 100 -31.69 -7.33 1.62
N THR E 101 -31.60 -6.02 1.89
CA THR E 101 -32.78 -5.17 1.74
C THR E 101 -32.64 -4.20 0.56
N GLU E 102 -31.53 -4.28 -0.15
CA GLU E 102 -31.29 -3.35 -1.26
C GLU E 102 -31.15 -4.03 -2.63
N GLY E 103 -31.41 -5.34 -2.69
CA GLY E 103 -31.40 -6.09 -3.93
C GLY E 103 -30.04 -6.55 -4.41
N ASP E 104 -29.08 -6.62 -3.47
CA ASP E 104 -27.71 -6.94 -3.85
C ASP E 104 -27.32 -8.36 -3.44
N PRO E 105 -26.90 -9.20 -4.40
CA PRO E 105 -26.54 -10.57 -4.04
C PRO E 105 -25.19 -10.62 -3.32
N VAL E 106 -25.18 -11.27 -2.16
CA VAL E 106 -23.95 -11.43 -1.39
C VAL E 106 -23.92 -12.80 -0.75
N VAL E 107 -22.76 -13.46 -0.83
CA VAL E 107 -22.56 -14.71 -0.08
C VAL E 107 -21.48 -14.50 0.99
N ALA E 108 -21.86 -14.72 2.25
CA ALA E 108 -20.93 -14.56 3.36
C ALA E 108 -20.51 -15.93 3.83
N LEU E 109 -19.22 -16.07 4.13
CA LEU E 109 -18.69 -17.33 4.61
C LEU E 109 -18.00 -17.06 5.93
N ALA E 110 -18.42 -17.73 6.99
CA ALA E 110 -17.89 -17.44 8.33
C ALA E 110 -17.48 -18.73 9.05
N GLY E 111 -16.47 -18.61 9.90
CA GLY E 111 -16.06 -19.74 10.71
C GLY E 111 -16.91 -19.83 11.97
N ASN E 112 -16.86 -21.00 12.61
CA ASN E 112 -17.41 -21.16 13.95
C ASN E 112 -16.56 -22.17 14.72
N VAL E 113 -16.85 -22.36 16.00
CA VAL E 113 -16.08 -23.30 16.81
C VAL E 113 -16.36 -24.77 16.41
N ILE E 114 -15.50 -25.68 16.86
CA ILE E 114 -15.69 -27.09 16.52
C ILE E 114 -17.05 -27.57 16.98
N ARG E 115 -17.60 -28.53 16.24
CA ARG E 115 -18.94 -29.05 16.50
C ARG E 115 -19.13 -29.50 17.92
N ALA E 116 -18.09 -30.14 18.46
CA ALA E 116 -18.16 -30.73 19.79
C ALA E 116 -18.34 -29.67 20.86
N ASP E 117 -17.92 -28.44 20.57
CA ASP E 117 -17.98 -27.41 21.58
C ASP E 117 -19.05 -26.37 21.26
N ARG E 118 -19.95 -26.70 20.33
CA ARG E 118 -20.86 -25.68 19.80
C ARG E 118 -21.81 -25.10 20.84
N LEU E 119 -22.04 -25.83 21.93
CA LEU E 119 -22.98 -25.41 22.96
C LEU E 119 -22.27 -24.74 24.12
N LYS E 120 -20.94 -24.68 24.06
CA LYS E 120 -20.15 -24.28 25.21
C LYS E 120 -19.86 -22.77 25.32
N ARG E 121 -19.58 -22.32 26.52
CA ARG E 121 -19.01 -20.99 26.69
C ARG E 121 -17.53 -21.12 26.36
N THR E 122 -17.20 -20.81 25.12
CA THR E 122 -15.84 -20.99 24.62
C THR E 122 -15.54 -19.84 23.66
N HIS E 123 -14.26 -19.51 23.49
CA HIS E 123 -13.88 -18.34 22.70
C HIS E 123 -14.59 -18.25 21.33
N GLN E 124 -15.28 -17.13 21.12
CA GLN E 124 -15.89 -16.77 19.85
C GLN E 124 -17.00 -17.68 19.34
N SER E 125 -17.75 -18.29 20.24
CA SER E 125 -18.85 -19.16 19.84
C SER E 125 -20.18 -18.42 19.99
N LEU E 126 -21.02 -18.54 18.96
CA LEU E 126 -22.41 -18.11 19.07
C LEU E 126 -23.20 -18.92 18.05
N ASP E 127 -24.52 -18.86 18.14
CA ASP E 127 -25.35 -19.50 17.13
C ASP E 127 -25.36 -18.60 15.89
N ASN E 128 -24.36 -18.79 15.03
CA ASN E 128 -24.14 -17.96 13.87
C ASN E 128 -25.37 -17.90 12.96
N ALA E 129 -25.89 -19.07 12.64
CA ALA E 129 -26.99 -19.14 11.70
C ALA E 129 -28.19 -18.42 12.27
N ALA E 130 -28.41 -18.53 13.58
CA ALA E 130 -29.59 -17.90 14.19
C ALA E 130 -29.45 -16.39 14.16
N LEU E 131 -28.22 -15.92 14.33
CA LEU E 131 -27.96 -14.49 14.29
C LEU E 131 -28.37 -13.95 12.94
N PHE E 132 -28.07 -14.69 11.88
CA PHE E 132 -28.30 -14.17 10.54
C PHE E 132 -29.66 -14.48 9.93
N GLN E 133 -30.38 -15.40 10.57
CA GLN E 133 -31.71 -15.78 10.14
C GLN E 133 -32.67 -14.59 9.83
N PRO E 134 -32.73 -13.57 10.72
CA PRO E 134 -33.67 -12.46 10.44
C PRO E 134 -33.22 -11.46 9.39
N ILE E 135 -31.97 -11.53 8.97
CA ILE E 135 -31.44 -10.45 8.13
C ILE E 135 -30.88 -10.95 6.80
N THR E 136 -31.18 -12.21 6.45
CA THR E 136 -30.72 -12.79 5.20
C THR E 136 -31.81 -13.62 4.56
N LYS E 137 -31.65 -13.93 3.28
CA LYS E 137 -32.56 -14.86 2.61
C LYS E 137 -32.28 -16.29 3.03
N TYR E 138 -31.07 -16.55 3.54
CA TYR E 138 -30.59 -17.91 3.74
C TYR E 138 -29.45 -17.86 4.74
N SER E 139 -29.63 -18.60 5.84
CA SER E 139 -28.69 -18.60 6.93
C SER E 139 -28.53 -20.02 7.44
N VAL E 140 -27.38 -20.64 7.19
CA VAL E 140 -27.25 -22.06 7.49
C VAL E 140 -25.88 -22.35 8.08
N GLU E 141 -25.80 -23.43 8.84
CA GLU E 141 -24.52 -23.92 9.29
C GLU E 141 -24.32 -25.35 8.83
N VAL E 142 -23.16 -25.61 8.26
CA VAL E 142 -22.84 -26.96 7.77
C VAL E 142 -22.31 -27.83 8.90
N GLN E 143 -22.92 -28.99 9.13
CA GLN E 143 -22.50 -29.84 10.23
C GLN E 143 -21.87 -31.16 9.73
N ASP E 144 -21.64 -31.23 8.44
CA ASP E 144 -20.99 -32.40 7.87
C ASP E 144 -20.25 -31.96 6.62
N VAL E 145 -18.97 -32.31 6.54
CA VAL E 145 -18.11 -31.87 5.43
C VAL E 145 -18.66 -32.21 4.03
N LYS E 146 -19.42 -33.29 3.91
CA LYS E 146 -19.97 -33.68 2.61
C LYS E 146 -20.94 -32.66 2.05
N ASN E 147 -21.56 -31.90 2.95
CA ASN E 147 -22.66 -30.98 2.59
C ASN E 147 -22.15 -29.61 2.11
N ILE E 148 -20.86 -29.38 2.28
CA ILE E 148 -20.25 -28.10 1.91
C ILE E 148 -20.57 -27.62 0.49
N PRO E 149 -20.34 -28.46 -0.54
CA PRO E 149 -20.60 -27.99 -1.91
C PRO E 149 -22.09 -27.71 -2.18
N GLU E 150 -22.95 -28.48 -1.54
CA GLU E 150 -24.39 -28.29 -1.68
C GLU E 150 -24.84 -26.97 -1.03
N ALA E 151 -24.43 -26.78 0.21
CA ALA E 151 -24.81 -25.59 0.95
C ALA E 151 -24.30 -24.33 0.26
N VAL E 152 -23.07 -24.39 -0.21
CA VAL E 152 -22.48 -23.22 -0.82
C VAL E 152 -23.12 -22.91 -2.16
N THR E 153 -23.35 -23.94 -2.97
CA THR E 153 -23.93 -23.73 -4.28
C THR E 153 -25.33 -23.15 -4.16
N ASN E 154 -26.12 -23.71 -3.25
CA ASN E 154 -27.45 -23.18 -2.96
C ASN E 154 -27.40 -21.74 -2.41
N ALA E 155 -26.38 -21.40 -1.63
CA ALA E 155 -26.27 -20.02 -1.18
C ALA E 155 -26.09 -19.05 -2.35
N PHE E 156 -25.25 -19.41 -3.33
CA PHE E 156 -25.06 -18.56 -4.52
C PHE E 156 -26.34 -18.39 -5.35
N ARG E 157 -27.06 -19.47 -5.56
CA ARG E 157 -28.27 -19.44 -6.37
C ARG E 157 -29.32 -18.60 -5.67
N ILE E 158 -29.44 -18.78 -4.37
CA ILE E 158 -30.46 -18.04 -3.61
C ILE E 158 -30.14 -16.53 -3.50
N ALA E 159 -28.87 -16.19 -3.34
CA ALA E 159 -28.47 -14.78 -3.32
C ALA E 159 -28.85 -14.11 -4.64
N SER E 160 -28.77 -14.89 -5.74
CA SER E 160 -29.00 -14.36 -7.08
C SER E 160 -30.46 -14.34 -7.52
N ALA E 161 -31.24 -15.31 -7.04
CA ALA E 161 -32.62 -15.47 -7.49
C ALA E 161 -33.49 -14.31 -7.02
N GLY E 162 -34.40 -13.83 -7.89
CA GLY E 162 -35.21 -12.67 -7.57
C GLY E 162 -36.06 -12.96 -6.35
N GLN E 163 -36.13 -12.04 -5.39
CA GLN E 163 -35.34 -10.82 -5.34
C GLN E 163 -33.98 -11.09 -4.69
N ALA E 164 -32.92 -10.60 -5.31
CA ALA E 164 -31.55 -10.87 -4.87
C ALA E 164 -31.31 -10.34 -3.45
N GLY E 165 -30.48 -11.04 -2.69
CA GLY E 165 -30.16 -10.59 -1.35
C GLY E 165 -28.98 -11.33 -0.78
N ALA E 166 -28.93 -11.43 0.55
CA ALA E 166 -27.77 -11.98 1.24
C ALA E 166 -27.94 -13.45 1.61
N ALA E 167 -26.88 -14.24 1.46
CA ALA E 167 -26.86 -15.63 1.94
C ALA E 167 -25.67 -15.85 2.86
N PHE E 168 -25.89 -16.57 3.94
CA PHE E 168 -24.87 -16.73 4.97
C PHE E 168 -24.64 -18.21 5.22
N VAL E 169 -23.38 -18.65 5.18
CA VAL E 169 -23.02 -20.04 5.41
C VAL E 169 -21.91 -20.08 6.47
N SER E 170 -22.16 -20.80 7.55
CA SER E 170 -21.20 -20.92 8.65
C SER E 170 -20.55 -22.31 8.68
N PHE E 171 -19.25 -22.35 8.97
CA PHE E 171 -18.52 -23.63 9.01
C PHE E 171 -17.78 -23.83 10.33
N PRO E 172 -18.20 -24.82 11.13
CA PRO E 172 -17.43 -25.22 12.32
C PRO E 172 -16.01 -25.55 11.91
N GLN E 173 -15.04 -25.10 12.70
CA GLN E 173 -13.63 -25.24 12.38
C GLN E 173 -13.25 -26.68 11.97
N ASP E 174 -13.79 -27.67 12.66
CA ASP E 174 -13.45 -29.05 12.35
C ASP E 174 -14.01 -29.48 10.98
N VAL E 175 -15.10 -28.85 10.54
CA VAL E 175 -15.66 -29.14 9.23
C VAL E 175 -14.79 -28.66 8.06
N VAL E 176 -14.23 -27.45 8.13
CA VAL E 176 -13.35 -27.01 7.06
C VAL E 176 -11.96 -27.64 7.11
N ASN E 177 -11.56 -28.18 8.27
CA ASN E 177 -10.26 -28.82 8.44
C ASN E 177 -10.25 -30.30 8.12
N GLU E 178 -11.44 -30.89 8.08
CA GLU E 178 -11.58 -32.34 7.95
C GLU E 178 -11.20 -32.82 6.55
N VAL E 179 -10.37 -33.86 6.48
CA VAL E 179 -10.01 -34.45 5.19
C VAL E 179 -11.15 -35.33 4.67
N THR E 180 -11.45 -35.23 3.38
CA THR E 180 -12.62 -35.94 2.84
C THR E 180 -12.48 -36.28 1.34
N ASN E 181 -13.21 -37.31 0.90
CA ASN E 181 -13.23 -37.68 -0.52
C ASN E 181 -14.47 -37.12 -1.21
N THR E 182 -15.14 -36.18 -0.54
CA THR E 182 -16.32 -35.53 -1.08
C THR E 182 -16.06 -34.90 -2.44
N LYS E 183 -16.98 -35.10 -3.37
CA LYS E 183 -16.91 -34.51 -4.71
C LYS E 183 -17.57 -33.14 -4.70
N ASN E 184 -17.09 -32.25 -5.58
CA ASN E 184 -17.75 -30.97 -5.80
C ASN E 184 -19.06 -31.15 -6.59
N VAL E 185 -19.91 -30.14 -6.64
CA VAL E 185 -21.07 -30.20 -7.52
C VAL E 185 -20.89 -29.12 -8.58
N ARG E 186 -21.66 -29.21 -9.67
CA ARG E 186 -21.61 -28.20 -10.73
CA ARG E 186 -21.61 -28.19 -10.72
C ARG E 186 -22.25 -26.89 -10.25
N ALA E 187 -21.67 -25.76 -10.66
CA ALA E 187 -22.24 -24.48 -10.29
C ALA E 187 -23.46 -24.20 -11.17
N VAL E 188 -24.57 -24.90 -10.91
CA VAL E 188 -25.76 -24.74 -11.74
C VAL E 188 -26.32 -23.34 -11.53
N ALA E 189 -26.26 -22.54 -12.59
CA ALA E 189 -26.63 -21.13 -12.50
C ALA E 189 -28.13 -20.96 -12.29
N ALA E 190 -28.49 -20.02 -11.42
CA ALA E 190 -29.88 -19.66 -11.25
C ALA E 190 -30.41 -19.18 -12.59
N PRO E 191 -31.51 -19.80 -13.05
CA PRO E 191 -32.16 -19.52 -14.34
C PRO E 191 -33.14 -18.35 -14.26
N LYS E 192 -33.29 -17.62 -15.35
CA LYS E 192 -34.28 -16.56 -15.38
C LYS E 192 -35.71 -17.07 -15.63
N LEU E 193 -36.69 -16.35 -15.09
CA LEU E 193 -38.09 -16.63 -15.38
C LEU E 193 -38.39 -16.23 -16.81
N GLY E 194 -39.51 -16.71 -17.35
CA GLY E 194 -40.02 -16.18 -18.60
C GLY E 194 -40.75 -14.87 -18.32
N PRO E 195 -41.20 -14.18 -19.37
CA PRO E 195 -41.99 -12.95 -19.17
C PRO E 195 -43.34 -13.29 -18.55
N ALA E 196 -44.07 -12.29 -18.08
CA ALA E 196 -45.41 -12.51 -17.59
C ALA E 196 -46.27 -13.10 -18.72
N ALA E 197 -47.38 -13.72 -18.36
CA ALA E 197 -48.27 -14.33 -19.34
C ALA E 197 -48.80 -13.31 -20.37
N ASP E 198 -49.01 -13.77 -21.60
CA ASP E 198 -49.45 -12.88 -22.69
C ASP E 198 -50.72 -12.04 -22.42
N ASP E 199 -51.74 -12.62 -21.77
CA ASP E 199 -53.02 -11.90 -21.54
C ASP E 199 -52.86 -10.75 -20.54
N ALA E 200 -51.97 -10.96 -19.58
CA ALA E 200 -51.66 -9.94 -18.61
C ALA E 200 -50.96 -8.77 -19.31
N ILE E 201 -50.06 -9.11 -20.23
CA ILE E 201 -49.40 -8.09 -21.02
C ILE E 201 -50.42 -7.29 -21.82
N SER E 202 -51.33 -8.00 -22.49
CA SER E 202 -52.36 -7.34 -23.27
C SER E 202 -53.22 -6.43 -22.41
N ALA E 203 -53.59 -6.92 -21.23
CA ALA E 203 -54.40 -6.12 -20.31
C ALA E 203 -53.65 -4.87 -19.88
N ALA E 204 -52.34 -4.97 -19.67
CA ALA E 204 -51.55 -3.80 -19.23
C ALA E 204 -51.54 -2.74 -20.32
N ILE E 205 -51.30 -3.21 -21.53
CA ILE E 205 -51.33 -2.34 -22.68
C ILE E 205 -52.70 -1.66 -22.76
N ALA E 206 -53.76 -2.42 -22.62
CA ALA E 206 -55.11 -1.84 -22.68
C ALA E 206 -55.31 -0.77 -21.62
N LYS E 207 -54.86 -1.03 -20.39
CA LYS E 207 -54.98 -0.03 -19.32
C LYS E 207 -54.16 1.21 -19.62
N ILE E 208 -53.00 1.00 -20.23
CA ILE E 208 -52.14 2.13 -20.56
C ILE E 208 -52.72 2.95 -21.70
N GLN E 209 -53.20 2.29 -22.77
CA GLN E 209 -53.71 3.05 -23.92
C GLN E 209 -54.94 3.92 -23.60
N THR E 210 -55.76 3.51 -22.63
CA THR E 210 -56.99 4.23 -22.32
C THR E 210 -56.83 5.26 -21.21
N ALA E 211 -55.61 5.45 -20.73
CA ALA E 211 -55.35 6.39 -19.65
C ALA E 211 -55.22 7.84 -20.14
N LYS E 212 -55.70 8.79 -19.33
CA LYS E 212 -55.46 10.22 -19.56
C LYS E 212 -54.01 10.58 -19.29
N LEU E 213 -53.43 9.98 -18.25
CA LEU E 213 -52.06 10.29 -17.86
C LEU E 213 -51.39 9.05 -17.26
N PRO E 214 -50.94 8.14 -18.12
CA PRO E 214 -50.18 6.99 -17.64
C PRO E 214 -48.76 7.46 -17.33
N VAL E 215 -48.22 6.97 -16.21
CA VAL E 215 -46.88 7.35 -15.82
C VAL E 215 -46.14 6.09 -15.45
N VAL E 216 -44.83 6.07 -15.67
CA VAL E 216 -44.02 4.94 -15.27
C VAL E 216 -43.25 5.29 -14.00
N LEU E 217 -43.35 4.42 -13.00
CA LEU E 217 -42.54 4.55 -11.80
C LEU E 217 -41.49 3.46 -11.89
N VAL E 218 -40.24 3.85 -12.12
CA VAL E 218 -39.15 2.89 -12.23
C VAL E 218 -38.50 2.70 -10.88
N GLY E 219 -38.51 1.46 -10.39
CA GLY E 219 -38.00 1.17 -9.05
C GLY E 219 -36.69 0.40 -9.04
N MET E 220 -36.36 -0.17 -7.87
CA MET E 220 -35.09 -0.84 -7.59
C MET E 220 -34.63 -1.81 -8.66
N LYS E 221 -35.49 -2.75 -9.03
CA LYS E 221 -35.07 -3.77 -9.97
C LYS E 221 -35.28 -3.31 -11.42
N GLY E 222 -35.79 -2.11 -11.58
CA GLY E 222 -35.85 -1.49 -12.89
C GLY E 222 -34.49 -0.86 -13.21
N GLY E 223 -33.60 -0.84 -12.22
CA GLY E 223 -32.29 -0.22 -12.35
C GLY E 223 -31.14 -1.11 -12.83
N ARG E 224 -31.40 -2.39 -12.99
CA ARG E 224 -30.40 -3.30 -13.57
C ARG E 224 -30.22 -2.91 -15.04
N PRO E 225 -29.01 -3.10 -15.58
CA PRO E 225 -28.72 -2.74 -16.98
C PRO E 225 -29.73 -3.30 -18.01
N GLU E 226 -30.07 -4.59 -17.96
CA GLU E 226 -31.02 -5.10 -18.95
C GLU E 226 -32.43 -4.50 -18.82
N ALA E 227 -32.80 -4.15 -17.60
CA ALA E 227 -34.13 -3.59 -17.37
C ALA E 227 -34.18 -2.17 -17.90
N ILE E 228 -33.12 -1.41 -17.63
CA ILE E 228 -33.01 -0.03 -18.11
C ILE E 228 -33.01 0.03 -19.65
N LYS E 229 -32.28 -0.87 -20.29
CA LYS E 229 -32.31 -0.93 -21.76
C LYS E 229 -33.74 -1.11 -22.30
N ALA E 230 -34.48 -2.04 -21.70
CA ALA E 230 -35.87 -2.29 -22.10
C ALA E 230 -36.78 -1.12 -21.76
N VAL E 231 -36.60 -0.58 -20.56
CA VAL E 231 -37.43 0.54 -20.11
C VAL E 231 -37.28 1.71 -21.07
N ARG E 232 -36.04 1.97 -21.47
CA ARG E 232 -35.73 3.08 -22.38
C ARG E 232 -36.50 2.96 -23.70
N LYS E 233 -36.49 1.77 -24.30
CA LYS E 233 -37.27 1.53 -25.51
C LYS E 233 -38.74 1.81 -25.26
N LEU E 234 -39.25 1.33 -24.12
CA LEU E 234 -40.65 1.53 -23.78
C LEU E 234 -40.97 3.02 -23.68
N LEU E 235 -40.14 3.78 -22.96
CA LEU E 235 -40.36 5.21 -22.77
C LEU E 235 -40.27 6.00 -24.08
N LYS E 236 -39.29 5.65 -24.92
CA LYS E 236 -39.09 6.33 -26.19
C LYS E 236 -40.25 6.03 -27.14
N LYS E 237 -40.68 4.77 -27.22
CA LYS E 237 -41.76 4.44 -28.15
C LYS E 237 -43.13 4.96 -27.75
N VAL E 238 -43.50 4.75 -26.48
CA VAL E 238 -44.86 5.06 -26.02
C VAL E 238 -44.99 6.51 -25.55
N GLN E 239 -43.83 7.13 -25.29
CA GLN E 239 -43.72 8.51 -24.80
C GLN E 239 -44.40 8.76 -23.45
N LEU E 240 -44.20 7.83 -22.52
CA LEU E 240 -44.71 7.98 -21.16
C LEU E 240 -43.75 8.82 -20.32
N PRO E 241 -44.29 9.74 -19.53
CA PRO E 241 -43.45 10.37 -18.50
C PRO E 241 -43.03 9.36 -17.44
N PHE E 242 -41.92 9.61 -16.76
CA PHE E 242 -41.43 8.68 -15.75
C PHE E 242 -40.69 9.34 -14.62
N VAL E 243 -40.57 8.59 -13.52
CA VAL E 243 -39.80 8.99 -12.34
C VAL E 243 -38.92 7.79 -11.90
N GLU E 244 -37.87 8.12 -11.15
CA GLU E 244 -36.97 7.13 -10.59
C GLU E 244 -37.04 7.09 -9.08
N THR E 245 -36.91 5.90 -8.50
CA THR E 245 -36.54 5.80 -7.10
C THR E 245 -35.04 6.06 -7.08
N TYR E 246 -34.44 6.18 -5.89
CA TYR E 246 -33.02 6.49 -5.86
C TYR E 246 -32.17 5.36 -6.51
N GLN E 247 -32.54 4.10 -6.30
CA GLN E 247 -31.74 3.00 -6.85
C GLN E 247 -32.08 2.70 -8.32
N ALA E 248 -33.00 3.46 -8.88
CA ALA E 248 -33.28 3.40 -10.33
C ALA E 248 -32.52 4.47 -11.10
N ALA E 249 -31.66 5.21 -10.40
CA ALA E 249 -30.81 6.21 -11.05
C ALA E 249 -29.98 5.59 -12.19
N GLY E 250 -29.93 6.26 -13.34
CA GLY E 250 -29.22 5.72 -14.49
C GLY E 250 -30.16 5.20 -15.56
N THR E 251 -31.44 5.15 -15.22
CA THR E 251 -32.51 4.80 -16.16
C THR E 251 -32.61 5.89 -17.21
N LEU E 252 -32.53 7.13 -16.76
CA LEU E 252 -32.55 8.27 -17.66
C LEU E 252 -31.43 8.16 -18.70
N SER E 253 -31.73 8.53 -19.94
CA SER E 253 -30.71 8.78 -20.95
C SER E 253 -30.90 10.23 -21.33
N ARG E 254 -29.89 10.83 -21.95
CA ARG E 254 -29.97 12.25 -22.27
C ARG E 254 -31.11 12.60 -23.22
N ASP E 255 -31.47 11.68 -24.12
CA ASP E 255 -32.58 11.92 -25.04
C ASP E 255 -33.95 11.80 -24.38
N LEU E 256 -33.98 11.39 -23.11
CA LEU E 256 -35.27 11.22 -22.40
C LEU E 256 -35.51 12.30 -21.33
N GLU E 257 -34.62 13.28 -21.22
CA GLU E 257 -34.74 14.35 -20.22
C GLU E 257 -36.12 15.03 -20.25
N ASP E 258 -36.70 15.10 -21.44
CA ASP E 258 -37.99 15.78 -21.60
C ASP E 258 -39.19 14.99 -21.02
N GLN E 259 -39.04 13.68 -20.82
CA GLN E 259 -40.10 12.83 -20.26
C GLN E 259 -39.82 12.52 -18.79
N TYR E 260 -38.78 13.16 -18.25
CA TYR E 260 -38.24 12.85 -16.95
C TYR E 260 -38.75 13.75 -15.86
N PHE E 261 -39.30 13.16 -14.79
CA PHE E 261 -39.80 13.98 -13.69
C PHE E 261 -39.10 13.78 -12.33
N GLY E 262 -37.84 13.33 -12.40
CA GLY E 262 -36.96 13.35 -11.25
C GLY E 262 -37.00 12.09 -10.39
N ARG E 263 -36.41 12.21 -9.21
CA ARG E 263 -36.34 11.11 -8.26
C ARG E 263 -37.26 11.32 -7.05
N ILE E 264 -38.10 10.33 -6.79
CA ILE E 264 -39.00 10.38 -5.66
C ILE E 264 -38.37 9.73 -4.42
N GLY E 265 -38.82 10.11 -3.22
CA GLY E 265 -38.29 9.54 -2.00
C GLY E 265 -38.23 10.50 -0.82
N LEU E 266 -38.14 9.94 0.38
CA LEU E 266 -37.93 10.68 1.64
C LEU E 266 -39.11 11.56 2.10
N PHE E 267 -39.34 12.65 1.39
CA PHE E 267 -40.44 13.56 1.71
C PHE E 267 -41.35 13.73 0.51
N ARG E 268 -42.64 13.76 0.74
CA ARG E 268 -43.56 13.95 -0.36
C ARG E 268 -43.68 15.43 -0.72
N ASN E 269 -42.72 15.95 -1.49
CA ASN E 269 -42.75 17.35 -1.87
C ASN E 269 -42.09 17.61 -3.22
N GLN E 270 -42.00 16.57 -4.03
CA GLN E 270 -41.30 16.65 -5.30
C GLN E 270 -42.24 16.67 -6.51
N PRO E 271 -41.76 17.24 -7.62
CA PRO E 271 -42.56 17.22 -8.84
C PRO E 271 -43.01 15.80 -9.20
N GLY E 272 -42.16 14.81 -8.96
CA GLY E 272 -42.51 13.43 -9.26
C GLY E 272 -43.70 12.95 -8.46
N ASP E 273 -43.83 13.41 -7.21
CA ASP E 273 -44.99 13.07 -6.39
C ASP E 273 -46.27 13.61 -7.00
N LEU E 274 -46.19 14.85 -7.46
CA LEU E 274 -47.32 15.54 -8.05
C LEU E 274 -47.71 14.90 -9.38
N LEU E 275 -46.72 14.41 -10.12
CA LEU E 275 -47.02 13.65 -11.34
C LEU E 275 -47.81 12.39 -11.00
N LEU E 276 -47.34 11.63 -10.02
CA LEU E 276 -47.98 10.38 -9.62
C LEU E 276 -49.42 10.61 -9.15
N GLU E 277 -49.60 11.71 -8.43
CA GLU E 277 -50.91 12.12 -7.96
C GLU E 277 -51.84 12.39 -9.14
N GLN E 278 -51.32 13.09 -10.16
CA GLN E 278 -52.15 13.44 -11.32
C GLN E 278 -52.40 12.24 -12.24
N ALA E 279 -51.55 11.22 -12.15
CA ALA E 279 -51.71 10.07 -13.04
C ALA E 279 -52.97 9.29 -12.71
N ASP E 280 -53.58 8.71 -13.74
CA ASP E 280 -54.73 7.82 -13.56
C ASP E 280 -54.29 6.37 -13.73
N VAL E 281 -53.10 6.19 -14.30
CA VAL E 281 -52.48 4.86 -14.40
C VAL E 281 -50.99 4.94 -14.05
N VAL E 282 -50.56 4.09 -13.13
CA VAL E 282 -49.14 4.01 -12.79
C VAL E 282 -48.63 2.61 -13.08
N LEU E 283 -47.63 2.52 -13.95
CA LEU E 283 -46.93 1.25 -14.17
C LEU E 283 -45.65 1.31 -13.32
N THR E 284 -45.58 0.45 -12.30
CA THR E 284 -44.35 0.34 -11.53
C THR E 284 -43.46 -0.80 -12.04
N ILE E 285 -42.17 -0.54 -12.08
CA ILE E 285 -41.23 -1.50 -12.63
C ILE E 285 -40.16 -1.84 -11.61
N GLY E 286 -40.14 -3.11 -11.18
CA GLY E 286 -39.19 -3.55 -10.17
C GLY E 286 -39.26 -2.73 -8.90
N TYR E 287 -40.47 -2.36 -8.50
CA TYR E 287 -40.69 -1.47 -7.38
C TYR E 287 -40.66 -2.20 -6.02
N ASP E 288 -39.58 -1.98 -5.26
CA ASP E 288 -39.50 -2.39 -3.85
C ASP E 288 -39.88 -1.17 -3.02
N PRO E 289 -40.98 -1.27 -2.25
CA PRO E 289 -41.53 -0.08 -1.56
C PRO E 289 -40.60 0.46 -0.48
N ILE E 290 -39.56 -0.29 -0.13
CA ILE E 290 -38.60 0.19 0.86
C ILE E 290 -38.01 1.54 0.46
N GLU E 291 -37.89 1.78 -0.83
CA GLU E 291 -37.30 3.02 -1.31
C GLU E 291 -38.18 4.23 -1.09
N TYR E 292 -39.49 3.99 -1.00
CA TYR E 292 -40.46 5.07 -0.81
C TYR E 292 -41.84 4.46 -0.59
N ASP E 293 -42.32 4.48 0.65
CA ASP E 293 -43.58 3.83 0.94
C ASP E 293 -44.71 4.42 0.12
N PRO E 294 -45.53 3.54 -0.47
CA PRO E 294 -46.63 3.97 -1.32
C PRO E 294 -47.62 4.88 -0.57
N LYS E 295 -47.68 4.82 0.75
CA LYS E 295 -48.60 5.70 1.48
C LYS E 295 -48.23 7.16 1.29
N PHE E 296 -47.03 7.41 0.80
CA PHE E 296 -46.60 8.78 0.56
C PHE E 296 -47.05 9.34 -0.79
N TRP E 297 -47.05 8.52 -1.84
CA TRP E 297 -47.34 9.03 -3.19
C TRP E 297 -48.71 8.64 -3.73
N ASN E 298 -49.17 7.45 -3.34
CA ASN E 298 -50.44 6.93 -3.85
C ASN E 298 -51.60 7.38 -2.94
N ILE E 299 -51.83 8.68 -2.93
CA ILE E 299 -52.81 9.31 -2.05
C ILE E 299 -53.74 10.16 -2.90
N ASN E 300 -54.30 11.19 -2.28
CA ASN E 300 -55.16 12.19 -2.93
C ASN E 300 -55.96 11.73 -4.18
N GLY E 301 -56.47 10.51 -4.17
CA GLY E 301 -57.25 10.09 -5.32
C GLY E 301 -56.95 8.67 -5.72
N ASP E 302 -57.90 8.04 -6.40
CA ASP E 302 -57.67 6.71 -6.96
C ASP E 302 -56.97 6.74 -8.34
N ARG E 303 -56.10 5.75 -8.54
CA ARG E 303 -55.41 5.57 -9.81
C ARG E 303 -55.16 4.07 -9.98
N THR E 304 -55.06 3.63 -11.23
CA THR E 304 -54.82 2.23 -11.51
C THR E 304 -53.33 1.92 -11.34
N ILE E 305 -53.04 0.84 -10.62
CA ILE E 305 -51.68 0.40 -10.36
C ILE E 305 -51.39 -0.89 -11.11
N ILE E 306 -50.38 -0.87 -11.99
CA ILE E 306 -49.93 -2.09 -12.66
C ILE E 306 -48.57 -2.44 -12.10
N HIS E 307 -48.49 -3.58 -11.41
CA HIS E 307 -47.27 -3.96 -10.73
C HIS E 307 -46.46 -4.95 -11.60
N LEU E 308 -45.34 -4.47 -12.13
CA LEU E 308 -44.46 -5.28 -12.97
C LEU E 308 -43.16 -5.59 -12.21
N ASP E 309 -42.93 -6.87 -11.93
CA ASP E 309 -41.81 -7.27 -11.09
C ASP E 309 -41.50 -8.75 -11.23
N GLU E 310 -40.39 -9.17 -10.64
CA GLU E 310 -39.92 -10.55 -10.65
C GLU E 310 -40.58 -11.35 -9.52
N ILE E 311 -41.12 -10.65 -8.53
CA ILE E 311 -41.86 -11.29 -7.42
C ILE E 311 -43.18 -10.57 -7.22
N ILE E 312 -44.12 -11.20 -6.52
CA ILE E 312 -45.44 -10.63 -6.31
C ILE E 312 -45.39 -9.39 -5.42
N ALA E 313 -46.42 -8.55 -5.49
CA ALA E 313 -46.44 -7.33 -4.69
C ALA E 313 -46.78 -7.61 -3.24
N ASP E 314 -46.27 -6.75 -2.35
CA ASP E 314 -46.78 -6.67 -0.98
C ASP E 314 -48.05 -5.82 -1.03
N ILE E 315 -49.15 -6.34 -0.51
CA ILE E 315 -50.39 -5.57 -0.41
C ILE E 315 -50.32 -4.63 0.81
N ASP E 316 -50.63 -3.36 0.56
CA ASP E 316 -50.57 -2.29 1.53
C ASP E 316 -51.91 -1.53 1.42
N HIS E 317 -52.27 -0.75 2.45
CA HIS E 317 -53.41 0.16 2.34
C HIS E 317 -53.27 1.05 1.09
N ALA E 318 -52.06 1.52 0.84
CA ALA E 318 -51.81 2.44 -0.26
C ALA E 318 -51.22 1.75 -1.52
N TYR E 319 -51.41 0.43 -1.61
CA TYR E 319 -50.87 -0.32 -2.75
C TYR E 319 -51.60 -1.62 -2.98
N GLN E 320 -52.65 -1.55 -3.79
CA GLN E 320 -53.48 -2.69 -4.13
C GLN E 320 -53.55 -2.73 -5.64
N PRO E 321 -52.56 -3.39 -6.28
CA PRO E 321 -52.42 -3.42 -7.74
C PRO E 321 -53.68 -3.97 -8.38
N ASP E 322 -54.15 -3.37 -9.47
CA ASP E 322 -55.28 -3.96 -10.22
C ASP E 322 -54.80 -5.08 -11.13
N LEU E 323 -53.51 -5.07 -11.44
CA LEU E 323 -52.88 -6.01 -12.36
C LEU E 323 -51.43 -6.21 -11.94
N GLU E 324 -51.00 -7.46 -11.92
CA GLU E 324 -49.63 -7.83 -11.58
C GLU E 324 -48.98 -8.52 -12.77
N LEU E 325 -47.81 -8.05 -13.19
CA LEU E 325 -47.02 -8.73 -14.23
C LEU E 325 -45.79 -9.35 -13.62
N ILE E 326 -45.89 -10.62 -13.26
CA ILE E 326 -44.80 -11.29 -12.56
C ILE E 326 -44.01 -12.19 -13.51
N GLY E 327 -42.71 -11.93 -13.62
CA GLY E 327 -41.86 -12.68 -14.53
C GLY E 327 -40.59 -11.88 -14.71
N ASP E 328 -39.75 -12.32 -15.64
CA ASP E 328 -38.52 -11.62 -15.93
C ASP E 328 -38.81 -10.20 -16.40
N ILE E 329 -38.21 -9.24 -15.72
CA ILE E 329 -38.51 -7.83 -15.93
C ILE E 329 -38.19 -7.29 -17.35
N PRO E 330 -36.96 -7.52 -17.84
CA PRO E 330 -36.71 -7.03 -19.20
C PRO E 330 -37.61 -7.67 -20.27
N SER E 331 -37.85 -8.98 -20.19
CA SER E 331 -38.70 -9.63 -21.20
C SER E 331 -40.12 -9.12 -21.16
N THR E 332 -40.64 -8.92 -19.95
CA THR E 332 -42.01 -8.43 -19.81
C THR E 332 -42.13 -7.02 -20.42
N ILE E 333 -41.17 -6.16 -20.13
CA ILE E 333 -41.19 -4.80 -20.68
C ILE E 333 -41.12 -4.83 -22.20
N ASN E 334 -40.28 -5.72 -22.74
CA ASN E 334 -40.16 -5.87 -24.19
C ASN E 334 -41.47 -6.26 -24.89
N HIS E 335 -42.23 -7.17 -24.29
CA HIS E 335 -43.52 -7.56 -24.86
C HIS E 335 -44.50 -6.38 -24.89
N ILE E 336 -44.47 -5.58 -23.82
CA ILE E 336 -45.33 -4.39 -23.74
C ILE E 336 -44.89 -3.41 -24.82
N GLU E 337 -43.60 -3.14 -24.86
CA GLU E 337 -43.03 -2.18 -25.79
C GLU E 337 -43.41 -2.56 -27.22
N HIS E 338 -43.36 -3.85 -27.51
CA HIS E 338 -43.61 -4.35 -28.86
C HIS E 338 -45.02 -4.04 -29.36
N ASP E 339 -46.04 -4.21 -28.52
CA ASP E 339 -47.42 -4.05 -29.01
C ASP E 339 -48.09 -2.75 -28.59
N ALA E 340 -47.44 -2.00 -27.72
CA ALA E 340 -48.00 -0.71 -27.30
C ALA E 340 -47.73 0.36 -28.37
N VAL E 341 -48.53 1.41 -28.39
CA VAL E 341 -48.26 2.48 -29.32
C VAL E 341 -48.16 3.80 -28.57
N LYS E 342 -47.64 4.81 -29.25
CA LYS E 342 -47.49 6.15 -28.71
C LYS E 342 -48.79 6.62 -28.04
N VAL E 343 -48.65 7.24 -26.88
CA VAL E 343 -49.77 7.77 -26.14
C VAL E 343 -49.99 9.22 -26.55
N GLU E 344 -51.24 9.61 -26.81
CA GLU E 344 -51.51 11.02 -27.14
C GLU E 344 -52.15 11.76 -25.96
N PHE E 345 -51.49 12.80 -25.47
CA PHE E 345 -52.01 13.56 -24.35
C PHE E 345 -52.94 14.66 -24.80
N ALA E 346 -54.06 14.79 -24.09
CA ALA E 346 -54.99 15.91 -24.25
C ALA E 346 -54.35 17.17 -23.67
N GLU E 347 -54.87 18.34 -24.02
CA GLU E 347 -54.20 19.58 -23.64
C GLU E 347 -54.13 19.79 -22.12
N ARG E 348 -55.15 19.33 -21.42
CA ARG E 348 -55.18 19.47 -19.97
C ARG E 348 -53.96 18.76 -19.38
N GLU E 349 -53.67 17.57 -19.89
CA GLU E 349 -52.54 16.81 -19.38
C GLU E 349 -51.20 17.33 -19.86
N GLN E 350 -51.16 17.86 -21.08
CA GLN E 350 -49.93 18.47 -21.58
C GLN E 350 -49.46 19.64 -20.72
N LYS E 351 -50.41 20.45 -20.25
CA LYS E 351 -50.07 21.60 -19.42
C LYS E 351 -49.61 21.15 -18.04
N ILE E 352 -50.23 20.10 -17.52
CA ILE E 352 -49.81 19.51 -16.26
C ILE E 352 -48.35 19.08 -16.34
N LEU E 353 -48.00 18.38 -17.41
CA LEU E 353 -46.62 17.96 -17.64
C LEU E 353 -45.68 19.16 -17.75
N SER E 354 -46.09 20.16 -18.52
CA SER E 354 -45.26 21.35 -18.72
C SER E 354 -45.04 22.14 -17.43
N ASP E 355 -46.11 22.29 -16.65
CA ASP E 355 -46.01 22.98 -15.36
C ASP E 355 -45.11 22.22 -14.40
N LEU E 356 -45.30 20.90 -14.35
CA LEU E 356 -44.46 20.07 -13.48
C LEU E 356 -43.01 20.11 -13.94
N LYS E 357 -42.79 20.18 -15.25
CA LYS E 357 -41.41 20.27 -15.72
C LYS E 357 -40.78 21.58 -15.24
N GLN E 358 -41.57 22.65 -15.24
CA GLN E 358 -41.07 23.95 -14.81
C GLN E 358 -40.77 23.99 -13.33
N TYR E 359 -41.69 23.43 -12.54
CA TYR E 359 -41.50 23.28 -11.11
C TYR E 359 -40.22 22.50 -10.81
N MET E 360 -39.97 21.48 -11.63
CA MET E 360 -38.78 20.64 -11.50
C MET E 360 -37.51 21.45 -11.70
N HIS E 361 -37.49 22.23 -12.78
CA HIS E 361 -36.35 23.06 -13.13
C HIS E 361 -36.05 24.11 -12.06
N GLU E 362 -37.11 24.74 -11.56
CA GLU E 362 -36.98 25.73 -10.49
C GLU E 362 -36.42 25.10 -9.22
N GLY E 363 -36.79 23.84 -8.96
CA GLY E 363 -36.32 23.14 -7.78
C GLY E 363 -34.82 22.83 -7.80
N GLU E 364 -34.24 22.84 -9.00
CA GLU E 364 -32.84 22.47 -9.19
C GLU E 364 -31.91 23.69 -9.18
N GLN E 365 -32.44 24.86 -8.83
CA GLN E 365 -31.66 26.10 -8.91
C GLN E 365 -31.28 26.61 -7.55
N VAL E 366 -30.06 27.14 -7.43
CA VAL E 366 -29.68 27.87 -6.21
C VAL E 366 -30.58 29.11 -6.07
N PRO E 367 -31.16 29.27 -4.86
CA PRO E 367 -32.07 30.38 -4.53
C PRO E 367 -31.49 31.74 -4.90
N ALA E 368 -32.35 32.71 -5.18
CA ALA E 368 -31.93 34.04 -5.60
C ALA E 368 -31.23 34.83 -4.49
N ASP E 369 -31.73 34.68 -3.25
CA ASP E 369 -31.17 35.41 -2.11
C ASP E 369 -29.96 34.69 -1.49
N TRP E 370 -29.32 33.80 -2.26
CA TRP E 370 -28.22 33.00 -1.71
C TRP E 370 -26.88 33.71 -1.65
N LYS E 371 -26.31 33.75 -0.46
CA LYS E 371 -24.95 34.22 -0.25
C LYS E 371 -24.27 33.45 0.86
N SER E 372 -23.05 33.00 0.59
CA SER E 372 -22.32 32.25 1.58
C SER E 372 -20.85 32.22 1.25
N ASP E 373 -20.04 32.00 2.28
CA ASP E 373 -18.61 31.78 2.13
C ASP E 373 -18.31 30.30 1.85
N ARG E 374 -19.37 29.51 1.69
CA ARG E 374 -19.21 28.09 1.38
C ARG E 374 -20.10 27.73 0.19
N ALA E 375 -19.86 26.58 -0.42
CA ALA E 375 -20.69 26.13 -1.54
C ALA E 375 -22.12 25.84 -1.11
N HIS E 376 -23.07 26.21 -1.98
CA HIS E 376 -24.41 25.68 -1.86
C HIS E 376 -24.37 24.22 -2.33
N PRO E 377 -25.16 23.36 -1.69
CA PRO E 377 -25.19 21.95 -2.09
C PRO E 377 -25.35 21.76 -3.59
N LEU E 378 -26.23 22.53 -4.22
CA LEU E 378 -26.45 22.40 -5.65
C LEU E 378 -25.22 22.80 -6.46
N GLU E 379 -24.39 23.67 -5.89
CA GLU E 379 -23.12 24.00 -6.55
C GLU E 379 -22.19 22.80 -6.52
N ILE E 380 -22.17 22.09 -5.41
CA ILE E 380 -21.37 20.88 -5.34
C ILE E 380 -21.89 19.86 -6.35
N VAL E 381 -23.21 19.62 -6.35
CA VAL E 381 -23.81 18.67 -7.26
C VAL E 381 -23.52 19.01 -8.72
N LYS E 382 -23.73 20.27 -9.10
CA LYS E 382 -23.48 20.72 -10.47
C LYS E 382 -22.04 20.52 -10.93
N GLU E 383 -21.09 21.02 -10.13
CA GLU E 383 -19.68 20.93 -10.48
C GLU E 383 -19.18 19.49 -10.49
N LEU E 384 -19.64 18.69 -9.51
CA LEU E 384 -19.28 17.29 -9.47
C LEU E 384 -19.80 16.62 -10.74
N ARG E 385 -21.06 16.86 -11.07
CA ARG E 385 -21.62 16.23 -12.25
C ARG E 385 -20.85 16.65 -13.51
N ASN E 386 -20.46 17.93 -13.55
CA ASN E 386 -19.82 18.50 -14.73
C ASN E 386 -18.34 18.14 -14.82
N ALA E 387 -17.79 17.61 -13.73
CA ALA E 387 -16.40 17.21 -13.73
C ALA E 387 -16.24 15.69 -13.89
N VAL E 388 -17.36 14.98 -13.97
CA VAL E 388 -17.31 13.52 -13.98
C VAL E 388 -17.99 12.97 -15.21
N ASP E 389 -17.27 12.14 -15.96
CA ASP E 389 -17.82 11.57 -17.19
C ASP E 389 -19.03 10.68 -16.91
N ASP E 390 -19.98 10.64 -17.85
CA ASP E 390 -21.19 9.83 -17.72
C ASP E 390 -20.93 8.38 -17.28
N HIS E 391 -19.85 7.79 -17.77
CA HIS E 391 -19.55 6.37 -17.52
C HIS E 391 -18.92 6.08 -16.16
N VAL E 392 -18.44 7.13 -15.51
CA VAL E 392 -17.76 6.97 -14.23
C VAL E 392 -18.77 6.64 -13.12
N THR E 393 -18.47 5.55 -12.41
CA THR E 393 -19.31 5.10 -11.31
C THR E 393 -19.14 6.04 -10.09
N VAL E 394 -20.26 6.54 -9.58
CA VAL E 394 -20.28 7.43 -8.41
C VAL E 394 -21.01 6.73 -7.25
N THR E 395 -20.36 6.60 -6.08
CA THR E 395 -21.05 6.04 -4.91
C THR E 395 -21.42 7.14 -3.94
N CYS E 396 -22.49 6.91 -3.17
CA CYS E 396 -23.01 7.91 -2.24
C CYS E 396 -23.23 7.34 -0.84
N ASP E 397 -22.96 8.16 0.16
CA ASP E 397 -23.20 7.75 1.53
C ASP E 397 -24.61 8.21 1.95
N ILE E 398 -24.80 8.42 3.25
CA ILE E 398 -26.12 8.74 3.79
C ILE E 398 -26.06 10.03 4.62
N GLY E 399 -27.06 10.90 4.46
CA GLY E 399 -27.05 12.18 5.15
C GLY E 399 -27.69 13.21 4.26
N SER E 400 -27.57 14.48 4.65
CA SER E 400 -28.16 15.57 3.90
C SER E 400 -27.56 15.71 2.52
N HIS E 401 -26.23 15.56 2.45
CA HIS E 401 -25.53 15.53 1.16
C HIS E 401 -26.19 14.48 0.25
N ALA E 402 -26.59 13.37 0.83
CA ALA E 402 -27.16 12.30 0.02
C ALA E 402 -28.56 12.64 -0.44
N ILE E 403 -29.26 13.49 0.30
CA ILE E 403 -30.57 13.92 -0.22
C ILE E 403 -30.39 14.75 -1.48
N TRP E 404 -29.45 15.70 -1.42
CA TRP E 404 -29.14 16.55 -2.56
C TRP E 404 -28.66 15.75 -3.80
N MET E 405 -27.78 14.78 -3.58
CA MET E 405 -27.31 13.89 -4.65
C MET E 405 -28.42 13.00 -5.20
N SER E 406 -29.19 12.40 -4.30
CA SER E 406 -30.24 11.45 -4.70
C SER E 406 -31.32 12.13 -5.53
N ARG E 407 -31.55 13.42 -5.28
CA ARG E 407 -32.56 14.16 -6.02
C ARG E 407 -31.99 14.82 -7.28
N TYR E 408 -30.78 15.38 -7.15
CA TYR E 408 -30.32 16.35 -8.14
C TYR E 408 -29.09 15.95 -8.98
N PHE E 409 -28.40 14.87 -8.59
CA PHE E 409 -27.29 14.38 -9.41
C PHE E 409 -27.82 13.49 -10.53
N ARG E 410 -27.83 14.02 -11.73
CA ARG E 410 -28.26 13.25 -12.88
C ARG E 410 -27.34 12.05 -13.10
N SER E 411 -27.92 10.95 -13.57
CA SER E 411 -27.14 9.79 -13.99
C SER E 411 -27.74 9.31 -15.29
N TYR E 412 -26.87 8.89 -16.20
CA TYR E 412 -27.29 8.57 -17.57
C TYR E 412 -26.91 7.17 -18.00
N GLU E 413 -26.34 6.40 -17.06
CA GLU E 413 -25.90 5.03 -17.32
CA GLU E 413 -25.94 5.02 -17.33
C GLU E 413 -26.25 4.10 -16.16
N PRO E 414 -26.68 2.87 -16.47
CA PRO E 414 -26.99 1.92 -15.40
C PRO E 414 -25.84 1.76 -14.43
N LEU E 415 -26.14 1.72 -13.13
CA LEU E 415 -25.15 1.43 -12.11
C LEU E 415 -24.02 2.46 -12.03
N THR E 416 -24.32 3.74 -12.30
CA THR E 416 -23.28 4.79 -12.18
C THR E 416 -23.51 5.78 -11.04
N LEU E 417 -24.62 5.62 -10.35
CA LEU E 417 -24.87 6.35 -9.10
C LEU E 417 -25.46 5.34 -8.11
N MET E 418 -24.64 4.92 -7.15
CA MET E 418 -25.04 3.86 -6.21
C MET E 418 -25.43 4.48 -4.86
N ILE E 419 -26.67 4.22 -4.44
CA ILE E 419 -27.21 4.77 -3.20
C ILE E 419 -27.77 3.66 -2.31
N SER E 420 -27.58 3.78 -1.00
CA SER E 420 -28.17 2.85 -0.05
C SER E 420 -29.60 3.29 0.28
N ASN E 421 -30.59 2.73 -0.41
CA ASN E 421 -31.96 3.20 -0.20
C ASN E 421 -32.88 2.15 0.40
N GLY E 422 -32.30 1.23 1.16
CA GLY E 422 -33.08 0.27 1.90
C GLY E 422 -32.85 0.44 3.38
N MET E 423 -31.59 0.35 3.79
CA MET E 423 -31.18 0.47 5.17
C MET E 423 -30.67 1.88 5.44
N GLN E 424 -30.36 2.62 4.37
CA GLN E 424 -29.84 3.99 4.53
C GLN E 424 -28.63 3.95 5.45
N THR E 425 -27.66 3.12 5.10
CA THR E 425 -26.55 2.79 5.99
C THR E 425 -25.37 3.75 5.89
N LEU E 426 -24.99 4.39 7.00
CA LEU E 426 -23.81 5.26 7.02
C LEU E 426 -22.50 4.50 6.75
N GLY E 427 -21.62 5.09 5.95
CA GLY E 427 -20.29 4.53 5.74
C GLY E 427 -20.10 3.69 4.48
N VAL E 428 -21.16 3.46 3.71
CA VAL E 428 -21.05 2.61 2.52
C VAL E 428 -20.25 3.21 1.35
N ALA E 429 -20.22 4.54 1.22
CA ALA E 429 -19.69 5.09 -0.02
C ALA E 429 -18.26 4.66 -0.40
N LEU E 430 -17.31 4.92 0.50
CA LEU E 430 -15.89 4.62 0.23
C LEU E 430 -15.60 3.13 -0.03
N PRO E 431 -16.06 2.23 0.86
CA PRO E 431 -15.91 0.81 0.54
C PRO E 431 -16.62 0.39 -0.75
N TRP E 432 -17.80 0.95 -1.02
CA TRP E 432 -18.45 0.71 -2.30
C TRP E 432 -17.56 1.10 -3.47
N ALA E 433 -16.87 2.23 -3.35
CA ALA E 433 -15.99 2.70 -4.42
C ALA E 433 -14.81 1.74 -4.61
N ILE E 434 -14.31 1.20 -3.51
CA ILE E 434 -13.25 0.22 -3.61
C ILE E 434 -13.75 -1.02 -4.36
N GLY E 435 -14.91 -1.55 -3.99
CA GLY E 435 -15.48 -2.70 -4.67
C GLY E 435 -15.63 -2.40 -6.16
N ALA E 436 -16.17 -1.24 -6.43
CA ALA E 436 -16.37 -0.76 -7.79
C ALA E 436 -15.09 -0.68 -8.63
N SER E 437 -14.01 -0.18 -8.04
CA SER E 437 -12.79 0.03 -8.79
C SER E 437 -12.23 -1.30 -9.22
N LEU E 438 -12.47 -2.34 -8.40
CA LEU E 438 -12.01 -3.69 -8.72
C LEU E 438 -12.84 -4.32 -9.83
N VAL E 439 -14.09 -3.89 -9.93
CA VAL E 439 -15.02 -4.34 -10.96
C VAL E 439 -14.75 -3.59 -12.26
N LYS E 440 -14.16 -2.40 -12.10
CA LYS E 440 -13.90 -1.54 -13.25
C LYS E 440 -12.44 -1.08 -13.33
N PRO E 441 -11.54 -2.00 -13.67
CA PRO E 441 -10.12 -1.67 -13.74
C PRO E 441 -9.89 -0.64 -14.86
N GLY E 442 -8.99 0.31 -14.64
CA GLY E 442 -8.72 1.33 -15.64
C GLY E 442 -9.66 2.53 -15.56
N GLU E 443 -10.63 2.48 -14.66
CA GLU E 443 -11.60 3.59 -14.50
C GLU E 443 -11.49 4.31 -13.14
N LYS E 444 -11.61 5.63 -13.15
CA LYS E 444 -11.83 6.38 -11.92
C LYS E 444 -13.17 5.96 -11.31
N VAL E 445 -13.24 5.98 -9.99
CA VAL E 445 -14.52 5.83 -9.30
C VAL E 445 -14.65 6.93 -8.27
N VAL E 446 -15.79 7.60 -8.25
CA VAL E 446 -16.01 8.71 -7.35
C VAL E 446 -16.92 8.31 -6.18
N SER E 447 -16.54 8.71 -4.96
CA SER E 447 -17.39 8.48 -3.78
C SER E 447 -17.71 9.79 -3.05
N VAL E 448 -18.92 9.85 -2.51
CA VAL E 448 -19.41 11.06 -1.86
C VAL E 448 -19.99 10.76 -0.47
N SER E 449 -19.54 11.47 0.54
CA SER E 449 -20.09 11.29 1.88
C SER E 449 -20.18 12.59 2.62
N GLY E 450 -20.83 12.54 3.79
CA GLY E 450 -20.78 13.64 4.74
C GLY E 450 -19.58 13.39 5.65
N ASP E 451 -19.32 14.33 6.56
CA ASP E 451 -18.17 14.15 7.45
C ASP E 451 -18.47 13.11 8.53
N GLY E 452 -19.74 12.99 8.91
CA GLY E 452 -20.10 11.97 9.88
C GLY E 452 -19.91 10.58 9.33
N GLY E 453 -20.54 10.29 8.19
CA GLY E 453 -20.43 8.99 7.57
C GLY E 453 -19.04 8.65 7.10
N PHE E 454 -18.24 9.66 6.76
CA PHE E 454 -16.84 9.41 6.35
C PHE E 454 -16.14 8.58 7.41
N LEU E 455 -16.23 9.00 8.67
CA LEU E 455 -15.54 8.27 9.74
C LEU E 455 -16.12 6.90 10.11
N PHE E 456 -17.32 6.57 9.63
CA PHE E 456 -17.79 5.18 9.83
C PHE E 456 -16.89 4.15 9.14
N SER E 457 -16.28 4.51 8.01
CA SER E 457 -15.54 3.50 7.23
C SER E 457 -14.24 4.00 6.65
N ALA E 458 -13.80 5.18 7.10
CA ALA E 458 -12.61 5.81 6.53
C ALA E 458 -11.32 5.02 6.70
N MET E 459 -11.29 4.11 7.67
CA MET E 459 -10.10 3.28 7.85
C MET E 459 -9.77 2.43 6.60
N GLU E 460 -10.78 2.22 5.76
CA GLU E 460 -10.59 1.44 4.54
C GLU E 460 -9.82 2.23 3.47
N LEU E 461 -9.48 3.48 3.77
CA LEU E 461 -8.60 4.25 2.91
C LEU E 461 -7.23 3.54 2.82
N GLU E 462 -6.85 2.84 3.88
CA GLU E 462 -5.59 2.09 3.87
C GLU E 462 -5.67 1.02 2.77
N THR E 463 -6.81 0.35 2.68
CA THR E 463 -7.04 -0.64 1.62
C THR E 463 -6.96 -0.03 0.21
N ALA E 464 -7.60 1.11 0.02
CA ALA E 464 -7.56 1.81 -1.27
C ALA E 464 -6.14 2.21 -1.68
N VAL E 465 -5.36 2.69 -0.70
CA VAL E 465 -3.99 3.12 -0.96
C VAL E 465 -3.13 1.92 -1.33
N ARG E 466 -3.29 0.85 -0.57
CA ARG E 466 -2.61 -0.42 -0.78
C ARG E 466 -2.87 -1.00 -2.18
N LEU E 467 -4.07 -0.77 -2.70
CA LEU E 467 -4.47 -1.24 -4.02
C LEU E 467 -4.22 -0.23 -5.12
N LYS E 468 -3.75 0.96 -4.74
CA LYS E 468 -3.61 2.07 -5.72
C LYS E 468 -4.91 2.32 -6.42
N ALA E 469 -6.02 2.21 -5.68
CA ALA E 469 -7.34 2.38 -6.27
C ALA E 469 -7.55 3.82 -6.70
N PRO E 470 -8.00 4.02 -7.95
CA PRO E 470 -8.21 5.37 -8.46
C PRO E 470 -9.53 5.96 -7.98
N ILE E 471 -9.68 6.08 -6.66
CA ILE E 471 -10.89 6.60 -6.05
CA ILE E 471 -10.91 6.65 -6.13
C ILE E 471 -10.75 8.09 -5.66
N VAL E 472 -11.79 8.87 -5.91
CA VAL E 472 -11.83 10.28 -5.55
C VAL E 472 -13.00 10.45 -4.55
N HIS E 473 -12.69 10.69 -3.29
CA HIS E 473 -13.74 10.80 -2.27
C HIS E 473 -14.06 12.25 -1.95
N ILE E 474 -15.33 12.60 -2.09
CA ILE E 474 -15.76 13.97 -1.82
CA ILE E 474 -15.79 13.96 -1.84
C ILE E 474 -16.44 14.05 -0.47
N VAL E 475 -15.81 14.76 0.46
CA VAL E 475 -16.41 14.94 1.79
C VAL E 475 -17.13 16.30 1.90
N TRP E 476 -18.45 16.26 2.09
CA TRP E 476 -19.23 17.46 2.38
C TRP E 476 -19.03 17.84 3.84
N ASN E 477 -18.41 18.98 4.07
CA ASN E 477 -17.99 19.37 5.41
C ASN E 477 -18.87 20.45 6.07
N ASP E 478 -19.55 20.07 7.17
CA ASP E 478 -20.41 20.95 7.98
C ASP E 478 -20.28 20.77 9.51
N SER E 479 -19.69 19.65 9.95
CA SER E 479 -19.48 19.36 11.39
C SER E 479 -20.71 18.87 12.20
N THR E 480 -21.75 18.35 11.54
CA THR E 480 -22.91 17.78 12.25
C THR E 480 -23.51 16.52 11.61
N TYR E 481 -24.34 15.81 12.38
CA TYR E 481 -25.23 14.82 11.80
C TYR E 481 -26.46 15.57 11.28
N ASP E 482 -26.31 16.27 10.15
CA ASP E 482 -27.32 17.24 9.69
C ASP E 482 -28.69 16.68 9.28
N MET E 483 -28.71 15.52 8.61
CA MET E 483 -30.01 14.96 8.17
C MET E 483 -30.91 14.72 9.39
N VAL E 484 -30.29 14.27 10.48
CA VAL E 484 -31.00 14.12 11.76
C VAL E 484 -31.33 15.51 12.33
N ALA E 485 -30.35 16.40 12.32
CA ALA E 485 -30.48 17.73 12.95
C ALA E 485 -31.63 18.60 12.40
N PHE E 486 -31.80 18.69 11.08
CA PHE E 486 -32.87 19.54 10.55
C PHE E 486 -34.28 18.95 10.78
N GLN E 487 -34.36 17.62 10.81
CA GLN E 487 -35.62 16.93 11.13
C GLN E 487 -35.98 17.11 12.60
N GLN E 488 -34.97 17.16 13.46
CA GLN E 488 -35.17 17.43 14.87
C GLN E 488 -35.77 18.84 15.06
N LEU E 489 -35.27 19.79 14.29
CA LEU E 489 -35.80 21.16 14.36
C LEU E 489 -37.25 21.20 13.90
N LYS E 490 -37.55 20.46 12.83
CA LYS E 490 -38.92 20.41 12.31
C LYS E 490 -39.92 19.79 13.29
N LYS E 491 -39.48 18.82 14.09
CA LYS E 491 -40.41 18.15 14.99
C LYS E 491 -40.43 18.81 16.37
N TYR E 492 -39.26 19.17 16.88
CA TYR E 492 -39.07 19.52 18.28
C TYR E 492 -38.59 20.94 18.50
N ASN E 493 -38.19 21.60 17.41
CA ASN E 493 -37.61 22.94 17.46
C ASN E 493 -36.28 23.02 18.23
N ARG E 494 -35.61 21.88 18.35
CA ARG E 494 -34.30 21.82 18.99
C ARG E 494 -33.54 20.60 18.48
N THR E 495 -32.21 20.67 18.52
CA THR E 495 -31.40 19.53 18.11
C THR E 495 -30.91 18.74 19.32
N SER E 496 -30.48 17.52 19.07
CA SER E 496 -29.98 16.66 20.12
C SER E 496 -28.96 15.65 19.57
N ALA E 497 -27.73 15.74 20.09
CA ALA E 497 -26.68 14.77 19.81
C ALA E 497 -26.23 14.72 18.34
N VAL E 498 -26.13 15.89 17.71
CA VAL E 498 -25.75 15.96 16.29
C VAL E 498 -24.38 16.62 16.09
N ASP E 499 -23.81 17.19 17.17
CA ASP E 499 -22.59 17.96 17.04
C ASP E 499 -21.32 17.15 17.37
N PHE E 500 -20.29 17.33 16.54
CA PHE E 500 -18.96 16.78 16.81
C PHE E 500 -17.88 17.72 16.28
N GLY E 501 -16.63 17.49 16.69
CA GLY E 501 -15.51 18.31 16.25
C GLY E 501 -15.09 18.02 14.82
N ASN E 502 -14.27 18.89 14.25
CA ASN E 502 -13.75 18.69 12.91
C ASN E 502 -12.37 17.99 12.90
N ILE E 503 -12.10 17.24 11.85
CA ILE E 503 -10.75 16.73 11.65
C ILE E 503 -10.12 17.43 10.44
N ASP E 504 -8.80 17.40 10.34
CA ASP E 504 -8.16 17.88 9.12
C ASP E 504 -8.17 16.76 8.07
N ILE E 505 -9.13 16.83 7.16
CA ILE E 505 -9.35 15.80 6.15
C ILE E 505 -8.15 15.60 5.26
N VAL E 506 -7.52 16.72 4.85
CA VAL E 506 -6.31 16.68 4.04
C VAL E 506 -5.22 15.89 4.78
N LYS E 507 -5.01 16.22 6.05
CA LYS E 507 -3.99 15.53 6.81
C LYS E 507 -4.36 14.09 7.14
N TYR E 508 -5.66 13.84 7.30
CA TYR E 508 -6.12 12.48 7.50
C TYR E 508 -5.73 11.68 6.25
N ALA E 509 -6.08 12.21 5.08
CA ALA E 509 -5.76 11.54 3.81
C ALA E 509 -4.28 11.27 3.68
N GLU E 510 -3.48 12.30 3.94
CA GLU E 510 -2.04 12.18 3.80
C GLU E 510 -1.45 11.18 4.77
N SER E 511 -2.04 11.08 5.96
CA SER E 511 -1.49 10.15 6.93
C SER E 511 -1.61 8.71 6.44
N PHE E 512 -2.53 8.46 5.50
CA PHE E 512 -2.67 7.13 4.91
C PHE E 512 -1.80 6.93 3.67
N GLY E 513 -1.12 8.00 3.23
CA GLY E 513 -0.32 7.95 2.03
C GLY E 513 -1.18 8.26 0.82
N ALA E 514 -2.35 8.85 1.09
CA ALA E 514 -3.26 9.25 0.02
C ALA E 514 -3.08 10.73 -0.24
N THR E 515 -3.75 11.21 -1.28
CA THR E 515 -3.73 12.62 -1.61
C THR E 515 -4.91 13.31 -0.94
N GLY E 516 -4.65 14.44 -0.29
CA GLY E 516 -5.70 15.25 0.28
C GLY E 516 -5.77 16.61 -0.37
N LEU E 517 -6.97 17.00 -0.82
CA LEU E 517 -7.22 18.30 -1.44
C LEU E 517 -8.30 19.05 -0.67
N ARG E 518 -8.30 20.38 -0.74
CA ARG E 518 -9.36 21.15 -0.10
C ARG E 518 -9.86 22.31 -0.96
N VAL E 519 -11.18 22.46 -0.99
CA VAL E 519 -11.82 23.60 -1.63
C VAL E 519 -11.79 24.74 -0.64
N GLU E 520 -10.79 25.61 -0.75
CA GLU E 520 -10.61 26.66 0.25
C GLU E 520 -11.67 27.76 0.10
N SER E 521 -12.14 27.98 -1.12
CA SER E 521 -13.26 28.87 -1.36
C SER E 521 -14.15 28.33 -2.50
N PRO E 522 -15.47 28.62 -2.45
CA PRO E 522 -16.41 28.03 -3.40
C PRO E 522 -16.04 28.18 -4.88
N ASP E 523 -15.25 29.21 -5.22
CA ASP E 523 -14.88 29.45 -6.62
C ASP E 523 -13.84 28.46 -7.16
N GLN E 524 -13.19 27.73 -6.27
CA GLN E 524 -12.19 26.76 -6.72
C GLN E 524 -12.75 25.36 -6.89
N LEU E 525 -14.06 25.21 -6.74
CA LEU E 525 -14.71 23.90 -6.83
C LEU E 525 -14.32 23.08 -8.05
N ALA E 526 -14.54 23.67 -9.23
CA ALA E 526 -14.27 22.99 -10.48
C ALA E 526 -12.82 22.56 -10.60
N ASP E 527 -11.93 23.47 -10.24
CA ASP E 527 -10.49 23.22 -10.34
C ASP E 527 -10.06 22.10 -9.41
N VAL E 528 -10.57 22.09 -8.19
CA VAL E 528 -10.15 21.08 -7.23
C VAL E 528 -10.72 19.71 -7.61
N LEU E 529 -11.95 19.67 -8.09
CA LEU E 529 -12.55 18.40 -8.52
C LEU E 529 -11.76 17.83 -9.70
N ARG E 530 -11.42 18.70 -10.65
CA ARG E 530 -10.68 18.28 -11.84
C ARG E 530 -9.29 17.80 -11.44
N GLN E 531 -8.69 18.52 -10.50
CA GLN E 531 -7.40 18.09 -9.94
C GLN E 531 -7.49 16.68 -9.34
N GLY E 532 -8.60 16.43 -8.64
CA GLY E 532 -8.85 15.12 -8.05
C GLY E 532 -9.06 14.05 -9.11
N MET E 533 -9.81 14.39 -10.16
CA MET E 533 -10.05 13.43 -11.22
C MET E 533 -8.76 13.02 -11.94
N ASN E 534 -7.74 13.87 -11.84
CA ASN E 534 -6.47 13.64 -12.55
C ASN E 534 -5.33 13.16 -11.67
N ALA E 535 -5.60 12.95 -10.39
CA ALA E 535 -4.53 12.54 -9.50
C ALA E 535 -4.33 11.05 -9.55
N GLU E 536 -3.15 10.64 -9.11
CA GLU E 536 -2.76 9.26 -9.11
C GLU E 536 -2.94 8.68 -7.70
N GLY E 537 -3.59 7.51 -7.59
CA GLY E 537 -3.89 6.94 -6.30
C GLY E 537 -5.09 7.63 -5.66
N PRO E 538 -5.55 7.12 -4.50
CA PRO E 538 -6.76 7.63 -3.85
C PRO E 538 -6.66 9.13 -3.52
N VAL E 539 -7.77 9.83 -3.70
CA VAL E 539 -7.85 11.24 -3.33
C VAL E 539 -9.01 11.44 -2.38
N ILE E 540 -8.79 12.20 -1.30
CA ILE E 540 -9.91 12.66 -0.48
C ILE E 540 -9.98 14.17 -0.66
N ILE E 541 -11.17 14.66 -0.94
CA ILE E 541 -11.39 16.10 -1.12
C ILE E 541 -12.33 16.69 -0.07
N ASP E 542 -11.82 17.69 0.65
CA ASP E 542 -12.60 18.41 1.67
C ASP E 542 -13.40 19.52 1.00
N VAL E 543 -14.74 19.43 1.04
CA VAL E 543 -15.57 20.48 0.45
C VAL E 543 -16.48 21.12 1.50
N PRO E 544 -16.11 22.32 1.97
CA PRO E 544 -16.97 22.98 2.94
C PRO E 544 -18.33 23.30 2.33
N VAL E 545 -19.41 23.09 3.08
CA VAL E 545 -20.75 23.30 2.54
C VAL E 545 -21.65 24.06 3.52
N ASP E 546 -22.58 24.83 2.99
CA ASP E 546 -23.53 25.61 3.79
C ASP E 546 -24.89 24.90 3.83
N TYR E 547 -25.31 24.44 5.00
CA TYR E 547 -26.51 23.65 5.12
C TYR E 547 -27.75 24.44 5.54
N SER E 548 -27.70 25.77 5.44
CA SER E 548 -28.81 26.57 5.97
C SER E 548 -30.11 26.38 5.17
N ASP E 549 -29.99 25.91 3.93
CA ASP E 549 -31.16 25.73 3.06
C ASP E 549 -31.74 24.31 3.19
N ASN E 550 -31.11 23.47 4.01
CA ASN E 550 -31.51 22.06 4.11
C ASN E 550 -32.94 21.80 4.56
N ILE E 551 -33.47 22.64 5.45
CA ILE E 551 -34.81 22.44 5.99
C ILE E 551 -35.86 22.44 4.87
N ASN E 552 -35.53 23.14 3.79
CA ASN E 552 -36.43 23.17 2.64
C ASN E 552 -36.51 21.84 1.89
N LEU E 553 -35.58 20.92 2.15
CA LEU E 553 -35.65 19.60 1.53
C LEU E 553 -36.92 18.90 1.99
N ALA E 554 -37.40 19.27 3.18
CA ALA E 554 -38.61 18.70 3.77
C ALA E 554 -39.78 19.67 3.73
N SER E 555 -39.64 20.76 2.98
CA SER E 555 -40.71 21.75 2.95
C SER E 555 -41.93 21.29 2.16
N ASP E 556 -43.10 21.73 2.61
CA ASP E 556 -44.38 21.36 2.01
C ASP E 556 -44.80 22.49 1.04
N LYS E 557 -43.87 23.40 0.77
CA LYS E 557 -44.19 24.57 -0.04
C LYS E 557 -44.69 24.20 -1.44
N LEU E 558 -43.93 23.37 -2.18
CA LEU E 558 -44.28 22.99 -3.56
C LEU E 558 -45.65 22.30 -3.75
N PRO E 559 -45.98 21.29 -2.92
CA PRO E 559 -47.32 20.71 -3.06
C PRO E 559 -48.44 21.72 -2.79
N LYS E 560 -48.20 22.69 -1.91
CA LYS E 560 -49.20 23.72 -1.64
C LYS E 560 -49.40 24.66 -2.83
N GLU E 561 -48.30 25.13 -3.42
CA GLU E 561 -48.36 26.00 -4.60
C GLU E 561 -49.08 25.29 -5.74
N PHE E 562 -48.71 24.03 -5.99
CA PHE E 562 -49.32 23.28 -7.10
C PHE E 562 -50.79 22.97 -6.78
N GLY E 563 -51.09 22.84 -5.49
CA GLY E 563 -52.45 22.65 -5.05
C GLY E 563 -53.37 23.84 -5.38
N GLU E 564 -52.83 25.05 -5.24
CA GLU E 564 -53.59 26.26 -5.54
C GLU E 564 -53.82 26.35 -7.04
N LEU E 565 -52.80 25.96 -7.80
CA LEU E 565 -52.82 26.04 -9.25
C LEU E 565 -53.87 25.14 -9.86
N MET E 566 -54.16 24.00 -9.24
CA MET E 566 -55.11 23.08 -9.84
C MET E 566 -56.54 23.60 -9.72
N LYS E 567 -56.78 24.49 -8.77
CA LYS E 567 -58.09 25.13 -8.69
C LYS E 567 -57.94 26.64 -8.90
N ASN F 15 -44.81 14.39 28.29
CA ASN F 15 -45.28 13.10 28.80
C ASN F 15 -45.52 12.04 27.70
N ARG F 16 -44.49 11.82 26.88
CA ARG F 16 -44.53 10.75 25.89
C ARG F 16 -43.84 9.50 26.43
N GLY F 17 -43.91 8.44 25.63
CA GLY F 17 -43.15 7.24 25.94
C GLY F 17 -41.68 7.57 26.09
N ALA F 18 -41.21 8.52 25.30
CA ALA F 18 -39.82 8.94 25.40
C ALA F 18 -39.49 9.42 26.83
N GLU F 19 -40.41 10.15 27.46
CA GLU F 19 -40.15 10.62 28.82
C GLU F 19 -40.07 9.45 29.81
N LEU F 20 -40.91 8.45 29.60
CA LEU F 20 -40.87 7.25 30.43
C LEU F 20 -39.52 6.56 30.35
N VAL F 21 -38.95 6.50 29.14
CA VAL F 21 -37.62 5.90 28.98
C VAL F 21 -36.60 6.71 29.78
N VAL F 22 -36.68 8.03 29.64
CA VAL F 22 -35.73 8.90 30.34
C VAL F 22 -35.92 8.81 31.85
N ASP F 23 -37.17 8.72 32.30
CA ASP F 23 -37.40 8.59 33.74
C ASP F 23 -36.72 7.34 34.29
N CYS F 24 -36.78 6.23 33.55
CA CYS F 24 -36.12 5.01 33.97
C CYS F 24 -34.61 5.22 34.09
N LEU F 25 -34.03 5.94 33.14
CA LEU F 25 -32.60 6.23 33.21
C LEU F 25 -32.30 7.07 34.44
N VAL F 26 -33.17 8.01 34.75
CA VAL F 26 -33.00 8.80 35.97
C VAL F 26 -33.11 7.91 37.21
N GLU F 27 -34.15 7.06 37.27
CA GLU F 27 -34.29 6.18 38.44
C GLU F 27 -33.15 5.20 38.57
N GLN F 28 -32.55 4.80 37.45
CA GLN F 28 -31.41 3.88 37.51
C GLN F 28 -30.10 4.57 37.91
N GLY F 29 -30.10 5.90 37.94
CA GLY F 29 -28.88 6.61 38.28
C GLY F 29 -27.83 6.60 37.17
N VAL F 30 -28.28 6.52 35.91
CA VAL F 30 -27.39 6.55 34.75
C VAL F 30 -26.86 7.96 34.50
N THR F 31 -25.55 8.12 34.42
CA THR F 31 -24.99 9.46 34.20
C THR F 31 -24.56 9.72 32.76
N HIS F 32 -24.30 8.64 32.03
CA HIS F 32 -23.90 8.75 30.64
C HIS F 32 -24.70 7.82 29.72
N VAL F 33 -25.12 8.35 28.57
CA VAL F 33 -25.70 7.53 27.51
C VAL F 33 -24.85 7.64 26.23
N PHE F 34 -24.40 6.52 25.70
CA PHE F 34 -23.60 6.56 24.46
C PHE F 34 -24.48 6.28 23.27
N GLY F 35 -24.46 7.15 22.27
CA GLY F 35 -25.36 6.92 21.17
C GLY F 35 -25.20 7.75 19.93
N ILE F 36 -26.05 7.47 18.95
CA ILE F 36 -26.05 8.21 17.71
C ILE F 36 -27.50 8.34 17.32
N PRO F 37 -27.98 9.56 17.13
CA PRO F 37 -29.41 9.73 16.87
C PRO F 37 -29.84 9.29 15.46
N GLY F 38 -31.15 9.20 15.28
CA GLY F 38 -31.77 8.86 14.02
C GLY F 38 -33.28 9.11 14.17
N ALA F 39 -33.99 9.13 13.05
CA ALA F 39 -35.39 9.51 13.03
C ALA F 39 -36.31 8.66 13.91
N LYS F 40 -36.16 7.34 13.84
CA LYS F 40 -37.06 6.46 14.58
C LYS F 40 -36.91 6.60 16.11
N ILE F 41 -35.72 7.00 16.56
CA ILE F 41 -35.42 7.09 17.99
C ILE F 41 -35.35 8.55 18.49
N ASP F 42 -35.67 9.51 17.61
CA ASP F 42 -35.57 10.95 17.88
C ASP F 42 -36.19 11.43 19.19
N ALA F 43 -37.38 10.92 19.47
CA ALA F 43 -38.16 11.37 20.62
C ALA F 43 -37.40 11.18 21.93
N VAL F 44 -36.68 10.05 22.04
CA VAL F 44 -35.88 9.81 23.25
C VAL F 44 -34.75 10.80 23.39
N PHE F 45 -34.05 11.07 22.27
CA PHE F 45 -32.95 12.03 22.27
C PHE F 45 -33.47 13.44 22.62
N ASP F 46 -34.67 13.75 22.16
CA ASP F 46 -35.30 15.02 22.49
C ASP F 46 -35.57 15.13 23.99
N ALA F 47 -36.20 14.10 24.54
CA ALA F 47 -36.53 14.10 25.95
C ALA F 47 -35.29 14.19 26.81
N LEU F 48 -34.16 13.73 26.27
CA LEU F 48 -32.91 13.80 27.00
C LEU F 48 -32.39 15.23 27.04
N GLN F 49 -32.96 16.12 26.24
CA GLN F 49 -32.56 17.53 26.34
C GLN F 49 -33.15 18.17 27.60
N ASP F 50 -34.31 17.66 28.03
CA ASP F 50 -34.99 18.19 29.23
C ASP F 50 -34.42 17.67 30.55
N LYS F 51 -34.05 16.39 30.58
CA LYS F 51 -33.43 15.80 31.77
C LYS F 51 -32.79 14.46 31.46
N GLY F 52 -32.07 13.92 32.43
CA GLY F 52 -31.45 12.64 32.29
C GLY F 52 -29.95 12.73 32.12
N PRO F 53 -29.32 11.58 31.89
CA PRO F 53 -27.87 11.43 31.69
C PRO F 53 -27.33 12.27 30.54
N GLU F 54 -26.07 12.64 30.62
CA GLU F 54 -25.40 13.32 29.53
C GLU F 54 -25.26 12.41 28.31
N ILE F 55 -25.56 12.94 27.13
CA ILE F 55 -25.37 12.17 25.91
C ILE F 55 -23.93 12.32 25.40
N ILE F 56 -23.28 11.19 25.19
CA ILE F 56 -21.99 11.15 24.55
C ILE F 56 -22.18 10.65 23.13
N VAL F 57 -22.00 11.53 22.15
CA VAL F 57 -22.20 11.16 20.76
C VAL F 57 -21.04 10.33 20.25
N ALA F 58 -21.33 9.16 19.70
CA ALA F 58 -20.28 8.30 19.18
C ALA F 58 -20.10 8.53 17.69
N ARG F 59 -18.99 8.05 17.15
CA ARG F 59 -18.73 8.12 15.71
C ARG F 59 -19.08 6.77 15.01
N HIS F 60 -19.42 5.76 15.80
CA HIS F 60 -19.93 4.48 15.26
C HIS F 60 -20.64 3.76 16.38
N GLU F 61 -21.80 3.17 16.11
CA GLU F 61 -22.53 2.51 17.19
C GLU F 61 -21.73 1.39 17.81
N GLN F 62 -20.82 0.80 17.03
CA GLN F 62 -19.96 -0.25 17.56
C GLN F 62 -19.23 0.29 18.78
N ASN F 63 -18.68 1.48 18.64
CA ASN F 63 -17.87 2.06 19.71
C ASN F 63 -18.72 2.55 20.88
N ALA F 64 -19.94 2.99 20.57
CA ALA F 64 -20.88 3.33 21.63
C ALA F 64 -21.17 2.09 22.47
N ALA F 65 -21.31 0.95 21.82
CA ALA F 65 -21.55 -0.27 22.59
C ALA F 65 -20.32 -0.62 23.40
N PHE F 66 -19.15 -0.49 22.80
CA PHE F 66 -17.90 -0.75 23.53
C PHE F 66 -17.74 0.13 24.75
N MET F 67 -18.01 1.43 24.60
CA MET F 67 -17.95 2.37 25.71
C MET F 67 -18.94 1.99 26.83
N ALA F 68 -20.15 1.61 26.44
CA ALA F 68 -21.16 1.14 27.39
C ALA F 68 -20.69 -0.12 28.10
N GLN F 69 -20.03 -1.01 27.38
CA GLN F 69 -19.51 -2.22 28.01
C GLN F 69 -18.49 -1.86 29.09
N ALA F 70 -17.60 -0.91 28.78
CA ALA F 70 -16.55 -0.54 29.72
C ALA F 70 -17.13 0.08 30.99
N VAL F 71 -18.16 0.90 30.82
CA VAL F 71 -18.84 1.54 31.94
C VAL F 71 -19.47 0.47 32.82
N GLY F 72 -20.04 -0.54 32.18
CA GLY F 72 -20.60 -1.66 32.92
C GLY F 72 -19.51 -2.40 33.70
N ARG F 73 -18.38 -2.67 33.06
CA ARG F 73 -17.34 -3.41 33.75
C ARG F 73 -16.78 -2.60 34.90
N LEU F 74 -16.63 -1.30 34.68
CA LEU F 74 -15.99 -0.49 35.70
C LEU F 74 -16.90 -0.15 36.88
N THR F 75 -18.22 -0.07 36.67
CA THR F 75 -19.10 0.43 37.73
C THR F 75 -20.04 -0.64 38.33
N GLY F 76 -20.25 -1.74 37.62
CA GLY F 76 -21.22 -2.71 38.09
C GLY F 76 -22.64 -2.32 37.75
N LYS F 77 -22.82 -1.13 37.20
CA LYS F 77 -24.14 -0.72 36.72
C LYS F 77 -24.12 -0.69 35.21
N PRO F 78 -25.22 -1.14 34.59
CA PRO F 78 -25.24 -1.28 33.13
C PRO F 78 -24.88 0.02 32.41
N GLY F 79 -23.92 -0.10 31.49
CA GLY F 79 -23.59 0.95 30.55
C GLY F 79 -24.76 1.05 29.61
N VAL F 80 -25.04 2.25 29.12
CA VAL F 80 -26.24 2.47 28.34
C VAL F 80 -25.88 3.01 26.97
N VAL F 81 -26.40 2.34 25.94
CA VAL F 81 -26.22 2.80 24.57
C VAL F 81 -27.59 3.00 23.93
N LEU F 82 -27.74 4.07 23.15
CA LEU F 82 -29.02 4.45 22.55
C LEU F 82 -28.83 4.68 21.05
N VAL F 83 -29.54 3.91 20.23
CA VAL F 83 -29.34 4.03 18.78
C VAL F 83 -30.66 4.04 18.02
N THR F 84 -30.60 4.40 16.75
CA THR F 84 -31.81 4.38 15.93
C THR F 84 -32.09 3.00 15.30
N SER F 85 -33.13 2.93 14.48
CA SER F 85 -33.53 1.68 13.81
C SER F 85 -32.57 1.15 12.73
N GLY F 86 -32.83 -0.06 12.24
CA GLY F 86 -32.07 -0.63 11.13
C GLY F 86 -30.57 -0.75 11.40
N PRO F 87 -29.74 -0.06 10.59
CA PRO F 87 -28.29 -0.18 10.73
C PRO F 87 -27.81 0.42 12.05
N GLY F 88 -28.59 1.36 12.62
CA GLY F 88 -28.28 1.90 13.92
C GLY F 88 -28.27 0.75 14.91
N ALA F 89 -29.32 -0.07 14.86
CA ALA F 89 -29.42 -1.21 15.77
C ALA F 89 -28.46 -2.33 15.40
N SER F 90 -28.39 -2.69 14.11
CA SER F 90 -27.55 -3.83 13.70
C SER F 90 -26.08 -3.57 13.98
N ASN F 91 -25.68 -2.30 14.02
CA ASN F 91 -24.29 -1.96 14.35
C ASN F 91 -23.92 -2.27 15.81
N LEU F 92 -24.90 -2.68 16.61
CA LEU F 92 -24.67 -3.05 18.01
C LEU F 92 -24.30 -4.51 18.23
N ALA F 93 -24.50 -5.33 17.20
CA ALA F 93 -24.44 -6.77 17.37
C ALA F 93 -23.16 -7.23 18.06
N THR F 94 -22.02 -6.84 17.54
CA THR F 94 -20.75 -7.30 18.08
C THR F 94 -20.49 -6.77 19.49
N GLY F 95 -20.78 -5.49 19.69
CA GLY F 95 -20.65 -4.90 21.00
C GLY F 95 -21.45 -5.65 22.06
N LEU F 96 -22.72 -5.87 21.79
CA LEU F 96 -23.56 -6.58 22.75
C LEU F 96 -23.09 -8.01 22.96
N LEU F 97 -22.73 -8.69 21.87
CA LEU F 97 -22.25 -10.07 21.94
C LEU F 97 -21.02 -10.13 22.80
N THR F 98 -20.13 -9.17 22.62
CA THR F 98 -18.90 -9.11 23.40
C THR F 98 -19.19 -8.92 24.88
N ALA F 99 -19.98 -7.88 25.21
CA ALA F 99 -20.39 -7.67 26.59
C ALA F 99 -21.14 -8.90 27.16
N ASN F 100 -21.99 -9.53 26.34
CA ASN F 100 -22.84 -10.63 26.82
C ASN F 100 -22.06 -11.88 27.17
N THR F 101 -20.85 -12.00 26.62
CA THR F 101 -20.04 -13.19 26.87
C THR F 101 -18.87 -12.86 27.77
N GLU F 102 -18.78 -11.61 28.19
CA GLU F 102 -17.66 -11.20 29.02
C GLU F 102 -18.04 -10.70 30.40
N GLY F 103 -19.32 -10.87 30.77
CA GLY F 103 -19.77 -10.57 32.12
C GLY F 103 -20.03 -9.10 32.42
N ASP F 104 -20.26 -8.33 31.37
CA ASP F 104 -20.41 -6.89 31.52
C ASP F 104 -21.85 -6.49 31.33
N PRO F 105 -22.41 -5.80 32.32
CA PRO F 105 -23.82 -5.41 32.22
C PRO F 105 -24.00 -4.23 31.23
N VAL F 106 -24.88 -4.40 30.25
CA VAL F 106 -25.16 -3.34 29.28
C VAL F 106 -26.64 -3.34 28.95
N VAL F 107 -27.25 -2.15 28.88
CA VAL F 107 -28.62 -2.03 28.37
C VAL F 107 -28.62 -1.24 27.05
N ALA F 108 -29.15 -1.85 26.00
CA ALA F 108 -29.20 -1.21 24.70
C ALA F 108 -30.63 -0.79 24.41
N LEU F 109 -30.79 0.43 23.89
CA LEU F 109 -32.11 0.93 23.57
C LEU F 109 -32.17 1.31 22.08
N ALA F 110 -33.10 0.73 21.33
CA ALA F 110 -33.09 0.98 19.90
C ALA F 110 -34.46 1.36 19.36
N GLY F 111 -34.46 2.17 18.31
CA GLY F 111 -35.69 2.49 17.64
C GLY F 111 -36.04 1.38 16.65
N ASN F 112 -37.31 1.36 16.27
CA ASN F 112 -37.77 0.53 15.15
C ASN F 112 -38.85 1.33 14.43
N VAL F 113 -39.32 0.82 13.30
CA VAL F 113 -40.36 1.52 12.56
C VAL F 113 -41.69 1.45 13.32
N ILE F 114 -42.64 2.31 12.94
CA ILE F 114 -44.02 2.30 13.44
CA ILE F 114 -43.97 2.27 13.56
C ILE F 114 -44.63 0.89 13.53
N ARG F 115 -45.44 0.60 14.55
CA ARG F 115 -46.09 -0.71 14.69
C ARG F 115 -46.92 -1.14 13.48
N ALA F 116 -47.65 -0.19 12.90
CA ALA F 116 -48.52 -0.47 11.76
C ALA F 116 -47.72 -0.93 10.54
N ASP F 117 -46.45 -0.53 10.48
CA ASP F 117 -45.59 -0.87 9.36
C ASP F 117 -44.51 -1.91 9.71
N ARG F 118 -44.66 -2.56 10.85
CA ARG F 118 -43.59 -3.43 11.36
C ARG F 118 -43.25 -4.64 10.48
N LEU F 119 -44.19 -5.03 9.62
CA LEU F 119 -44.01 -6.20 8.75
C LEU F 119 -43.62 -5.83 7.32
N LYS F 120 -43.46 -4.53 7.04
CA LYS F 120 -43.29 -4.07 5.68
C LYS F 120 -41.84 -3.96 5.20
N ARG F 121 -41.66 -3.99 3.89
CA ARG F 121 -40.40 -3.55 3.32
C ARG F 121 -40.44 -2.05 3.33
N THR F 122 -39.82 -1.48 4.38
CA THR F 122 -39.85 -0.04 4.64
C THR F 122 -38.53 0.32 5.24
N HIS F 123 -38.15 1.59 5.11
CA HIS F 123 -36.81 2.03 5.52
C HIS F 123 -36.44 1.56 6.93
N GLN F 124 -35.30 0.90 7.00
CA GLN F 124 -34.65 0.51 8.26
C GLN F 124 -35.44 -0.41 9.18
N SER F 125 -36.28 -1.27 8.62
CA SER F 125 -37.09 -2.14 9.45
C SER F 125 -36.54 -3.56 9.46
N LEU F 126 -36.49 -4.15 10.66
CA LEU F 126 -36.21 -5.57 10.78
C LEU F 126 -36.78 -6.06 12.11
N ASP F 127 -36.80 -7.38 12.29
CA ASP F 127 -37.18 -7.92 13.58
C ASP F 127 -35.99 -7.72 14.55
N ASN F 128 -35.95 -6.55 15.17
CA ASN F 128 -34.88 -6.18 16.07
C ASN F 128 -34.66 -7.24 17.18
N ALA F 129 -35.75 -7.66 17.83
CA ALA F 129 -35.66 -8.59 18.93
C ALA F 129 -35.13 -9.93 18.51
N ALA F 130 -35.55 -10.43 17.34
CA ALA F 130 -35.10 -11.73 16.85
C ALA F 130 -33.60 -11.69 16.55
N LEU F 131 -33.14 -10.52 16.09
CA LEU F 131 -31.73 -10.35 15.79
C LEU F 131 -30.87 -10.46 17.07
N PHE F 132 -31.33 -9.86 18.17
CA PHE F 132 -30.49 -9.82 19.36
C PHE F 132 -30.73 -10.97 20.32
N GLN F 133 -31.79 -11.73 20.07
CA GLN F 133 -32.13 -12.91 20.89
C GLN F 133 -30.93 -13.86 21.14
N PRO F 134 -30.20 -14.26 20.07
CA PRO F 134 -29.12 -15.22 20.31
C PRO F 134 -27.86 -14.64 20.97
N ILE F 135 -27.79 -13.32 21.12
CA ILE F 135 -26.56 -12.70 21.62
C ILE F 135 -26.78 -11.83 22.88
N THR F 136 -27.93 -12.00 23.52
CA THR F 136 -28.23 -11.26 24.74
C THR F 136 -28.88 -12.15 25.76
N LYS F 137 -28.90 -11.70 27.01
CA LYS F 137 -29.68 -12.37 28.06
C LYS F 137 -31.15 -12.08 27.91
N TYR F 138 -31.46 -10.99 27.20
CA TYR F 138 -32.82 -10.45 27.18
C TYR F 138 -32.97 -9.55 25.97
N SER F 139 -33.91 -9.89 25.08
CA SER F 139 -34.12 -9.14 23.85
C SER F 139 -35.61 -8.97 23.61
N VAL F 140 -36.13 -7.75 23.76
CA VAL F 140 -37.59 -7.57 23.69
C VAL F 140 -37.96 -6.35 22.86
N GLU F 141 -39.19 -6.35 22.34
CA GLU F 141 -39.74 -5.15 21.70
C GLU F 141 -41.05 -4.73 22.37
N VAL F 142 -41.13 -3.47 22.76
CA VAL F 142 -42.31 -2.97 23.45
C VAL F 142 -43.38 -2.57 22.44
N GLN F 143 -44.59 -3.12 22.58
CA GLN F 143 -45.65 -2.88 21.63
C GLN F 143 -46.82 -2.08 22.25
N ASP F 144 -46.60 -1.53 23.44
CA ASP F 144 -47.60 -0.68 24.09
C ASP F 144 -46.90 0.31 25.00
N VAL F 145 -47.20 1.61 24.86
CA VAL F 145 -46.46 2.62 25.64
C VAL F 145 -46.49 2.38 27.15
N LYS F 146 -47.57 1.77 27.66
CA LYS F 146 -47.68 1.51 29.11
C LYS F 146 -46.60 0.56 29.61
N ASN F 147 -46.11 -0.30 28.72
CA ASN F 147 -45.19 -1.37 29.12
C ASN F 147 -43.74 -0.90 29.21
N ILE F 148 -43.46 0.30 28.71
CA ILE F 148 -42.09 0.84 28.73
C ILE F 148 -41.36 0.77 30.08
N PRO F 149 -41.98 1.27 31.17
CA PRO F 149 -41.21 1.25 32.42
C PRO F 149 -40.93 -0.14 32.94
N GLU F 150 -41.84 -1.08 32.72
CA GLU F 150 -41.64 -2.46 33.13
C GLU F 150 -40.53 -3.09 32.31
N ALA F 151 -40.62 -2.94 31.00
CA ALA F 151 -39.66 -3.59 30.11
C ALA F 151 -38.25 -3.08 30.36
N VAL F 152 -38.10 -1.78 30.52
CA VAL F 152 -36.80 -1.17 30.74
C VAL F 152 -36.20 -1.54 32.12
N THR F 153 -37.03 -1.52 33.15
CA THR F 153 -36.58 -1.87 34.49
C THR F 153 -36.15 -3.37 34.55
N ASN F 154 -36.93 -4.27 33.96
CA ASN F 154 -36.51 -5.67 33.90
C ASN F 154 -35.21 -5.86 33.09
N ALA F 155 -35.03 -5.03 32.06
CA ALA F 155 -33.79 -5.09 31.27
C ALA F 155 -32.58 -4.75 32.13
N PHE F 156 -32.68 -3.69 32.93
CA PHE F 156 -31.60 -3.32 33.84
C PHE F 156 -31.32 -4.41 34.87
N ARG F 157 -32.37 -4.96 35.45
CA ARG F 157 -32.19 -5.99 36.47
C ARG F 157 -31.54 -7.24 35.89
N ILE F 158 -32.00 -7.66 34.71
CA ILE F 158 -31.43 -8.87 34.10
C ILE F 158 -29.99 -8.66 33.62
N ALA F 159 -29.68 -7.48 33.08
CA ALA F 159 -28.29 -7.17 32.71
C ALA F 159 -27.34 -7.23 33.90
N SER F 160 -27.84 -6.87 35.08
CA SER F 160 -27.03 -6.82 36.29
C SER F 160 -26.93 -8.17 36.97
N ALA F 161 -27.98 -8.96 36.86
CA ALA F 161 -28.07 -10.21 37.60
C ALA F 161 -27.01 -11.20 37.14
N GLY F 162 -26.39 -11.91 38.09
CA GLY F 162 -25.34 -12.87 37.77
C GLY F 162 -25.97 -13.96 36.92
N GLN F 163 -25.31 -14.38 35.84
CA GLN F 163 -24.09 -13.73 35.38
C GLN F 163 -24.45 -12.53 34.52
N ALA F 164 -23.78 -11.39 34.77
CA ALA F 164 -24.12 -10.13 34.13
C ALA F 164 -23.90 -10.22 32.61
N GLY F 165 -24.69 -9.48 31.85
CA GLY F 165 -24.53 -9.44 30.41
C GLY F 165 -25.37 -8.36 29.76
N ALA F 166 -25.76 -8.59 28.50
CA ALA F 166 -26.44 -7.58 27.68
C ALA F 166 -27.95 -7.73 27.65
N ALA F 167 -28.66 -6.61 27.72
CA ALA F 167 -30.11 -6.62 27.57
C ALA F 167 -30.44 -5.65 26.45
N PHE F 168 -31.40 -6.02 25.60
CA PHE F 168 -31.71 -5.20 24.43
C PHE F 168 -33.19 -4.90 24.43
N VAL F 169 -33.55 -3.62 24.26
CA VAL F 169 -34.95 -3.25 24.23
C VAL F 169 -35.23 -2.40 23.01
N SER F 170 -36.20 -2.83 22.22
CA SER F 170 -36.56 -2.13 20.98
C SER F 170 -37.86 -1.31 21.16
N PHE F 171 -37.89 -0.12 20.57
CA PHE F 171 -39.06 0.76 20.64
C PHE F 171 -39.57 1.17 19.27
N PRO F 172 -40.77 0.73 18.88
CA PRO F 172 -41.36 1.29 17.65
C PRO F 172 -41.53 2.80 17.79
N GLN F 173 -41.29 3.54 16.72
CA GLN F 173 -41.33 5.01 16.77
C GLN F 173 -42.61 5.58 17.40
N ASP F 174 -43.76 5.02 17.04
CA ASP F 174 -45.06 5.54 17.52
C ASP F 174 -45.26 5.32 19.02
N VAL F 175 -44.66 4.25 19.51
CA VAL F 175 -44.76 3.90 20.91
C VAL F 175 -44.02 4.92 21.77
N VAL F 176 -42.85 5.30 21.31
CA VAL F 176 -42.03 6.25 22.02
C VAL F 176 -42.47 7.72 21.80
N ASN F 177 -43.23 7.99 20.74
CA ASN F 177 -43.80 9.32 20.47
C ASN F 177 -45.19 9.50 21.07
N GLU F 178 -45.78 8.41 21.54
CA GLU F 178 -47.14 8.43 22.02
C GLU F 178 -47.28 9.16 23.35
N VAL F 179 -48.27 10.04 23.44
CA VAL F 179 -48.58 10.74 24.69
C VAL F 179 -49.36 9.81 25.63
N THR F 180 -48.98 9.76 26.89
CA THR F 180 -49.59 8.78 27.82
C THR F 180 -49.53 9.28 29.26
N ASN F 181 -50.48 8.82 30.08
CA ASN F 181 -50.45 9.14 31.50
C ASN F 181 -49.93 7.97 32.33
N THR F 182 -49.29 7.02 31.65
CA THR F 182 -48.64 5.89 32.31
C THR F 182 -47.63 6.35 33.37
N LYS F 183 -47.64 5.69 34.53
CA LYS F 183 -46.71 6.01 35.61
C LYS F 183 -45.40 5.24 35.52
N ASN F 184 -44.31 5.84 36.03
CA ASN F 184 -43.03 5.13 36.15
C ASN F 184 -43.12 4.07 37.23
N VAL F 185 -42.20 3.11 37.23
CA VAL F 185 -42.12 2.12 38.28
C VAL F 185 -40.85 2.36 39.05
N ARG F 186 -40.78 1.86 40.27
CA ARG F 186 -39.58 2.04 41.08
C ARG F 186 -38.45 1.26 40.43
N ALA F 187 -37.25 1.83 40.42
CA ALA F 187 -36.11 1.06 39.93
C ALA F 187 -35.70 0.04 41.01
N VAL F 188 -36.45 -1.05 41.14
CA VAL F 188 -36.17 -2.03 42.17
C VAL F 188 -34.83 -2.69 41.87
N ALA F 189 -33.86 -2.55 42.77
CA ALA F 189 -32.53 -3.08 42.48
C ALA F 189 -32.56 -4.61 42.46
N ALA F 190 -31.84 -5.21 41.51
CA ALA F 190 -31.63 -6.65 41.53
C ALA F 190 -30.95 -7.02 42.85
N PRO F 191 -31.52 -7.98 43.60
CA PRO F 191 -31.02 -8.32 44.94
C PRO F 191 -29.80 -9.25 44.95
N LYS F 192 -28.93 -9.12 45.96
CA LYS F 192 -27.79 -10.03 46.10
C LYS F 192 -28.23 -11.41 46.59
N LEU F 193 -27.56 -12.47 46.15
CA LEU F 193 -27.85 -13.78 46.72
C LEU F 193 -27.17 -13.92 48.08
N GLY F 194 -27.59 -14.94 48.85
CA GLY F 194 -26.86 -15.29 50.07
C GLY F 194 -25.63 -16.07 49.65
N PRO F 195 -24.73 -16.41 50.60
CA PRO F 195 -23.59 -17.26 50.29
C PRO F 195 -24.04 -18.69 49.99
N ALA F 196 -23.16 -19.56 49.49
CA ALA F 196 -23.50 -20.96 49.26
C ALA F 196 -23.92 -21.65 50.55
N ALA F 197 -24.61 -22.79 50.47
CA ALA F 197 -25.07 -23.46 51.69
C ALA F 197 -23.92 -23.81 52.64
N ASP F 198 -24.18 -23.73 53.94
CA ASP F 198 -23.18 -24.00 54.97
C ASP F 198 -22.50 -25.35 54.75
N ASP F 199 -23.30 -26.33 54.33
CA ASP F 199 -22.86 -27.70 54.13
C ASP F 199 -21.85 -27.86 53.03
N ALA F 200 -22.05 -27.11 51.95
CA ALA F 200 -21.11 -27.12 50.85
C ALA F 200 -19.83 -26.41 51.25
N ILE F 201 -19.97 -25.32 52.02
CA ILE F 201 -18.81 -24.57 52.50
C ILE F 201 -17.89 -25.46 53.33
N SER F 202 -18.48 -26.18 54.29
CA SER F 202 -17.72 -27.05 55.19
C SER F 202 -16.96 -28.11 54.44
N ALA F 203 -17.65 -28.75 53.51
CA ALA F 203 -17.02 -29.82 52.73
C ALA F 203 -15.83 -29.29 51.94
N ALA F 204 -15.95 -28.08 51.41
CA ALA F 204 -14.87 -27.48 50.61
C ALA F 204 -13.65 -27.18 51.48
N ILE F 205 -13.92 -26.64 52.67
CA ILE F 205 -12.86 -26.39 53.63
C ILE F 205 -12.15 -27.70 53.96
N ALA F 206 -12.92 -28.73 54.24
CA ALA F 206 -12.33 -30.02 54.55
C ALA F 206 -11.45 -30.53 53.39
N LYS F 207 -11.95 -30.43 52.16
CA LYS F 207 -11.19 -30.90 51.01
C LYS F 207 -9.92 -30.08 50.82
N ILE F 208 -9.99 -28.79 51.13
CA ILE F 208 -8.81 -27.95 51.02
C ILE F 208 -7.77 -28.29 52.11
N GLN F 209 -8.22 -28.49 53.36
CA GLN F 209 -7.31 -28.80 54.45
C GLN F 209 -6.56 -30.13 54.28
N THR F 210 -7.20 -31.07 53.60
CA THR F 210 -6.64 -32.42 53.42
C THR F 210 -5.83 -32.55 52.13
N ALA F 211 -5.74 -31.47 51.37
CA ALA F 211 -5.06 -31.56 50.07
C ALA F 211 -3.54 -31.53 50.23
N LYS F 212 -2.85 -32.28 49.38
CA LYS F 212 -1.40 -32.15 49.32
C LYS F 212 -1.02 -30.85 48.63
N LEU F 213 -1.80 -30.47 47.63
CA LEU F 213 -1.52 -29.25 46.87
C LEU F 213 -2.80 -28.57 46.37
N PRO F 214 -3.49 -27.84 47.27
CA PRO F 214 -4.69 -27.08 46.89
C PRO F 214 -4.30 -25.76 46.21
N VAL F 215 -4.98 -25.38 45.13
CA VAL F 215 -4.66 -24.13 44.41
C VAL F 215 -5.92 -23.36 44.01
N VAL F 216 -5.80 -22.04 43.88
CA VAL F 216 -6.95 -21.23 43.50
C VAL F 216 -6.83 -20.78 42.04
N LEU F 217 -7.88 -21.05 41.25
CA LEU F 217 -8.00 -20.52 39.89
C LEU F 217 -9.02 -19.40 39.96
N VAL F 218 -8.55 -18.17 39.84
CA VAL F 218 -9.43 -17.02 39.89
C VAL F 218 -9.85 -16.60 38.50
N GLY F 219 -11.15 -16.65 38.24
CA GLY F 219 -11.67 -16.35 36.92
C GLY F 219 -12.43 -15.03 36.77
N MET F 220 -13.22 -14.95 35.70
CA MET F 220 -13.95 -13.74 35.28
C MET F 220 -14.68 -12.99 36.41
N LYS F 221 -15.53 -13.69 37.16
CA LYS F 221 -16.31 -13.02 38.19
C LYS F 221 -15.55 -12.96 39.52
N GLY F 222 -14.34 -13.52 39.53
CA GLY F 222 -13.44 -13.32 40.65
C GLY F 222 -12.71 -11.98 40.48
N GLY F 223 -12.89 -11.33 39.33
CA GLY F 223 -12.20 -10.07 39.05
C GLY F 223 -12.92 -8.80 39.49
N ARG F 224 -14.13 -8.93 40.01
CA ARG F 224 -14.85 -7.79 40.56
C ARG F 224 -14.15 -7.29 41.85
N PRO F 225 -14.17 -5.96 42.09
CA PRO F 225 -13.49 -5.37 43.26
C PRO F 225 -13.84 -6.09 44.55
N GLU F 226 -15.13 -6.30 44.82
CA GLU F 226 -15.54 -7.01 46.04
C GLU F 226 -15.07 -8.45 46.09
N ALA F 227 -14.95 -9.10 44.94
CA ALA F 227 -14.51 -10.49 44.94
C ALA F 227 -13.02 -10.57 45.14
N ILE F 228 -12.30 -9.62 44.53
CA ILE F 228 -10.86 -9.59 44.71
C ILE F 228 -10.52 -9.35 46.18
N LYS F 229 -11.24 -8.41 46.81
CA LYS F 229 -11.05 -8.15 48.22
C LYS F 229 -11.20 -9.45 49.05
N ALA F 230 -12.26 -10.21 48.80
CA ALA F 230 -12.44 -11.46 49.53
C ALA F 230 -11.37 -12.49 49.19
N VAL F 231 -11.06 -12.62 47.89
CA VAL F 231 -10.06 -13.60 47.45
C VAL F 231 -8.70 -13.39 48.11
N ARG F 232 -8.26 -12.14 48.17
CA ARG F 232 -6.97 -11.81 48.79
C ARG F 232 -6.87 -12.26 50.26
N LYS F 233 -7.92 -12.00 51.03
CA LYS F 233 -7.96 -12.45 52.44
C LYS F 233 -7.81 -13.95 52.52
N LEU F 234 -8.56 -14.65 51.66
CA LEU F 234 -8.50 -16.10 51.61
C LEU F 234 -7.09 -16.55 51.23
N LEU F 235 -6.53 -15.91 50.20
CA LEU F 235 -5.18 -16.26 49.77
C LEU F 235 -4.14 -15.94 50.84
N LYS F 236 -4.35 -14.83 51.54
CA LYS F 236 -3.41 -14.41 52.57
C LYS F 236 -3.43 -15.36 53.76
N LYS F 237 -4.64 -15.71 54.23
CA LYS F 237 -4.76 -16.55 55.40
C LYS F 237 -4.35 -18.00 55.15
N VAL F 238 -4.85 -18.58 54.06
CA VAL F 238 -4.67 -20.01 53.83
C VAL F 238 -3.35 -20.31 53.09
N GLN F 239 -2.77 -19.29 52.49
CA GLN F 239 -1.48 -19.39 51.80
C GLN F 239 -1.52 -20.33 50.60
N LEU F 240 -2.61 -20.25 49.85
CA LEU F 240 -2.80 -21.06 48.65
C LEU F 240 -2.08 -20.41 47.49
N PRO F 241 -1.40 -21.22 46.69
CA PRO F 241 -0.96 -20.71 45.40
C PRO F 241 -2.17 -20.39 44.50
N PHE F 242 -2.02 -19.46 43.55
CA PHE F 242 -3.14 -19.08 42.71
C PHE F 242 -2.71 -18.65 41.31
N VAL F 243 -3.66 -18.62 40.38
CA VAL F 243 -3.44 -18.10 39.03
C VAL F 243 -4.64 -17.23 38.73
N GLU F 244 -4.49 -16.34 37.75
CA GLU F 244 -5.57 -15.50 37.27
C GLU F 244 -5.95 -15.90 35.84
N THR F 245 -7.24 -15.83 35.50
CA THR F 245 -7.61 -15.76 34.09
C THR F 245 -7.33 -14.31 33.71
N TYR F 246 -7.43 -13.97 32.42
CA TYR F 246 -7.08 -12.62 32.00
C TYR F 246 -8.00 -11.56 32.60
N GLN F 247 -9.28 -11.89 32.75
CA GLN F 247 -10.23 -10.92 33.30
C GLN F 247 -10.21 -10.93 34.82
N ALA F 248 -9.33 -11.75 35.39
CA ALA F 248 -9.09 -11.70 36.85
C ALA F 248 -7.87 -10.84 37.18
N ALA F 249 -7.29 -10.22 36.16
CA ALA F 249 -6.17 -9.29 36.35
C ALA F 249 -6.52 -8.28 37.41
N GLY F 250 -5.54 -8.00 38.27
CA GLY F 250 -5.73 -7.07 39.35
C GLY F 250 -5.95 -7.78 40.66
N THR F 251 -6.09 -9.11 40.62
CA THR F 251 -6.24 -9.90 41.84
C THR F 251 -4.95 -9.84 42.68
N LEU F 252 -3.83 -9.95 41.98
CA LEU F 252 -2.50 -9.88 42.58
C LEU F 252 -2.28 -8.60 43.43
N SER F 253 -1.58 -8.78 44.54
CA SER F 253 -1.02 -7.68 45.32
C SER F 253 0.49 -7.93 45.36
N ARG F 254 1.30 -6.90 45.60
CA ARG F 254 2.75 -7.14 45.64
C ARG F 254 3.10 -8.15 46.73
N ASP F 255 2.24 -8.19 47.74
CA ASP F 255 2.36 -9.10 48.87
C ASP F 255 2.06 -10.55 48.57
N LEU F 256 1.43 -10.79 47.42
CA LEU F 256 1.00 -12.15 47.08
C LEU F 256 1.84 -12.71 45.97
N GLU F 257 2.86 -11.94 45.58
CA GLU F 257 3.73 -12.30 44.47
C GLU F 257 4.33 -13.70 44.60
N ASP F 258 4.63 -14.12 45.83
CA ASP F 258 5.23 -15.43 46.05
C ASP F 258 4.25 -16.58 45.86
N GLN F 259 2.95 -16.29 45.95
CA GLN F 259 1.92 -17.32 45.76
C GLN F 259 1.36 -17.27 44.35
N TYR F 260 1.92 -16.40 43.53
CA TYR F 260 1.36 -16.09 42.23
C TYR F 260 2.05 -16.88 41.12
N PHE F 261 1.27 -17.63 40.37
CA PHE F 261 1.84 -18.40 39.27
C PHE F 261 1.35 -17.97 37.88
N GLY F 262 0.89 -16.71 37.79
CA GLY F 262 0.66 -16.04 36.52
C GLY F 262 -0.73 -16.13 35.91
N ARG F 263 -0.84 -15.67 34.67
CA ARG F 263 -2.13 -15.68 33.99
C ARG F 263 -2.20 -16.79 32.98
N ILE F 264 -3.18 -17.67 33.14
CA ILE F 264 -3.36 -18.79 32.22
C ILE F 264 -4.29 -18.40 31.06
N GLY F 265 -4.18 -19.12 29.95
CA GLY F 265 -5.00 -18.82 28.79
C GLY F 265 -4.30 -19.06 27.46
N LEU F 266 -5.10 -19.16 26.40
CA LEU F 266 -4.64 -19.26 25.01
C LEU F 266 -3.90 -20.56 24.64
N PHE F 267 -2.69 -20.74 25.17
CA PHE F 267 -1.89 -21.95 24.88
C PHE F 267 -1.49 -22.61 26.18
N ARG F 268 -1.56 -23.93 26.24
CA ARG F 268 -1.21 -24.62 27.46
C ARG F 268 0.30 -24.80 27.57
N ASN F 269 1.00 -23.77 28.00
CA ASN F 269 2.46 -23.84 28.09
C ASN F 269 3.00 -22.91 29.16
N GLN F 270 2.17 -22.56 30.12
CA GLN F 270 2.54 -21.61 31.16
C GLN F 270 2.74 -22.31 32.50
N PRO F 271 3.53 -21.69 33.40
CA PRO F 271 3.74 -22.24 34.75
C PRO F 271 2.43 -22.50 35.48
N GLY F 272 1.42 -21.66 35.24
CA GLY F 272 0.12 -21.83 35.85
C GLY F 272 -0.54 -23.12 35.41
N ASP F 273 -0.32 -23.50 34.15
CA ASP F 273 -0.82 -24.78 33.66
C ASP F 273 -0.23 -25.96 34.42
N LEU F 274 1.08 -25.90 34.63
CA LEU F 274 1.77 -26.95 35.35
C LEU F 274 1.36 -26.98 36.82
N LEU F 275 1.10 -25.80 37.39
CA LEU F 275 0.63 -25.75 38.77
C LEU F 275 -0.68 -26.51 38.87
N LEU F 276 -1.62 -26.16 37.99
CA LEU F 276 -2.93 -26.80 37.99
C LEU F 276 -2.85 -28.29 37.76
N GLU F 277 -1.96 -28.73 36.88
CA GLU F 277 -1.76 -30.16 36.66
C GLU F 277 -1.26 -30.85 37.91
N GLN F 278 -0.34 -30.21 38.62
CA GLN F 278 0.22 -30.80 39.85
C GLN F 278 -0.75 -30.72 41.02
N ALA F 279 -1.71 -29.80 40.96
CA ALA F 279 -2.67 -29.65 42.05
C ALA F 279 -3.57 -30.87 42.18
N ASP F 280 -3.92 -31.22 43.44
CA ASP F 280 -4.89 -32.29 43.65
C ASP F 280 -6.27 -31.73 44.02
N VAL F 281 -6.33 -30.46 44.42
CA VAL F 281 -7.62 -29.79 44.60
C VAL F 281 -7.53 -28.40 43.96
N VAL F 282 -8.50 -28.07 43.11
CA VAL F 282 -8.58 -26.74 42.51
C VAL F 282 -9.86 -26.06 42.92
N LEU F 283 -9.75 -24.90 43.57
CA LEU F 283 -10.91 -24.06 43.85
C LEU F 283 -10.98 -23.03 42.73
N THR F 284 -11.99 -23.13 41.86
CA THR F 284 -12.20 -22.12 40.86
C THR F 284 -13.17 -21.10 41.42
N ILE F 285 -12.90 -19.83 41.15
CA ILE F 285 -13.71 -18.74 41.68
C ILE F 285 -14.23 -17.85 40.55
N GLY F 286 -15.55 -17.83 40.38
CA GLY F 286 -16.17 -17.04 39.31
C GLY F 286 -15.65 -17.41 37.93
N TYR F 287 -15.45 -18.71 37.72
CA TYR F 287 -14.81 -19.21 36.51
C TYR F 287 -15.80 -19.47 35.36
N ASP F 288 -15.71 -18.61 34.36
CA ASP F 288 -16.41 -18.82 33.09
C ASP F 288 -15.41 -19.48 32.16
N PRO F 289 -15.69 -20.73 31.73
CA PRO F 289 -14.66 -21.46 30.97
C PRO F 289 -14.30 -20.82 29.63
N ILE F 290 -15.06 -19.81 29.23
CA ILE F 290 -14.76 -19.12 28.00
C ILE F 290 -13.36 -18.53 27.96
N GLU F 291 -12.84 -18.15 29.13
CA GLU F 291 -11.51 -17.56 29.20
C GLU F 291 -10.39 -18.57 28.96
N TYR F 292 -10.66 -19.85 29.27
CA TYR F 292 -9.67 -20.90 29.09
C TYR F 292 -10.35 -22.22 29.31
N ASP F 293 -10.62 -22.96 28.24
CA ASP F 293 -11.38 -24.20 28.33
C ASP F 293 -10.74 -25.22 29.26
N PRO F 294 -11.55 -25.87 30.10
CA PRO F 294 -11.05 -26.86 31.06
C PRO F 294 -10.33 -28.03 30.37
N LYS F 295 -10.59 -28.27 29.08
CA LYS F 295 -9.90 -29.35 28.37
C LYS F 295 -8.41 -29.06 28.22
N PHE F 296 -8.00 -27.80 28.44
CA PHE F 296 -6.59 -27.46 28.34
C PHE F 296 -5.81 -27.70 29.62
N TRP F 297 -6.42 -27.39 30.76
CA TRP F 297 -5.69 -27.43 32.03
C TRP F 297 -6.03 -28.59 32.95
N ASN F 298 -7.29 -29.02 32.92
CA ASN F 298 -7.74 -30.10 33.81
C ASN F 298 -7.47 -31.45 33.17
N ILE F 299 -6.20 -31.75 32.99
CA ILE F 299 -5.82 -32.95 32.26
C ILE F 299 -4.93 -33.85 33.13
N ASN F 300 -4.24 -34.77 32.47
CA ASN F 300 -3.35 -35.74 33.09
C ASN F 300 -3.53 -36.09 34.57
N GLY F 301 -4.69 -36.61 34.92
CA GLY F 301 -4.91 -37.10 36.26
C GLY F 301 -6.20 -36.64 36.93
N ASP F 302 -6.79 -37.51 37.74
CA ASP F 302 -7.88 -37.14 38.62
C ASP F 302 -7.47 -36.04 39.59
N ARG F 303 -8.34 -35.04 39.74
CA ARG F 303 -8.11 -34.00 40.73
C ARG F 303 -9.46 -33.46 41.16
N THR F 304 -9.55 -33.00 42.40
CA THR F 304 -10.81 -32.51 42.92
C THR F 304 -11.06 -31.10 42.36
N ILE F 305 -12.27 -30.88 41.84
CA ILE F 305 -12.67 -29.55 41.39
C ILE F 305 -13.78 -29.00 42.29
N ILE F 306 -13.51 -27.88 42.94
CA ILE F 306 -14.51 -27.15 43.73
C ILE F 306 -14.89 -25.88 42.98
N HIS F 307 -16.16 -25.81 42.54
CA HIS F 307 -16.62 -24.71 41.67
C HIS F 307 -17.36 -23.62 42.45
N LEU F 308 -16.73 -22.48 42.63
CA LEU F 308 -17.36 -21.40 43.38
C LEU F 308 -17.82 -20.32 42.42
N ASP F 309 -19.13 -20.08 42.38
CA ASP F 309 -19.68 -19.15 41.42
C ASP F 309 -21.08 -18.70 41.79
N GLU F 310 -21.56 -17.68 41.08
CA GLU F 310 -22.87 -17.10 41.29
C GLU F 310 -23.96 -17.84 40.51
N ILE F 311 -23.54 -18.62 39.51
CA ILE F 311 -24.43 -19.50 38.75
C ILE F 311 -23.82 -20.93 38.75
N ILE F 312 -24.63 -21.93 38.40
CA ILE F 312 -24.18 -23.33 38.38
C ILE F 312 -23.14 -23.59 37.26
N ALA F 313 -22.35 -24.64 37.40
CA ALA F 313 -21.32 -24.91 36.41
C ALA F 313 -21.89 -25.47 35.10
N ASP F 314 -21.20 -25.22 33.99
CA ASP F 314 -21.43 -26.00 32.79
C ASP F 314 -20.66 -27.31 32.93
N ILE F 315 -21.33 -28.46 32.77
CA ILE F 315 -20.62 -29.73 32.81
C ILE F 315 -19.94 -30.04 31.46
N ASP F 316 -18.64 -30.33 31.53
CA ASP F 316 -17.78 -30.58 30.38
C ASP F 316 -17.08 -31.91 30.65
N HIS F 317 -16.61 -32.57 29.60
CA HIS F 317 -15.79 -33.78 29.75
C HIS F 317 -14.66 -33.53 30.75
N ALA F 318 -14.04 -32.36 30.61
CA ALA F 318 -12.90 -31.98 31.43
C ALA F 318 -13.30 -31.08 32.61
N TYR F 319 -14.57 -31.07 32.98
CA TYR F 319 -15.02 -30.27 34.13
C TYR F 319 -16.30 -30.85 34.76
N GLN F 320 -16.09 -31.71 35.74
CA GLN F 320 -17.16 -32.35 36.48
C GLN F 320 -16.87 -32.05 37.94
N PRO F 321 -17.39 -30.91 38.42
CA PRO F 321 -17.11 -30.42 39.77
C PRO F 321 -17.60 -31.41 40.81
N ASP F 322 -16.76 -31.70 41.80
CA ASP F 322 -17.14 -32.60 42.87
C ASP F 322 -17.99 -31.84 43.85
N LEU F 323 -17.92 -30.52 43.77
CA LEU F 323 -18.60 -29.68 44.74
C LEU F 323 -18.93 -28.33 44.09
N GLU F 324 -20.16 -27.88 44.27
CA GLU F 324 -20.54 -26.60 43.72
C GLU F 324 -20.98 -25.67 44.85
N LEU F 325 -20.31 -24.52 44.97
CA LEU F 325 -20.72 -23.53 45.98
C LEU F 325 -21.34 -22.38 45.22
N ILE F 326 -22.65 -22.40 45.10
CA ILE F 326 -23.35 -21.42 44.30
C ILE F 326 -24.04 -20.40 45.19
N GLY F 327 -23.72 -19.13 44.98
CA GLY F 327 -24.29 -18.06 45.77
C GLY F 327 -23.46 -16.83 45.52
N ASP F 328 -23.71 -15.78 46.30
CA ASP F 328 -22.91 -14.56 46.22
C ASP F 328 -21.42 -14.85 46.40
N ILE F 329 -20.62 -14.39 45.46
CA ILE F 329 -19.21 -14.79 45.42
C ILE F 329 -18.36 -14.28 46.59
N PRO F 330 -18.40 -12.96 46.89
CA PRO F 330 -17.62 -12.49 48.05
C PRO F 330 -18.07 -13.15 49.36
N SER F 331 -19.38 -13.33 49.52
CA SER F 331 -19.93 -13.92 50.74
C SER F 331 -19.41 -15.31 50.94
N THR F 332 -19.42 -16.11 49.88
CA THR F 332 -19.00 -17.51 49.97
C THR F 332 -17.51 -17.60 50.31
N ILE F 333 -16.70 -16.78 49.67
CA ILE F 333 -15.27 -16.76 49.96
C ILE F 333 -15.02 -16.36 51.41
N ASN F 334 -15.75 -15.35 51.89
CA ASN F 334 -15.61 -14.90 53.27
C ASN F 334 -15.88 -16.04 54.26
N HIS F 335 -16.95 -16.81 54.04
CA HIS F 335 -17.23 -17.96 54.89
C HIS F 335 -16.10 -19.00 54.89
N ILE F 336 -15.54 -19.25 53.71
CA ILE F 336 -14.42 -20.18 53.60
C ILE F 336 -13.23 -19.58 54.35
N GLU F 337 -12.95 -18.30 54.12
CA GLU F 337 -11.80 -17.66 54.77
C GLU F 337 -11.91 -17.74 56.29
N HIS F 338 -13.10 -17.51 56.82
CA HIS F 338 -13.31 -17.48 58.25
C HIS F 338 -12.86 -18.77 58.94
N ASP F 339 -13.21 -19.92 58.38
CA ASP F 339 -12.95 -21.19 59.07
C ASP F 339 -11.81 -22.01 58.52
N ALA F 340 -11.26 -21.60 57.39
CA ALA F 340 -10.12 -22.32 56.84
C ALA F 340 -8.88 -21.89 57.61
N VAL F 341 -7.85 -22.74 57.63
CA VAL F 341 -6.58 -22.36 58.22
C VAL F 341 -5.45 -22.57 57.23
N LYS F 342 -4.31 -21.98 57.54
CA LYS F 342 -3.12 -22.08 56.71
C LYS F 342 -2.78 -23.52 56.32
N VAL F 343 -2.46 -23.69 55.04
CA VAL F 343 -2.10 -25.01 54.52
C VAL F 343 -0.60 -25.19 54.64
N GLU F 344 -0.19 -26.35 55.16
CA GLU F 344 1.21 -26.66 55.30
C GLU F 344 1.62 -27.56 54.15
N PHE F 345 2.58 -27.10 53.35
CA PHE F 345 3.05 -27.88 52.21
C PHE F 345 4.22 -28.77 52.59
N ALA F 346 4.13 -30.04 52.21
CA ALA F 346 5.24 -30.97 52.40
C ALA F 346 6.37 -30.62 51.44
N GLU F 347 7.55 -31.17 51.72
CA GLU F 347 8.77 -30.80 51.00
C GLU F 347 8.66 -31.08 49.51
N ARG F 348 7.98 -32.15 49.14
CA ARG F 348 7.77 -32.48 47.73
C ARG F 348 7.04 -31.36 47.02
N GLU F 349 5.99 -30.85 47.66
CA GLU F 349 5.19 -29.80 47.04
C GLU F 349 5.91 -28.46 47.07
N GLN F 350 6.68 -28.23 48.12
CA GLN F 350 7.47 -27.00 48.20
C GLN F 350 8.42 -26.92 47.02
N LYS F 351 9.04 -28.04 46.66
CA LYS F 351 10.04 -28.01 45.60
C LYS F 351 9.39 -27.74 44.24
N ILE F 352 8.23 -28.37 44.02
CA ILE F 352 7.47 -28.14 42.80
C ILE F 352 7.11 -26.67 42.66
N LEU F 353 6.60 -26.10 43.75
CA LEU F 353 6.23 -24.68 43.75
C LEU F 353 7.48 -23.86 43.44
N SER F 354 8.60 -24.22 44.07
CA SER F 354 9.86 -23.52 43.87
C SER F 354 10.36 -23.62 42.44
N ASP F 355 10.28 -24.82 41.88
CA ASP F 355 10.69 -25.02 40.50
C ASP F 355 9.83 -24.22 39.52
N LEU F 356 8.51 -24.22 39.74
CA LEU F 356 7.62 -23.47 38.86
C LEU F 356 7.84 -21.96 38.93
N LYS F 357 8.11 -21.47 40.14
CA LYS F 357 8.41 -20.05 40.32
C LYS F 357 9.66 -19.63 39.55
N GLN F 358 10.64 -20.53 39.52
CA GLN F 358 11.88 -20.26 38.80
C GLN F 358 11.61 -20.27 37.29
N TYR F 359 10.86 -21.28 36.81
CA TYR F 359 10.44 -21.31 35.41
C TYR F 359 9.67 -20.04 35.05
N MET F 360 8.81 -19.60 35.97
CA MET F 360 8.02 -18.39 35.77
C MET F 360 8.92 -17.18 35.61
N HIS F 361 9.92 -17.06 36.48
CA HIS F 361 10.85 -15.95 36.41
C HIS F 361 11.64 -15.94 35.10
N GLU F 362 12.08 -17.12 34.68
CA GLU F 362 12.84 -17.24 33.44
C GLU F 362 11.99 -16.82 32.25
N GLY F 363 10.70 -17.20 32.26
CA GLY F 363 9.78 -16.88 31.19
C GLY F 363 9.47 -15.39 31.03
N GLU F 364 9.75 -14.59 32.06
CA GLU F 364 9.46 -13.16 32.02
C GLU F 364 10.65 -12.33 31.55
N GLN F 365 11.71 -13.00 31.08
CA GLN F 365 12.94 -12.31 30.70
C GLN F 365 13.11 -12.22 29.19
N VAL F 366 13.70 -11.11 28.73
CA VAL F 366 14.20 -11.03 27.37
C VAL F 366 15.37 -12.01 27.20
N PRO F 367 15.31 -12.84 26.15
CA PRO F 367 16.35 -13.84 25.86
C PRO F 367 17.76 -13.22 25.83
N ALA F 368 18.78 -14.02 26.16
CA ALA F 368 20.15 -13.50 26.23
C ALA F 368 20.71 -13.13 24.86
N ASP F 369 20.36 -13.91 23.84
CA ASP F 369 20.85 -13.70 22.48
C ASP F 369 20.04 -12.63 21.76
N TRP F 370 19.34 -11.79 22.52
CA TRP F 370 18.48 -10.80 21.89
C TRP F 370 19.24 -9.58 21.40
N LYS F 371 19.10 -9.30 20.11
CA LYS F 371 19.58 -8.06 19.53
C LYS F 371 18.63 -7.63 18.44
N SER F 372 18.24 -6.36 18.48
CA SER F 372 17.26 -5.84 17.53
C SER F 372 17.32 -4.34 17.47
N ASP F 373 16.89 -3.79 16.34
CA ASP F 373 16.77 -2.34 16.20
C ASP F 373 15.40 -1.82 16.67
N ARG F 374 14.56 -2.73 17.18
CA ARG F 374 13.26 -2.36 17.72
C ARG F 374 13.07 -2.99 19.10
N ALA F 375 12.05 -2.53 19.83
CA ALA F 375 11.79 -3.07 21.17
C ALA F 375 11.38 -4.54 21.10
N HIS F 376 11.87 -5.31 22.07
CA HIS F 376 11.31 -6.61 22.35
C HIS F 376 9.99 -6.37 23.07
N PRO F 377 8.99 -7.23 22.82
CA PRO F 377 7.68 -7.07 23.49
C PRO F 377 7.81 -6.90 25.00
N LEU F 378 8.71 -7.65 25.63
CA LEU F 378 8.88 -7.57 27.07
C LEU F 378 9.43 -6.23 27.55
N GLU F 379 10.18 -5.54 26.69
CA GLU F 379 10.67 -4.21 27.01
C GLU F 379 9.52 -3.21 27.04
N ILE F 380 8.57 -3.35 26.10
CA ILE F 380 7.38 -2.47 26.10
C ILE F 380 6.52 -2.72 27.34
N VAL F 381 6.29 -4.00 27.66
CA VAL F 381 5.51 -4.36 28.83
C VAL F 381 6.18 -3.76 30.08
N LYS F 382 7.45 -4.08 30.27
CA LYS F 382 8.21 -3.60 31.41
C LYS F 382 8.22 -2.07 31.52
N GLU F 383 8.62 -1.37 30.46
CA GLU F 383 8.69 0.08 30.54
C GLU F 383 7.32 0.74 30.73
N LEU F 384 6.29 0.20 30.09
CA LEU F 384 4.94 0.74 30.26
C LEU F 384 4.53 0.63 31.74
N ARG F 385 4.73 -0.55 32.30
CA ARG F 385 4.34 -0.80 33.69
C ARG F 385 5.07 0.16 34.63
N ASN F 386 6.32 0.48 34.29
CA ASN F 386 7.15 1.33 35.14
C ASN F 386 6.78 2.78 35.03
N ALA F 387 6.03 3.11 33.99
CA ALA F 387 5.67 4.50 33.73
C ALA F 387 4.22 4.75 34.09
N VAL F 388 3.54 3.72 34.59
CA VAL F 388 2.12 3.85 34.88
C VAL F 388 1.84 3.47 36.34
N ASP F 389 1.28 4.42 37.10
CA ASP F 389 0.94 4.25 38.50
C ASP F 389 -0.15 3.18 38.66
N ASP F 390 -0.15 2.48 39.80
CA ASP F 390 -1.12 1.38 40.05
C ASP F 390 -2.58 1.69 39.69
N HIS F 391 -3.03 2.91 40.00
CA HIS F 391 -4.45 3.23 39.90
C HIS F 391 -4.95 3.49 38.47
N VAL F 392 -4.03 3.73 37.54
CA VAL F 392 -4.42 4.05 36.17
C VAL F 392 -4.98 2.82 35.46
N THR F 393 -6.18 2.95 34.91
CA THR F 393 -6.79 1.88 34.16
C THR F 393 -6.08 1.70 32.83
N VAL F 394 -5.71 0.47 32.52
CA VAL F 394 -5.08 0.16 31.24
C VAL F 394 -6.04 -0.74 30.44
N THR F 395 -6.41 -0.30 29.24
CA THR F 395 -7.25 -1.17 28.40
C THR F 395 -6.38 -1.77 27.34
N CYS F 396 -6.75 -2.98 26.92
CA CYS F 396 -5.96 -3.73 25.97
C CYS F 396 -6.81 -4.19 24.79
N ASP F 397 -6.23 -4.23 23.59
CA ASP F 397 -6.93 -4.75 22.42
C ASP F 397 -6.64 -6.28 22.21
N ILE F 398 -6.74 -6.75 20.98
CA ILE F 398 -6.55 -8.17 20.69
C ILE F 398 -5.46 -8.36 19.63
N GLY F 399 -4.61 -9.35 19.83
CA GLY F 399 -3.51 -9.57 18.92
C GLY F 399 -2.31 -10.12 19.69
N SER F 400 -1.16 -10.14 19.02
CA SER F 400 0.05 -10.66 19.65
C SER F 400 0.47 -9.80 20.85
N HIS F 401 0.35 -8.48 20.70
CA HIS F 401 0.60 -7.56 21.79
C HIS F 401 -0.21 -7.93 23.03
N ALA F 402 -1.44 -8.40 22.83
CA ALA F 402 -2.33 -8.69 23.93
C ALA F 402 -1.91 -9.96 24.64
N ILE F 403 -1.27 -10.88 23.92
CA ILE F 403 -0.78 -12.09 24.57
C ILE F 403 0.35 -11.72 25.54
N TRP F 404 1.26 -10.87 25.09
CA TRP F 404 2.34 -10.36 25.93
C TRP F 404 1.79 -9.58 27.14
N MET F 405 0.84 -8.67 26.88
CA MET F 405 0.22 -7.90 27.96
C MET F 405 -0.54 -8.80 28.95
N SER F 406 -1.33 -9.73 28.43
CA SER F 406 -2.17 -10.62 29.26
C SER F 406 -1.33 -11.54 30.14
N ARG F 407 -0.14 -11.89 29.66
CA ARG F 407 0.70 -12.78 30.44
C ARG F 407 1.62 -12.00 31.38
N TYR F 408 2.17 -10.90 30.89
CA TYR F 408 3.33 -10.30 31.54
C TYR F 408 3.13 -8.92 32.14
N PHE F 409 2.03 -8.24 31.79
CA PHE F 409 1.76 -6.93 32.40
C PHE F 409 1.09 -7.11 33.76
N ARG F 410 1.87 -6.91 34.83
CA ARG F 410 1.35 -7.00 36.19
C ARG F 410 0.26 -5.98 36.43
N SER F 411 -0.74 -6.37 37.21
CA SER F 411 -1.77 -5.44 37.64
C SER F 411 -1.99 -5.66 39.13
N TYR F 412 -2.22 -4.59 39.89
CA TYR F 412 -2.25 -4.70 41.34
C TYR F 412 -3.55 -4.19 41.95
N GLU F 413 -4.47 -3.76 41.10
CA GLU F 413 -5.74 -3.21 41.56
C GLU F 413 -6.85 -3.71 40.69
N PRO F 414 -8.02 -3.99 41.31
CA PRO F 414 -9.17 -4.43 40.51
C PRO F 414 -9.46 -3.43 39.41
N LEU F 415 -9.84 -3.93 38.23
CA LEU F 415 -10.28 -3.08 37.13
C LEU F 415 -9.23 -2.09 36.61
N THR F 416 -7.95 -2.46 36.66
CA THR F 416 -6.94 -1.58 36.06
C THR F 416 -6.23 -2.20 34.84
N LEU F 417 -6.61 -3.43 34.49
CA LEU F 417 -6.19 -4.05 33.22
C LEU F 417 -7.39 -4.74 32.59
N MET F 418 -7.94 -4.14 31.54
CA MET F 418 -9.15 -4.66 30.90
C MET F 418 -8.87 -5.38 29.57
N ILE F 419 -9.20 -6.66 29.52
CA ILE F 419 -8.93 -7.48 28.34
C ILE F 419 -10.23 -8.11 27.87
N SER F 420 -10.40 -8.19 26.55
CA SER F 420 -11.53 -8.90 25.93
C SER F 420 -11.22 -10.37 25.83
N ASN F 421 -11.72 -11.14 26.79
CA ASN F 421 -11.38 -12.54 26.80
C ASN F 421 -12.57 -13.48 26.64
N GLY F 422 -13.63 -12.97 26.03
CA GLY F 422 -14.77 -13.81 25.67
C GLY F 422 -14.89 -13.91 24.16
N MET F 423 -15.05 -12.78 23.50
CA MET F 423 -15.15 -12.73 22.04
C MET F 423 -13.80 -12.39 21.42
N GLN F 424 -12.86 -11.91 22.23
CA GLN F 424 -11.56 -11.48 21.71
C GLN F 424 -11.75 -10.48 20.58
N THR F 425 -12.52 -9.44 20.87
CA THR F 425 -13.00 -8.52 19.83
C THR F 425 -11.98 -7.42 19.53
N LEU F 426 -11.57 -7.33 18.27
CA LEU F 426 -10.66 -6.27 17.82
C LEU F 426 -11.29 -4.87 17.93
N GLY F 427 -10.50 -3.90 18.38
CA GLY F 427 -10.96 -2.54 18.41
C GLY F 427 -11.48 -2.03 19.75
N VAL F 428 -11.52 -2.88 20.76
CA VAL F 428 -12.12 -2.48 22.06
C VAL F 428 -11.33 -1.45 22.86
N ALA F 429 -10.01 -1.46 22.71
CA ALA F 429 -9.14 -0.71 23.62
C ALA F 429 -9.42 0.79 23.71
N LEU F 430 -9.37 1.47 22.58
CA LEU F 430 -9.59 2.92 22.60
C LEU F 430 -11.00 3.31 23.08
N PRO F 431 -12.04 2.68 22.54
CA PRO F 431 -13.35 3.03 23.13
C PRO F 431 -13.50 2.62 24.61
N TRP F 432 -12.92 1.51 25.03
CA TRP F 432 -12.94 1.16 26.44
C TRP F 432 -12.28 2.26 27.26
N ALA F 433 -11.16 2.77 26.77
CA ALA F 433 -10.43 3.82 27.49
C ALA F 433 -11.27 5.09 27.60
N ILE F 434 -12.03 5.41 26.54
CA ILE F 434 -12.90 6.58 26.59
C ILE F 434 -13.98 6.40 27.66
N GLY F 435 -14.61 5.23 27.67
CA GLY F 435 -15.58 4.90 28.72
C GLY F 435 -14.95 5.01 30.11
N ALA F 436 -13.77 4.41 30.27
CA ALA F 436 -13.06 4.46 31.54
C ALA F 436 -12.79 5.90 32.01
N SER F 437 -12.38 6.75 31.08
CA SER F 437 -12.05 8.13 31.41
C SER F 437 -13.30 8.88 31.90
N LEU F 438 -14.47 8.48 31.40
CA LEU F 438 -15.72 9.07 31.85
C LEU F 438 -16.14 8.58 33.22
N VAL F 439 -15.76 7.34 33.53
CA VAL F 439 -16.06 6.75 34.84
C VAL F 439 -15.09 7.30 35.85
N LYS F 440 -13.89 7.61 35.37
CA LYS F 440 -12.82 8.11 36.23
C LYS F 440 -12.31 9.46 35.76
N PRO F 441 -13.13 10.51 35.93
CA PRO F 441 -12.73 11.84 35.47
C PRO F 441 -11.49 12.33 36.22
N GLY F 442 -10.60 13.01 35.50
CA GLY F 442 -9.36 13.52 36.04
C GLY F 442 -8.20 12.55 35.98
N GLU F 443 -8.45 11.31 35.60
CA GLU F 443 -7.36 10.34 35.55
C GLU F 443 -6.91 10.02 34.14
N LYS F 444 -5.59 9.88 33.98
CA LYS F 444 -5.07 9.32 32.73
C LYS F 444 -5.64 7.91 32.56
N VAL F 445 -5.89 7.52 31.32
CA VAL F 445 -6.26 6.14 31.01
C VAL F 445 -5.37 5.69 29.88
N VAL F 446 -4.83 4.48 30.00
CA VAL F 446 -3.94 3.96 28.96
C VAL F 446 -4.69 2.92 28.14
N SER F 447 -4.53 3.01 26.81
CA SER F 447 -5.04 2.00 25.91
C SER F 447 -3.89 1.44 25.07
N VAL F 448 -3.91 0.13 24.86
CA VAL F 448 -2.84 -0.57 24.17
C VAL F 448 -3.41 -1.43 23.05
N SER F 449 -2.93 -1.25 21.82
CA SER F 449 -3.38 -2.10 20.72
C SER F 449 -2.27 -2.38 19.73
N GLY F 450 -2.55 -3.26 18.78
CA GLY F 450 -1.69 -3.46 17.64
C GLY F 450 -2.13 -2.49 16.56
N ASP F 451 -1.44 -2.50 15.44
CA ASP F 451 -1.80 -1.61 14.33
C ASP F 451 -3.04 -2.11 13.58
N GLY F 452 -3.28 -3.42 13.60
CA GLY F 452 -4.46 -3.94 12.93
C GLY F 452 -5.74 -3.50 13.64
N GLY F 453 -5.84 -3.83 14.92
CA GLY F 453 -7.01 -3.47 15.69
C GLY F 453 -7.22 -1.98 15.86
N PHE F 454 -6.13 -1.21 15.86
CA PHE F 454 -6.25 0.26 16.01
C PHE F 454 -7.28 0.84 15.05
N LEU F 455 -7.21 0.47 13.76
CA LEU F 455 -8.13 1.03 12.77
C LEU F 455 -9.57 0.51 12.84
N PHE F 456 -9.80 -0.54 13.60
CA PHE F 456 -11.16 -1.00 13.85
C PHE F 456 -12.01 0.06 14.54
N SER F 457 -11.35 0.89 15.34
CA SER F 457 -12.08 1.88 16.15
C SER F 457 -11.36 3.21 16.31
N ALA F 458 -10.30 3.45 15.53
CA ALA F 458 -9.53 4.67 15.72
C ALA F 458 -10.34 5.93 15.39
N MET F 459 -11.41 5.79 14.61
CA MET F 459 -12.27 6.93 14.32
C MET F 459 -12.83 7.56 15.61
N GLU F 460 -12.89 6.77 16.67
CA GLU F 460 -13.40 7.28 17.92
C GLU F 460 -12.40 8.22 18.60
N LEU F 461 -11.23 8.38 17.99
CA LEU F 461 -10.29 9.37 18.49
C LEU F 461 -10.94 10.76 18.48
N GLU F 462 -11.91 10.99 17.58
CA GLU F 462 -12.55 12.30 17.52
C GLU F 462 -13.36 12.56 18.79
N THR F 463 -14.10 11.54 19.21
CA THR F 463 -14.87 11.61 20.44
C THR F 463 -13.94 11.93 21.61
N ALA F 464 -12.77 11.29 21.64
CA ALA F 464 -11.82 11.50 22.70
C ALA F 464 -11.31 12.92 22.73
N VAL F 465 -11.00 13.47 21.56
CA VAL F 465 -10.49 14.84 21.47
C VAL F 465 -11.58 15.82 21.87
N ARG F 466 -12.79 15.57 21.38
CA ARG F 466 -13.96 16.38 21.69
C ARG F 466 -14.24 16.46 23.19
N LEU F 467 -13.93 15.37 23.90
CA LEU F 467 -14.11 15.30 25.35
C LEU F 467 -12.85 15.72 26.10
N LYS F 468 -11.75 15.95 25.38
CA LYS F 468 -10.46 16.28 25.98
C LYS F 468 -10.02 15.19 26.97
N ALA F 469 -10.35 13.96 26.63
CA ALA F 469 -10.06 12.85 27.50
C ALA F 469 -8.55 12.58 27.59
N PRO F 470 -8.03 12.41 28.81
CA PRO F 470 -6.60 12.19 29.04
C PRO F 470 -6.23 10.74 28.72
N ILE F 471 -6.43 10.34 27.46
CA ILE F 471 -6.11 8.99 27.04
C ILE F 471 -4.77 8.94 26.34
N VAL F 472 -3.98 7.92 26.69
CA VAL F 472 -2.70 7.64 26.07
C VAL F 472 -2.76 6.25 25.43
N HIS F 473 -2.81 6.24 24.10
CA HIS F 473 -2.97 5.00 23.34
C HIS F 473 -1.63 4.51 22.78
N ILE F 474 -1.29 3.26 23.10
CA ILE F 474 -0.03 2.69 22.68
C ILE F 474 -0.25 1.77 21.48
N VAL F 475 0.32 2.12 20.32
CA VAL F 475 0.24 1.24 19.15
C VAL F 475 1.53 0.43 18.97
N TRP F 476 1.42 -0.89 19.13
CA TRP F 476 2.53 -1.77 18.80
C TRP F 476 2.54 -1.96 17.30
N ASN F 477 3.58 -1.46 16.65
CA ASN F 477 3.61 -1.41 15.19
C ASN F 477 4.50 -2.50 14.58
N ASP F 478 3.91 -3.39 13.78
CA ASP F 478 4.66 -4.43 13.06
C ASP F 478 4.20 -4.58 11.60
N SER F 479 3.01 -4.04 11.32
CA SER F 479 2.38 -4.04 9.97
C SER F 479 1.69 -5.35 9.52
N THR F 480 1.35 -6.24 10.46
CA THR F 480 0.59 -7.45 10.11
C THR F 480 -0.47 -7.81 11.15
N TYR F 481 -1.40 -8.67 10.77
CA TYR F 481 -2.29 -9.31 11.74
C TYR F 481 -1.51 -10.47 12.38
N ASP F 482 -0.58 -10.14 13.29
CA ASP F 482 0.44 -11.12 13.68
C ASP F 482 -0.07 -12.37 14.39
N MET F 483 -1.03 -12.23 15.30
CA MET F 483 -1.54 -13.38 16.07
C MET F 483 -2.13 -14.46 15.13
N VAL F 484 -2.74 -14.01 14.04
CA VAL F 484 -3.21 -14.91 13.00
C VAL F 484 -2.01 -15.52 12.28
N ALA F 485 -1.05 -14.67 11.93
CA ALA F 485 0.11 -15.08 11.13
C ALA F 485 1.01 -16.13 11.77
N PHE F 486 1.40 -15.94 13.02
CA PHE F 486 2.32 -16.91 13.62
C PHE F 486 1.63 -18.25 13.89
N GLN F 487 0.33 -18.21 14.10
CA GLN F 487 -0.46 -19.44 14.22
C GLN F 487 -0.65 -20.16 12.87
N GLN F 488 -0.76 -19.40 11.78
CA GLN F 488 -0.82 -19.97 10.43
C GLN F 488 0.50 -20.68 10.10
N LEU F 489 1.61 -20.06 10.52
CA LEU F 489 2.95 -20.64 10.33
C LEU F 489 3.15 -21.93 11.12
N LYS F 490 2.62 -21.99 12.34
CA LYS F 490 2.66 -23.20 13.15
C LYS F 490 1.87 -24.34 12.53
N LYS F 491 0.75 -24.01 11.88
CA LYS F 491 -0.15 -25.02 11.34
C LYS F 491 0.14 -25.41 9.89
N TYR F 492 0.43 -24.40 9.06
CA TYR F 492 0.46 -24.57 7.62
C TYR F 492 1.82 -24.23 6.99
N ASN F 493 2.74 -23.69 7.81
CA ASN F 493 4.04 -23.18 7.32
C ASN F 493 3.98 -22.04 6.31
N ARG F 494 2.84 -21.35 6.28
CA ARG F 494 2.66 -20.19 5.41
C ARG F 494 1.56 -19.30 5.98
N THR F 495 1.64 -18.00 5.67
CA THR F 495 0.62 -17.07 6.13
C THR F 495 -0.37 -16.80 4.99
N SER F 496 -1.52 -16.23 5.34
CA SER F 496 -2.58 -15.89 4.37
C SER F 496 -3.41 -14.72 4.87
N ALA F 497 -3.42 -13.64 4.09
CA ALA F 497 -4.26 -12.48 4.35
C ALA F 497 -3.91 -11.74 5.66
N VAL F 498 -2.62 -11.58 5.94
CA VAL F 498 -2.23 -10.93 7.19
C VAL F 498 -1.52 -9.59 7.01
N ASP F 499 -1.21 -9.22 5.76
CA ASP F 499 -0.43 -8.01 5.46
C ASP F 499 -1.28 -6.81 5.07
N PHE F 500 -0.87 -5.63 5.53
CA PHE F 500 -1.46 -4.37 5.10
C PHE F 500 -0.40 -3.27 5.14
N GLY F 501 -0.69 -2.12 4.54
CA GLY F 501 0.28 -1.05 4.55
C GLY F 501 0.37 -0.38 5.93
N ASN F 502 1.44 0.37 6.18
CA ASN F 502 1.56 1.14 7.40
C ASN F 502 1.00 2.53 7.11
N ILE F 503 0.44 3.17 8.12
CA ILE F 503 0.04 4.56 8.02
C ILE F 503 0.97 5.38 8.92
N ASP F 504 1.04 6.70 8.72
CA ASP F 504 1.80 7.54 9.64
C ASP F 504 0.94 7.81 10.88
N ILE F 505 1.19 7.04 11.93
CA ILE F 505 0.38 7.08 13.14
C ILE F 505 0.40 8.45 13.81
N VAL F 506 1.57 9.06 13.86
CA VAL F 506 1.73 10.42 14.38
C VAL F 506 0.85 11.45 13.66
N LYS F 507 0.89 11.44 12.34
CA LYS F 507 0.11 12.38 11.53
C LYS F 507 -1.37 12.05 11.59
N TYR F 508 -1.67 10.76 11.73
CA TYR F 508 -3.05 10.34 11.92
C TYR F 508 -3.58 11.02 13.18
N ALA F 509 -2.84 10.87 14.28
CA ALA F 509 -3.22 11.48 15.55
C ALA F 509 -3.40 12.98 15.39
N GLU F 510 -2.46 13.62 14.71
CA GLU F 510 -2.53 15.07 14.58
C GLU F 510 -3.72 15.55 13.76
N SER F 511 -4.10 14.78 12.74
CA SER F 511 -5.23 15.17 11.91
C SER F 511 -6.55 15.24 12.70
N PHE F 512 -6.59 14.55 13.83
CA PHE F 512 -7.76 14.55 14.72
C PHE F 512 -7.62 15.64 15.78
N GLY F 513 -6.47 16.31 15.80
CA GLY F 513 -6.20 17.32 16.80
C GLY F 513 -5.67 16.72 18.11
N ALA F 514 -5.21 15.47 18.03
CA ALA F 514 -4.62 14.79 19.17
C ALA F 514 -3.11 14.91 19.05
N THR F 515 -2.38 14.41 20.04
CA THR F 515 -0.93 14.45 20.02
C THR F 515 -0.38 13.10 19.53
N GLY F 516 0.58 13.16 18.61
CA GLY F 516 1.21 11.94 18.10
C GLY F 516 2.68 11.85 18.48
N LEU F 517 3.09 10.71 19.03
CA LEU F 517 4.48 10.50 19.40
C LEU F 517 5.00 9.22 18.77
N ARG F 518 6.30 9.16 18.52
CA ARG F 518 6.88 7.95 18.00
C ARG F 518 8.18 7.61 18.72
N VAL F 519 8.33 6.33 19.06
CA VAL F 519 9.58 5.81 19.61
C VAL F 519 10.50 5.44 18.45
N GLU F 520 11.39 6.37 18.07
CA GLU F 520 12.21 6.18 16.88
C GLU F 520 13.33 5.16 17.05
N SER F 521 13.81 4.98 18.28
CA SER F 521 14.74 3.90 18.60
C SER F 521 14.39 3.37 19.98
N PRO F 522 14.65 2.08 20.21
CA PRO F 522 14.21 1.43 21.45
C PRO F 522 14.69 2.12 22.73
N ASP F 523 15.78 2.89 22.67
CA ASP F 523 16.31 3.52 23.86
C ASP F 523 15.46 4.69 24.34
N GLN F 524 14.54 5.17 23.50
CA GLN F 524 13.70 6.29 23.91
C GLN F 524 12.33 5.86 24.45
N LEU F 525 12.13 4.55 24.60
CA LEU F 525 10.83 4.06 25.07
C LEU F 525 10.34 4.76 26.34
N ALA F 526 11.13 4.72 27.40
CA ALA F 526 10.74 5.29 28.69
C ALA F 526 10.42 6.77 28.61
N ASP F 527 11.25 7.53 27.89
CA ASP F 527 11.03 8.98 27.77
C ASP F 527 9.76 9.32 27.00
N VAL F 528 9.56 8.61 25.89
CA VAL F 528 8.41 8.87 25.05
C VAL F 528 7.12 8.46 25.77
N LEU F 529 7.17 7.37 26.54
CA LEU F 529 6.00 6.95 27.29
C LEU F 529 5.57 8.00 28.32
N ARG F 530 6.53 8.54 29.06
CA ARG F 530 6.23 9.56 30.06
C ARG F 530 5.79 10.84 29.40
N GLN F 531 6.39 11.13 28.26
CA GLN F 531 5.95 12.26 27.48
C GLN F 531 4.47 12.08 27.12
N GLY F 532 4.08 10.85 26.78
CA GLY F 532 2.68 10.57 26.54
C GLY F 532 1.88 10.77 27.82
N MET F 533 2.41 10.28 28.94
CA MET F 533 1.71 10.40 30.22
C MET F 533 1.60 11.83 30.73
N ASN F 534 2.48 12.71 30.25
CA ASN F 534 2.53 14.10 30.72
C ASN F 534 1.87 15.10 29.78
N ALA F 535 1.20 14.60 28.76
CA ALA F 535 0.55 15.45 27.75
C ALA F 535 -0.88 15.82 28.10
N GLU F 536 -1.40 16.84 27.42
CA GLU F 536 -2.79 17.25 27.62
C GLU F 536 -3.65 16.76 26.47
N GLY F 537 -4.78 16.12 26.78
CA GLY F 537 -5.62 15.56 25.75
C GLY F 537 -5.10 14.24 25.21
N PRO F 538 -5.85 13.63 24.29
CA PRO F 538 -5.50 12.32 23.76
C PRO F 538 -4.13 12.27 23.09
N VAL F 539 -3.39 11.19 23.35
CA VAL F 539 -2.10 10.92 22.73
C VAL F 539 -2.13 9.54 22.08
N ILE F 540 -1.57 9.44 20.88
CA ILE F 540 -1.31 8.15 20.26
C ILE F 540 0.19 7.98 20.17
N ILE F 541 0.69 6.85 20.64
CA ILE F 541 2.12 6.59 20.59
C ILE F 541 2.46 5.45 19.65
N ASP F 542 3.29 5.74 18.66
CA ASP F 542 3.74 4.74 17.70
C ASP F 542 4.97 4.03 18.29
N VAL F 543 4.84 2.74 18.58
CA VAL F 543 5.96 1.98 19.15
C VAL F 543 6.30 0.78 18.26
N PRO F 544 7.39 0.90 17.48
CA PRO F 544 7.83 -0.21 16.63
C PRO F 544 8.26 -1.41 17.48
N VAL F 545 7.88 -2.61 17.07
CA VAL F 545 8.18 -3.79 17.86
C VAL F 545 8.72 -4.92 16.98
N ASP F 546 9.59 -5.75 17.55
CA ASP F 546 10.13 -6.90 16.86
C ASP F 546 9.39 -8.16 17.31
N TYR F 547 8.64 -8.78 16.40
CA TYR F 547 7.79 -9.92 16.78
C TYR F 547 8.41 -11.29 16.50
N SER F 548 9.71 -11.33 16.25
CA SER F 548 10.35 -12.58 15.84
C SER F 548 10.31 -13.67 16.93
N ASP F 549 10.03 -13.26 18.17
CA ASP F 549 10.01 -14.18 19.29
C ASP F 549 8.58 -14.72 19.52
N ASN F 550 7.61 -14.22 18.74
CA ASN F 550 6.20 -14.50 18.99
C ASN F 550 5.80 -15.99 18.92
N ILE F 551 6.42 -16.74 18.03
CA ILE F 551 6.08 -18.16 17.89
C ILE F 551 6.33 -18.92 19.21
N ASN F 552 7.25 -18.41 20.03
CA ASN F 552 7.52 -19.04 21.32
C ASN F 552 6.37 -18.93 22.31
N LEU F 553 5.45 -18.00 22.05
CA LEU F 553 4.25 -17.88 22.90
C LEU F 553 3.47 -19.20 22.83
N ALA F 554 3.60 -19.91 21.71
CA ALA F 554 2.90 -21.18 21.50
C ALA F 554 3.84 -22.38 21.62
N SER F 555 5.05 -22.18 22.12
CA SER F 555 6.02 -23.26 22.21
C SER F 555 5.68 -24.25 23.30
N ASP F 556 6.02 -25.52 23.08
CA ASP F 556 5.71 -26.56 24.04
C ASP F 556 6.97 -26.88 24.87
N LYS F 557 7.98 -26.01 24.79
CA LYS F 557 9.26 -26.23 25.48
C LYS F 557 9.14 -26.38 27.01
N LEU F 558 8.47 -25.44 27.66
CA LEU F 558 8.32 -25.46 29.12
C LEU F 558 7.62 -26.72 29.70
N PRO F 559 6.47 -27.12 29.13
CA PRO F 559 5.82 -28.33 29.67
C PRO F 559 6.68 -29.59 29.51
N LYS F 560 7.45 -29.64 28.43
CA LYS F 560 8.31 -30.79 28.18
C LYS F 560 9.45 -30.83 29.18
N GLU F 561 10.08 -29.69 29.40
CA GLU F 561 11.15 -29.60 30.38
C GLU F 561 10.67 -29.98 31.76
N PHE F 562 9.50 -29.50 32.15
CA PHE F 562 9.02 -29.78 33.49
C PHE F 562 8.65 -31.26 33.61
N GLY F 563 8.23 -31.87 32.50
CA GLY F 563 7.96 -33.29 32.49
C GLY F 563 9.22 -34.09 32.75
N GLU F 564 10.35 -33.64 32.18
CA GLU F 564 11.64 -34.29 32.34
C GLU F 564 12.17 -34.11 33.78
N LEU F 565 11.91 -32.95 34.35
CA LEU F 565 12.29 -32.64 35.73
C LEU F 565 11.50 -33.54 36.69
N MET F 566 10.23 -33.76 36.35
CA MET F 566 9.33 -34.57 37.18
C MET F 566 9.52 -36.08 37.01
N LYS F 567 9.52 -36.51 35.76
CA LYS F 567 9.58 -37.92 35.41
C LYS F 567 10.91 -38.27 34.79
N LYS G 14 -33.99 13.56 74.87
CA LYS G 14 -34.14 14.03 76.25
C LYS G 14 -34.15 15.57 76.40
N ASN G 15 -33.75 16.27 75.34
CA ASN G 15 -33.59 17.73 75.35
C ASN G 15 -32.58 18.29 76.36
N ARG G 16 -31.40 17.67 76.50
CA ARG G 16 -30.34 18.27 77.31
C ARG G 16 -29.34 18.95 76.39
N GLY G 17 -28.45 19.76 76.98
CA GLY G 17 -27.35 20.34 76.24
C GLY G 17 -26.56 19.25 75.55
N ALA G 18 -26.48 18.10 76.20
CA ALA G 18 -25.81 16.95 75.63
C ALA G 18 -26.42 16.54 74.29
N GLU G 19 -27.74 16.56 74.17
CA GLU G 19 -28.41 16.24 72.91
C GLU G 19 -28.09 17.29 71.82
N LEU G 20 -27.97 18.55 72.24
CA LEU G 20 -27.58 19.59 71.30
C LEU G 20 -26.19 19.29 70.73
N VAL G 21 -25.28 18.81 71.57
CA VAL G 21 -23.95 18.45 71.10
C VAL G 21 -24.01 17.34 70.04
N VAL G 22 -24.75 16.29 70.36
CA VAL G 22 -24.87 15.15 69.45
C VAL G 22 -25.55 15.55 68.12
N ASP G 23 -26.54 16.43 68.20
CA ASP G 23 -27.22 16.92 67.00
C ASP G 23 -26.24 17.61 66.05
N CYS G 24 -25.31 18.38 66.61
CA CYS G 24 -24.28 19.02 65.81
C CYS G 24 -23.40 17.98 65.14
N LEU G 25 -23.00 16.96 65.89
CA LEU G 25 -22.16 15.91 65.31
C LEU G 25 -22.91 15.22 64.17
N VAL G 26 -24.21 15.02 64.36
CA VAL G 26 -25.04 14.47 63.30
C VAL G 26 -25.08 15.38 62.09
N GLU G 27 -25.40 16.66 62.31
CA GLU G 27 -25.44 17.62 61.21
C GLU G 27 -24.10 17.81 60.53
N GLN G 28 -23.01 17.65 61.27
CA GLN G 28 -21.66 17.78 60.69
C GLN G 28 -21.26 16.56 59.89
N GLY G 29 -22.07 15.49 59.98
CA GLY G 29 -21.76 14.27 59.29
C GLY G 29 -20.59 13.50 59.92
N VAL G 30 -20.41 13.65 61.22
CA VAL G 30 -19.33 12.93 61.92
C VAL G 30 -19.68 11.46 62.10
N THR G 31 -18.77 10.57 61.71
CA THR G 31 -19.08 9.14 61.84
C THR G 31 -18.35 8.43 63.00
N HIS G 32 -17.23 8.99 63.45
CA HIS G 32 -16.50 8.43 64.58
C HIS G 32 -16.13 9.52 65.59
N VAL G 33 -16.33 9.23 66.87
CA VAL G 33 -15.82 10.11 67.91
C VAL G 33 -14.80 9.34 68.72
N PHE G 34 -13.61 9.91 68.87
CA PHE G 34 -12.56 9.29 69.67
C PHE G 34 -12.56 9.89 71.07
N GLY G 35 -12.58 9.04 72.08
CA GLY G 35 -12.68 9.57 73.42
C GLY G 35 -12.53 8.61 74.59
N ILE G 36 -12.62 9.22 75.77
CA ILE G 36 -12.54 8.53 77.04
C ILE G 36 -13.54 9.23 77.95
N PRO G 37 -14.48 8.45 78.52
CA PRO G 37 -15.56 9.03 79.33
C PRO G 37 -15.09 9.45 80.73
N GLY G 38 -15.91 10.27 81.38
CA GLY G 38 -15.63 10.72 82.72
C GLY G 38 -16.85 11.45 83.22
N ALA G 39 -16.94 11.61 84.54
CA ALA G 39 -18.17 12.12 85.15
C ALA G 39 -18.60 13.46 84.57
N LYS G 40 -17.66 14.39 84.38
CA LYS G 40 -18.05 15.72 83.93
C LYS G 40 -18.64 15.75 82.51
N ILE G 41 -18.18 14.85 81.65
CA ILE G 41 -18.61 14.83 80.26
C ILE G 41 -19.60 13.68 79.98
N ASP G 42 -19.97 12.95 81.03
CA ASP G 42 -20.81 11.73 80.93
C ASP G 42 -22.11 11.84 80.13
N ALA G 43 -22.82 12.97 80.28
CA ALA G 43 -24.11 13.16 79.60
C ALA G 43 -23.98 13.09 78.07
N VAL G 44 -22.89 13.63 77.52
CA VAL G 44 -22.68 13.56 76.09
C VAL G 44 -22.43 12.12 75.66
N PHE G 45 -21.65 11.37 76.44
CA PHE G 45 -21.46 9.94 76.14
C PHE G 45 -22.79 9.20 76.27
N ASP G 46 -23.63 9.63 77.20
CA ASP G 46 -24.96 9.05 77.32
C ASP G 46 -25.83 9.33 76.09
N ALA G 47 -25.85 10.58 75.64
CA ALA G 47 -26.63 10.95 74.47
C ALA G 47 -26.16 10.23 73.21
N LEU G 48 -24.88 9.88 73.15
CA LEU G 48 -24.34 9.16 72.01
C LEU G 48 -24.80 7.70 72.01
N GLN G 49 -25.46 7.27 73.09
CA GLN G 49 -26.04 5.93 73.10
C GLN G 49 -27.33 5.90 72.27
N ASP G 50 -28.05 7.02 72.26
CA ASP G 50 -29.31 7.08 71.52
C ASP G 50 -29.10 7.28 70.01
N LYS G 51 -28.15 8.13 69.65
CA LYS G 51 -27.83 8.41 68.26
C LYS G 51 -26.49 9.10 68.12
N GLY G 52 -26.06 9.29 66.89
CA GLY G 52 -24.82 9.97 66.63
C GLY G 52 -23.71 9.05 66.15
N PRO G 53 -22.51 9.60 65.95
CA PRO G 53 -21.32 8.87 65.49
C PRO G 53 -20.96 7.72 66.43
N GLU G 54 -20.29 6.69 65.91
CA GLU G 54 -19.78 5.60 66.73
C GLU G 54 -18.64 6.09 67.65
N ILE G 55 -18.68 5.67 68.91
CA ILE G 55 -17.63 6.02 69.85
C ILE G 55 -16.45 5.05 69.79
N ILE G 56 -15.26 5.59 69.55
CA ILE G 56 -14.04 4.78 69.62
C ILE G 56 -13.31 5.10 70.93
N VAL G 57 -13.29 4.13 71.83
CA VAL G 57 -12.65 4.31 73.13
C VAL G 57 -11.12 4.24 73.03
N ALA G 58 -10.43 5.30 73.44
CA ALA G 58 -8.97 5.28 73.36
C ALA G 58 -8.37 4.82 74.68
N ARG G 59 -7.08 4.49 74.66
CA ARG G 59 -6.38 4.10 75.88
C ARG G 59 -5.60 5.26 76.49
N HIS G 60 -5.62 6.40 75.80
CA HIS G 60 -5.03 7.64 76.29
C HIS G 60 -5.60 8.80 75.46
N GLU G 61 -5.95 9.92 76.09
CA GLU G 61 -6.53 11.04 75.34
C GLU G 61 -5.59 11.56 74.26
N GLN G 62 -4.29 11.49 74.53
CA GLN G 62 -3.30 11.86 73.54
C GLN G 62 -3.54 11.12 72.24
N ASN G 63 -3.79 9.81 72.37
CA ASN G 63 -3.97 8.96 71.21
C ASN G 63 -5.32 9.17 70.55
N ALA G 64 -6.34 9.50 71.34
CA ALA G 64 -7.61 9.89 70.77
C ALA G 64 -7.44 11.16 69.92
N ALA G 65 -6.65 12.10 70.42
CA ALA G 65 -6.38 13.34 69.68
C ALA G 65 -5.62 13.10 68.36
N PHE G 66 -4.59 12.25 68.42
CA PHE G 66 -3.83 11.86 67.22
C PHE G 66 -4.74 11.23 66.18
N MET G 67 -5.61 10.32 66.64
CA MET G 67 -6.53 9.63 65.74
C MET G 67 -7.44 10.62 65.07
N ALA G 68 -7.94 11.57 65.87
CA ALA G 68 -8.79 12.62 65.32
C ALA G 68 -8.01 13.44 64.29
N GLN G 69 -6.73 13.71 64.57
CA GLN G 69 -5.89 14.49 63.67
C GLN G 69 -5.79 13.81 62.32
N ALA G 70 -5.58 12.49 62.36
CA ALA G 70 -5.42 11.70 61.17
C ALA G 70 -6.71 11.71 60.37
N VAL G 71 -7.85 11.65 61.05
CA VAL G 71 -9.14 11.70 60.36
C VAL G 71 -9.29 13.02 59.65
N GLY G 72 -8.92 14.09 60.34
CA GLY G 72 -8.97 15.42 59.76
C GLY G 72 -8.10 15.51 58.53
N ARG G 73 -6.88 15.00 58.62
CA ARG G 73 -5.96 15.05 57.50
C ARG G 73 -6.42 14.24 56.27
N LEU G 74 -7.03 13.08 56.54
CA LEU G 74 -7.41 12.18 55.47
C LEU G 74 -8.70 12.57 54.77
N THR G 75 -9.60 13.26 55.47
CA THR G 75 -10.93 13.50 54.93
C THR G 75 -11.26 14.97 54.65
N GLY G 76 -10.54 15.88 55.29
CA GLY G 76 -10.89 17.29 55.13
C GLY G 76 -12.03 17.75 56.02
N LYS G 77 -12.62 16.82 56.76
CA LYS G 77 -13.61 17.17 57.79
C LYS G 77 -12.98 16.99 59.17
N PRO G 78 -13.33 17.89 60.11
CA PRO G 78 -12.65 17.88 61.41
C PRO G 78 -12.82 16.54 62.12
N GLY G 79 -11.71 15.95 62.54
CA GLY G 79 -11.76 14.77 63.41
C GLY G 79 -12.28 15.24 64.75
N VAL G 80 -12.99 14.37 65.46
CA VAL G 80 -13.62 14.77 66.72
C VAL G 80 -13.12 13.92 67.87
N VAL G 81 -12.65 14.59 68.92
CA VAL G 81 -12.21 13.92 70.14
C VAL G 81 -13.03 14.48 71.32
N LEU G 82 -13.46 13.60 72.21
CA LEU G 82 -14.39 13.93 73.30
C LEU G 82 -13.82 13.39 74.62
N VAL G 83 -13.57 14.26 75.58
CA VAL G 83 -12.90 13.85 76.81
C VAL G 83 -13.53 14.51 78.04
N THR G 84 -13.17 14.05 79.23
CA THR G 84 -13.72 14.70 80.45
C THR G 84 -12.89 15.89 80.91
N SER G 85 -13.27 16.44 82.07
CA SER G 85 -12.61 17.61 82.66
C SER G 85 -11.22 17.28 83.19
N GLY G 86 -10.50 18.30 83.66
CA GLY G 86 -9.20 18.11 84.29
C GLY G 86 -8.12 17.42 83.45
N PRO G 87 -7.63 16.27 83.93
CA PRO G 87 -6.56 15.57 83.19
C PRO G 87 -7.07 15.01 81.88
N GLY G 88 -8.40 14.82 81.76
CA GLY G 88 -9.00 14.43 80.51
C GLY G 88 -8.74 15.48 79.43
N ALA G 89 -9.02 16.74 79.76
CA ALA G 89 -8.78 17.82 78.83
C ALA G 89 -7.30 18.10 78.67
N SER G 90 -6.54 18.13 79.79
CA SER G 90 -5.12 18.49 79.69
C SER G 90 -4.30 17.47 78.90
N ASN G 91 -4.77 16.23 78.87
CA ASN G 91 -4.12 15.22 78.06
C ASN G 91 -4.24 15.44 76.55
N LEU G 92 -5.03 16.44 76.15
CA LEU G 92 -5.20 16.76 74.74
C LEU G 92 -4.17 17.76 74.21
N ALA G 93 -3.40 18.37 75.11
CA ALA G 93 -2.56 19.50 74.75
C ALA G 93 -1.67 19.24 73.54
N THR G 94 -0.89 18.20 73.60
CA THR G 94 0.05 17.94 72.52
C THR G 94 -0.67 17.58 71.21
N GLY G 95 -1.69 16.72 71.31
CA GLY G 95 -2.48 16.36 70.15
C GLY G 95 -3.03 17.58 69.43
N LEU G 96 -3.70 18.46 70.16
CA LEU G 96 -4.25 19.63 69.51
C LEU G 96 -3.16 20.54 68.94
N LEU G 97 -2.06 20.71 69.70
CA LEU G 97 -0.97 21.55 69.22
C LEU G 97 -0.40 20.98 67.93
N THR G 98 -0.23 19.67 67.89
CA THR G 98 0.34 19.02 66.71
C THR G 98 -0.56 19.28 65.50
N ALA G 99 -1.86 19.01 65.66
CA ALA G 99 -2.83 19.29 64.61
C ALA G 99 -2.86 20.78 64.23
N ASN G 100 -2.78 21.66 65.22
CA ASN G 100 -2.96 23.09 64.99
C ASN G 100 -1.85 23.72 64.17
N THR G 101 -0.70 23.06 64.15
CA THR G 101 0.44 23.60 63.42
C THR G 101 0.75 22.76 62.20
N GLU G 102 -0.06 21.73 61.95
CA GLU G 102 0.23 20.87 60.80
C GLU G 102 -0.85 20.84 59.74
N GLY G 103 -1.84 21.73 59.86
CA GLY G 103 -2.87 21.90 58.85
C GLY G 103 -4.01 20.91 58.96
N ASP G 104 -4.17 20.31 60.14
CA ASP G 104 -5.17 19.27 60.30
C ASP G 104 -6.37 19.75 61.07
N PRO G 105 -7.58 19.63 60.47
CA PRO G 105 -8.78 20.11 61.17
C PRO G 105 -9.21 19.15 62.27
N VAL G 106 -9.34 19.65 63.50
CA VAL G 106 -9.76 18.82 64.63
C VAL G 106 -10.70 19.62 65.49
N VAL G 107 -11.79 18.99 65.91
CA VAL G 107 -12.64 19.57 66.95
C VAL G 107 -12.57 18.77 68.26
N ALA G 108 -12.16 19.42 69.34
CA ALA G 108 -12.11 18.79 70.66
C ALA G 108 -13.27 19.26 71.52
N LEU G 109 -13.90 18.31 72.20
CA LEU G 109 -15.02 18.62 73.07
C LEU G 109 -14.69 18.10 74.47
N ALA G 110 -14.69 19.00 75.46
CA ALA G 110 -14.26 18.61 76.81
C ALA G 110 -15.23 19.06 77.89
N GLY G 111 -15.30 18.28 78.97
CA GLY G 111 -16.10 18.65 80.13
C GLY G 111 -15.35 19.62 81.06
N ASN G 112 -16.12 20.30 81.90
CA ASN G 112 -15.58 21.05 83.03
C ASN G 112 -16.55 20.99 84.19
N VAL G 113 -16.11 21.46 85.35
CA VAL G 113 -16.94 21.46 86.54
C VAL G 113 -18.08 22.45 86.35
N ILE G 114 -19.11 22.30 87.18
CA ILE G 114 -20.26 23.17 87.12
C ILE G 114 -19.88 24.65 87.27
N ARG G 115 -20.69 25.50 86.63
CA ARG G 115 -20.43 26.93 86.60
C ARG G 115 -20.26 27.55 87.97
N ALA G 116 -21.05 27.06 88.93
CA ALA G 116 -21.03 27.59 90.29
C ALA G 116 -19.70 27.29 91.00
N ASP G 117 -19.01 26.24 90.58
CA ASP G 117 -17.78 25.85 91.23
C ASP G 117 -16.56 26.14 90.36
N ARG G 118 -16.74 26.95 89.33
CA ARG G 118 -15.71 27.11 88.32
C ARG G 118 -14.43 27.77 88.82
N LEU G 119 -14.52 28.54 89.90
CA LEU G 119 -13.37 29.29 90.41
C LEU G 119 -12.71 28.55 91.58
N LYS G 120 -13.26 27.40 91.94
CA LYS G 120 -12.88 26.71 93.18
C LYS G 120 -11.75 25.71 93.02
N ARG G 121 -11.10 25.41 94.14
CA ARG G 121 -10.25 24.23 94.21
C ARG G 121 -11.18 23.06 94.41
N THR G 122 -11.48 22.38 93.32
CA THR G 122 -12.44 21.29 93.32
C THR G 122 -11.94 20.31 92.28
N HIS G 123 -12.31 19.04 92.41
CA HIS G 123 -11.80 17.98 91.54
C HIS G 123 -11.80 18.38 90.04
N GLN G 124 -10.65 18.22 89.38
CA GLN G 124 -10.55 18.34 87.91
C GLN G 124 -10.98 19.67 87.31
N SER G 125 -10.75 20.75 88.04
CA SER G 125 -11.14 22.07 87.57
C SER G 125 -9.91 22.86 87.14
N LEU G 126 -9.99 23.46 85.96
CA LEU G 126 -8.97 24.43 85.53
C LEU G 126 -9.60 25.30 84.47
N ASP G 127 -8.92 26.40 84.13
CA ASP G 127 -9.40 27.26 83.07
C ASP G 127 -9.09 26.59 81.73
N ASN G 128 -10.02 25.75 81.29
CA ASN G 128 -9.85 24.95 80.08
C ASN G 128 -9.52 25.83 78.86
N ALA G 129 -10.33 26.86 78.65
CA ALA G 129 -10.19 27.67 77.45
C ALA G 129 -8.87 28.37 77.46
N ALA G 130 -8.44 28.82 78.63
CA ALA G 130 -7.19 29.57 78.73
C ALA G 130 -6.02 28.67 78.44
N LEU G 131 -6.11 27.41 78.86
CA LEU G 131 -5.04 26.46 78.57
C LEU G 131 -4.87 26.28 77.06
N PHE G 132 -5.98 26.17 76.33
CA PHE G 132 -5.91 25.83 74.90
C PHE G 132 -5.81 27.06 74.00
N GLN G 133 -5.99 28.23 74.60
CA GLN G 133 -5.87 29.48 73.84
C GLN G 133 -4.57 29.57 73.00
N PRO G 134 -3.40 29.28 73.60
CA PRO G 134 -2.17 29.43 72.81
C PRO G 134 -1.89 28.34 71.80
N ILE G 135 -2.67 27.26 71.79
CA ILE G 135 -2.32 26.14 70.93
C ILE G 135 -3.45 25.72 69.98
N THR G 136 -4.44 26.59 69.83
CA THR G 136 -5.57 26.32 68.95
C THR G 136 -5.93 27.59 68.16
N LYS G 137 -6.71 27.43 67.11
CA LYS G 137 -7.31 28.57 66.40
C LYS G 137 -8.47 29.16 67.18
N TYR G 138 -9.05 28.37 68.08
CA TYR G 138 -10.34 28.71 68.69
C TYR G 138 -10.50 27.87 69.95
N SER G 139 -10.67 28.56 71.07
CA SER G 139 -10.72 27.92 72.38
C SER G 139 -11.77 28.62 73.22
N VAL G 140 -12.87 27.95 73.49
CA VAL G 140 -13.99 28.60 74.16
C VAL G 140 -14.61 27.70 75.21
N GLU G 141 -15.30 28.32 76.16
CA GLU G 141 -16.13 27.58 77.10
C GLU G 141 -17.55 28.11 77.02
N VAL G 142 -18.53 27.20 76.87
CA VAL G 142 -19.93 27.59 76.80
C VAL G 142 -20.51 27.76 78.20
N GLN G 143 -21.08 28.95 78.48
CA GLN G 143 -21.60 29.23 79.82
C GLN G 143 -23.14 29.38 79.85
N ASP G 144 -23.78 28.99 78.75
CA ASP G 144 -25.24 28.97 78.67
C ASP G 144 -25.64 27.91 77.67
N VAL G 145 -26.56 27.05 78.09
CA VAL G 145 -26.93 25.90 77.27
C VAL G 145 -27.43 26.26 75.87
N LYS G 146 -28.03 27.45 75.73
CA LYS G 146 -28.57 27.90 74.44
C LYS G 146 -27.47 28.06 73.40
N ASN G 147 -26.27 28.36 73.86
CA ASN G 147 -25.17 28.76 72.97
C ASN G 147 -24.44 27.55 72.41
N ILE G 148 -24.75 26.37 72.95
CA ILE G 148 -24.10 25.14 72.49
C ILE G 148 -24.06 24.94 70.96
N PRO G 149 -25.22 25.05 70.27
CA PRO G 149 -25.20 24.79 68.81
C PRO G 149 -24.39 25.82 68.01
N GLU G 150 -24.38 27.05 68.49
CA GLU G 150 -23.59 28.11 67.87
C GLU G 150 -22.08 27.93 68.06
N ALA G 151 -21.68 27.69 69.31
CA ALA G 151 -20.26 27.52 69.63
C ALA G 151 -19.68 26.32 68.90
N VAL G 152 -20.45 25.24 68.85
CA VAL G 152 -19.99 24.02 68.19
C VAL G 152 -19.91 24.18 66.67
N THR G 153 -20.93 24.81 66.08
CA THR G 153 -20.91 25.01 64.64
C THR G 153 -19.74 25.90 64.21
N ASN G 154 -19.53 27.02 64.93
CA ASN G 154 -18.38 27.88 64.65
C ASN G 154 -17.05 27.17 64.86
N ALA G 155 -16.99 26.27 65.83
CA ALA G 155 -15.76 25.48 66.03
C ALA G 155 -15.42 24.63 64.81
N PHE G 156 -16.43 23.94 64.24
CA PHE G 156 -16.21 23.16 63.01
C PHE G 156 -15.78 24.03 61.84
N ARG G 157 -16.45 25.17 61.66
CA ARG G 157 -16.12 26.02 60.51
C ARG G 157 -14.70 26.52 60.64
N ILE G 158 -14.32 26.97 61.84
CA ILE G 158 -13.00 27.57 62.05
C ILE G 158 -11.89 26.54 61.93
N ALA G 159 -12.15 25.34 62.41
CA ALA G 159 -11.20 24.24 62.27
C ALA G 159 -10.93 23.94 60.79
N SER G 160 -11.96 24.09 59.95
CA SER G 160 -11.87 23.76 58.53
C SER G 160 -11.32 24.91 57.67
N ALA G 161 -11.59 26.14 58.07
CA ALA G 161 -11.21 27.29 57.24
C ALA G 161 -9.70 27.38 57.16
N GLY G 162 -9.18 27.71 55.97
CA GLY G 162 -7.74 27.81 55.74
C GLY G 162 -7.18 28.90 56.64
N GLN G 163 -6.06 28.65 57.30
CA GLN G 163 -5.41 27.35 57.30
C GLN G 163 -6.05 26.48 58.36
N ALA G 164 -6.34 25.23 57.99
CA ALA G 164 -7.04 24.31 58.88
C ALA G 164 -6.22 24.08 60.17
N GLY G 165 -6.90 23.90 61.29
CA GLY G 165 -6.23 23.62 62.55
C GLY G 165 -7.20 23.14 63.61
N ALA G 166 -6.86 23.35 64.88
CA ALA G 166 -7.65 22.82 66.01
C ALA G 166 -8.63 23.82 66.60
N ALA G 167 -9.81 23.34 66.99
CA ALA G 167 -10.79 24.16 67.69
C ALA G 167 -11.14 23.43 68.96
N PHE G 168 -11.29 24.17 70.06
CA PHE G 168 -11.51 23.56 71.37
C PHE G 168 -12.78 24.13 72.00
N VAL G 169 -13.66 23.24 72.46
CA VAL G 169 -14.90 23.66 73.12
C VAL G 169 -15.06 22.95 74.45
N SER G 170 -15.20 23.74 75.52
CA SER G 170 -15.35 23.24 76.89
C SER G 170 -16.82 23.41 77.37
N PHE G 171 -17.36 22.39 78.04
CA PHE G 171 -18.74 22.43 78.55
C PHE G 171 -18.75 22.15 80.05
N PRO G 172 -19.15 23.13 80.87
CA PRO G 172 -19.40 22.89 82.30
C PRO G 172 -20.47 21.81 82.47
N GLN G 173 -20.29 20.89 83.43
CA GLN G 173 -21.19 19.75 83.59
C GLN G 173 -22.68 20.10 83.62
N ASP G 174 -23.03 21.17 84.32
CA ASP G 174 -24.44 21.56 84.43
C ASP G 174 -25.00 22.05 83.10
N VAL G 175 -24.13 22.61 82.26
CA VAL G 175 -24.57 23.08 80.96
C VAL G 175 -24.97 21.90 80.03
N VAL G 176 -24.19 20.82 80.03
CA VAL G 176 -24.57 19.66 79.22
C VAL G 176 -25.67 18.78 79.83
N ASN G 177 -25.90 18.89 81.13
CA ASN G 177 -26.97 18.12 81.77
C ASN G 177 -28.30 18.85 81.80
N GLU G 178 -28.27 20.13 81.47
CA GLU G 178 -29.45 20.98 81.58
C GLU G 178 -30.49 20.71 80.51
N VAL G 179 -31.74 20.58 80.92
CA VAL G 179 -32.87 20.47 80.01
C VAL G 179 -33.18 21.82 79.38
N THR G 180 -33.41 21.85 78.07
CA THR G 180 -33.64 23.10 77.36
C THR G 180 -34.46 22.89 76.09
N ASN G 181 -35.18 23.92 75.66
CA ASN G 181 -35.92 23.84 74.41
C ASN G 181 -35.16 24.54 73.27
N THR G 182 -33.87 24.80 73.49
CA THR G 182 -33.01 25.40 72.47
C THR G 182 -33.05 24.59 71.18
N LYS G 183 -33.14 25.27 70.05
CA LYS G 183 -33.13 24.59 68.76
C LYS G 183 -31.71 24.46 68.22
N ASN G 184 -31.46 23.41 67.46
CA ASN G 184 -30.20 23.26 66.75
C ASN G 184 -30.11 24.33 65.64
N VAL G 185 -28.91 24.55 65.11
CA VAL G 185 -28.75 25.41 63.95
C VAL G 185 -28.25 24.56 62.82
N ARG G 186 -28.38 25.09 61.61
CA ARG G 186 -27.90 24.39 60.45
C ARG G 186 -26.38 24.36 60.45
N ALA G 187 -25.83 23.21 60.04
CA ALA G 187 -24.40 23.06 59.89
C ALA G 187 -23.95 23.79 58.62
N VAL G 188 -23.94 25.13 58.69
CA VAL G 188 -23.57 25.94 57.54
C VAL G 188 -22.09 25.70 57.25
N ALA G 189 -21.82 25.07 56.11
CA ALA G 189 -20.46 24.66 55.77
C ALA G 189 -19.54 25.86 55.50
N ALA G 190 -18.30 25.77 55.97
CA ALA G 190 -17.32 26.78 55.62
C ALA G 190 -17.17 26.83 54.08
N PRO G 191 -17.36 28.01 53.49
CA PRO G 191 -17.35 28.19 52.01
C PRO G 191 -15.96 28.33 51.41
N LYS G 192 -15.74 27.86 50.18
CA LYS G 192 -14.44 28.06 49.56
C LYS G 192 -14.25 29.48 49.00
N LEU G 193 -13.03 29.97 49.06
CA LEU G 193 -12.68 31.27 48.49
C LEU G 193 -12.64 31.13 46.97
N GLY G 194 -12.61 32.25 46.25
CA GLY G 194 -12.34 32.19 44.83
C GLY G 194 -10.85 32.04 44.60
N PRO G 195 -10.42 31.90 43.33
CA PRO G 195 -8.99 31.87 43.05
C PRO G 195 -8.39 33.24 43.39
N ALA G 196 -7.07 33.34 43.37
CA ALA G 196 -6.39 34.62 43.53
C ALA G 196 -6.84 35.62 42.46
N ALA G 197 -6.58 36.91 42.67
CA ALA G 197 -6.96 37.90 41.66
C ALA G 197 -6.28 37.66 40.30
N ASP G 198 -7.02 37.92 39.22
CA ASP G 198 -6.53 37.72 37.84
C ASP G 198 -5.19 38.37 37.54
N ASP G 199 -5.04 39.62 37.97
CA ASP G 199 -3.84 40.41 37.67
C ASP G 199 -2.58 39.82 38.31
N ALA G 200 -2.74 39.27 39.51
CA ALA G 200 -1.63 38.62 40.16
C ALA G 200 -1.32 37.29 39.45
N ILE G 201 -2.35 36.57 39.02
CA ILE G 201 -2.14 35.32 38.28
C ILE G 201 -1.32 35.60 37.01
N SER G 202 -1.72 36.63 36.27
CA SER G 202 -1.06 37.01 35.03
C SER G 202 0.39 37.33 35.26
N ALA G 203 0.65 38.12 36.29
CA ALA G 203 2.02 38.51 36.61
C ALA G 203 2.88 37.29 36.92
N ALA G 204 2.29 36.32 37.60
CA ALA G 204 3.03 35.11 37.98
C ALA G 204 3.41 34.33 36.74
N ILE G 205 2.45 34.22 35.81
CA ILE G 205 2.72 33.56 34.55
C ILE G 205 3.85 34.26 33.80
N ALA G 206 3.80 35.58 33.68
CA ALA G 206 4.88 36.31 32.99
C ALA G 206 6.24 36.05 33.64
N LYS G 207 6.27 36.05 34.97
CA LYS G 207 7.51 35.83 35.71
C LYS G 207 8.02 34.41 35.47
N ILE G 208 7.10 33.46 35.37
CA ILE G 208 7.51 32.08 35.13
C ILE G 208 8.03 31.92 33.70
N GLN G 209 7.34 32.52 32.73
CA GLN G 209 7.77 32.36 31.33
C GLN G 209 9.14 32.96 31.05
N THR G 210 9.52 34.04 31.75
CA THR G 210 10.77 34.74 31.48
C THR G 210 11.94 34.22 32.31
N ALA G 211 11.70 33.22 33.13
CA ALA G 211 12.74 32.73 34.03
C ALA G 211 13.75 31.81 33.35
N LYS G 212 15.01 31.85 33.76
CA LYS G 212 16.00 30.87 33.30
C LYS G 212 15.72 29.49 33.88
N LEU G 213 15.32 29.48 35.15
CA LEU G 213 15.11 28.24 35.88
C LEU G 213 14.02 28.41 36.93
N PRO G 214 12.75 28.41 36.50
CA PRO G 214 11.65 28.48 37.46
C PRO G 214 11.45 27.10 38.09
N VAL G 215 11.19 27.03 39.40
CA VAL G 215 10.99 25.74 40.06
C VAL G 215 9.80 25.80 41.00
N VAL G 216 9.16 24.66 41.23
CA VAL G 216 8.03 24.63 42.14
C VAL G 216 8.37 23.97 43.48
N LEU G 217 8.02 24.65 44.57
CA LEU G 217 8.14 24.11 45.93
C LEU G 217 6.75 23.81 46.41
N VAL G 218 6.44 22.52 46.54
CA VAL G 218 5.13 22.09 46.96
C VAL G 218 5.17 21.91 48.47
N GLY G 219 4.34 22.67 49.18
CA GLY G 219 4.32 22.63 50.64
C GLY G 219 3.11 21.93 51.26
N MET G 220 2.89 22.18 52.55
CA MET G 220 1.82 21.52 53.34
C MET G 220 0.47 21.47 52.65
N LYS G 221 -0.04 22.63 52.24
CA LYS G 221 -1.37 22.70 51.67
C LYS G 221 -1.41 22.41 50.17
N GLY G 222 -0.23 22.12 49.61
CA GLY G 222 -0.13 21.59 48.27
C GLY G 222 -0.30 20.09 48.34
N GLY G 223 -0.35 19.55 49.55
CA GLY G 223 -0.45 18.10 49.71
C GLY G 223 -1.86 17.55 49.78
N ARG G 224 -2.86 18.41 49.79
CA ARG G 224 -4.24 17.94 49.73
C ARG G 224 -4.52 17.32 48.35
N PRO G 225 -5.38 16.30 48.31
CA PRO G 225 -5.69 15.61 47.03
C PRO G 225 -6.02 16.58 45.90
N GLU G 226 -6.95 17.51 46.11
CA GLU G 226 -7.35 18.44 45.05
C GLU G 226 -6.22 19.36 44.61
N ALA G 227 -5.30 19.68 45.52
CA ALA G 227 -4.16 20.55 45.19
C ALA G 227 -3.10 19.80 44.39
N ILE G 228 -2.81 18.58 44.80
CA ILE G 228 -1.88 17.74 44.10
C ILE G 228 -2.38 17.52 42.67
N LYS G 229 -3.66 17.22 42.53
CA LYS G 229 -4.30 17.06 41.24
C LYS G 229 -4.05 18.30 40.32
N ALA G 230 -4.25 19.48 40.87
CA ALA G 230 -3.99 20.71 40.12
C ALA G 230 -2.49 20.87 39.88
N VAL G 231 -1.69 20.60 40.90
CA VAL G 231 -0.24 20.76 40.77
C VAL G 231 0.35 19.89 39.66
N ARG G 232 -0.03 18.61 39.64
CA ARG G 232 0.48 17.69 38.63
C ARG G 232 0.28 18.19 37.20
N LYS G 233 -0.91 18.69 36.91
CA LYS G 233 -1.20 19.22 35.58
C LYS G 233 -0.28 20.38 35.24
N LEU G 234 -0.11 21.29 36.21
CA LEU G 234 0.76 22.44 36.06
C LEU G 234 2.18 21.97 35.80
N LEU G 235 2.62 21.01 36.59
CA LEU G 235 3.97 20.47 36.44
C LEU G 235 4.15 19.79 35.08
N LYS G 236 3.12 19.08 34.64
CA LYS G 236 3.20 18.36 33.37
C LYS G 236 3.21 19.27 32.14
N LYS G 237 2.33 20.27 32.13
CA LYS G 237 2.22 21.17 31.00
C LYS G 237 3.43 22.08 30.86
N VAL G 238 3.84 22.69 31.97
CA VAL G 238 4.88 23.72 31.94
C VAL G 238 6.26 23.10 31.99
N GLN G 239 6.32 21.86 32.47
CA GLN G 239 7.56 21.11 32.63
C GLN G 239 8.52 21.72 33.67
N LEU G 240 7.97 22.16 34.80
CA LEU G 240 8.79 22.69 35.88
C LEU G 240 9.41 21.61 36.73
N PRO G 241 10.69 21.79 37.09
CA PRO G 241 11.23 20.94 38.16
C PRO G 241 10.50 21.31 39.45
N PHE G 242 10.42 20.36 40.38
CA PHE G 242 9.70 20.60 41.61
C PHE G 242 10.31 19.87 42.78
N VAL G 243 9.94 20.31 43.96
CA VAL G 243 10.41 19.73 45.21
C VAL G 243 9.22 19.58 46.17
N GLU G 244 9.26 18.58 47.06
CA GLU G 244 8.22 18.40 48.06
C GLU G 244 8.76 18.72 49.46
N THR G 245 7.92 19.31 50.31
CA THR G 245 8.17 19.25 51.75
C THR G 245 7.66 17.89 52.21
N TYR G 246 7.87 17.53 53.46
CA TYR G 246 7.50 16.20 53.92
C TYR G 246 5.97 15.97 53.85
N GLN G 247 5.15 16.99 54.12
CA GLN G 247 3.70 16.79 54.07
C GLN G 247 3.13 16.95 52.65
N ALA G 248 3.99 17.24 51.69
CA ALA G 248 3.56 17.25 50.28
C ALA G 248 3.80 15.90 49.61
N ALA G 249 4.23 14.92 50.40
CA ALA G 249 4.47 13.58 49.90
C ALA G 249 3.22 13.06 49.18
N GLY G 250 3.42 12.46 48.02
CA GLY G 250 2.29 11.99 47.23
C GLY G 250 2.04 12.88 46.02
N THR G 251 2.74 14.02 45.96
CA THR G 251 2.67 14.90 44.80
C THR G 251 3.25 14.16 43.58
N LEU G 252 4.36 13.48 43.82
CA LEU G 252 5.05 12.71 42.79
C LEU G 252 4.14 11.71 42.09
N SER G 253 4.33 11.58 40.78
CA SER G 253 3.83 10.46 39.98
C SER G 253 5.03 9.83 39.29
N ARG G 254 4.92 8.57 38.86
CA ARG G 254 6.07 7.94 38.20
C ARG G 254 6.49 8.72 36.94
N ASP G 255 5.51 9.40 36.36
CA ASP G 255 5.65 10.23 35.16
C ASP G 255 6.34 11.57 35.35
N LEU G 256 6.50 11.99 36.60
CA LEU G 256 7.09 13.29 36.89
C LEU G 256 8.46 13.10 37.53
N GLU G 257 8.91 11.85 37.62
CA GLU G 257 10.19 11.51 38.25
C GLU G 257 11.41 12.30 37.71
N ASP G 258 11.42 12.61 36.41
CA ASP G 258 12.55 13.35 35.83
C ASP G 258 12.55 14.80 36.26
N GLN G 259 11.40 15.31 36.68
CA GLN G 259 11.28 16.71 37.09
C GLN G 259 11.34 16.85 38.61
N TYR G 260 11.59 15.72 39.27
CA TYR G 260 11.49 15.59 40.72
C TYR G 260 12.85 15.67 41.38
N PHE G 261 13.01 16.60 42.31
CA PHE G 261 14.28 16.72 42.98
C PHE G 261 14.21 16.39 44.47
N GLY G 262 13.19 15.63 44.84
CA GLY G 262 13.12 15.05 46.16
C GLY G 262 12.40 15.87 47.22
N ARG G 263 12.59 15.47 48.48
CA ARG G 263 11.96 16.14 49.62
C ARG G 263 12.97 16.97 50.40
N ILE G 264 12.68 18.26 50.55
CA ILE G 264 13.56 19.14 51.31
C ILE G 264 13.15 19.16 52.77
N GLY G 265 14.09 19.51 53.63
CA GLY G 265 13.84 19.60 55.06
C GLY G 265 15.00 19.23 55.96
N LEU G 266 14.92 19.67 57.22
CA LEU G 266 15.84 19.29 58.28
C LEU G 266 17.27 19.84 58.14
N PHE G 267 18.02 19.36 57.16
CA PHE G 267 19.39 19.85 56.94
C PHE G 267 19.56 20.36 55.52
N ARG G 268 20.25 21.47 55.36
CA ARG G 268 20.42 21.99 54.00
C ARG G 268 21.55 21.27 53.27
N ASN G 269 21.26 20.09 52.75
CA ASN G 269 22.27 19.29 52.06
C ASN G 269 21.68 18.37 51.00
N GLN G 270 20.49 18.73 50.52
CA GLN G 270 19.80 17.89 49.54
C GLN G 270 19.85 18.53 48.16
N PRO G 271 19.71 17.71 47.09
CA PRO G 271 19.64 18.20 45.71
C PRO G 271 18.57 19.26 45.57
N GLY G 272 17.49 19.09 46.33
CA GLY G 272 16.40 20.05 46.31
C GLY G 272 16.87 21.41 46.79
N ASP G 273 17.76 21.43 47.77
CA ASP G 273 18.32 22.71 48.25
C ASP G 273 19.12 23.42 47.14
N LEU G 274 19.94 22.64 46.42
CA LEU G 274 20.77 23.17 45.35
C LEU G 274 19.93 23.63 44.16
N LEU G 275 18.87 22.88 43.86
CA LEU G 275 17.92 23.28 42.83
C LEU G 275 17.32 24.64 43.18
N LEU G 276 16.86 24.78 44.44
CA LEU G 276 16.24 26.03 44.86
C LEU G 276 17.21 27.20 44.77
N GLU G 277 18.45 26.95 45.15
CA GLU G 277 19.48 27.98 45.07
C GLU G 277 19.70 28.39 43.62
N GLN G 278 19.70 27.43 42.71
CA GLN G 278 19.97 27.74 41.30
C GLN G 278 18.79 28.41 40.61
N ALA G 279 17.58 28.22 41.15
CA ALA G 279 16.39 28.83 40.55
C ALA G 279 16.43 30.36 40.59
N ASP G 280 15.88 31.00 39.57
CA ASP G 280 15.74 32.45 39.60
C ASP G 280 14.29 32.86 39.91
N VAL G 281 13.39 31.89 39.80
CA VAL G 281 12.00 32.07 40.20
C VAL G 281 11.52 30.83 40.95
N VAL G 282 10.96 31.03 42.14
CA VAL G 282 10.39 29.92 42.92
C VAL G 282 8.90 30.18 43.16
N LEU G 283 8.07 29.24 42.71
CA LEU G 283 6.64 29.26 43.01
C LEU G 283 6.42 28.32 44.19
N THR G 284 6.02 28.87 45.33
CA THR G 284 5.69 28.02 46.47
C THR G 284 4.20 27.78 46.49
N ILE G 285 3.79 26.57 46.84
CA ILE G 285 2.38 26.24 46.85
C ILE G 285 1.92 25.68 48.20
N GLY G 286 1.02 26.39 48.86
CA GLY G 286 0.54 25.96 50.17
C GLY G 286 1.68 25.76 51.17
N TYR G 287 2.67 26.63 51.09
CA TYR G 287 3.90 26.50 51.87
C TYR G 287 3.80 27.13 53.24
N ASP G 288 3.74 26.27 54.26
CA ASP G 288 3.85 26.70 55.65
C ASP G 288 5.33 26.51 56.00
N PRO G 289 6.02 27.61 56.34
CA PRO G 289 7.47 27.50 56.51
C PRO G 289 7.88 26.63 57.68
N ILE G 290 6.93 26.22 58.52
CA ILE G 290 7.23 25.33 59.65
C ILE G 290 7.95 24.04 59.22
N GLU G 291 7.64 23.59 58.00
CA GLU G 291 8.23 22.35 57.50
C GLU G 291 9.73 22.50 57.14
N TYR G 292 10.15 23.71 56.78
CA TYR G 292 11.55 23.99 56.41
C TYR G 292 11.71 25.48 56.29
N ASP G 293 12.38 26.11 57.27
CA ASP G 293 12.49 27.57 57.32
C ASP G 293 13.17 28.14 56.08
N PRO G 294 12.60 29.21 55.53
CA PRO G 294 13.15 29.87 54.34
C PRO G 294 14.61 30.33 54.52
N LYS G 295 15.05 30.51 55.77
CA LYS G 295 16.44 30.89 56.00
C LYS G 295 17.44 29.81 55.60
N PHE G 296 16.95 28.58 55.40
CA PHE G 296 17.80 27.47 54.97
C PHE G 296 17.98 27.36 53.45
N TRP G 297 16.92 27.61 52.68
CA TRP G 297 16.98 27.38 51.23
C TRP G 297 17.07 28.65 50.38
N ASN G 298 16.45 29.73 50.87
CA ASN G 298 16.42 30.96 50.11
C ASN G 298 17.64 31.82 50.41
N ILE G 299 18.81 31.29 50.04
CA ILE G 299 20.07 31.93 50.39
C ILE G 299 20.91 32.11 49.14
N ASN G 300 21.95 32.92 49.27
CA ASN G 300 22.94 33.04 48.22
C ASN G 300 22.47 33.65 46.90
N GLY G 301 21.64 34.68 46.98
CA GLY G 301 21.32 35.43 45.78
C GLY G 301 19.86 35.78 45.68
N ASP G 302 19.61 36.96 45.12
CA ASP G 302 18.26 37.37 44.81
C ASP G 302 17.59 36.36 43.89
N ARG G 303 16.35 36.00 44.23
CA ARG G 303 15.54 35.14 43.39
C ARG G 303 14.07 35.52 43.63
N THR G 304 13.25 35.41 42.58
CA THR G 304 11.85 35.85 42.67
C THR G 304 11.02 34.83 43.43
N ILE G 305 10.27 35.32 44.42
CA ILE G 305 9.41 34.43 45.21
C ILE G 305 7.96 34.70 44.87
N ILE G 306 7.27 33.66 44.39
CA ILE G 306 5.84 33.76 44.15
C ILE G 306 5.12 32.89 45.17
N HIS G 307 4.34 33.52 46.04
CA HIS G 307 3.68 32.81 47.13
C HIS G 307 2.22 32.48 46.82
N LEU G 308 1.94 31.22 46.54
CA LEU G 308 0.58 30.80 46.23
C LEU G 308 0.01 30.05 47.44
N ASP G 309 -1.04 30.61 48.06
CA ASP G 309 -1.55 30.02 49.31
C ASP G 309 -2.95 30.50 49.62
N GLU G 310 -3.58 29.85 50.61
CA GLU G 310 -4.96 30.18 50.99
C GLU G 310 -4.99 31.33 52.00
N ILE G 311 -3.84 31.62 52.61
CA ILE G 311 -3.67 32.75 53.54
C ILE G 311 -2.41 33.57 53.17
N ILE G 312 -2.33 34.81 53.65
CA ILE G 312 -1.18 35.67 53.31
C ILE G 312 0.11 35.09 53.89
N ALA G 313 1.25 35.46 53.31
CA ALA G 313 2.53 34.90 53.76
C ALA G 313 2.98 35.54 55.08
N ASP G 314 3.76 34.81 55.88
CA ASP G 314 4.52 35.42 56.98
C ASP G 314 5.77 36.05 56.38
N ILE G 315 6.03 37.32 56.65
CA ILE G 315 7.25 37.96 56.13
C ILE G 315 8.47 37.64 57.01
N ASP G 316 9.55 37.20 56.35
CA ASP G 316 10.74 36.75 57.05
C ASP G 316 11.92 37.45 56.37
N HIS G 317 13.06 37.55 57.06
CA HIS G 317 14.27 38.07 56.41
C HIS G 317 14.55 37.30 55.09
N ALA G 318 14.36 35.99 55.12
CA ALA G 318 14.62 35.15 53.96
C ALA G 318 13.36 34.85 53.17
N TYR G 319 12.31 35.64 53.36
CA TYR G 319 11.08 35.38 52.63
C TYR G 319 10.25 36.64 52.49
N GLN G 320 10.50 37.36 51.40
CA GLN G 320 9.81 38.60 51.09
C GLN G 320 9.27 38.42 49.68
N PRO G 321 8.06 37.87 49.57
CA PRO G 321 7.46 37.53 48.26
C PRO G 321 7.29 38.74 47.36
N ASP G 322 7.70 38.60 46.10
CA ASP G 322 7.50 39.65 45.11
C ASP G 322 6.05 39.66 44.64
N LEU G 323 5.37 38.54 44.85
CA LEU G 323 4.00 38.35 44.40
C LEU G 323 3.29 37.36 45.33
N GLU G 324 2.07 37.69 45.74
CA GLU G 324 1.24 36.79 46.55
C GLU G 324 -0.07 36.45 45.84
N LEU G 325 -0.33 35.16 45.61
CA LEU G 325 -1.58 34.75 44.99
C LEU G 325 -2.42 34.08 46.04
N ILE G 326 -3.30 34.85 46.67
CA ILE G 326 -4.06 34.35 47.79
C ILE G 326 -5.48 34.09 47.39
N GLY G 327 -5.91 32.86 47.63
CA GLY G 327 -7.24 32.45 47.26
C GLY G 327 -7.27 30.95 47.36
N ASP G 328 -8.36 30.35 46.91
CA ASP G 328 -8.47 28.89 46.88
C ASP G 328 -7.31 28.28 46.10
N ILE G 329 -6.60 27.34 46.72
CA ILE G 329 -5.36 26.83 46.14
C ILE G 329 -5.49 26.10 44.78
N PRO G 330 -6.35 25.07 44.68
CA PRO G 330 -6.46 24.36 43.40
C PRO G 330 -6.93 25.24 42.23
N SER G 331 -7.92 26.11 42.44
CA SER G 331 -8.40 26.95 41.35
C SER G 331 -7.34 27.95 40.92
N THR G 332 -6.58 28.46 41.89
CA THR G 332 -5.53 29.41 41.53
C THR G 332 -4.47 28.72 40.66
N ILE G 333 -4.11 27.49 41.02
CA ILE G 333 -3.15 26.76 40.23
C ILE G 333 -3.69 26.48 38.82
N ASN G 334 -4.96 26.08 38.73
CA ASN G 334 -5.58 25.80 37.43
C ASN G 334 -5.51 27.01 36.50
N HIS G 335 -5.82 28.18 37.03
CA HIS G 335 -5.74 29.41 36.25
C HIS G 335 -4.32 29.63 35.73
N ILE G 336 -3.33 29.32 36.56
CA ILE G 336 -1.96 29.45 36.09
C ILE G 336 -1.76 28.47 34.97
N GLU G 337 -2.15 27.22 35.22
CA GLU G 337 -1.94 26.12 34.28
C GLU G 337 -2.54 26.43 32.91
N HIS G 338 -3.77 26.95 32.94
CA HIS G 338 -4.51 27.18 31.71
C HIS G 338 -3.75 28.09 30.73
N ASP G 339 -3.11 29.15 31.25
CA ASP G 339 -2.50 30.15 30.38
C ASP G 339 -0.98 30.09 30.27
N ALA G 340 -0.33 29.29 31.12
CA ALA G 340 1.10 29.15 31.04
C ALA G 340 1.41 28.17 29.92
N VAL G 341 2.62 28.23 29.38
CA VAL G 341 3.03 27.26 28.38
C VAL G 341 4.33 26.62 28.80
N LYS G 342 4.68 25.53 28.14
CA LYS G 342 5.90 24.80 28.42
C LYS G 342 7.12 25.74 28.52
N VAL G 343 7.98 25.49 29.51
CA VAL G 343 9.22 26.24 29.69
C VAL G 343 10.38 25.54 28.98
N GLU G 344 11.15 26.32 28.22
CA GLU G 344 12.29 25.79 27.49
C GLU G 344 13.58 26.14 28.23
N PHE G 345 14.36 25.14 28.63
CA PHE G 345 15.60 25.41 29.32
C PHE G 345 16.79 25.50 28.39
N ALA G 346 17.58 26.56 28.54
CA ALA G 346 18.84 26.69 27.81
C ALA G 346 19.80 25.66 28.38
N GLU G 347 20.83 25.29 27.63
CA GLU G 347 21.65 24.15 28.00
C GLU G 347 22.41 24.32 29.31
N ARG G 348 22.73 25.56 29.68
CA ARG G 348 23.39 25.80 30.96
C ARG G 348 22.53 25.21 32.08
N GLU G 349 21.24 25.49 32.02
CA GLU G 349 20.28 25.00 33.01
C GLU G 349 19.98 23.51 32.86
N GLN G 350 20.00 23.01 31.63
CA GLN G 350 19.81 21.58 31.43
C GLN G 350 20.93 20.81 32.11
N LYS G 351 22.15 21.34 32.03
CA LYS G 351 23.30 20.64 32.61
C LYS G 351 23.21 20.64 34.13
N ILE G 352 22.75 21.76 34.67
CA ILE G 352 22.54 21.87 36.12
C ILE G 352 21.56 20.82 36.61
N LEU G 353 20.43 20.73 35.92
CA LEU G 353 19.41 19.74 36.26
C LEU G 353 19.98 18.33 36.17
N SER G 354 20.74 18.06 35.11
CA SER G 354 21.31 16.73 34.92
C SER G 354 22.29 16.40 36.02
N ASP G 355 23.12 17.38 36.38
CA ASP G 355 24.08 17.17 37.45
C ASP G 355 23.33 16.89 38.76
N LEU G 356 22.31 17.69 39.06
CA LEU G 356 21.55 17.47 40.32
C LEU G 356 20.80 16.13 40.36
N LYS G 357 20.21 15.70 39.25
CA LYS G 357 19.54 14.39 39.22
C LYS G 357 20.53 13.26 39.47
N GLN G 358 21.73 13.41 38.92
CA GLN G 358 22.74 12.39 39.15
C GLN G 358 23.18 12.36 40.62
N TYR G 359 23.43 13.53 41.20
CA TYR G 359 23.75 13.61 42.64
C TYR G 359 22.62 12.99 43.45
N MET G 360 21.39 13.25 43.03
CA MET G 360 20.22 12.69 43.69
C MET G 360 20.21 11.18 43.66
N HIS G 361 20.44 10.62 42.47
CA HIS G 361 20.44 9.17 42.33
C HIS G 361 21.53 8.53 43.18
N GLU G 362 22.71 9.15 43.22
CA GLU G 362 23.79 8.65 44.05
C GLU G 362 23.45 8.71 45.53
N GLY G 363 22.71 9.74 45.94
CA GLY G 363 22.30 9.86 47.32
C GLY G 363 21.32 8.78 47.79
N GLU G 364 20.68 8.09 46.84
CA GLU G 364 19.66 7.10 47.16
C GLU G 364 20.19 5.68 47.22
N GLN G 365 21.51 5.55 47.14
CA GLN G 365 22.12 4.23 47.10
C GLN G 365 22.80 3.88 48.41
N VAL G 366 22.74 2.60 48.76
CA VAL G 366 23.57 2.06 49.82
C VAL G 366 25.05 2.13 49.39
N PRO G 367 25.92 2.71 50.24
CA PRO G 367 27.36 2.86 49.96
C PRO G 367 28.05 1.54 49.56
N ALA G 368 29.11 1.64 48.75
CA ALA G 368 29.81 0.46 48.23
C ALA G 368 30.59 -0.34 49.29
N ASP G 369 31.23 0.37 50.22
CA ASP G 369 32.02 -0.28 51.26
C ASP G 369 31.15 -0.71 52.46
N TRP G 370 29.85 -0.86 52.21
CA TRP G 370 28.92 -1.23 53.28
C TRP G 370 28.87 -2.72 53.58
N LYS G 371 29.06 -3.05 54.86
CA LYS G 371 28.85 -4.41 55.38
C LYS G 371 28.28 -4.35 56.79
N SER G 372 27.27 -5.17 57.04
CA SER G 372 26.66 -5.20 58.35
C SER G 372 25.90 -6.48 58.58
N ASP G 373 25.74 -6.83 59.84
CA ASP G 373 24.90 -7.94 60.23
C ASP G 373 23.45 -7.46 60.42
N ARG G 374 23.22 -6.18 60.10
CA ARG G 374 21.88 -5.60 60.17
C ARG G 374 21.56 -4.82 58.92
N ALA G 375 20.27 -4.53 58.72
CA ALA G 375 19.84 -3.76 57.55
C ALA G 375 20.33 -2.33 57.62
N HIS G 376 20.74 -1.82 56.45
CA HIS G 376 20.93 -0.40 56.22
C HIS G 376 19.53 0.22 56.09
N PRO G 377 19.38 1.46 56.57
CA PRO G 377 18.10 2.17 56.46
C PRO G 377 17.50 2.15 55.04
N LEU G 378 18.34 2.31 54.03
CA LEU G 378 17.87 2.32 52.65
C LEU G 378 17.33 0.95 52.20
N GLU G 379 17.81 -0.12 52.82
CA GLU G 379 17.31 -1.47 52.54
C GLU G 379 15.89 -1.65 53.08
N ILE G 380 15.65 -1.13 54.28
CA ILE G 380 14.31 -1.12 54.87
C ILE G 380 13.36 -0.25 54.04
N VAL G 381 13.84 0.93 53.67
CA VAL G 381 13.05 1.83 52.82
C VAL G 381 12.70 1.15 51.50
N LYS G 382 13.72 0.66 50.80
CA LYS G 382 13.49 -0.02 49.52
C LYS G 382 12.58 -1.25 49.65
N GLU G 383 12.88 -2.15 50.58
CA GLU G 383 12.06 -3.36 50.70
C GLU G 383 10.63 -3.06 51.12
N LEU G 384 10.45 -2.07 52.01
CA LEU G 384 9.11 -1.69 52.42
C LEU G 384 8.32 -1.16 51.23
N ARG G 385 8.92 -0.23 50.49
CA ARG G 385 8.23 0.37 49.35
C ARG G 385 7.82 -0.68 48.34
N ASN G 386 8.67 -1.69 48.15
CA ASN G 386 8.43 -2.72 47.17
C ASN G 386 7.42 -3.74 47.66
N ALA G 387 7.14 -3.70 48.96
CA ALA G 387 6.20 -4.63 49.57
C ALA G 387 4.86 -3.96 49.79
N VAL G 388 4.74 -2.71 49.39
CA VAL G 388 3.53 -1.93 49.66
C VAL G 388 2.95 -1.38 48.35
N ASP G 389 1.69 -1.71 48.09
CA ASP G 389 0.98 -1.21 46.90
C ASP G 389 0.78 0.31 47.01
N ASP G 390 0.69 1.02 45.88
CA ASP G 390 0.56 2.48 45.87
C ASP G 390 -0.52 3.07 46.80
N HIS G 391 -1.66 2.39 46.88
CA HIS G 391 -2.81 2.96 47.57
C HIS G 391 -2.73 2.88 49.10
N VAL G 392 -1.84 2.03 49.61
CA VAL G 392 -1.76 1.79 51.03
C VAL G 392 -1.14 2.97 51.77
N THR G 393 -1.89 3.47 52.74
CA THR G 393 -1.43 4.56 53.57
C THR G 393 -0.33 4.08 54.51
N VAL G 394 0.76 4.82 54.51
CA VAL G 394 1.86 4.58 55.40
C VAL G 394 1.98 5.77 56.33
N THR G 395 1.91 5.53 57.64
CA THR G 395 2.11 6.59 58.61
C THR G 395 3.52 6.46 59.14
N CYS G 396 4.10 7.59 59.54
CA CYS G 396 5.48 7.66 60.00
C CYS G 396 5.61 8.43 61.30
N ASP G 397 6.52 7.98 62.17
CA ASP G 397 6.78 8.63 63.45
C ASP G 397 7.94 9.62 63.31
N ILE G 398 8.62 9.89 64.42
CA ILE G 398 9.67 10.91 64.46
C ILE G 398 10.99 10.31 64.95
N GLY G 399 12.07 10.65 64.27
CA GLY G 399 13.38 10.13 64.62
C GLY G 399 14.19 9.91 63.35
N SER G 400 15.33 9.24 63.50
CA SER G 400 16.24 8.97 62.40
C SER G 400 15.56 8.14 61.32
N HIS G 401 14.80 7.15 61.75
CA HIS G 401 14.03 6.32 60.83
C HIS G 401 13.17 7.21 59.95
N ALA G 402 12.63 8.28 60.53
CA ALA G 402 11.74 9.17 59.82
C ALA G 402 12.49 10.06 58.83
N ILE G 403 13.75 10.33 59.10
CA ILE G 403 14.55 11.09 58.14
C ILE G 403 14.79 10.25 56.88
N TRP G 404 15.12 8.97 57.05
CA TRP G 404 15.29 8.06 55.92
C TRP G 404 13.98 7.92 55.11
N MET G 405 12.87 7.76 55.81
CA MET G 405 11.57 7.66 55.17
C MET G 405 11.16 8.97 54.48
N SER G 406 11.34 10.09 55.16
CA SER G 406 10.94 11.39 54.64
C SER G 406 11.71 11.78 53.38
N ARG G 407 12.95 11.32 53.26
CA ARG G 407 13.76 11.64 52.10
C ARG G 407 13.59 10.62 50.98
N TYR G 408 13.52 9.34 51.34
CA TYR G 408 13.73 8.26 50.38
C TYR G 408 12.54 7.35 50.10
N PHE G 409 11.49 7.43 50.92
CA PHE G 409 10.29 6.62 50.67
C PHE G 409 9.38 7.28 49.66
N ARG G 410 9.37 6.75 48.44
CA ARG G 410 8.55 7.30 47.37
C ARG G 410 7.10 7.14 47.74
N SER G 411 6.28 8.11 47.36
CA SER G 411 4.83 8.02 47.52
C SER G 411 4.23 8.55 46.24
N TYR G 412 3.14 7.91 45.79
CA TYR G 412 2.63 8.23 44.46
C TYR G 412 1.17 8.64 44.45
N GLU G 413 0.57 8.71 45.64
CA GLU G 413 -0.82 9.11 45.76
C GLU G 413 -0.92 10.04 46.94
N PRO G 414 -1.81 11.05 46.84
CA PRO G 414 -2.04 11.98 47.95
C PRO G 414 -2.38 11.19 49.22
N LEU G 415 -1.87 11.65 50.36
CA LEU G 415 -2.21 11.09 51.67
C LEU G 415 -1.86 9.62 51.86
N THR G 416 -0.76 9.16 51.28
CA THR G 416 -0.35 7.78 51.52
C THR G 416 0.99 7.73 52.26
N LEU G 417 1.55 8.91 52.54
CA LEU G 417 2.69 8.97 53.46
C LEU G 417 2.47 10.13 54.43
N MET G 418 2.12 9.78 55.66
CA MET G 418 1.81 10.78 56.68
C MET G 418 2.96 11.00 57.67
N ILE G 419 3.45 12.24 57.72
CA ILE G 419 4.58 12.62 58.55
C ILE G 419 4.21 13.82 59.41
N SER G 420 4.66 13.81 60.67
CA SER G 420 4.47 14.95 61.56
C SER G 420 5.58 15.96 61.33
N ASN G 421 5.30 16.99 60.53
CA ASN G 421 6.36 17.91 60.19
C ASN G 421 6.11 19.32 60.69
N GLY G 422 5.29 19.46 61.73
CA GLY G 422 5.11 20.76 62.36
C GLY G 422 5.66 20.73 63.77
N MET G 423 5.11 19.84 64.59
CA MET G 423 5.54 19.70 65.98
C MET G 423 6.57 18.59 66.08
N GLN G 424 6.69 17.77 65.03
CA GLN G 424 7.60 16.63 65.04
C GLN G 424 7.35 15.74 66.25
N THR G 425 6.09 15.34 66.43
CA THR G 425 5.65 14.70 67.66
C THR G 425 5.87 13.18 67.69
N LEU G 426 6.62 12.70 68.69
CA LEU G 426 6.82 11.26 68.88
C LEU G 426 5.52 10.53 69.22
N GLY G 427 5.32 9.37 68.62
CA GLY G 427 4.16 8.56 68.96
C GLY G 427 2.98 8.66 68.02
N VAL G 428 3.04 9.53 67.01
CA VAL G 428 1.87 9.72 66.14
C VAL G 428 1.53 8.50 65.26
N ALA G 429 2.54 7.73 64.87
CA ALA G 429 2.41 6.77 63.78
C ALA G 429 1.32 5.72 63.98
N LEU G 430 1.42 4.96 65.07
CA LEU G 430 0.41 3.93 65.33
C LEU G 430 -1.02 4.46 65.51
N PRO G 431 -1.22 5.51 66.33
CA PRO G 431 -2.60 6.02 66.39
C PRO G 431 -3.08 6.59 65.05
N TRP G 432 -2.19 7.25 64.30
CA TRP G 432 -2.55 7.70 62.96
C TRP G 432 -3.00 6.50 62.12
N ALA G 433 -2.29 5.37 62.27
CA ALA G 433 -2.63 4.20 61.47
C ALA G 433 -4.02 3.73 61.82
N ILE G 434 -4.39 3.79 63.10
CA ILE G 434 -5.74 3.41 63.51
C ILE G 434 -6.77 4.35 62.91
N GLY G 435 -6.49 5.66 62.97
CA GLY G 435 -7.34 6.64 62.32
C GLY G 435 -7.51 6.34 60.85
N ALA G 436 -6.40 6.05 60.17
CA ALA G 436 -6.41 5.69 58.75
C ALA G 436 -7.30 4.48 58.46
N SER G 437 -7.19 3.47 59.30
CA SER G 437 -7.94 2.23 59.06
C SER G 437 -9.45 2.45 59.17
N LEU G 438 -9.87 3.40 60.01
CA LEU G 438 -11.29 3.70 60.15
C LEU G 438 -11.81 4.53 58.97
N VAL G 439 -10.93 5.35 58.38
CA VAL G 439 -11.29 6.14 57.22
C VAL G 439 -11.29 5.27 55.97
N LYS G 440 -10.45 4.25 55.97
CA LYS G 440 -10.33 3.35 54.82
C LYS G 440 -10.60 1.91 55.23
N PRO G 441 -11.86 1.60 55.52
CA PRO G 441 -12.10 0.22 55.98
C PRO G 441 -11.77 -0.79 54.88
N GLY G 442 -11.18 -1.91 55.30
CA GLY G 442 -10.76 -2.97 54.38
C GLY G 442 -9.35 -2.88 53.83
N GLU G 443 -8.63 -1.79 54.10
CA GLU G 443 -7.27 -1.65 53.60
C GLU G 443 -6.26 -1.86 54.71
N LYS G 444 -5.17 -2.53 54.37
CA LYS G 444 -4.00 -2.55 55.24
C LYS G 444 -3.51 -1.11 55.39
N VAL G 445 -2.99 -0.77 56.58
CA VAL G 445 -2.34 0.51 56.82
C VAL G 445 -1.00 0.18 57.45
N VAL G 446 0.07 0.82 56.98
CA VAL G 446 1.40 0.54 57.50
C VAL G 446 1.81 1.71 58.40
N SER G 447 2.35 1.39 59.57
CA SER G 447 2.92 2.42 60.43
C SER G 447 4.39 2.12 60.72
N VAL G 448 5.21 3.18 60.73
CA VAL G 448 6.65 3.03 60.88
C VAL G 448 7.15 3.93 62.02
N SER G 449 7.86 3.34 62.99
CA SER G 449 8.44 4.13 64.07
C SER G 449 9.82 3.63 64.48
N GLY G 450 10.49 4.39 65.33
CA GLY G 450 11.69 3.93 65.99
C GLY G 450 11.24 3.27 67.28
N ASP G 451 12.18 2.72 68.03
CA ASP G 451 11.85 2.07 69.30
C ASP G 451 11.54 3.04 70.43
N GLY G 452 12.09 4.24 70.36
CA GLY G 452 11.75 5.25 71.35
C GLY G 452 10.31 5.71 71.19
N GLY G 453 9.98 6.25 70.03
CA GLY G 453 8.63 6.75 69.81
C GLY G 453 7.56 5.68 69.91
N PHE G 454 7.91 4.43 69.60
CA PHE G 454 6.94 3.33 69.67
C PHE G 454 6.22 3.26 71.02
N LEU G 455 6.97 3.31 72.13
CA LEU G 455 6.35 3.23 73.45
C LEU G 455 5.59 4.48 73.87
N PHE G 456 5.74 5.58 73.14
CA PHE G 456 4.93 6.76 73.42
C PHE G 456 3.45 6.48 73.26
N SER G 457 3.08 5.54 72.39
CA SER G 457 1.67 5.35 72.12
C SER G 457 1.31 3.90 71.93
N ALA G 458 2.27 3.01 72.22
CA ALA G 458 2.08 1.59 71.91
C ALA G 458 0.91 0.96 72.66
N MET G 459 0.51 1.57 73.77
CA MET G 459 -0.66 1.04 74.47
C MET G 459 -1.90 1.01 73.58
N GLU G 460 -1.94 1.85 72.55
CA GLU G 460 -3.10 1.91 71.66
C GLU G 460 -3.21 0.66 70.76
N LEU G 461 -2.21 -0.20 70.83
CA LEU G 461 -2.28 -1.50 70.15
C LEU G 461 -3.49 -2.29 70.65
N GLU G 462 -3.93 -2.02 71.89
CA GLU G 462 -5.11 -2.70 72.40
C GLU G 462 -6.34 -2.27 71.59
N THR G 463 -6.40 -0.99 71.28
CA THR G 463 -7.47 -0.43 70.46
C THR G 463 -7.46 -1.06 69.07
N ALA G 464 -6.28 -1.22 68.49
CA ALA G 464 -6.19 -1.81 67.16
C ALA G 464 -6.69 -3.25 67.16
N VAL G 465 -6.31 -3.99 68.20
CA VAL G 465 -6.71 -5.38 68.30
C VAL G 465 -8.20 -5.47 68.53
N ARG G 466 -8.71 -4.59 69.40
CA ARG G 466 -10.13 -4.55 69.69
C ARG G 466 -10.95 -4.29 68.41
N LEU G 467 -10.39 -3.49 67.52
CA LEU G 467 -11.04 -3.18 66.25
C LEU G 467 -10.65 -4.15 65.13
N LYS G 468 -9.73 -5.06 65.44
CA LYS G 468 -9.19 -5.98 64.43
C LYS G 468 -8.64 -5.17 63.25
N ALA G 469 -8.08 -4.00 63.56
CA ALA G 469 -7.59 -3.13 62.51
C ALA G 469 -6.37 -3.76 61.85
N PRO G 470 -6.40 -3.84 60.51
CA PRO G 470 -5.34 -4.46 59.72
C PRO G 470 -4.11 -3.54 59.62
N ILE G 471 -3.51 -3.28 60.76
CA ILE G 471 -2.35 -2.42 60.81
C ILE G 471 -1.04 -3.21 60.87
N VAL G 472 -0.06 -2.78 60.09
CA VAL G 472 1.25 -3.41 60.08
C VAL G 472 2.26 -2.37 60.56
N HIS G 473 2.77 -2.54 61.77
CA HIS G 473 3.69 -1.56 62.36
C HIS G 473 5.13 -2.04 62.27
N ILE G 474 5.97 -1.20 61.67
CA ILE G 474 7.38 -1.50 61.49
C ILE G 474 8.19 -0.76 62.54
N VAL G 475 8.87 -1.50 63.43
CA VAL G 475 9.74 -0.86 64.41
C VAL G 475 11.20 -0.96 63.99
N TRP G 476 11.82 0.19 63.67
CA TRP G 476 13.25 0.22 63.43
C TRP G 476 13.96 0.15 64.77
N ASN G 477 14.70 -0.94 64.98
CA ASN G 477 15.27 -1.21 66.29
C ASN G 477 16.78 -0.94 66.37
N ASP G 478 17.16 0.06 67.17
CA ASP G 478 18.57 0.40 67.42
C ASP G 478 18.89 0.57 68.92
N SER G 479 17.84 0.71 69.74
CA SER G 479 17.93 0.89 71.22
C SER G 479 18.34 2.29 71.73
N THR G 480 18.24 3.30 70.88
CA THR G 480 18.58 4.66 71.29
C THR G 480 17.62 5.69 70.69
N TYR G 481 17.63 6.89 71.28
CA TYR G 481 17.04 8.07 70.67
C TYR G 481 18.05 8.59 69.66
N ASP G 482 18.16 7.93 68.51
CA ASP G 482 19.28 8.19 67.61
C ASP G 482 19.34 9.59 66.99
N MET G 483 18.18 10.11 66.58
CA MET G 483 18.15 11.43 65.92
C MET G 483 18.71 12.51 66.84
N VAL G 484 18.45 12.37 68.14
CA VAL G 484 19.03 13.24 69.14
C VAL G 484 20.52 12.94 69.26
N ALA G 485 20.85 11.66 69.28
CA ALA G 485 22.22 11.19 69.51
C ALA G 485 23.25 11.67 68.47
N PHE G 486 22.94 11.52 67.18
CA PHE G 486 23.92 11.91 66.16
C PHE G 486 24.07 13.43 66.05
N GLN G 487 23.01 14.17 66.37
CA GLN G 487 23.13 15.62 66.43
C GLN G 487 23.96 16.07 67.64
N GLN G 488 23.82 15.36 68.75
CA GLN G 488 24.64 15.59 69.95
C GLN G 488 26.12 15.32 69.64
N LEU G 489 26.38 14.26 68.88
CA LEU G 489 27.74 13.93 68.48
C LEU G 489 28.32 14.98 67.53
N LYS G 490 27.49 15.48 66.61
CA LYS G 490 27.93 16.53 65.69
C LYS G 490 28.24 17.84 66.42
N LYS G 491 27.50 18.15 67.49
CA LYS G 491 27.69 19.42 68.23
C LYS G 491 28.69 19.34 69.38
N TYR G 492 28.62 18.26 70.16
CA TYR G 492 29.31 18.19 71.43
C TYR G 492 30.33 17.05 71.49
N ASN G 493 30.30 16.20 70.47
CA ASN G 493 31.15 15.00 70.40
C ASN G 493 30.87 13.96 71.50
N ARG G 494 29.71 14.07 72.15
CA ARG G 494 29.31 13.12 73.17
C ARG G 494 27.78 13.12 73.24
N THR G 495 27.20 11.98 73.61
CA THR G 495 25.74 11.88 73.70
C THR G 495 25.28 12.07 75.15
N SER G 496 23.99 12.32 75.32
CA SER G 496 23.42 12.53 76.64
C SER G 496 21.93 12.11 76.70
N ALA G 497 21.65 11.10 77.53
CA ALA G 497 20.29 10.66 77.82
C ALA G 497 19.55 10.07 76.59
N VAL G 498 20.26 9.26 75.81
CA VAL G 498 19.69 8.69 74.60
C VAL G 498 19.51 7.19 74.68
N ASP G 499 20.01 6.61 75.77
CA ASP G 499 20.01 5.16 75.93
C ASP G 499 18.82 4.63 76.74
N PHE G 500 18.26 3.51 76.29
CA PHE G 500 17.30 2.77 77.11
C PHE G 500 17.45 1.28 76.76
N GLY G 501 16.88 0.41 77.59
CA GLY G 501 16.96 -1.01 77.34
C GLY G 501 16.01 -1.43 76.22
N ASN G 502 16.20 -2.64 75.71
CA ASN G 502 15.30 -3.16 74.69
C ASN G 502 14.16 -3.93 75.36
N ILE G 503 13.00 -3.96 74.72
CA ILE G 503 11.94 -4.87 75.14
C ILE G 503 11.85 -5.96 74.07
N ASP G 504 11.17 -7.05 74.40
CA ASP G 504 10.87 -8.04 73.37
C ASP G 504 9.64 -7.61 72.57
N ILE G 505 9.89 -7.02 71.40
CA ILE G 505 8.82 -6.47 70.57
C ILE G 505 7.80 -7.53 70.18
N VAL G 506 8.30 -8.69 69.79
CA VAL G 506 7.44 -9.83 69.45
C VAL G 506 6.49 -10.20 70.58
N LYS G 507 7.03 -10.35 71.78
CA LYS G 507 6.21 -10.72 72.94
C LYS G 507 5.30 -9.59 73.35
N TYR G 508 5.76 -8.37 73.13
CA TYR G 508 4.93 -7.22 73.41
C TYR G 508 3.66 -7.32 72.56
N ALA G 509 3.87 -7.53 71.27
CA ALA G 509 2.79 -7.65 70.31
C ALA G 509 1.85 -8.75 70.74
N GLU G 510 2.43 -9.86 71.15
CA GLU G 510 1.64 -11.03 71.52
C GLU G 510 0.81 -10.85 72.79
N SER G 511 1.36 -10.14 73.77
CA SER G 511 0.64 -9.90 75.02
C SER G 511 -0.65 -9.11 74.80
N PHE G 512 -0.73 -8.39 73.68
CA PHE G 512 -1.93 -7.63 73.35
C PHE G 512 -2.90 -8.45 72.52
N GLY G 513 -2.47 -9.66 72.14
CA GLY G 513 -3.26 -10.51 71.26
C GLY G 513 -3.01 -10.16 69.81
N ALA G 514 -1.89 -9.48 69.56
CA ALA G 514 -1.50 -9.13 68.20
C ALA G 514 -0.45 -10.11 67.69
N THR G 515 -0.09 -9.98 66.42
CA THR G 515 0.95 -10.81 65.85
C THR G 515 2.26 -10.06 65.91
N GLY G 516 3.29 -10.73 66.40
CA GLY G 516 4.63 -10.17 66.45
C GLY G 516 5.58 -10.94 65.55
N LEU G 517 6.32 -10.22 64.71
CA LEU G 517 7.31 -10.81 63.80
C LEU G 517 8.67 -10.14 63.98
N ARG G 518 9.74 -10.86 63.65
CA ARG G 518 11.09 -10.31 63.75
C ARG G 518 11.94 -10.63 62.53
N VAL G 519 12.68 -9.63 62.07
CA VAL G 519 13.68 -9.85 61.03
C VAL G 519 15.00 -10.29 61.67
N GLU G 520 15.25 -11.60 61.71
CA GLU G 520 16.39 -12.13 62.45
C GLU G 520 17.72 -11.89 61.73
N SER G 521 17.69 -11.86 60.40
CA SER G 521 18.85 -11.47 59.60
C SER G 521 18.37 -10.69 58.39
N PRO G 522 19.16 -9.70 57.94
CA PRO G 522 18.72 -8.76 56.90
C PRO G 522 18.22 -9.43 55.60
N ASP G 523 18.68 -10.64 55.34
CA ASP G 523 18.27 -11.33 54.12
C ASP G 523 16.82 -11.76 54.24
N GLN G 524 16.28 -11.68 55.46
CA GLN G 524 14.89 -12.07 55.68
C GLN G 524 13.91 -10.91 55.56
N LEU G 525 14.43 -9.72 55.26
CA LEU G 525 13.61 -8.52 55.23
C LEU G 525 12.36 -8.59 54.35
N ALA G 526 12.54 -8.90 53.06
CA ALA G 526 11.41 -8.92 52.11
C ALA G 526 10.31 -9.87 52.56
N ASP G 527 10.70 -11.07 52.99
CA ASP G 527 9.75 -12.08 53.43
C ASP G 527 8.97 -11.73 54.70
N VAL G 528 9.64 -11.17 55.70
CA VAL G 528 8.94 -10.85 56.94
C VAL G 528 7.97 -9.69 56.72
N LEU G 529 8.36 -8.74 55.87
CA LEU G 529 7.46 -7.63 55.54
C LEU G 529 6.19 -8.14 54.86
N ARG G 530 6.35 -9.05 53.90
CA ARG G 530 5.17 -9.54 53.19
C ARG G 530 4.31 -10.38 54.10
N GLN G 531 4.98 -11.15 54.95
CA GLN G 531 4.29 -11.94 55.95
C GLN G 531 3.42 -11.08 56.86
N GLY G 532 3.93 -9.91 57.25
CA GLY G 532 3.13 -8.98 58.02
C GLY G 532 1.97 -8.46 57.19
N MET G 533 2.26 -8.10 55.94
CA MET G 533 1.23 -7.63 55.02
C MET G 533 0.18 -8.69 54.76
N ASN G 534 0.52 -9.96 54.99
CA ASN G 534 -0.42 -11.06 54.73
C ASN G 534 -1.11 -11.61 55.98
N ALA G 535 -0.89 -10.96 57.12
CA ALA G 535 -1.46 -11.42 58.38
C ALA G 535 -2.82 -10.83 58.61
N GLU G 536 -3.55 -11.44 59.56
CA GLU G 536 -4.88 -10.97 59.96
C GLU G 536 -4.75 -10.24 61.29
N GLY G 537 -5.36 -9.07 61.40
CA GLY G 537 -5.25 -8.27 62.61
C GLY G 537 -3.90 -7.55 62.69
N PRO G 538 -3.74 -6.72 63.73
CA PRO G 538 -2.53 -5.90 63.88
C PRO G 538 -1.25 -6.73 63.98
N VAL G 539 -0.19 -6.25 63.33
CA VAL G 539 1.13 -6.84 63.37
C VAL G 539 2.17 -5.83 63.78
N ILE G 540 3.06 -6.23 64.68
CA ILE G 540 4.24 -5.42 64.96
C ILE G 540 5.41 -6.20 64.42
N ILE G 541 6.26 -5.50 63.68
CA ILE G 541 7.46 -6.13 63.14
C ILE G 541 8.72 -5.51 63.73
N ASP G 542 9.56 -6.35 64.32
CA ASP G 542 10.84 -5.94 64.88
C ASP G 542 11.92 -5.99 63.78
N VAL G 543 12.43 -4.81 63.41
CA VAL G 543 13.45 -4.73 62.37
C VAL G 543 14.74 -4.10 62.88
N PRO G 544 15.75 -4.95 63.16
CA PRO G 544 17.06 -4.44 63.58
C PRO G 544 17.67 -3.58 62.49
N VAL G 545 18.27 -2.45 62.85
CA VAL G 545 18.80 -1.52 61.86
C VAL G 545 20.19 -1.04 62.28
N ASP G 546 21.04 -0.76 61.30
CA ASP G 546 22.38 -0.24 61.53
C ASP G 546 22.37 1.25 61.27
N TYR G 547 22.58 2.04 62.32
CA TYR G 547 22.52 3.49 62.24
C TYR G 547 23.90 4.18 62.10
N SER G 548 24.94 3.40 61.80
CA SER G 548 26.30 3.96 61.75
C SER G 548 26.49 4.97 60.61
N ASP G 549 25.58 4.97 59.66
CA ASP G 549 25.66 5.87 58.52
C ASP G 549 24.81 7.15 58.77
N ASN G 550 24.11 7.19 59.91
CA ASN G 550 23.16 8.29 60.16
C ASN G 550 23.75 9.69 60.19
N ILE G 551 24.97 9.82 60.69
CA ILE G 551 25.60 11.13 60.81
C ILE G 551 25.71 11.80 59.43
N ASN G 552 25.75 10.98 58.38
CA ASN G 552 25.82 11.49 57.01
C ASN G 552 24.53 12.17 56.54
N LEU G 553 23.42 11.97 57.27
CA LEU G 553 22.18 12.67 56.96
C LEU G 553 22.37 14.18 57.12
N ALA G 554 23.33 14.57 57.97
CA ALA G 554 23.64 15.96 58.24
C ALA G 554 24.97 16.39 57.63
N SER G 555 25.53 15.56 56.75
CA SER G 555 26.82 15.89 56.15
C SER G 555 26.74 17.04 55.15
N ASP G 556 27.84 17.79 55.07
CA ASP G 556 27.98 18.95 54.22
CA ASP G 556 27.91 18.94 54.18
C ASP G 556 28.61 18.62 52.87
N LYS G 557 28.90 17.34 52.63
CA LYS G 557 29.62 16.89 51.43
C LYS G 557 29.03 17.35 50.10
N LEU G 558 27.74 17.09 49.91
CA LEU G 558 27.06 17.41 48.66
C LEU G 558 27.03 18.90 48.29
N PRO G 559 26.65 19.79 49.23
CA PRO G 559 26.64 21.20 48.82
C PRO G 559 28.04 21.70 48.46
N LYS G 560 29.06 21.18 49.15
CA LYS G 560 30.44 21.54 48.89
C LYS G 560 30.92 20.93 47.58
N GLU G 561 30.61 19.65 47.37
CA GLU G 561 30.94 18.93 46.16
C GLU G 561 30.35 19.63 44.94
N PHE G 562 29.08 20.03 45.05
CA PHE G 562 28.39 20.76 43.98
C PHE G 562 28.91 22.19 43.81
N GLY G 563 29.35 22.80 44.91
CA GLY G 563 29.93 24.13 44.89
C GLY G 563 31.21 24.19 44.06
N GLU G 564 32.02 23.13 44.14
CA GLU G 564 33.27 23.02 43.37
C GLU G 564 33.00 22.85 41.88
N LEU G 565 31.95 22.09 41.58
CA LEU G 565 31.53 21.80 40.22
C LEU G 565 31.05 23.07 39.52
N MET G 566 30.40 23.93 40.29
CA MET G 566 29.85 25.19 39.79
C MET G 566 30.95 26.24 39.63
N LYS G 567 32.15 25.90 40.08
CA LYS G 567 33.28 26.82 40.05
C LYS G 567 34.24 26.45 38.93
N LYS H 14 32.81 24.43 80.58
CA LYS H 14 32.20 25.38 79.64
C LYS H 14 31.52 26.54 80.40
N ASN H 15 31.17 27.60 79.66
CA ASN H 15 30.56 28.78 80.27
C ASN H 15 29.28 29.27 79.58
N ARG H 16 28.37 28.35 79.29
CA ARG H 16 27.11 28.70 78.64
C ARG H 16 25.97 28.87 79.63
N GLY H 17 24.83 29.34 79.15
CA GLY H 17 23.62 29.36 79.95
C GLY H 17 23.26 27.99 80.52
N ALA H 18 23.52 26.95 79.74
CA ALA H 18 23.27 25.56 80.19
C ALA H 18 24.02 25.21 81.48
N GLU H 19 25.27 25.66 81.58
CA GLU H 19 26.04 25.43 82.80
C GLU H 19 25.39 26.16 83.99
N LEU H 20 24.85 27.35 83.76
CA LEU H 20 24.15 28.07 84.82
C LEU H 20 22.95 27.26 85.33
N VAL H 21 22.21 26.65 84.41
CA VAL H 21 21.09 25.79 84.76
C VAL H 21 21.58 24.61 85.62
N VAL H 22 22.64 23.96 85.17
CA VAL H 22 23.18 22.84 85.92
C VAL H 22 23.72 23.27 87.29
N ASP H 23 24.35 24.45 87.35
CA ASP H 23 24.82 24.97 88.62
C ASP H 23 23.67 25.16 89.61
N CYS H 24 22.53 25.67 89.13
CA CYS H 24 21.36 25.86 89.99
C CYS H 24 20.87 24.55 90.55
N LEU H 25 20.84 23.52 89.71
CA LEU H 25 20.40 22.20 90.18
C LEU H 25 21.33 21.65 91.26
N VAL H 26 22.63 21.82 91.07
CA VAL H 26 23.61 21.39 92.06
C VAL H 26 23.37 22.11 93.38
N GLU H 27 23.25 23.42 93.31
CA GLU H 27 23.05 24.24 94.50
CA GLU H 27 23.04 24.23 94.50
C GLU H 27 21.75 23.90 95.24
N GLN H 28 20.72 23.49 94.49
CA GLN H 28 19.43 23.11 95.08
C GLN H 28 19.49 21.72 95.69
N GLY H 29 20.59 21.03 95.49
CA GLY H 29 20.75 19.69 96.02
C GLY H 29 19.92 18.67 95.26
N VAL H 30 19.70 18.89 93.97
CA VAL H 30 18.97 17.93 93.16
C VAL H 30 19.83 16.70 92.85
N THR H 31 19.32 15.49 93.12
CA THR H 31 20.10 14.29 92.78
C THR H 31 19.60 13.57 91.52
N HIS H 32 18.32 13.75 91.17
CA HIS H 32 17.78 13.11 89.98
C HIS H 32 17.04 14.07 89.09
N VAL H 33 17.33 14.00 87.80
CA VAL H 33 16.55 14.73 86.82
C VAL H 33 15.85 13.75 85.89
N PHE H 34 14.53 13.90 85.76
CA PHE H 34 13.75 13.05 84.86
C PHE H 34 13.56 13.78 83.55
N GLY H 35 13.84 13.11 82.44
CA GLY H 35 13.71 13.78 81.17
C GLY H 35 13.93 13.02 79.88
N ILE H 36 13.73 13.75 78.80
CA ILE H 36 13.90 13.26 77.45
C ILE H 36 14.53 14.42 76.66
N PRO H 37 15.68 14.17 76.03
CA PRO H 37 16.41 15.21 75.30
C PRO H 37 15.80 15.55 73.94
N GLY H 38 16.26 16.66 73.36
CA GLY H 38 15.81 17.10 72.05
C GLY H 38 16.73 18.23 71.65
N ALA H 39 16.67 18.62 70.38
CA ALA H 39 17.60 19.61 69.83
C ALA H 39 17.60 20.94 70.58
N LYS H 40 16.43 21.47 70.90
CA LYS H 40 16.38 22.80 71.52
C LYS H 40 16.99 22.88 72.92
N ILE H 41 16.89 21.79 73.68
CA ILE H 41 17.34 21.76 75.07
C ILE H 41 18.66 20.98 75.24
N ASP H 42 19.20 20.45 74.14
CA ASP H 42 20.35 19.52 74.20
C ASP H 42 21.59 20.09 74.93
N ALA H 43 21.79 21.41 74.88
CA ALA H 43 22.92 22.03 75.55
C ALA H 43 22.87 21.78 77.06
N VAL H 44 21.66 21.81 77.63
CA VAL H 44 21.50 21.51 79.05
C VAL H 44 21.86 20.06 79.37
N PHE H 45 21.40 19.15 78.52
CA PHE H 45 21.72 17.74 78.67
C PHE H 45 23.22 17.50 78.55
N ASP H 46 23.85 18.30 77.67
CA ASP H 46 25.28 18.23 77.49
C ASP H 46 26.02 18.64 78.76
N ALA H 47 25.63 19.76 79.34
CA ALA H 47 26.27 20.23 80.56
C ALA H 47 26.11 19.24 81.73
N LEU H 48 25.05 18.44 81.68
CA LEU H 48 24.81 17.44 82.72
C LEU H 48 25.77 16.24 82.63
N GLN H 49 26.52 16.16 81.53
CA GLN H 49 27.55 15.13 81.41
C GLN H 49 28.76 15.48 82.26
N ASP H 50 29.02 16.78 82.42
CA ASP H 50 30.17 17.24 83.20
C ASP H 50 29.89 17.17 84.70
N LYS H 51 28.69 17.56 85.11
CA LYS H 51 28.32 17.49 86.51
C LYS H 51 26.82 17.65 86.73
N GLY H 52 26.39 17.44 87.97
CA GLY H 52 24.99 17.60 88.29
C GLY H 52 24.30 16.28 88.58
N PRO H 53 22.98 16.37 88.78
CA PRO H 53 22.11 15.23 89.10
C PRO H 53 22.20 14.12 88.04
N GLU H 54 21.93 12.89 88.46
CA GLU H 54 21.83 11.79 87.53
C GLU H 54 20.62 11.99 86.60
N ILE H 55 20.80 11.76 85.30
CA ILE H 55 19.68 11.83 84.38
C ILE H 55 18.92 10.49 84.32
N ILE H 56 17.63 10.53 84.63
CA ILE H 56 16.79 9.35 84.47
C ILE H 56 15.98 9.53 83.18
N VAL H 57 16.32 8.75 82.15
CA VAL H 57 15.66 8.85 80.86
C VAL H 57 14.27 8.26 80.95
N ALA H 58 13.26 9.06 80.64
CA ALA H 58 11.90 8.57 80.74
C ALA H 58 11.43 8.10 79.37
N ARG H 59 10.33 7.34 79.32
CA ARG H 59 9.79 6.87 78.06
C ARG H 59 8.61 7.74 77.57
N HIS H 60 8.21 8.71 78.37
CA HIS H 60 7.23 9.73 77.98
C HIS H 60 7.33 10.92 78.96
N GLU H 61 7.28 12.15 78.47
CA GLU H 61 7.41 13.31 79.36
C GLU H 61 6.35 13.33 80.44
N GLN H 62 5.17 12.75 80.17
CA GLN H 62 4.12 12.63 81.19
C GLN H 62 4.67 11.90 82.41
N ASN H 63 5.35 10.80 82.17
CA ASN H 63 5.87 9.98 83.26
C ASN H 63 7.06 10.65 83.95
N ALA H 64 7.82 11.42 83.18
CA ALA H 64 8.88 12.25 83.74
C ALA H 64 8.30 13.27 84.74
N ALA H 65 7.17 13.86 84.38
CA ALA H 65 6.49 14.80 85.25
C ALA H 65 5.94 14.10 86.50
N PHE H 66 5.33 12.93 86.30
CA PHE H 66 4.81 12.15 87.42
C PHE H 66 5.92 11.75 88.39
N MET H 67 7.04 11.28 87.85
CA MET H 67 8.18 10.88 88.67
C MET H 67 8.67 12.08 89.47
N ALA H 68 8.73 13.23 88.83
CA ALA H 68 9.13 14.44 89.54
C ALA H 68 8.15 14.80 90.65
N GLN H 69 6.86 14.63 90.38
CA GLN H 69 5.84 14.94 91.37
C GLN H 69 6.03 14.07 92.61
N ALA H 70 6.31 12.81 92.39
CA ALA H 70 6.48 11.85 93.46
C ALA H 70 7.70 12.20 94.32
N VAL H 71 8.80 12.58 93.68
CA VAL H 71 9.99 12.94 94.43
C VAL H 71 9.70 14.19 95.25
N GLY H 72 8.96 15.12 94.66
CA GLY H 72 8.54 16.30 95.40
C GLY H 72 7.65 15.97 96.59
N ARG H 73 6.66 15.11 96.40
CA ARG H 73 5.78 14.77 97.49
C ARG H 73 6.55 14.06 98.60
N LEU H 74 7.50 13.22 98.23
CA LEU H 74 8.21 12.41 99.21
C LEU H 74 9.31 13.15 99.94
N THR H 75 9.90 14.17 99.31
CA THR H 75 11.07 14.81 99.92
C THR H 75 10.83 16.23 100.38
N GLY H 76 9.81 16.90 99.85
CA GLY H 76 9.57 18.28 100.19
C GLY H 76 10.44 19.24 99.41
N LYS H 77 11.36 18.69 98.63
CA LYS H 77 12.15 19.49 97.70
C LYS H 77 11.68 19.18 96.27
N PRO H 78 11.63 20.20 95.40
CA PRO H 78 11.02 20.07 94.07
C PRO H 78 11.66 18.96 93.24
N GLY H 79 10.80 18.09 92.69
CA GLY H 79 11.24 17.16 91.68
C GLY H 79 11.54 17.96 90.43
N VAL H 80 12.48 17.49 89.62
CA VAL H 80 12.90 18.21 88.43
C VAL H 80 12.65 17.38 87.18
N VAL H 81 11.98 18.00 86.21
CA VAL H 81 11.75 17.39 84.90
C VAL H 81 12.35 18.29 83.81
N LEU H 82 13.01 17.67 82.84
CA LEU H 82 13.77 18.42 81.82
C LEU H 82 13.38 17.94 80.43
N VAL H 83 12.85 18.84 79.60
CA VAL H 83 12.31 18.43 78.30
C VAL H 83 12.68 19.41 77.16
N THR H 84 12.47 18.98 75.92
CA THR H 84 12.75 19.84 74.78
C THR H 84 11.52 20.69 74.43
N SER H 85 11.66 21.50 73.39
CA SER H 85 10.61 22.40 72.94
C SER H 85 9.43 21.65 72.34
N GLY H 86 8.39 22.41 72.00
CA GLY H 86 7.22 21.88 71.31
C GLY H 86 6.51 20.76 72.05
N PRO H 87 6.46 19.57 71.44
CA PRO H 87 5.73 18.47 72.08
C PRO H 87 6.43 17.96 73.36
N GLY H 88 7.74 18.19 73.50
CA GLY H 88 8.40 17.88 74.76
C GLY H 88 7.74 18.65 75.89
N ALA H 89 7.58 19.96 75.71
CA ALA H 89 6.97 20.79 76.75
C ALA H 89 5.49 20.51 76.93
N SER H 90 4.76 20.47 75.81
CA SER H 90 3.32 20.32 75.90
C SER H 90 2.91 18.97 76.53
N ASN H 91 3.78 17.97 76.41
CA ASN H 91 3.56 16.69 77.09
C ASN H 91 3.66 16.78 78.62
N LEU H 92 4.07 17.93 79.15
CA LEU H 92 4.16 18.12 80.60
C LEU H 92 2.85 18.58 81.20
N ALA H 93 1.89 18.94 80.35
CA ALA H 93 0.70 19.66 80.80
C ALA H 93 -0.01 19.00 81.97
N THR H 94 -0.38 17.74 81.80
CA THR H 94 -1.14 17.06 82.82
C THR H 94 -0.34 16.81 84.10
N GLY H 95 0.92 16.40 83.95
CA GLY H 95 1.80 16.21 85.08
C GLY H 95 1.88 17.44 85.97
N LEU H 96 2.20 18.59 85.37
CA LEU H 96 2.34 19.82 86.15
C LEU H 96 1.01 20.27 86.74
N LEU H 97 -0.05 20.13 85.98
CA LEU H 97 -1.38 20.50 86.47
C LEU H 97 -1.74 19.67 87.70
N THR H 98 -1.46 18.38 87.63
CA THR H 98 -1.71 17.45 88.72
C THR H 98 -0.88 17.79 89.94
N ALA H 99 0.43 17.93 89.74
CA ALA H 99 1.29 18.35 90.82
C ALA H 99 0.81 19.70 91.36
N ASN H 100 0.36 20.59 90.47
CA ASN H 100 0.00 21.93 90.92
C ASN H 100 -1.22 22.00 91.80
N THR H 101 -2.07 20.98 91.73
CA THR H 101 -3.33 21.02 92.46
C THR H 101 -3.34 20.00 93.59
N GLU H 102 -2.23 19.29 93.75
CA GLU H 102 -2.14 18.25 94.76
C GLU H 102 -1.07 18.52 95.81
N GLY H 103 -0.50 19.74 95.77
CA GLY H 103 0.42 20.21 96.79
C GLY H 103 1.85 19.76 96.66
N ASP H 104 2.23 19.36 95.46
CA ASP H 104 3.54 18.77 95.22
C ASP H 104 4.47 19.77 94.54
N PRO H 105 5.66 20.01 95.13
CA PRO H 105 6.62 20.94 94.54
C PRO H 105 7.32 20.31 93.35
N VAL H 106 7.31 20.99 92.20
CA VAL H 106 7.96 20.50 90.97
C VAL H 106 8.53 21.67 90.18
N VAL H 107 9.76 21.52 89.70
CA VAL H 107 10.30 22.48 88.74
C VAL H 107 10.49 21.84 87.36
N ALA H 108 9.87 22.47 86.37
CA ALA H 108 9.97 22.02 85.00
C ALA H 108 10.90 22.94 84.22
N LEU H 109 11.77 22.32 83.43
CA LEU H 109 12.70 23.05 82.59
C LEU H 109 12.47 22.59 81.14
N ALA H 110 12.21 23.55 80.26
CA ALA H 110 11.88 23.22 78.88
C ALA H 110 12.59 24.11 77.88
N GLY H 111 12.88 23.55 76.71
CA GLY H 111 13.46 24.33 75.64
C GLY H 111 12.43 25.10 74.82
N ASN H 112 12.93 26.06 74.05
CA ASN H 112 12.11 26.66 73.02
C ASN H 112 12.99 27.06 71.85
N VAL H 113 12.36 27.51 70.77
CA VAL H 113 13.15 27.93 69.61
C VAL H 113 13.90 29.21 69.95
N ILE H 114 14.91 29.53 69.14
CA ILE H 114 15.70 30.74 69.34
C ILE H 114 14.84 32.00 69.38
N ARG H 115 15.30 33.00 70.13
CA ARG H 115 14.56 34.24 70.33
C ARG H 115 14.16 34.94 69.04
N ALA H 116 15.06 34.92 68.05
CA ALA H 116 14.84 35.62 66.78
C ALA H 116 13.66 35.02 66.00
N ASP H 117 13.39 33.74 66.25
CA ASP H 117 12.35 33.02 65.53
C ASP H 117 11.11 32.72 66.38
N ARG H 118 11.03 33.37 67.55
CA ARG H 118 9.99 33.02 68.55
C ARG H 118 8.57 33.30 68.08
N LEU H 119 8.41 34.18 67.08
CA LEU H 119 7.08 34.51 66.62
C LEU H 119 6.70 33.68 65.38
N LYS H 120 7.61 32.83 64.91
CA LYS H 120 7.47 32.23 63.58
C LYS H 120 6.76 30.88 63.59
N ARG H 121 6.20 30.51 62.44
CA ARG H 121 5.79 29.14 62.24
C ARG H 121 7.08 28.39 61.94
N THR H 122 7.63 27.76 62.97
CA THR H 122 8.91 27.07 62.87
C THR H 122 8.83 25.84 63.76
N HIS H 123 9.65 24.84 63.47
CA HIS H 123 9.57 23.57 64.19
C HIS H 123 9.49 23.75 65.71
N GLN H 124 8.45 23.14 66.28
CA GLN H 124 8.27 23.03 67.73
C GLN H 124 8.19 24.36 68.50
N SER H 125 7.73 25.44 67.87
CA SER H 125 7.63 26.71 68.56
C SER H 125 6.22 26.95 69.07
N LEU H 126 6.11 27.40 70.32
CA LEU H 126 4.83 27.88 70.83
C LEU H 126 5.10 28.86 71.95
N ASP H 127 4.05 29.50 72.45
CA ASP H 127 4.22 30.35 73.61
C ASP H 127 4.23 29.47 74.87
N ASN H 128 5.41 28.93 75.20
CA ASN H 128 5.54 28.00 76.32
C ASN H 128 4.95 28.54 77.64
N ALA H 129 5.33 29.76 77.98
CA ALA H 129 4.90 30.34 79.22
C ALA H 129 3.39 30.50 79.25
N ALA H 130 2.82 30.91 78.12
CA ALA H 130 1.38 31.14 78.07
C ALA H 130 0.64 29.83 78.27
N LEU H 131 1.17 28.75 77.72
CA LEU H 131 0.55 27.45 77.90
C LEU H 131 0.53 27.03 79.36
N PHE H 132 1.62 27.26 80.07
CA PHE H 132 1.69 26.77 81.43
C PHE H 132 1.15 27.73 82.47
N GLN H 133 0.89 28.96 82.06
CA GLN H 133 0.34 29.98 82.95
C GLN H 133 -0.88 29.56 83.79
N PRO H 134 -1.90 28.91 83.18
CA PRO H 134 -3.11 28.55 83.95
C PRO H 134 -2.96 27.32 84.82
N ILE H 135 -1.84 26.61 84.70
CA ILE H 135 -1.74 25.32 85.38
C ILE H 135 -0.53 25.22 86.29
N THR H 136 0.11 26.37 86.57
CA THR H 136 1.29 26.41 87.43
C THR H 136 1.20 27.64 88.34
N LYS H 137 2.03 27.66 89.37
CA LYS H 137 2.17 28.86 90.23
C LYS H 137 3.01 29.94 89.57
N TYR H 138 3.84 29.51 88.61
CA TYR H 138 4.93 30.34 88.10
C TYR H 138 5.29 29.78 86.76
N SER H 139 5.17 30.59 85.71
CA SER H 139 5.40 30.16 84.33
C SER H 139 6.12 31.27 83.61
N VAL H 140 7.39 31.05 83.25
CA VAL H 140 8.20 32.13 82.71
C VAL H 140 9.11 31.64 81.59
N GLU H 141 9.48 32.57 80.71
CA GLU H 141 10.48 32.26 79.72
C GLU H 141 11.62 33.23 79.89
N VAL H 142 12.85 32.71 79.92
CA VAL H 142 14.02 33.55 80.12
C VAL H 142 14.50 34.13 78.79
N GLN H 143 14.65 35.44 78.72
CA GLN H 143 15.00 36.05 77.42
C GLN H 143 16.38 36.70 77.40
N ASP H 144 17.14 36.49 78.46
CA ASP H 144 18.52 36.98 78.55
C ASP H 144 19.30 36.00 79.40
N VAL H 145 20.46 35.57 78.89
CA VAL H 145 21.24 34.56 79.58
C VAL H 145 21.57 34.95 81.04
N LYS H 146 21.71 36.24 81.33
CA LYS H 146 22.02 36.70 82.69
C LYS H 146 20.93 36.35 83.71
N ASN H 147 19.71 36.25 83.23
CA ASN H 147 18.56 36.09 84.10
C ASN H 147 18.33 34.63 84.53
N ILE H 148 19.07 33.71 83.93
CA ILE H 148 18.91 32.28 84.24
C ILE H 148 18.96 31.91 85.72
N PRO H 149 20.04 32.31 86.43
CA PRO H 149 20.13 31.89 87.84
C PRO H 149 19.01 32.48 88.70
N GLU H 150 18.58 33.69 88.38
CA GLU H 150 17.46 34.31 89.09
C GLU H 150 16.15 33.59 88.80
N ALA H 151 15.90 33.35 87.51
CA ALA H 151 14.64 32.74 87.12
C ALA H 151 14.48 31.34 87.70
N VAL H 152 15.55 30.55 87.65
CA VAL H 152 15.48 29.19 88.13
C VAL H 152 15.37 29.14 89.66
N THR H 153 16.19 29.94 90.36
CA THR H 153 16.16 29.94 91.82
C THR H 153 14.80 30.37 92.36
N ASN H 154 14.21 31.41 91.76
CA ASN H 154 12.86 31.79 92.13
C ASN H 154 11.84 30.70 91.86
N ALA H 155 12.03 29.95 90.77
CA ALA H 155 11.14 28.84 90.47
C ALA H 155 11.20 27.81 91.59
N PHE H 156 12.41 27.49 92.05
CA PHE H 156 12.52 26.53 93.16
C PHE H 156 11.83 27.02 94.44
N ARG H 157 12.05 28.28 94.78
CA ARG H 157 11.47 28.81 96.01
C ARG H 157 9.96 28.84 95.93
N ILE H 158 9.45 29.31 94.80
CA ILE H 158 7.99 29.40 94.63
C ILE H 158 7.32 28.03 94.58
N ALA H 159 7.98 27.04 93.97
CA ALA H 159 7.42 25.68 93.97
C ALA H 159 7.28 25.10 95.38
N SER H 160 8.21 25.45 96.26
CA SER H 160 8.27 24.90 97.61
C SER H 160 7.38 25.64 98.59
N ALA H 161 7.24 26.94 98.38
CA ALA H 161 6.55 27.80 99.36
C ALA H 161 5.07 27.44 99.44
N GLY H 162 4.50 27.47 100.64
CA GLY H 162 3.11 27.08 100.83
C GLY H 162 2.20 28.01 100.06
N GLN H 163 1.20 27.47 99.38
CA GLN H 163 1.02 26.04 99.20
C GLN H 163 1.87 25.55 98.01
N ALA H 164 2.59 24.47 98.22
CA ALA H 164 3.56 24.00 97.22
C ALA H 164 2.87 23.62 95.90
N GLY H 165 3.58 23.80 94.79
CA GLY H 165 3.03 23.42 93.50
C GLY H 165 4.05 23.39 92.38
N ALA H 166 3.58 23.61 91.15
CA ALA H 166 4.42 23.49 89.96
C ALA H 166 4.95 24.84 89.50
N ALA H 167 6.22 24.87 89.08
CA ALA H 167 6.84 26.05 88.51
C ALA H 167 7.47 25.66 87.18
N PHE H 168 7.34 26.50 86.15
CA PHE H 168 7.79 26.16 84.78
C PHE H 168 8.70 27.24 84.24
N VAL H 169 9.87 26.82 83.73
CA VAL H 169 10.85 27.76 83.18
C VAL H 169 11.25 27.36 81.78
N SER H 170 11.04 28.26 80.82
CA SER H 170 11.33 27.95 79.42
C SER H 170 12.61 28.62 78.99
N PHE H 171 13.40 27.90 78.20
CA PHE H 171 14.66 28.45 77.70
C PHE H 171 14.80 28.41 76.18
N PRO H 172 14.78 29.60 75.56
CA PRO H 172 15.11 29.66 74.12
C PRO H 172 16.49 29.07 73.87
N GLN H 173 16.63 28.27 72.80
CA GLN H 173 17.87 27.55 72.48
C GLN H 173 19.12 28.45 72.45
N ASP H 174 19.01 29.64 71.87
CA ASP H 174 20.19 30.49 71.83
C ASP H 174 20.57 30.96 73.24
N VAL H 175 19.58 31.06 74.13
CA VAL H 175 19.84 31.49 75.51
C VAL H 175 20.69 30.47 76.28
N VAL H 176 20.34 29.19 76.17
CA VAL H 176 21.13 28.14 76.84
C VAL H 176 22.45 27.77 76.17
N ASN H 177 22.62 28.14 74.90
CA ASN H 177 23.89 27.90 74.22
C ASN H 177 24.85 29.09 74.35
N GLU H 178 24.34 30.24 74.78
CA GLU H 178 25.14 31.44 74.77
C GLU H 178 26.24 31.40 75.82
N VAL H 179 27.45 31.74 75.41
CA VAL H 179 28.59 31.82 76.33
C VAL H 179 28.43 33.11 77.12
N THR H 180 28.67 33.03 78.43
CA THR H 180 28.45 34.19 79.31
C THR H 180 29.35 34.10 80.55
N ASN H 181 29.70 35.25 81.12
CA ASN H 181 30.44 35.24 82.38
C ASN H 181 29.55 35.60 83.58
N THR H 182 28.23 35.47 83.39
CA THR H 182 27.25 35.67 84.45
C THR H 182 27.59 34.78 85.65
N LYS H 183 27.49 35.33 86.84
CA LYS H 183 27.80 34.58 88.06
C LYS H 183 26.52 33.90 88.51
N ASN H 184 26.64 32.75 89.18
CA ASN H 184 25.45 32.15 89.75
C ASN H 184 24.99 32.86 91.03
N VAL H 185 23.78 32.56 91.49
CA VAL H 185 23.29 33.10 92.75
C VAL H 185 23.21 32.02 93.80
N ARG H 186 23.15 32.42 95.07
CA ARG H 186 23.02 31.44 96.13
C ARG H 186 21.60 30.84 96.15
N ALA H 187 21.50 29.54 96.43
CA ALA H 187 20.19 28.91 96.54
C ALA H 187 19.54 29.27 97.86
N VAL H 188 19.01 30.47 97.97
CA VAL H 188 18.41 30.94 99.21
C VAL H 188 17.14 30.11 99.52
N ALA H 189 17.20 29.35 100.62
CA ALA H 189 16.15 28.40 100.93
C ALA H 189 14.87 29.11 101.24
N ALA H 190 13.77 28.57 100.72
CA ALA H 190 12.47 29.09 101.08
C ALA H 190 12.35 28.92 102.61
N PRO H 191 12.09 30.03 103.30
CA PRO H 191 12.02 30.09 104.77
C PRO H 191 10.65 29.70 105.31
N LYS H 192 10.61 29.05 106.47
CA LYS H 192 9.30 28.77 107.04
C LYS H 192 8.69 29.96 107.78
N LEU H 193 7.37 30.03 107.76
CA LEU H 193 6.64 31.03 108.52
C LEU H 193 6.73 30.66 110.00
N GLY H 194 6.41 31.62 110.86
CA GLY H 194 6.23 31.31 112.28
C GLY H 194 4.84 30.73 112.45
N PRO H 195 4.51 30.29 113.68
CA PRO H 195 3.17 29.75 113.97
C PRO H 195 2.10 30.82 113.86
N ALA H 196 0.83 30.41 113.87
CA ALA H 196 -0.25 31.38 113.85
C ALA H 196 -0.17 32.28 115.07
N ALA H 197 -0.80 33.45 114.98
CA ALA H 197 -0.79 34.42 116.08
C ALA H 197 -1.34 33.84 117.38
N ASP H 198 -0.74 34.27 118.49
CA ASP H 198 -1.13 33.77 119.82
C ASP H 198 -2.60 33.92 120.19
N ASP H 199 -3.20 35.08 119.91
CA ASP H 199 -4.58 35.28 120.33
C ASP H 199 -5.48 34.33 119.53
N ALA H 200 -5.09 34.06 118.29
CA ALA H 200 -5.81 33.09 117.47
C ALA H 200 -5.65 31.65 117.99
N ILE H 201 -4.44 31.29 118.44
CA ILE H 201 -4.23 29.97 119.05
C ILE H 201 -5.12 29.80 120.30
N SER H 202 -5.15 30.85 121.13
CA SER H 202 -5.95 30.84 122.36
C SER H 202 -7.42 30.63 122.07
N ALA H 203 -7.92 31.35 121.07
CA ALA H 203 -9.33 31.24 120.69
C ALA H 203 -9.68 29.84 120.24
N ALA H 204 -8.75 29.17 119.56
CA ALA H 204 -8.98 27.80 119.08
C ALA H 204 -9.12 26.83 120.27
N ILE H 205 -8.21 26.96 121.22
CA ILE H 205 -8.24 26.14 122.43
C ILE H 205 -9.57 26.28 123.17
N ALA H 206 -9.96 27.53 123.39
CA ALA H 206 -11.23 27.82 124.05
C ALA H 206 -12.39 27.21 123.28
N LYS H 207 -12.35 27.32 121.94
CA LYS H 207 -13.42 26.72 121.12
C LYS H 207 -13.41 25.22 121.29
N ILE H 208 -12.22 24.64 121.39
CA ILE H 208 -12.10 23.20 121.54
C ILE H 208 -12.52 22.75 122.94
N GLN H 209 -12.02 23.41 123.97
CA GLN H 209 -12.34 23.01 125.34
C GLN H 209 -13.82 23.11 125.68
N THR H 210 -14.50 24.03 125.00
CA THR H 210 -15.91 24.36 125.23
C THR H 210 -16.87 23.47 124.43
N ALA H 211 -16.32 22.62 123.56
CA ALA H 211 -17.16 21.84 122.62
C ALA H 211 -17.80 20.59 123.21
N LYS H 212 -19.02 20.27 122.75
CA LYS H 212 -19.69 18.99 123.06
C LYS H 212 -19.03 17.85 122.32
N LEU H 213 -18.67 18.12 121.06
CA LEU H 213 -18.07 17.14 120.17
C LEU H 213 -17.13 17.84 119.20
N PRO H 214 -15.90 18.11 119.67
CA PRO H 214 -14.86 18.69 118.82
C PRO H 214 -14.31 17.56 117.95
N VAL H 215 -14.02 17.85 116.68
CA VAL H 215 -13.53 16.82 115.75
C VAL H 215 -12.40 17.40 114.90
N VAL H 216 -11.41 16.57 114.58
CA VAL H 216 -10.32 17.03 113.74
C VAL H 216 -10.45 16.47 112.33
N LEU H 217 -10.42 17.37 111.33
CA LEU H 217 -10.40 16.95 109.92
C LEU H 217 -8.99 17.18 109.40
N VAL H 218 -8.26 16.11 109.17
CA VAL H 218 -6.88 16.22 108.69
C VAL H 218 -6.87 16.25 107.18
N GLY H 219 -6.36 17.34 106.60
CA GLY H 219 -6.34 17.48 105.15
C GLY H 219 -4.98 17.36 104.50
N MET H 220 -4.92 17.77 103.23
CA MET H 220 -3.75 17.60 102.38
C MET H 220 -2.42 17.97 103.06
N LYS H 221 -2.35 19.17 103.62
CA LYS H 221 -1.07 19.57 104.22
C LYS H 221 -0.91 19.08 105.66
N GLY H 222 -1.89 18.35 106.16
CA GLY H 222 -1.75 17.69 107.45
C GLY H 222 -1.02 16.38 107.26
N GLY H 223 -0.81 15.99 106.00
CA GLY H 223 -0.17 14.74 105.68
C GLY H 223 1.35 14.82 105.56
N ARG H 224 1.92 16.01 105.68
CA ARG H 224 3.38 16.13 105.72
C ARG H 224 3.86 15.52 107.05
N PRO H 225 5.05 14.92 107.02
CA PRO H 225 5.60 14.22 108.20
C PRO H 225 5.58 15.06 109.48
N GLU H 226 6.08 16.29 109.42
CA GLU H 226 6.11 17.11 110.63
C GLU H 226 4.71 17.44 111.15
N ALA H 227 3.74 17.55 110.24
CA ALA H 227 2.37 17.81 110.63
C ALA H 227 1.71 16.55 111.23
N ILE H 228 1.98 15.39 110.64
CA ILE H 228 1.45 14.15 111.21
C ILE H 228 2.03 13.91 112.62
N LYS H 229 3.33 14.15 112.79
CA LYS H 229 3.98 14.05 114.09
C LYS H 229 3.26 14.91 115.14
N ALA H 230 2.98 16.16 114.77
CA ALA H 230 2.29 17.08 115.66
C ALA H 230 0.83 16.73 115.87
N VAL H 231 0.15 16.35 114.79
CA VAL H 231 -1.25 16.02 114.87
C VAL H 231 -1.43 14.87 115.85
N ARG H 232 -0.55 13.88 115.75
CA ARG H 232 -0.58 12.71 116.62
C ARG H 232 -0.52 13.09 118.11
N LYS H 233 0.43 13.96 118.47
CA LYS H 233 0.53 14.42 119.85
C LYS H 233 -0.75 15.08 120.30
N LEU H 234 -1.30 15.93 119.44
CA LEU H 234 -2.53 16.64 119.72
C LEU H 234 -3.69 15.66 119.94
N LEU H 235 -3.80 14.67 119.05
CA LEU H 235 -4.86 13.67 119.13
C LEU H 235 -4.77 12.81 120.41
N LYS H 236 -3.55 12.42 120.77
CA LYS H 236 -3.35 11.60 121.96
C LYS H 236 -3.61 12.34 123.28
N LYS H 237 -3.10 13.56 123.39
CA LYS H 237 -3.28 14.36 124.60
C LYS H 237 -4.72 14.81 124.80
N VAL H 238 -5.33 15.32 123.74
CA VAL H 238 -6.66 15.93 123.85
C VAL H 238 -7.79 14.92 123.68
N GLN H 239 -7.44 13.78 123.06
CA GLN H 239 -8.38 12.68 122.81
CA GLN H 239 -8.41 12.69 122.85
C GLN H 239 -9.52 13.03 121.85
N LEU H 240 -9.19 13.80 120.81
CA LEU H 240 -10.15 14.18 119.79
C LEU H 240 -10.37 13.05 118.81
N PRO H 241 -11.63 12.81 118.45
CA PRO H 241 -11.88 11.93 117.30
C PRO H 241 -11.37 12.63 116.04
N PHE H 242 -10.96 11.86 115.02
CA PHE H 242 -10.47 12.49 113.80
C PHE H 242 -10.84 11.73 112.53
N VAL H 243 -10.70 12.45 111.42
CA VAL H 243 -10.98 11.91 110.11
C VAL H 243 -9.82 12.36 109.17
N GLU H 244 -9.52 11.57 108.13
CA GLU H 244 -8.51 11.91 107.12
C GLU H 244 -9.14 12.16 105.74
N THR H 245 -8.57 13.09 104.97
CA THR H 245 -8.80 13.10 103.51
C THR H 245 -7.88 12.04 102.92
N TYR H 246 -8.00 11.75 101.63
CA TYR H 246 -7.20 10.66 101.06
C TYR H 246 -5.70 10.95 101.13
N GLN H 247 -5.32 12.20 100.95
CA GLN H 247 -3.90 12.57 100.98
C GLN H 247 -3.40 12.84 102.41
N ALA H 248 -4.30 12.67 103.38
CA ALA H 248 -3.91 12.72 104.79
C ALA H 248 -3.68 11.32 105.31
N ALA H 249 -3.73 10.35 104.41
CA ALA H 249 -3.43 8.95 104.74
C ALA H 249 -2.05 8.88 105.38
N GLY H 250 -1.94 8.10 106.45
CA GLY H 250 -0.68 7.97 107.17
C GLY H 250 -0.66 8.78 108.44
N THR H 251 -1.70 9.59 108.65
CA THR H 251 -1.85 10.38 109.88
C THR H 251 -2.11 9.41 111.04
N LEU H 252 -2.96 8.43 110.78
CA LEU H 252 -3.27 7.36 111.70
C LEU H 252 -2.00 6.63 112.16
N SER H 253 -1.97 6.24 113.44
CA SER H 253 -1.00 5.30 113.96
C SER H 253 -1.82 4.16 114.53
N ARG H 254 -1.20 3.00 114.72
CA ARG H 254 -1.93 1.87 115.25
C ARG H 254 -2.51 2.18 116.65
N ASP H 255 -1.85 3.09 117.38
CA ASP H 255 -2.34 3.53 118.70
C ASP H 255 -3.61 4.36 118.64
N LEU H 256 -3.93 4.89 117.47
CA LEU H 256 -5.01 5.87 117.36
C LEU H 256 -6.24 5.30 116.66
N GLU H 257 -6.18 4.00 116.38
CA GLU H 257 -7.26 3.32 115.67
C GLU H 257 -8.61 3.59 116.32
N ASP H 258 -8.60 3.74 117.65
CA ASP H 258 -9.81 3.94 118.45
C ASP H 258 -10.44 5.33 118.31
N GLN H 259 -9.66 6.31 117.85
CA GLN H 259 -10.18 7.66 117.66
C GLN H 259 -10.45 7.93 116.19
N TYR H 260 -10.29 6.89 115.37
CA TYR H 260 -10.26 7.05 113.93
C TYR H 260 -11.60 6.77 113.25
N PHE H 261 -12.11 7.76 112.52
CA PHE H 261 -13.38 7.60 111.85
C PHE H 261 -13.28 7.55 110.31
N GLY H 262 -12.09 7.19 109.81
CA GLY H 262 -11.90 6.82 108.42
C GLY H 262 -11.53 7.95 107.47
N ARG H 263 -11.60 7.66 106.17
CA ARG H 263 -11.26 8.67 105.15
C ARG H 263 -12.51 9.18 104.45
N ILE H 264 -12.70 10.49 104.48
CA ILE H 264 -13.86 11.07 103.82
C ILE H 264 -13.51 11.38 102.38
N GLY H 265 -14.52 11.46 101.52
CA GLY H 265 -14.28 11.75 100.12
C GLY H 265 -15.24 11.13 99.15
N LEU H 266 -15.32 11.74 97.97
CA LEU H 266 -16.07 11.23 96.83
C LEU H 266 -17.58 11.27 97.01
N PHE H 267 -18.11 10.39 97.85
CA PHE H 267 -19.55 10.31 98.08
C PHE H 267 -19.86 10.52 99.55
N ARG H 268 -20.89 11.31 99.84
CA ARG H 268 -21.22 11.57 101.24
C ARG H 268 -22.02 10.44 101.84
N ASN H 269 -21.34 9.36 102.23
CA ASN H 269 -22.01 8.19 102.77
C ASN H 269 -21.15 7.39 103.76
N GLN H 270 -20.16 8.05 104.34
CA GLN H 270 -19.20 7.40 105.21
C GLN H 270 -19.37 7.79 106.68
N PRO H 271 -18.88 6.93 107.61
CA PRO H 271 -18.94 7.23 109.04
C PRO H 271 -18.33 8.58 109.35
N GLY H 272 -17.28 8.95 108.64
CA GLY H 272 -16.64 10.25 108.82
C GLY H 272 -17.55 11.43 108.51
N ASP H 273 -18.41 11.29 107.51
CA ASP H 273 -19.38 12.33 107.20
C ASP H 273 -20.39 12.53 108.33
N LEU H 274 -20.88 11.41 108.86
CA LEU H 274 -21.89 11.46 109.91
C LEU H 274 -21.28 12.07 111.16
N LEU H 275 -20.01 11.76 111.40
CA LEU H 275 -19.29 12.34 112.53
C LEU H 275 -19.23 13.86 112.40
N LEU H 276 -18.80 14.33 111.24
CA LEU H 276 -18.66 15.76 111.00
C LEU H 276 -19.96 16.47 111.18
N GLU H 277 -21.05 15.82 110.75
CA GLU H 277 -22.39 16.36 110.92
C GLU H 277 -22.73 16.46 112.41
N GLN H 278 -22.32 15.46 113.20
CA GLN H 278 -22.58 15.50 114.63
C GLN H 278 -21.63 16.48 115.35
N ALA H 279 -20.52 16.84 114.73
CA ALA H 279 -19.57 17.74 115.38
C ALA H 279 -20.14 19.14 115.56
N ASP H 280 -19.81 19.80 116.67
CA ASP H 280 -20.21 21.19 116.83
C ASP H 280 -19.01 22.10 116.57
N VAL H 281 -17.82 21.50 116.64
CA VAL H 281 -16.59 22.21 116.34
C VAL H 281 -15.72 21.32 115.48
N VAL H 282 -15.23 21.87 114.36
CA VAL H 282 -14.31 21.14 113.51
C VAL H 282 -13.00 21.91 113.35
N LEU H 283 -11.89 21.27 113.70
CA LEU H 283 -10.58 21.84 113.41
C LEU H 283 -10.06 21.21 112.11
N THR H 284 -9.96 22.00 111.04
CA THR H 284 -9.39 21.48 109.80
C THR H 284 -7.92 21.83 109.75
N ILE H 285 -7.12 20.90 109.26
CA ILE H 285 -5.66 21.08 109.22
C ILE H 285 -5.07 20.85 107.82
N GLY H 286 -4.53 21.91 107.24
CA GLY H 286 -4.00 21.84 105.89
C GLY H 286 -5.04 21.34 104.90
N TYR H 287 -6.27 21.81 105.08
CA TYR H 287 -7.40 21.33 104.28
C TYR H 287 -7.53 22.09 102.95
N ASP H 288 -7.17 21.44 101.86
CA ASP H 288 -7.42 21.95 100.52
C ASP H 288 -8.72 21.29 100.08
N PRO H 289 -9.78 22.09 99.88
CA PRO H 289 -11.11 21.51 99.64
C PRO H 289 -11.21 20.71 98.37
N ILE H 290 -10.18 20.77 97.52
CA ILE H 290 -10.18 20.02 96.28
C ILE H 290 -10.41 18.55 96.54
N GLU H 291 -9.95 18.07 97.70
CA GLU H 291 -10.05 16.65 98.07
C GLU H 291 -11.46 16.20 98.41
N TYR H 292 -12.29 17.15 98.86
CA TYR H 292 -13.67 16.86 99.24
C TYR H 292 -14.37 18.17 99.53
N ASP H 293 -15.24 18.61 98.61
CA ASP H 293 -15.86 19.91 98.75
C ASP H 293 -16.66 20.01 100.05
N PRO H 294 -16.50 21.14 100.75
CA PRO H 294 -17.22 21.33 102.01
C PRO H 294 -18.75 21.26 101.83
N LYS H 295 -19.28 21.45 100.62
CA LYS H 295 -20.73 21.35 100.45
C LYS H 295 -21.24 19.94 100.72
N PHE H 296 -20.34 18.98 100.75
CA PHE H 296 -20.70 17.61 101.02
C PHE H 296 -20.79 17.28 102.51
N TRP H 297 -19.87 17.81 103.32
CA TRP H 297 -19.85 17.43 104.74
C TRP H 297 -20.38 18.48 105.70
N ASN H 298 -20.16 19.75 105.38
CA ASN H 298 -20.55 20.84 106.26
C ASN H 298 -22.00 21.26 106.05
N ILE H 299 -22.92 20.36 106.38
CA ILE H 299 -24.33 20.57 106.11
C ILE H 299 -25.21 20.40 107.36
N ASN H 300 -26.50 20.13 107.12
CA ASN H 300 -27.55 19.94 108.15
C ASN H 300 -27.25 20.44 109.57
N GLY H 301 -26.99 21.73 109.71
CA GLY H 301 -26.75 22.29 111.02
C GLY H 301 -25.62 23.31 111.05
N ASP H 302 -25.70 24.25 111.99
CA ASP H 302 -24.58 25.17 112.22
C ASP H 302 -23.51 24.48 113.04
N ARG H 303 -22.25 24.72 112.67
CA ARG H 303 -21.14 24.17 113.42
C ARG H 303 -19.94 25.09 113.26
N THR H 304 -19.10 25.16 114.29
CA THR H 304 -17.93 26.03 114.25
C THR H 304 -16.77 25.45 113.45
N ILE H 305 -16.24 26.26 112.54
CA ILE H 305 -15.13 25.84 111.71
C ILE H 305 -13.86 26.60 112.08
N ILE H 306 -12.82 25.86 112.44
CA ILE H 306 -11.50 26.43 112.69
C ILE H 306 -10.55 26.00 111.58
N HIS H 307 -10.09 26.98 110.81
CA HIS H 307 -9.27 26.69 109.67
C HIS H 307 -7.80 26.90 109.99
N LEU H 308 -7.05 25.80 110.08
CA LEU H 308 -5.62 25.83 110.37
C LEU H 308 -4.84 25.45 109.12
N ASP H 309 -4.03 26.37 108.62
CA ASP H 309 -3.36 26.14 107.36
C ASP H 309 -2.22 27.11 107.13
N GLU H 310 -1.39 26.81 106.13
CA GLU H 310 -0.22 27.63 105.81
C GLU H 310 -0.63 28.83 104.92
N ILE H 311 -1.82 28.75 104.34
CA ILE H 311 -2.42 29.84 103.55
C ILE H 311 -3.86 30.05 103.99
N ILE H 312 -4.42 31.20 103.65
CA ILE H 312 -5.80 31.51 104.04
C ILE H 312 -6.82 30.61 103.36
N ALA H 313 -8.01 30.52 103.94
CA ALA H 313 -9.06 29.67 103.39
C ALA H 313 -9.70 30.29 102.14
N ASP H 314 -10.24 29.43 101.28
CA ASP H 314 -11.19 29.82 100.24
C ASP H 314 -12.55 29.92 100.92
N ILE H 315 -13.26 31.02 100.73
CA ILE H 315 -14.62 31.14 101.28
C ILE H 315 -15.64 30.48 100.35
N ASP H 316 -16.47 29.61 100.92
CA ASP H 316 -17.43 28.82 100.14
C ASP H 316 -18.77 28.99 100.85
N HIS H 317 -19.87 28.79 100.14
CA HIS H 317 -21.19 28.80 100.79
C HIS H 317 -21.13 27.89 102.01
N ALA H 318 -20.48 26.74 101.84
CA ALA H 318 -20.40 25.69 102.85
C ALA H 318 -19.08 25.70 103.63
N TYR H 319 -18.36 26.81 103.61
CA TYR H 319 -17.10 26.92 104.32
C TYR H 319 -16.78 28.38 104.64
N GLN H 320 -17.25 28.84 105.79
CA GLN H 320 -17.02 30.20 106.24
C GLN H 320 -16.44 30.05 107.64
N PRO H 321 -15.10 29.96 107.71
CA PRO H 321 -14.38 29.69 108.96
C PRO H 321 -14.66 30.75 110.03
N ASP H 322 -14.92 30.31 111.26
CA ASP H 322 -15.11 31.25 112.36
C ASP H 322 -13.76 31.71 112.87
N LEU H 323 -12.74 30.90 112.61
CA LEU H 323 -11.41 31.19 113.15
C LEU H 323 -10.37 30.72 112.14
N GLU H 324 -9.39 31.57 111.86
CA GLU H 324 -8.31 31.22 110.93
C GLU H 324 -6.94 31.27 111.60
N LEU H 325 -6.26 30.14 111.63
CA LEU H 325 -4.92 30.09 112.17
C LEU H 325 -3.93 29.87 111.02
N ILE H 326 -3.39 30.96 110.51
CA ILE H 326 -2.53 30.88 109.35
C ILE H 326 -1.07 31.00 109.76
N GLY H 327 -0.27 30.01 109.37
CA GLY H 327 1.13 29.98 109.73
C GLY H 327 1.72 28.61 109.50
N ASP H 328 2.95 28.40 109.95
CA ASP H 328 3.57 27.09 109.86
C ASP H 328 2.67 26.08 110.54
N ILE H 329 2.30 25.02 109.83
CA ILE H 329 1.28 24.10 110.35
C ILE H 329 1.72 23.31 111.59
N PRO H 330 2.91 22.68 111.57
CA PRO H 330 3.30 21.94 112.79
C PRO H 330 3.51 22.80 114.06
N SER H 331 4.16 23.95 113.95
CA SER H 331 4.39 24.79 115.12
C SER H 331 3.07 25.24 115.73
N THR H 332 2.10 25.58 114.88
CA THR H 332 0.77 26.01 115.34
C THR H 332 0.04 24.88 116.06
N ILE H 333 0.13 23.67 115.52
CA ILE H 333 -0.46 22.51 116.17
C ILE H 333 0.18 22.31 117.56
N ASN H 334 1.51 22.43 117.63
CA ASN H 334 2.26 22.28 118.89
C ASN H 334 1.82 23.24 119.97
N HIS H 335 1.61 24.49 119.58
CA HIS H 335 1.12 25.50 120.49
C HIS H 335 -0.26 25.14 121.03
N ILE H 336 -1.11 24.59 120.17
CA ILE H 336 -2.45 24.20 120.59
C ILE H 336 -2.35 23.06 121.57
N GLU H 337 -1.59 22.04 121.17
CA GLU H 337 -1.37 20.83 121.98
C GLU H 337 -0.82 21.15 123.37
N HIS H 338 0.14 22.06 123.42
CA HIS H 338 0.80 22.40 124.66
C HIS H 338 -0.18 22.87 125.72
N ASP H 339 -1.11 23.73 125.34
CA ASP H 339 -1.97 24.38 126.30
C ASP H 339 -3.40 23.84 126.36
N ALA H 340 -3.74 22.95 125.43
CA ALA H 340 -5.04 22.30 125.44
C ALA H 340 -5.03 21.14 126.44
N VAL H 341 -6.20 20.74 126.91
CA VAL H 341 -6.28 19.57 127.79
C VAL H 341 -7.30 18.57 127.25
N LYS H 342 -7.25 17.36 127.79
CA LYS H 342 -8.17 16.30 127.41
C LYS H 342 -9.63 16.77 127.42
N VAL H 343 -10.36 16.40 126.39
CA VAL H 343 -11.78 16.73 126.29
C VAL H 343 -12.58 15.60 126.89
N GLU H 344 -13.59 15.94 127.69
CA GLU H 344 -14.44 14.93 128.32
C GLU H 344 -15.77 14.78 127.61
N PHE H 345 -16.05 13.60 127.07
CA PHE H 345 -17.30 13.39 126.34
C PHE H 345 -18.44 12.93 127.25
N ALA H 346 -19.57 13.62 127.15
CA ALA H 346 -20.78 13.25 127.85
C ALA H 346 -21.37 11.99 127.22
N GLU H 347 -22.28 11.32 127.91
CA GLU H 347 -22.77 10.03 127.45
C GLU H 347 -23.46 10.07 126.09
N ARG H 348 -24.15 11.17 125.79
CA ARG H 348 -24.83 11.28 124.51
C ARG H 348 -23.81 11.17 123.38
N GLU H 349 -22.73 11.91 123.54
CA GLU H 349 -21.70 11.94 122.53
C GLU H 349 -20.88 10.67 122.51
N GLN H 350 -20.66 10.05 123.66
CA GLN H 350 -19.94 8.79 123.69
C GLN H 350 -20.68 7.72 122.91
N LYS H 351 -22.01 7.73 123.00
CA LYS H 351 -22.80 6.74 122.29
C LYS H 351 -22.71 6.96 120.78
N ILE H 352 -22.74 8.22 120.36
CA ILE H 352 -22.59 8.58 118.96
C ILE H 352 -21.26 8.05 118.41
N LEU H 353 -20.17 8.32 119.14
CA LEU H 353 -18.87 7.83 118.75
C LEU H 353 -18.87 6.30 118.65
N SER H 354 -19.47 5.65 119.65
CA SER H 354 -19.52 4.19 119.69
C SER H 354 -20.31 3.60 118.52
N ASP H 355 -21.44 4.21 118.23
CA ASP H 355 -22.26 3.76 117.12
C ASP H 355 -21.54 3.94 115.78
N LEU H 356 -20.97 5.14 115.56
CA LEU H 356 -20.31 5.43 114.28
C LEU H 356 -19.12 4.53 114.07
N LYS H 357 -18.38 4.29 115.15
CA LYS H 357 -17.24 3.38 115.09
C LYS H 357 -17.74 1.97 114.77
N GLN H 358 -18.91 1.62 115.28
CA GLN H 358 -19.48 0.32 114.96
C GLN H 358 -19.93 0.23 113.52
N TYR H 359 -20.63 1.28 113.05
CA TYR H 359 -20.99 1.35 111.63
C TYR H 359 -19.75 1.30 110.76
N MET H 360 -18.68 1.96 111.21
CA MET H 360 -17.42 1.94 110.47
C MET H 360 -16.88 0.52 110.32
N HIS H 361 -16.88 -0.22 111.42
CA HIS H 361 -16.37 -1.58 111.40
C HIS H 361 -17.17 -2.47 110.46
N GLU H 362 -18.48 -2.31 110.49
CA GLU H 362 -19.34 -3.10 109.62
C GLU H 362 -19.09 -2.79 108.15
N GLY H 363 -18.84 -1.51 107.85
CA GLY H 363 -18.57 -1.07 106.49
C GLY H 363 -17.27 -1.59 105.89
N GLU H 364 -16.35 -2.06 106.72
CA GLU H 364 -15.05 -2.53 106.22
C GLU H 364 -15.01 -4.02 105.99
N GLN H 365 -16.17 -4.66 106.09
CA GLN H 365 -16.24 -6.12 105.99
C GLN H 365 -16.83 -6.61 104.65
N VAL H 366 -16.32 -7.74 104.16
CA VAL H 366 -16.98 -8.38 103.03
C VAL H 366 -18.40 -8.79 103.41
N PRO H 367 -19.37 -8.39 102.57
CA PRO H 367 -20.79 -8.66 102.76
C PRO H 367 -21.02 -10.14 103.03
N ALA H 368 -22.07 -10.47 103.78
CA ALA H 368 -22.33 -11.85 104.20
C ALA H 368 -22.78 -12.78 103.08
N ASP H 369 -23.63 -12.27 102.19
CA ASP H 369 -24.17 -13.07 101.07
C ASP H 369 -23.23 -13.07 99.86
N TRP H 370 -21.95 -12.79 100.10
CA TRP H 370 -20.99 -12.68 99.00
C TRP H 370 -20.51 -14.02 98.48
N LYS H 371 -20.66 -14.23 97.17
CA LYS H 371 -20.06 -15.37 96.49
C LYS H 371 -19.60 -14.94 95.09
N SER H 372 -18.37 -15.35 94.76
CA SER H 372 -17.77 -15.01 93.49
C SER H 372 -16.58 -15.93 93.19
N ASP H 373 -16.28 -16.12 91.91
CA ASP H 373 -15.10 -16.88 91.50
C ASP H 373 -13.88 -15.97 91.44
N ARG H 374 -14.07 -14.73 91.85
CA ARG H 374 -13.02 -13.70 91.87
C ARG H 374 -12.94 -13.06 93.26
N ALA H 375 -11.84 -12.37 93.53
CA ALA H 375 -11.67 -11.71 94.82
C ALA H 375 -12.62 -10.52 95.01
N HIS H 376 -13.16 -10.39 96.22
CA HIS H 376 -13.81 -9.14 96.59
C HIS H 376 -12.73 -8.06 96.79
N PRO H 377 -13.04 -6.81 96.39
CA PRO H 377 -12.12 -5.67 96.58
C PRO H 377 -11.54 -5.55 98.00
N LEU H 378 -12.36 -5.78 99.02
CA LEU H 378 -11.88 -5.71 100.39
C LEU H 378 -10.89 -6.84 100.72
N GLU H 379 -11.02 -7.98 100.03
CA GLU H 379 -10.07 -9.06 100.24
C GLU H 379 -8.71 -8.67 99.69
N ILE H 380 -8.71 -8.04 98.52
CA ILE H 380 -7.47 -7.59 97.91
C ILE H 380 -6.82 -6.56 98.81
N VAL H 381 -7.62 -5.61 99.29
CA VAL H 381 -7.10 -4.58 100.18
C VAL H 381 -6.50 -5.18 101.45
N LYS H 382 -7.27 -5.96 102.19
CA LYS H 382 -6.78 -6.57 103.41
C LYS H 382 -5.55 -7.46 103.16
N GLU H 383 -5.61 -8.32 102.15
CA GLU H 383 -4.44 -9.15 101.85
C GLU H 383 -3.23 -8.32 101.46
N LEU H 384 -3.44 -7.25 100.68
CA LEU H 384 -2.30 -6.40 100.31
C LEU H 384 -1.74 -5.77 101.56
N ARG H 385 -2.63 -5.20 102.38
CA ARG H 385 -2.19 -4.53 103.59
C ARG H 385 -1.45 -5.49 104.49
N ASN H 386 -1.91 -6.73 104.54
CA ASN H 386 -1.31 -7.70 105.42
C ASN H 386 0.04 -8.20 104.90
N ALA H 387 0.31 -8.00 103.61
CA ALA H 387 1.54 -8.52 103.00
C ALA H 387 2.62 -7.47 102.87
N VAL H 388 2.31 -6.25 103.30
CA VAL H 388 3.21 -5.13 103.09
C VAL H 388 3.52 -4.47 104.42
N ASP H 389 4.80 -4.35 104.73
CA ASP H 389 5.21 -3.71 105.96
C ASP H 389 4.77 -2.25 105.99
N ASP H 390 4.43 -1.78 107.18
CA ASP H 390 3.95 -0.42 107.43
C ASP H 390 4.82 0.69 106.79
N HIS H 391 6.14 0.49 106.76
CA HIS H 391 7.06 1.50 106.25
C HIS H 391 7.13 1.53 104.70
N VAL H 392 6.66 0.48 104.05
CA VAL H 392 6.73 0.42 102.58
C VAL H 392 5.79 1.43 101.92
N THR H 393 6.33 2.20 100.99
CA THR H 393 5.55 3.17 100.24
C THR H 393 4.59 2.48 99.27
N VAL H 394 3.31 2.86 99.33
CA VAL H 394 2.31 2.31 98.42
C VAL H 394 1.71 3.44 97.56
N THR H 395 1.81 3.34 96.23
CA THR H 395 1.21 4.36 95.36
C THR H 395 -0.06 3.80 94.74
N CYS H 396 -1.04 4.66 94.50
CA CYS H 396 -2.34 4.24 93.99
C CYS H 396 -2.75 5.03 92.73
N ASP H 397 -3.41 4.35 91.81
CA ASP H 397 -3.90 4.99 90.59
C ASP H 397 -5.33 5.51 90.78
N ILE H 398 -6.07 5.57 89.69
CA ILE H 398 -7.40 6.17 89.75
C ILE H 398 -8.42 5.20 89.16
N GLY H 399 -9.58 5.08 89.81
CA GLY H 399 -10.61 4.16 89.35
C GLY H 399 -11.34 3.57 90.54
N SER H 400 -12.19 2.57 90.28
CA SER H 400 -12.97 1.99 91.36
C SER H 400 -12.07 1.37 92.41
N HIS H 401 -11.01 0.71 91.97
CA HIS H 401 -10.02 0.15 92.88
C HIS H 401 -9.52 1.25 93.82
N ALA H 402 -9.36 2.47 93.31
CA ALA H 402 -8.79 3.53 94.12
C ALA H 402 -9.75 4.00 95.19
N ILE H 403 -11.05 3.86 94.94
CA ILE H 403 -12.04 4.19 95.97
C ILE H 403 -11.90 3.19 97.11
N TRP H 404 -11.80 1.90 96.77
CA TRP H 404 -11.60 0.86 97.76
C TRP H 404 -10.32 1.08 98.55
N MET H 405 -9.24 1.39 97.83
CA MET H 405 -7.97 1.68 98.48
C MET H 405 -8.02 2.95 99.35
N SER H 406 -8.61 4.02 98.81
CA SER H 406 -8.62 5.29 99.52
C SER H 406 -9.38 5.23 100.82
N ARG H 407 -10.41 4.39 100.86
CA ARG H 407 -11.26 4.28 102.03
C ARG H 407 -10.76 3.24 103.03
N TYR H 408 -10.25 2.13 102.51
CA TYR H 408 -10.09 0.94 103.34
C TYR H 408 -8.65 0.47 103.53
N PHE H 409 -7.73 0.98 102.72
CA PHE H 409 -6.33 0.60 102.91
C PHE H 409 -5.75 1.45 104.02
N ARG H 410 -5.58 0.84 105.19
CA ARG H 410 -4.98 1.53 106.33
C ARG H 410 -3.56 1.89 105.99
N SER H 411 -3.11 3.04 106.50
CA SER H 411 -1.72 3.50 106.40
C SER H 411 -1.31 4.02 107.79
N TYR H 412 -0.07 3.78 108.20
CA TYR H 412 0.32 4.11 109.57
C TYR H 412 1.56 4.98 109.67
N GLU H 413 2.10 5.38 108.53
CA GLU H 413 3.30 6.22 108.52
C GLU H 413 3.11 7.27 107.45
N PRO H 414 3.67 8.47 107.67
CA PRO H 414 3.57 9.56 106.68
C PRO H 414 4.11 9.15 105.32
N LEU H 415 3.41 9.55 104.27
CA LEU H 415 3.87 9.37 102.89
C LEU H 415 4.05 7.91 102.49
N THR H 416 3.19 7.03 103.00
CA THR H 416 3.25 5.60 102.63
C THR H 416 2.04 5.15 101.81
N LEU H 417 1.08 6.05 101.62
CA LEU H 417 -0.04 5.80 100.71
C LEU H 417 -0.30 7.06 99.90
N MET H 418 0.09 7.02 98.62
CA MET H 418 -0.01 8.17 97.73
C MET H 418 -1.18 8.03 96.74
N ILE H 419 -2.08 9.00 96.78
CA ILE H 419 -3.26 9.04 95.95
C ILE H 419 -3.34 10.38 95.23
N SER H 420 -3.78 10.36 93.97
CA SER H 420 -4.02 11.59 93.23
C SER H 420 -5.40 12.12 93.58
N ASN H 421 -5.48 13.04 94.54
CA ASN H 421 -6.80 13.48 94.96
C ASN H 421 -7.10 14.94 94.65
N GLY H 422 -6.43 15.48 93.64
CA GLY H 422 -6.76 16.79 93.11
C GLY H 422 -7.27 16.69 91.67
N MET H 423 -6.43 16.12 90.80
CA MET H 423 -6.78 15.97 89.40
C MET H 423 -7.35 14.57 89.11
N GLN H 424 -7.15 13.63 90.04
CA GLN H 424 -7.60 12.25 89.85
C GLN H 424 -7.04 11.67 88.55
N THR H 425 -5.72 11.78 88.41
CA THR H 425 -5.08 11.49 87.13
C THR H 425 -4.76 10.00 86.95
N LEU H 426 -5.31 9.41 85.89
CA LEU H 426 -5.03 8.02 85.51
C LEU H 426 -3.59 7.82 85.12
N GLY H 427 -2.98 6.73 85.57
CA GLY H 427 -1.62 6.42 85.17
C GLY H 427 -0.51 6.85 86.11
N VAL H 428 -0.86 7.57 87.19
CA VAL H 428 0.18 8.06 88.11
C VAL H 428 0.93 6.96 88.87
N ALA H 429 0.26 5.84 89.12
CA ALA H 429 0.76 4.85 90.09
C ALA H 429 2.18 4.32 89.82
N LEU H 430 2.37 3.68 88.68
CA LEU H 430 3.68 3.12 88.34
C LEU H 430 4.80 4.18 88.27
N PRO H 431 4.58 5.30 87.55
CA PRO H 431 5.65 6.30 87.60
C PRO H 431 5.91 6.87 89.01
N TRP H 432 4.86 7.07 89.81
CA TRP H 432 5.08 7.47 91.19
C TRP H 432 5.95 6.45 91.95
N ALA H 433 5.71 5.16 91.72
CA ALA H 433 6.48 4.12 92.40
C ALA H 433 7.95 4.16 92.01
N ILE H 434 8.21 4.47 90.74
CA ILE H 434 9.59 4.59 90.27
C ILE H 434 10.30 5.78 90.91
N GLY H 435 9.64 6.93 90.96
CA GLY H 435 10.18 8.09 91.66
C GLY H 435 10.45 7.73 93.10
N ALA H 436 9.47 7.09 93.73
CA ALA H 436 9.63 6.64 95.10
C ALA H 436 10.82 5.69 95.27
N SER H 437 11.01 4.76 94.34
CA SER H 437 12.08 3.80 94.53
C SER H 437 13.44 4.50 94.53
N LEU H 438 13.55 5.64 93.84
CA LEU H 438 14.79 6.40 93.78
C LEU H 438 15.07 7.23 95.06
N VAL H 439 13.98 7.63 95.71
CA VAL H 439 13.99 8.34 96.99
C VAL H 439 14.22 7.35 98.13
N LYS H 440 13.83 6.10 97.91
CA LYS H 440 13.99 5.07 98.92
C LYS H 440 14.77 3.88 98.39
N PRO H 441 16.08 4.06 98.19
CA PRO H 441 16.91 2.97 97.66
C PRO H 441 16.93 1.78 98.62
N GLY H 442 16.88 0.57 98.08
CA GLY H 442 16.92 -0.61 98.92
C GLY H 442 15.60 -1.08 99.48
N GLU H 443 14.54 -0.30 99.25
CA GLU H 443 13.22 -0.65 99.76
C GLU H 443 12.25 -1.03 98.63
N LYS H 444 11.41 -2.02 98.88
CA LYS H 444 10.31 -2.31 97.98
C LYS H 444 9.35 -1.11 97.91
N VAL H 445 8.76 -0.90 96.74
CA VAL H 445 7.67 0.06 96.58
C VAL H 445 6.51 -0.66 95.90
N VAL H 446 5.29 -0.44 96.40
CA VAL H 446 4.12 -1.08 95.82
C VAL H 446 3.30 -0.06 95.02
N SER H 447 2.84 -0.44 93.83
CA SER H 447 1.94 0.41 93.05
C SER H 447 0.65 -0.36 92.73
N VAL H 448 -0.46 0.37 92.72
CA VAL H 448 -1.76 -0.25 92.52
C VAL H 448 -2.56 0.51 91.45
N SER H 449 -3.07 -0.22 90.45
CA SER H 449 -3.88 0.43 89.42
C SER H 449 -5.02 -0.48 89.00
N GLY H 450 -5.94 0.05 88.19
CA GLY H 450 -6.90 -0.78 87.49
C GLY H 450 -6.29 -1.15 86.16
N ASP H 451 -6.96 -1.97 85.35
CA ASP H 451 -6.36 -2.33 84.06
C ASP H 451 -6.42 -1.16 83.07
N GLY H 452 -7.41 -0.28 83.22
CA GLY H 452 -7.52 0.88 82.35
C GLY H 452 -6.36 1.84 82.57
N GLY H 453 -6.23 2.34 83.79
CA GLY H 453 -5.18 3.29 84.10
C GLY H 453 -3.77 2.76 83.91
N PHE H 454 -3.62 1.44 84.02
CA PHE H 454 -2.31 0.80 83.83
C PHE H 454 -1.68 1.17 82.48
N LEU H 455 -2.47 1.06 81.40
CA LEU H 455 -1.92 1.33 80.06
C LEU H 455 -1.60 2.80 79.76
N PHE H 456 -2.09 3.72 80.58
CA PHE H 456 -1.71 5.14 80.45
C PHE H 456 -0.21 5.38 80.62
N SER H 457 0.45 4.54 81.43
CA SER H 457 1.85 4.79 81.79
C SER H 457 2.67 3.50 81.91
N ALA H 458 2.10 2.39 81.45
CA ALA H 458 2.78 1.11 81.60
C ALA H 458 4.08 1.02 80.79
N MET H 459 4.23 1.86 79.76
CA MET H 459 5.46 1.87 78.97
C MET H 459 6.67 2.17 79.85
N GLU H 460 6.42 2.82 80.99
CA GLU H 460 7.49 3.18 81.90
C GLU H 460 8.06 1.99 82.68
N LEU H 461 7.49 0.80 82.47
CA LEU H 461 8.04 -0.43 83.04
C LEU H 461 9.47 -0.69 82.55
N GLU H 462 9.79 -0.17 81.36
CA GLU H 462 11.14 -0.30 80.81
C GLU H 462 12.11 0.47 81.68
N THR H 463 11.70 1.65 82.13
CA THR H 463 12.50 2.45 83.03
C THR H 463 12.75 1.72 84.35
N ALA H 464 11.69 1.13 84.91
CA ALA H 464 11.80 0.39 86.16
C ALA H 464 12.75 -0.80 86.04
N VAL H 465 12.65 -1.54 84.94
CA VAL H 465 13.51 -2.69 84.70
C VAL H 465 14.94 -2.24 84.47
N ARG H 466 15.10 -1.16 83.70
CA ARG H 466 16.40 -0.56 83.44
C ARG H 466 17.12 -0.15 84.74
N LEU H 467 16.34 0.26 85.75
CA LEU H 467 16.87 0.68 87.04
C LEU H 467 16.93 -0.47 88.04
N LYS H 468 16.37 -1.62 87.66
CA LYS H 468 16.25 -2.76 88.56
C LYS H 468 15.50 -2.37 89.83
N ALA H 469 14.50 -1.50 89.69
CA ALA H 469 13.71 -1.04 90.84
C ALA H 469 12.84 -2.18 91.40
N PRO H 470 12.87 -2.34 92.74
CA PRO H 470 12.09 -3.37 93.43
C PRO H 470 10.62 -2.99 93.57
N ILE H 471 9.98 -2.77 92.43
CA ILE H 471 8.58 -2.37 92.41
C ILE H 471 7.66 -3.56 92.23
N VAL H 472 6.57 -3.58 92.98
CA VAL H 472 5.54 -4.61 92.86
C VAL H 472 4.23 -3.93 92.46
N HIS H 473 3.80 -4.11 91.21
CA HIS H 473 2.60 -3.42 90.70
C HIS H 473 1.40 -4.36 90.67
N ILE H 474 0.32 -3.95 91.33
CA ILE H 474 -0.88 -4.76 91.41
C ILE H 474 -1.91 -4.27 90.42
N VAL H 475 -2.28 -5.11 89.47
CA VAL H 475 -3.34 -4.69 88.54
C VAL H 475 -4.72 -5.31 88.90
N TRP H 476 -5.66 -4.47 89.32
CA TRP H 476 -7.03 -4.94 89.53
C TRP H 476 -7.69 -5.09 88.16
N ASN H 477 -8.06 -6.32 87.84
CA ASN H 477 -8.54 -6.67 86.49
C ASN H 477 -10.04 -6.92 86.38
N ASP H 478 -10.75 -6.08 85.62
CA ASP H 478 -12.18 -6.27 85.35
C ASP H 478 -12.56 -6.09 83.87
N SER H 479 -11.67 -5.44 83.10
CA SER H 479 -11.88 -5.16 81.66
C SER H 479 -12.80 -3.99 81.29
N THR H 480 -13.01 -3.06 82.22
CA THR H 480 -13.81 -1.86 81.94
C THR H 480 -13.24 -0.58 82.60
N TYR H 481 -13.70 0.58 82.13
CA TYR H 481 -13.51 1.82 82.90
C TYR H 481 -14.61 1.85 83.96
N ASP H 482 -14.41 1.07 85.03
CA ASP H 482 -15.49 0.80 85.97
C ASP H 482 -16.02 1.99 86.80
N MET H 483 -15.12 2.85 87.31
CA MET H 483 -15.57 3.96 88.15
C MET H 483 -16.55 4.82 87.37
N VAL H 484 -16.29 4.97 86.07
CA VAL H 484 -17.20 5.67 85.19
C VAL H 484 -18.47 4.84 84.98
N ALA H 485 -18.28 3.54 84.77
CA ALA H 485 -19.39 2.65 84.44
C ALA H 485 -20.51 2.59 85.49
N PHE H 486 -20.17 2.45 86.78
CA PHE H 486 -21.22 2.35 87.81
C PHE H 486 -21.91 3.70 88.10
N GLN H 487 -21.20 4.81 87.90
CA GLN H 487 -21.82 6.13 88.02
C GLN H 487 -22.79 6.42 86.86
N GLN H 488 -22.45 5.91 85.68
CA GLN H 488 -23.31 6.01 84.50
C GLN H 488 -24.60 5.22 84.71
N LEU H 489 -24.46 4.03 85.30
CA LEU H 489 -25.61 3.18 85.60
C LEU H 489 -26.52 3.82 86.65
N LYS H 490 -25.91 4.46 87.67
CA LYS H 490 -26.68 5.14 88.71
C LYS H 490 -27.44 6.33 88.13
N LYS H 491 -26.86 6.99 87.13
CA LYS H 491 -27.50 8.16 86.53
C LYS H 491 -28.38 7.80 85.34
N TYR H 492 -27.90 6.91 84.47
CA TYR H 492 -28.51 6.71 83.15
C TYR H 492 -29.05 5.30 82.92
N ASN H 493 -28.77 4.39 83.85
CA ASN H 493 -29.14 2.97 83.71
C ASN H 493 -28.53 2.30 82.48
N ARG H 494 -27.46 2.91 81.96
CA ARG H 494 -26.70 2.37 80.84
C ARG H 494 -25.28 2.91 80.92
N THR H 495 -24.33 2.13 80.40
CA THR H 495 -22.94 2.59 80.33
C THR H 495 -22.67 3.09 78.93
N SER H 496 -21.54 3.77 78.78
CA SER H 496 -21.16 4.31 77.50
C SER H 496 -19.64 4.39 77.44
N ALA H 497 -19.06 3.67 76.48
CA ALA H 497 -17.65 3.79 76.19
C ALA H 497 -16.72 3.41 77.37
N VAL H 498 -17.05 2.34 78.09
CA VAL H 498 -16.25 1.94 79.24
C VAL H 498 -15.53 0.61 79.02
N ASP H 499 -15.87 -0.06 77.92
CA ASP H 499 -15.36 -1.41 77.66
C ASP H 499 -14.15 -1.40 76.75
N PHE H 500 -13.17 -2.23 77.09
CA PHE H 500 -12.02 -2.47 76.23
C PHE H 500 -11.60 -3.92 76.38
N GLY H 501 -10.78 -4.40 75.45
CA GLY H 501 -10.31 -5.77 75.48
C GLY H 501 -9.26 -5.98 76.55
N ASN H 502 -8.97 -7.23 76.86
CA ASN H 502 -7.96 -7.59 77.84
C ASN H 502 -6.58 -7.77 77.20
N ILE H 503 -5.52 -7.49 77.95
CA ILE H 503 -4.18 -7.90 77.54
C ILE H 503 -3.69 -9.00 78.48
N ASP H 504 -2.68 -9.76 78.08
CA ASP H 504 -2.05 -10.71 78.99
C ASP H 504 -1.02 -9.99 79.85
N ILE H 505 -1.43 -9.68 81.09
CA ILE H 505 -0.61 -8.89 81.99
C ILE H 505 0.73 -9.54 82.30
N VAL H 506 0.70 -10.84 82.56
CA VAL H 506 1.90 -11.65 82.80
C VAL H 506 2.87 -11.57 81.63
N LYS H 507 2.34 -11.74 80.42
CA LYS H 507 3.18 -11.65 79.25
C LYS H 507 3.62 -10.21 78.95
N TYR H 508 2.80 -9.25 79.31
CA TYR H 508 3.21 -7.85 79.15
C TYR H 508 4.47 -7.61 80.00
N ALA H 509 4.40 -8.00 81.27
CA ALA H 509 5.54 -7.80 82.17
C ALA H 509 6.76 -8.51 81.63
N GLU H 510 6.57 -9.76 81.18
CA GLU H 510 7.71 -10.54 80.71
C GLU H 510 8.36 -9.93 79.47
N SER H 511 7.55 -9.29 78.62
CA SER H 511 8.12 -8.68 77.41
C SER H 511 9.08 -7.56 77.74
N PHE H 512 8.93 -6.97 78.93
CA PHE H 512 9.83 -5.90 79.39
C PHE H 512 11.02 -6.44 80.18
N GLY H 513 11.03 -7.74 80.44
CA GLY H 513 12.10 -8.31 81.26
C GLY H 513 11.75 -8.17 82.72
N ALA H 514 10.45 -7.96 82.99
CA ALA H 514 9.95 -7.90 84.35
C ALA H 514 9.30 -9.23 84.72
N THR H 515 8.94 -9.40 86.00
CA THR H 515 8.26 -10.61 86.43
C THR H 515 6.76 -10.41 86.45
N GLY H 516 6.03 -11.37 85.86
CA GLY H 516 4.58 -11.31 85.84
C GLY H 516 3.97 -12.41 86.66
N LEU H 517 3.03 -12.05 87.52
CA LEU H 517 2.36 -13.06 88.32
C LEU H 517 0.86 -12.95 88.14
N ARG H 518 0.15 -14.06 88.32
CA ARG H 518 -1.29 -13.99 88.26
C ARG H 518 -1.95 -14.77 89.38
N VAL H 519 -2.93 -14.14 90.01
CA VAL H 519 -3.76 -14.80 90.99
C VAL H 519 -4.85 -15.58 90.24
N GLU H 520 -4.61 -16.88 90.06
CA GLU H 520 -5.49 -17.72 89.25
C GLU H 520 -6.81 -18.03 89.97
N SER H 521 -6.76 -18.06 91.31
CA SER H 521 -7.97 -18.17 92.13
C SER H 521 -7.83 -17.30 93.38
N PRO H 522 -8.96 -16.77 93.87
CA PRO H 522 -8.89 -15.82 94.99
C PRO H 522 -8.13 -16.37 96.20
N ASP H 523 -8.09 -17.69 96.37
CA ASP H 523 -7.44 -18.28 97.54
C ASP H 523 -5.92 -18.19 97.49
N GLN H 524 -5.34 -17.97 96.32
CA GLN H 524 -3.89 -17.86 96.24
C GLN H 524 -3.40 -16.41 96.31
N LEU H 525 -4.34 -15.49 96.54
CA LEU H 525 -4.02 -14.06 96.68
C LEU H 525 -2.90 -13.76 97.69
N ALA H 526 -3.04 -14.23 98.92
CA ALA H 526 -2.02 -13.98 99.93
C ALA H 526 -0.67 -14.52 99.46
N ASP H 527 -0.69 -15.74 98.94
CA ASP H 527 0.53 -16.40 98.50
C ASP H 527 1.24 -15.64 97.38
N VAL H 528 0.47 -15.19 96.39
CA VAL H 528 1.03 -14.48 95.24
C VAL H 528 1.58 -13.11 95.62
N LEU H 529 0.87 -12.41 96.52
CA LEU H 529 1.33 -11.11 97.00
C LEU H 529 2.69 -11.24 97.70
N ARG H 530 2.84 -12.26 98.56
CA ARG H 530 4.12 -12.48 99.24
C ARG H 530 5.21 -12.85 98.26
N GLN H 531 4.85 -13.67 97.28
CA GLN H 531 5.79 -14.01 96.22
C GLN H 531 6.28 -12.75 95.49
N GLY H 532 5.35 -11.83 95.24
CA GLY H 532 5.71 -10.57 94.60
C GLY H 532 6.61 -9.75 95.49
N MET H 533 6.29 -9.68 96.78
CA MET H 533 7.10 -8.89 97.70
C MET H 533 8.52 -9.43 97.84
N ASN H 534 8.71 -10.69 97.49
CA ASN H 534 10.01 -11.32 97.69
C ASN H 534 10.80 -11.50 96.43
N ALA H 535 10.30 -10.96 95.33
CA ALA H 535 10.97 -11.13 94.06
C ALA H 535 12.05 -10.08 93.85
N GLU H 536 12.94 -10.36 92.90
CA GLU H 536 14.00 -9.46 92.49
C GLU H 536 13.59 -8.72 91.23
N GLY H 537 13.74 -7.40 91.24
CA GLY H 537 13.31 -6.58 90.13
C GLY H 537 11.80 -6.36 90.09
N PRO H 538 11.36 -5.55 89.13
CA PRO H 538 9.95 -5.18 89.01
C PRO H 538 9.03 -6.40 88.86
N VAL H 539 7.88 -6.37 89.54
CA VAL H 539 6.87 -7.41 89.44
C VAL H 539 5.53 -6.81 89.03
N ILE H 540 4.84 -7.44 88.08
CA ILE H 540 3.46 -7.06 87.80
C ILE H 540 2.60 -8.23 88.21
N ILE H 541 1.58 -7.95 89.00
CA ILE H 541 0.68 -9.00 89.46
C ILE H 541 -0.71 -8.77 88.88
N ASP H 542 -1.22 -9.78 88.17
CA ASP H 542 -2.56 -9.73 87.60
C ASP H 542 -3.56 -10.21 88.63
N VAL H 543 -4.44 -9.32 89.10
CA VAL H 543 -5.42 -9.71 90.12
C VAL H 543 -6.86 -9.49 89.65
N PRO H 544 -7.52 -10.59 89.24
CA PRO H 544 -8.93 -10.51 88.82
C PRO H 544 -9.82 -10.09 90.00
N VAL H 545 -10.78 -9.23 89.73
CA VAL H 545 -11.62 -8.68 90.78
C VAL H 545 -13.10 -8.69 90.35
N ASP H 546 -14.00 -8.83 91.31
CA ASP H 546 -15.44 -8.80 91.07
C ASP H 546 -15.97 -7.43 91.48
N TYR H 547 -16.48 -6.67 90.53
CA TYR H 547 -16.89 -5.28 90.79
C TYR H 547 -18.39 -5.12 91.01
N SER H 548 -19.09 -6.23 91.21
CA SER H 548 -20.55 -6.22 91.34
C SER H 548 -21.06 -5.52 92.61
N ASP H 549 -20.18 -5.32 93.57
CA ASP H 549 -20.52 -4.64 94.83
C ASP H 549 -20.27 -3.13 94.74
N ASN H 550 -19.67 -2.68 93.64
CA ASN H 550 -19.22 -1.28 93.51
C ASN H 550 -20.31 -0.22 93.60
N ILE H 551 -21.50 -0.56 93.14
CA ILE H 551 -22.62 0.37 93.20
C ILE H 551 -22.93 0.80 94.67
N ASN H 552 -22.55 -0.05 95.61
CA ASN H 552 -22.74 0.26 97.01
C ASN H 552 -21.81 1.36 97.52
N LEU H 553 -20.71 1.62 96.80
CA LEU H 553 -19.80 2.69 97.17
C LEU H 553 -20.49 4.04 97.14
N ALA H 554 -21.53 4.15 96.31
CA ALA H 554 -22.28 5.41 96.17
C ALA H 554 -23.68 5.36 96.80
N SER H 555 -23.96 4.31 97.58
CA SER H 555 -25.26 4.15 98.22
C SER H 555 -25.50 5.09 99.41
N ASP H 556 -26.73 5.52 99.60
CA ASP H 556 -27.07 6.42 100.71
C ASP H 556 -27.67 5.69 101.89
N LYS H 557 -27.50 4.37 101.90
CA LYS H 557 -28.04 3.50 102.93
C LYS H 557 -27.64 3.88 104.36
N LEU H 558 -26.33 4.01 104.59
CA LEU H 558 -25.81 4.32 105.92
C LEU H 558 -26.28 5.65 106.55
N PRO H 559 -26.20 6.78 105.80
CA PRO H 559 -26.71 8.03 106.36
C PRO H 559 -28.21 7.96 106.67
N LYS H 560 -28.92 7.12 105.92
CA LYS H 560 -30.34 6.89 106.15
C LYS H 560 -30.57 6.10 107.44
N GLU H 561 -29.83 5.01 107.64
CA GLU H 561 -29.91 4.24 108.89
C GLU H 561 -29.55 5.07 110.12
N PHE H 562 -28.46 5.81 110.02
CA PHE H 562 -28.01 6.60 111.15
C PHE H 562 -29.01 7.72 111.45
N GLY H 563 -29.65 8.22 110.39
CA GLY H 563 -30.66 9.26 110.54
C GLY H 563 -31.89 8.81 111.31
N GLU H 564 -32.30 7.56 111.08
CA GLU H 564 -33.44 6.96 111.76
C GLU H 564 -33.07 6.67 113.21
N LEU H 565 -31.80 6.32 113.43
CA LEU H 565 -31.29 5.99 114.75
C LEU H 565 -31.29 7.20 115.68
N MET H 566 -31.04 8.39 115.12
CA MET H 566 -30.96 9.62 115.91
C MET H 566 -32.34 10.18 116.28
N1' TPP I . 15.05 18.71 -47.56
C2' TPP I . 13.72 18.47 -47.87
CM2 TPP I . 13.33 17.62 -49.06
N3' TPP I . 12.73 19.00 -47.07
C4' TPP I . 13.04 19.76 -45.98
N4' TPP I . 11.96 20.29 -45.18
C5' TPP I . 14.39 20.02 -45.64
C6' TPP I . 15.39 19.49 -46.46
C7' TPP I . 14.77 20.90 -44.41
N3 TPP I . 14.38 22.32 -44.60
C2 TPP I . 13.30 22.80 -44.05
S1 TPP I . 13.10 24.50 -44.46
C5 TPP I . 14.56 24.48 -45.41
C4 TPP I . 15.10 23.18 -45.35
CM4 TPP I . 16.40 22.82 -46.08
C6 TPP I . 15.16 25.68 -46.17
C7 TPP I . 14.10 26.48 -46.93
O7 TPP I . 14.75 27.34 -47.80
PA TPP I . 13.98 28.32 -48.75
O1A TPP I . 13.21 27.54 -49.81
O2A TPP I . 14.98 29.22 -49.46
O3A TPP I . 12.93 29.24 -47.95
PB TPP I . 13.33 30.27 -46.84
O1B TPP I . 13.42 29.57 -45.49
O2B TPP I . 12.23 31.32 -46.79
O3B TPP I . 14.65 30.92 -47.17
MG MG J . 16.00 31.19 -48.98
O1 PG4 K . -11.71 11.59 -50.67
C1 PG4 K . -10.39 11.41 -50.31
C2 PG4 K . -9.96 12.57 -49.47
O2 PG4 K . -9.73 13.64 -50.29
C3 PG4 K . -9.27 14.83 -49.76
C4 PG4 K . -9.72 16.01 -50.58
O3 PG4 K . -11.09 16.22 -50.50
C5 PG4 K . -11.63 17.44 -50.87
C6 PG4 K . -12.49 17.31 -52.09
O4 PG4 K . -13.61 16.58 -51.82
O1 PG4 L . -11.36 39.94 -58.69
C1 PG4 L . -10.03 39.53 -58.57
C2 PG4 L . -9.15 40.58 -57.96
O2 PG4 L . -9.49 40.80 -56.63
C3 PG4 L . -8.52 40.87 -55.64
C4 PG4 L . -8.97 41.79 -54.56
O3 PG4 L . -9.19 41.10 -53.38
C5 PG4 L . -10.08 40.06 -53.34
C6 PG4 L . -10.88 40.09 -52.07
O4 PG4 L . -12.17 39.67 -52.30
C7 PG4 L . -12.44 38.45 -52.91
C8 PG4 L . -13.93 38.21 -52.83
O5 PG4 L . -14.38 37.45 -53.90
O1 PG4 M . -0.58 3.00 -36.19
C1 PG4 M . -1.72 3.63 -36.69
C2 PG4 M . -1.60 5.13 -36.54
O2 PG4 M . -2.41 5.79 -37.45
C3 PG4 M . -2.82 5.18 -38.62
C4 PG4 M . -3.50 6.11 -39.58
O3 PG4 M . -2.58 7.03 -40.07
C5 PG4 M . -2.72 7.63 -41.31
C6 PG4 M . -1.46 8.37 -41.68
O4 PG4 M . -0.38 7.50 -41.87
C7 PG4 M . 0.81 7.69 -41.14
C8 PG4 M . 1.35 9.06 -41.46
O5 PG4 M . 1.97 9.71 -40.40
O1 PG4 N . -11.63 23.45 -55.20
C1 PG4 N . -11.43 22.26 -55.87
C2 PG4 N . -12.66 21.89 -56.63
O2 PG4 N . -12.65 22.47 -57.88
C3 PG4 N . -13.34 21.91 -58.94
C4 PG4 N . -13.52 22.92 -60.03
O3 PG4 N . -13.96 24.09 -59.47
C5 PG4 N . -14.08 25.26 -60.21
C6 PG4 N . -14.75 26.30 -59.37
O4 PG4 N . -13.91 27.37 -59.17
N1' TPP O . 12.90 7.98 -65.72
C2' TPP O . 14.11 7.77 -65.09
CM2 TPP O . 14.37 8.32 -63.70
N3' TPP O . 15.09 7.04 -65.72
C4' TPP O . 14.88 6.53 -66.97
N4' TPP O . 15.96 5.77 -67.57
C5' TPP O . 13.65 6.74 -67.63
C6' TPP O . 12.65 7.47 -66.98
C7' TPP O . 13.36 6.18 -69.04
N3 TPP O . 14.23 6.70 -70.12
C2 TPP O . 15.26 6.02 -70.55
S1 TPP O . 16.07 6.89 -71.85
C5 TPP O . 14.91 8.19 -71.75
C4 TPP O . 13.99 7.88 -70.75
CM4 TPP O . 12.83 8.81 -70.41
C6 TPP O . 14.95 9.42 -72.67
C7 TPP O . 15.70 10.62 -72.09
O7 TPP O . 15.68 11.60 -73.07
PA TPP O . 16.93 12.49 -73.29
O1A TPP O . 17.63 12.74 -71.96
O2A TPP O . 16.54 13.81 -73.94
O3A TPP O . 17.98 11.73 -74.22
PB TPP O . 17.76 11.48 -75.74
O1B TPP O . 17.23 10.08 -75.94
O2B TPP O . 19.15 11.61 -76.35
O3B TPP O . 16.81 12.48 -76.35
MG MG P . 15.94 14.52 -75.77
O2 PG4 Q . 36.43 -0.09 -52.50
C3 PG4 Q . 35.39 0.35 -53.30
C4 PG4 Q . 35.76 0.02 -54.69
O3 PG4 Q . 34.83 0.57 -55.54
C5 PG4 Q . 35.17 1.53 -56.47
C6 PG4 Q . 36.64 1.42 -56.77
O4 PG4 Q . 37.06 2.55 -57.43
C7 PG4 Q . 38.31 2.54 -58.01
C8 PG4 Q . 39.33 2.43 -56.94
O5 PG4 Q . 39.96 3.67 -56.88
O1 PG4 R . 44.09 13.35 -60.39
C1 PG4 R . 45.12 12.88 -59.59
C2 PG4 R . 44.62 12.77 -58.18
O2 PG4 R . 43.24 12.76 -58.20
C3 PG4 R . 42.55 12.06 -57.23
C4 PG4 R . 42.66 10.59 -57.47
O3 PG4 R . 41.58 10.11 -58.18
C5 PG4 R . 41.25 10.62 -59.43
C6 PG4 R . 40.60 9.56 -60.26
O4 PG4 R . 41.57 8.87 -60.97
C7 PG4 R . 41.38 8.45 -62.27
C8 PG4 R . 40.92 9.60 -63.12
O5 PG4 R . 39.65 9.36 -63.61
O1 PG4 S . 40.93 -28.15 -68.10
C1 PG4 S . 41.17 -28.03 -66.75
C2 PG4 S . 40.12 -28.75 -65.96
O2 PG4 S . 39.34 -27.84 -65.27
C3 PG4 S . 38.29 -28.25 -64.49
C4 PG4 S . 37.17 -28.62 -65.41
O3 PG4 S . 36.04 -27.90 -65.10
C5 PG4 S . 35.15 -27.48 -66.08
C6 PG4 S . 34.96 -28.53 -67.12
O4 PG4 S . 34.10 -28.06 -68.11
C7 PG4 S . 34.50 -27.11 -69.03
C8 PG4 S . 35.18 -27.76 -70.19
O5 PG4 S . 36.49 -27.34 -70.19
O1 PG4 T . 47.01 2.08 -60.99
C1 PG4 T . 47.20 2.26 -62.36
C2 PG4 T . 46.13 1.52 -63.11
O2 PG4 T . 46.02 1.97 -64.42
C3 PG4 T . 46.68 1.33 -65.47
C4 PG4 T . 47.14 2.31 -66.50
O3 PG4 T . 46.07 3.11 -66.90
C5 PG4 T . 46.25 4.22 -67.72
C6 PG4 T . 47.05 5.29 -67.05
O4 PG4 T . 46.32 6.47 -66.94
N1' TPP U . 11.76 -20.09 -25.41
C2' TPP U . 12.54 -20.59 -26.44
CM2 TPP U . 11.96 -21.15 -27.73
N3' TPP U . 13.90 -20.59 -26.28
C4' TPP U . 14.49 -20.11 -25.13
N4' TPP U . 15.94 -20.15 -25.08
C5' TPP U . 13.70 -19.61 -24.07
C6' TPP U . 12.31 -19.60 -24.24
C7' TPP U . 14.33 -19.08 -22.75
N3 TPP U . 14.90 -20.19 -21.93
C2 TPP U . 16.19 -20.43 -21.87
S1 TPP U . 16.59 -21.81 -20.84
C5 TPP U . 14.88 -22.03 -20.54
C4 TPP U . 14.14 -21.05 -21.22
CM4 TPP U . 12.61 -21.02 -21.10
C6 TPP U . 14.28 -23.13 -19.65
C7 TPP U . 14.92 -24.49 -19.89
O7 TPP U . 14.38 -25.39 -18.99
PA TPP U . 14.71 -26.92 -19.10
O1A TPP U . 14.56 -27.38 -20.56
O2A TPP U . 13.81 -27.72 -18.15
O3A TPP U . 16.23 -27.23 -18.73
PB TPP U . 16.83 -26.91 -17.34
O1B TPP U . 17.24 -25.46 -17.31
O2B TPP U . 18.05 -27.82 -17.21
O3B TPP U . 15.84 -27.22 -16.25
MG MG V . 13.91 -28.12 -16.08
O1 PG4 W . 50.80 -5.14 -33.58
C1 PG4 W . 49.50 -4.64 -33.65
C2 PG4 W . 49.38 -3.63 -34.75
O2 PG4 W . 49.19 -4.23 -35.99
C3 PG4 W . 49.13 -3.45 -37.13
C4 PG4 W . 49.17 -4.31 -38.36
O3 PG4 W . 50.49 -4.57 -38.70
C5 PG4 W . 50.81 -5.54 -39.65
C6 PG4 W . 52.28 -5.82 -39.65
O4 PG4 W . 52.71 -6.41 -38.47
C7 PG4 W . 53.86 -7.18 -38.47
C8 PG4 W . 54.24 -7.62 -37.09
O5 PG4 W . 53.99 -6.62 -36.17
O1 PG4 X . 31.76 -38.70 -36.00
C1 PG4 X . 31.81 -37.48 -36.66
C2 PG4 X . 30.45 -37.04 -37.09
O2 PG4 X . 30.45 -36.82 -38.47
C3 PG4 X . 29.27 -36.43 -39.10
C4 PG4 X . 29.42 -36.49 -40.59
O3 PG4 X . 29.15 -37.76 -41.06
C5 PG4 X . 28.46 -37.93 -42.25
C6 PG4 X . 28.72 -39.27 -42.86
O4 PG4 X . 29.08 -40.19 -41.88
C7 PG4 X . 29.36 -41.51 -42.21
C8 PG4 X . 29.80 -42.23 -40.98
O5 PG4 X . 31.15 -42.05 -40.78
O1 PG4 Y . 28.82 -25.69 -46.98
C1 PG4 Y . 29.04 -25.06 -45.79
C2 PG4 Y . 28.28 -25.80 -44.75
O2 PG4 Y . 28.98 -25.92 -43.58
C3 PG4 Y . 28.41 -26.69 -42.58
C4 PG4 Y . 29.43 -27.43 -41.76
O3 PG4 Y . 30.07 -28.42 -42.49
C5 PG4 Y . 30.69 -29.44 -41.79
C6 PG4 Y . 30.84 -30.70 -42.61
O4 PG4 Y . 31.74 -30.50 -43.63
C7 PG4 Y . 31.36 -30.76 -44.93
C8 PG4 Y . 32.06 -29.83 -45.89
O5 PG4 Y . 31.25 -29.50 -46.96
O1 PG4 Z . -4.39 -27.22 -45.35
C1 PG4 Z . -4.10 -27.29 -46.71
C2 PG4 Z . -4.82 -28.43 -47.37
O2 PG4 Z . -6.19 -28.36 -47.21
C3 PG4 Z . -6.89 -27.14 -47.16
C4 PG4 Z . -7.21 -26.64 -48.54
O3 PG4 Z . -8.54 -26.22 -48.62
C5 PG4 Z . -9.45 -27.06 -49.25
C6 PG4 Z . -10.04 -26.48 -50.51
O4 PG4 Z . -9.07 -25.85 -51.29
N1' TPP AA . 0.67 -27.59 -41.66
C2' TPP AA . -0.06 -26.78 -40.82
CM2 TPP AA . 0.55 -26.07 -39.63
N3' TPP AA . -1.40 -26.60 -41.07
C4' TPP AA . -2.00 -27.23 -42.14
N4' TPP AA . -3.41 -26.99 -42.33
C5' TPP AA . -1.25 -28.06 -43.01
C6' TPP AA . 0.10 -28.23 -42.75
C7' TPP AA . -1.91 -28.80 -44.21
N3 TPP AA . -2.89 -29.81 -43.73
C2 TPP AA . -4.19 -29.62 -43.86
S1 TPP AA . -5.14 -30.94 -43.18
C5 TPP AA . -3.66 -31.73 -42.71
C4 TPP AA . -2.56 -30.96 -43.10
CM4 TPP AA . -1.14 -31.44 -42.81
C6 TPP AA . -3.57 -33.08 -41.97
C7 TPP AA . -4.69 -33.25 -40.97
O7 TPP AA . -4.48 -34.44 -40.30
PA TPP AA . -5.31 -34.85 -39.04
O1A TPP AA . -4.98 -33.87 -37.92
O2A TPP AA . -4.93 -36.26 -38.61
O3A TPP AA . -6.89 -34.81 -39.29
PB TPP AA . -7.60 -35.78 -40.30
O1B TPP AA . -7.69 -35.13 -41.66
O2B TPP AA . -9.00 -36.01 -39.76
O3B TPP AA . -6.83 -37.08 -40.38
MG MG BA . -5.66 -38.34 -39.26
O1 PG4 CA . -29.50 -26.56 -23.91
C1 PG4 CA . -28.98 -27.74 -24.46
C2 PG4 CA . -29.96 -28.36 -25.41
O2 PG4 CA . -29.37 -29.40 -26.11
C3 PG4 CA . -28.57 -30.28 -25.42
C4 PG4 CA . -28.82 -31.64 -25.95
O3 PG4 CA . -27.81 -32.47 -25.50
C5 PG4 CA . -27.82 -32.94 -24.21
C6 PG4 CA . -26.45 -32.77 -23.63
O4 PG4 CA . -26.39 -33.37 -22.38
C7 PG4 CA . -27.26 -32.96 -21.40
C8 PG4 CA . -26.65 -31.76 -20.75
O5 PG4 CA . -27.23 -30.62 -21.27
O1 PG4 DA . -1.54 8.99 -14.62
C1 PG4 DA . -1.96 9.45 -13.38
C2 PG4 DA . -3.26 10.19 -13.49
O2 PG4 DA . -4.31 9.34 -13.79
C3 PG4 DA . -5.60 9.82 -13.77
C4 PG4 DA . -6.40 9.29 -14.93
O3 PG4 DA . -6.80 8.00 -14.65
C5 PG4 DA . -8.09 7.58 -14.90
C6 PG4 DA . -8.16 6.10 -14.72
O4 PG4 DA . -7.37 5.69 -13.66
C7 PG4 DA . -7.32 4.34 -13.34
C8 PG4 DA . -6.12 3.97 -12.53
O5 PG4 DA . -6.16 2.64 -12.09
O1 PG4 EA . -15.40 -29.10 -13.27
C1 PG4 EA . -15.27 -27.84 -13.80
C2 PG4 EA . -16.26 -27.63 -14.91
O2 PG4 EA . -17.50 -28.17 -14.61
C3 PG4 EA . -17.97 -29.29 -15.30
C4 PG4 EA . -18.98 -29.98 -14.46
O3 PG4 EA . -19.34 -31.19 -15.04
C5 PG4 EA . -19.32 -32.37 -14.30
C6 PG4 EA . -18.00 -32.44 -13.64
O4 PG4 EA . -17.64 -33.74 -13.31
C7 PG4 EA . -16.41 -33.93 -12.71
C8 PG4 EA . -16.56 -34.20 -11.25
O5 PG4 EA . -17.11 -33.11 -10.60
O1 PG4 FA . -33.46 -0.10 -54.55
C1 PG4 FA . -33.00 0.00 -55.86
C2 PG4 FA . -33.92 -0.74 -56.76
O2 PG4 FA . -34.55 -1.78 -56.11
C3 PG4 FA . -34.37 -3.08 -56.55
C4 PG4 FA . -34.45 -3.21 -58.03
O3 PG4 FA . -33.45 -4.07 -58.46
C5 PG4 FA . -32.73 -3.78 -59.61
C6 PG4 FA . -31.59 -4.73 -59.82
O4 PG4 FA . -30.51 -4.41 -59.03
C7 PG4 FA . -29.39 -3.78 -59.55
C8 PG4 FA . -28.23 -3.93 -58.61
O5 PG4 FA . -28.19 -2.89 -57.69
O1 PG4 GA . -20.91 -17.67 -19.47
C1 PG4 GA . -19.89 -16.85 -19.02
C2 PG4 GA . -19.66 -15.75 -20.01
O2 PG4 GA . -18.36 -15.29 -19.88
C3 PG4 GA . -17.43 -15.56 -20.87
C4 PG4 GA . -17.82 -14.91 -22.16
O3 PG4 GA . -18.15 -15.90 -23.08
C5 PG4 GA . -18.34 -15.56 -24.40
C6 PG4 GA . -18.82 -16.72 -25.21
O4 PG4 GA . -19.97 -17.23 -24.67
C ACT HA . -17.03 -10.18 -28.71
O ACT HA . -17.62 -10.10 -27.60
OXT ACT HA . -16.65 -11.32 -29.05
CH3 ACT HA . -16.77 -8.97 -29.58
N1' TPP IA . -26.52 5.24 12.24
C2' TPP IA . -26.35 4.49 11.08
CM2 TPP IA . -25.40 3.31 10.98
N3' TPP IA . -27.08 4.81 9.96
C4' TPP IA . -27.97 5.86 9.98
N4' TPP IA . -28.68 6.11 8.75
C5' TPP IA . -28.14 6.63 11.15
C6' TPP IA . -27.39 6.31 12.29
C7' TPP IA . -29.11 7.84 11.20
N3 TPP IA . -28.62 8.94 10.35
C2 TPP IA . -29.16 9.18 9.17
S1 TPP IA . -28.39 10.54 8.35
C5 TPP IA . -27.29 10.73 9.71
C4 TPP IA . -27.60 9.76 10.68
CM4 TPP IA . -26.79 9.69 11.99
C6 TPP IA . -26.18 11.79 9.82
C7 TPP IA . -25.36 11.96 8.54
O7 TPP IA . -24.29 12.79 8.81
PA TPP IA . -23.24 13.19 7.71
O1A TPP IA . -22.57 11.93 7.19
O2A TPP IA . -22.20 14.13 8.30
O3A TPP IA . -23.93 13.86 6.46
PB TPP IA . -24.76 15.19 6.47
O1B TPP IA . -26.24 14.93 6.61
O2B TPP IA . -24.54 15.81 5.10
O3B TPP IA . -24.26 16.09 7.55
MG MG JA . -22.26 16.40 8.32
O1 PG4 KA . -15.09 14.43 -19.63
C1 PG4 KA . -14.57 15.02 -18.50
C2 PG4 KA . -15.72 15.23 -17.57
O2 PG4 KA . -16.73 15.78 -18.33
C3 PG4 KA . -18.05 15.62 -17.93
C4 PG4 KA . -18.90 16.19 -19.01
O3 PG4 KA . -20.03 15.42 -19.17
C5 PG4 KA . -19.91 14.08 -19.44
C6 PG4 KA . -20.65 13.84 -20.70
O4 PG4 KA . -20.86 12.48 -20.79
C7 PG4 KA . -19.77 11.62 -20.85
C8 PG4 KA . -19.88 10.57 -21.93
O5 PG4 KA . -18.68 10.51 -22.62
O1 PG4 LA . -32.04 8.96 10.29
C1 PG4 LA . -32.96 8.35 9.48
C2 PG4 LA . -33.70 9.37 8.66
O2 PG4 LA . -34.66 8.72 7.90
C3 PG4 LA . -35.22 9.31 6.78
C4 PG4 LA . -36.09 10.45 7.18
O3 PG4 LA . -37.06 10.66 6.22
C5 PG4 LA . -38.40 10.53 6.57
C6 PG4 LA . -38.76 11.50 7.65
O4 PG4 LA . -40.13 11.53 7.83
C7 PG4 LA . -40.93 12.49 7.22
C8 PG4 LA . -41.90 11.85 6.28
O5 PG4 LA . -42.77 12.80 5.78
O1 PG4 MA . -16.87 -1.33 -18.21
C1 PG4 MA . -17.40 -2.57 -17.93
C2 PG4 MA . -16.54 -3.27 -16.91
O2 PG4 MA . -17.13 -4.45 -16.52
C3 PG4 MA . -17.83 -4.54 -15.34
C4 PG4 MA . -19.30 -4.47 -15.58
O3 PG4 MA . -19.76 -3.19 -15.33
C5 PG4 MA . -20.66 -2.99 -14.31
C6 PG4 MA . -21.44 -1.73 -14.52
O4 PG4 MA . -22.51 -1.94 -15.36
C7 PG4 MA . -22.36 -1.86 -16.74
C8 PG4 MA . -23.63 -2.23 -17.43
O5 PG4 MA . -23.58 -3.56 -17.82
O1 PG4 NA . -35.68 -4.16 0.47
C1 PG4 NA . -36.62 -4.92 1.13
C2 PG4 NA . -36.41 -4.98 2.62
O2 PG4 NA . -37.09 -6.06 3.19
C3 PG4 NA . -36.50 -7.29 3.49
C4 PG4 NA . -35.78 -7.95 2.34
O3 PG4 NA . -36.69 -8.41 1.41
C5 PG4 NA . -36.47 -8.26 0.05
C6 PG4 NA . -37.21 -9.29 -0.76
O4 PG4 NA . -38.51 -9.49 -0.27
C7 PG4 NA . -39.37 -10.40 -0.86
C8 PG4 NA . -40.64 -10.47 -0.06
O5 PG4 NA . -41.70 -10.88 -0.86
O1 PG4 OA . -27.49 22.36 -13.33
C1 PG4 OA . -28.11 22.99 -12.25
C2 PG4 OA . -27.33 22.79 -10.99
O2 PG4 OA . -27.51 21.50 -10.49
C3 PG4 OA . -28.76 20.91 -10.55
C4 PG4 OA . -28.64 19.53 -11.12
O3 PG4 OA . -28.86 19.52 -12.48
C5 PG4 OA . -30.08 19.13 -13.00
C6 PG4 OA . -30.31 19.84 -14.30
O4 PG4 OA . -29.91 19.05 -15.36
C7 PG4 OA . -28.63 19.16 -15.87
C8 PG4 OA . -28.62 20.18 -16.97
O5 PG4 OA . -27.46 20.91 -16.89
N1' TPP PA . -11.88 -10.10 13.51
C2' TPP PA . -12.35 -9.66 14.74
CM2 TPP PA . -13.47 -8.64 14.83
N3' TPP PA . -11.80 -10.17 15.90
C4' TPP PA . -10.78 -11.10 15.84
N4' TPP PA . -10.21 -11.59 17.08
C5' TPP PA . -10.29 -11.54 14.59
C6' TPP PA . -10.85 -11.02 13.43
C7' TPP PA . -9.11 -12.58 14.52
N3 TPP PA . -7.84 -11.99 15.01
C2 TPP PA . -7.36 -12.29 16.19
S1 TPP PA . -5.84 -11.44 16.49
C5 TPP PA . -5.94 -10.66 14.91
C4 TPP PA . -7.10 -11.12 14.28
CM4 TPP PA . -7.47 -10.62 12.88
C6 TPP PA . -4.93 -9.66 14.31
C7 TPP PA . -4.33 -8.68 15.32
O7 TPP PA . -3.61 -7.69 14.68
PA TPP PA . -2.96 -6.54 15.53
O1A TPP PA . -4.06 -5.64 16.10
O2A TPP PA . -2.03 -5.68 14.68
O3A TPP PA . -2.15 -7.13 16.77
PB TPP PA . -0.79 -7.87 16.64
O1B TPP PA . -1.00 -9.37 16.58
O2B TPP PA . 0.01 -7.52 17.89
O3B TPP PA . -0.04 -7.37 15.43
MG MG QA . -0.04 -5.88 13.85
O1 PG4 RA . -13.21 -35.38 47.70
C1 PG4 RA . -13.16 -36.00 46.46
C2 PG4 RA . -14.36 -35.63 45.66
O2 PG4 RA . -15.50 -35.92 46.40
C3 PG4 RA . -16.58 -35.05 46.39
C4 PG4 RA . -17.71 -35.65 47.15
O3 PG4 RA . -18.20 -34.73 48.06
C5 PG4 RA . -18.01 -34.94 49.40
C6 PG4 RA . -18.42 -33.72 50.16
O4 PG4 RA . -17.97 -33.77 51.47
C7 PG4 RA . -16.79 -34.40 51.81
C8 PG4 RA . -15.83 -33.45 52.46
O5 PG4 RA . -14.57 -34.00 52.31
O1 PG4 SA . -15.64 -0.24 40.99
C1 PG4 SA . -16.91 -0.67 41.30
C2 PG4 SA . -17.17 -1.86 40.44
O2 PG4 SA . -18.43 -2.39 40.67
C3 PG4 SA . -18.57 -3.75 40.54
C4 PG4 SA . -17.90 -4.23 39.30
O3 PG4 SA . -18.75 -5.13 38.66
C5 PG4 SA . -18.73 -5.32 37.28
C6 PG4 SA . -19.76 -6.35 36.88
O4 PG4 SA . -20.97 -6.06 37.49
C7 PG4 SA . -22.01 -6.95 37.42
C8 PG4 SA . -23.31 -6.23 37.68
O5 PG4 SA . -23.23 -5.58 38.90
O1 PG4 TA . -12.63 6.88 41.17
C1 PG4 TA . -13.98 6.82 40.91
C2 PG4 TA . -14.23 5.84 39.81
O2 PG4 TA . -15.30 5.01 40.09
C3 PG4 TA . -15.11 3.65 40.19
C4 PG4 TA . -14.12 3.19 39.17
O3 PG4 TA . -13.76 1.88 39.41
C5 PG4 TA . -12.72 1.32 38.70
C6 PG4 TA . -11.45 1.42 39.49
O4 PG4 TA . -10.35 1.37 38.65
N1' TPP UA . 9.79 14.39 72.76
C2' TPP UA . 8.72 14.50 71.88
CM2 TPP UA . 7.30 14.33 72.36
N3' TPP UA . 8.95 14.78 70.56
C4' TPP UA . 10.22 14.95 70.08
N4' TPP UA . 10.39 15.25 68.66
C5' TPP UA . 11.32 14.83 70.96
C6' TPP UA . 11.08 14.55 72.31
C7' TPP UA . 12.79 15.00 70.45
N3 TPP UA . 13.19 13.87 69.58
C2 TPP UA . 13.21 13.98 68.28
S1 TPP UA . 13.70 12.47 67.52
C5 TPP UA . 13.86 11.71 69.09
C4 TPP UA . 13.52 12.66 70.06
CM4 TPP UA . 13.57 12.30 71.56
C6 TPP UA . 14.30 10.26 69.31
C7 TPP UA . 13.62 9.28 68.34
O7 TPP UA . 13.91 7.99 68.75
PA TPP UA . 13.33 6.74 68.00
O1A TPP UA . 11.81 6.80 68.02
O2A TPP UA . 13.83 5.47 68.68
O3A TPP UA . 13.78 6.71 66.47
PB TPP UA . 15.26 6.71 66.01
O1B TPP UA . 15.82 8.10 65.86
O2B TPP UA . 15.19 6.02 64.65
O3B TPP UA . 16.15 5.90 66.93
MG MG VA . 15.56 4.19 68.37
O1 PG4 WA . -12.03 19.53 51.85
C1 PG4 WA . -12.44 18.22 52.05
C2 PG4 WA . -11.68 17.27 51.16
O2 PG4 WA . -10.61 16.67 51.82
C3 PG4 WA . -9.30 17.02 51.52
C4 PG4 WA . -8.36 16.26 52.40
O3 PG4 WA . -7.59 17.12 53.19
C5 PG4 WA . -8.07 18.36 53.58
C6 PG4 WA . -7.37 18.84 54.82
O4 PG4 WA . -8.28 19.57 55.57
C7 PG4 WA . -8.70 20.81 55.16
C8 PG4 WA . -9.91 21.14 55.97
O5 PG4 WA . -10.85 21.69 55.14
O1 PG4 XA . 10.30 39.54 38.94
C1 PG4 XA . 10.30 40.88 39.31
C2 PG4 XA . 10.06 41.02 40.77
O2 PG4 XA . 8.70 41.26 41.00
C3 PG4 XA . 8.21 42.54 41.12
C4 PG4 XA . 6.72 42.50 41.34
O3 PG4 XA . 6.06 42.33 40.14
C5 PG4 XA . 4.69 42.55 40.07
C6 PG4 XA . 4.27 42.75 38.65
O4 PG4 XA . 4.68 41.70 37.83
C7 PG4 XA . 4.48 41.77 36.45
C8 PG4 XA . 5.10 40.61 35.73
O5 PG4 XA . 6.46 40.83 35.52
C2 PG4 YA . -10.58 4.21 48.28
O2 PG4 YA . -11.02 4.32 49.59
C3 PG4 YA . -12.01 5.24 49.87
C4 PG4 YA . -11.87 5.82 51.25
O3 PG4 YA . -10.95 6.87 51.28
C5 PG4 YA . -11.32 8.11 51.80
C6 PG4 YA . -10.15 8.95 52.22
O4 PG4 YA . -9.02 8.78 51.42
C7 PG4 YA . -7.77 8.80 52.01
C8 PG4 YA . -6.68 8.67 50.98
O5 PG4 YA . -5.58 8.01 51.52
O1 PG4 ZA . 14.61 7.02 46.81
C1 PG4 ZA . 14.09 6.03 45.98
C2 PG4 ZA . 14.93 4.79 45.94
O2 PG4 ZA . 15.39 4.45 47.20
C3 PG4 ZA . 15.63 3.14 47.56
C4 PG4 ZA . 16.96 2.69 47.02
O3 PG4 ZA . 17.43 1.59 47.73
C5 PG4 ZA . 18.71 1.13 47.53
N1' TPP AB . -8.99 10.44 81.93
C2' TPP AB . -8.02 10.78 82.85
CM2 TPP AB . -6.63 11.18 82.39
N3' TPP AB . -8.33 10.77 84.20
C4' TPP AB . -9.59 10.41 84.62
N4' TPP AB . -9.85 10.40 86.05
C5' TPP AB . -10.58 10.05 83.69
C6' TPP AB . -10.26 10.06 82.33
C7' TPP AB . -12.01 9.62 84.13
N3 TPP AB . -11.96 8.35 84.87
C2 TPP AB . -12.01 8.30 86.19
S1 TPP AB . -11.92 6.65 86.79
C5 TPP AB . -11.81 6.05 85.15
C4 TPP AB . -11.85 7.14 84.27
CM4 TPP AB . -11.78 6.92 82.76
C6 TPP AB . -11.69 4.58 84.74
C7 TPP AB . -10.45 3.92 85.33
O7 TPP AB . -10.55 2.54 85.14
PA TPP AB . -9.48 1.56 85.73
O1A TPP AB . -8.12 2.24 85.76
O2A TPP AB . -9.40 0.31 84.85
O3A TPP AB . -9.85 1.10 87.22
PB TPP AB . -11.22 0.50 87.67
O1B TPP AB . -12.26 1.58 87.95
O2B TPP AB . -10.91 -0.25 88.96
O3B TPP AB . -11.77 -0.44 86.63
MG MG BB . -10.86 -1.08 84.71
O1 PG4 CB . -3.43 25.88 94.83
C1 PG4 CB . -3.30 26.11 93.46
C2 PG4 CB . -4.49 25.56 92.70
O2 PG4 CB . -5.22 26.58 92.06
C3 PG4 CB . -6.01 27.47 92.77
C4 PG4 CB . -7.05 28.12 91.89
O3 PG4 CB . -8.10 27.25 91.62
C5 PG4 CB . -8.61 27.07 90.33
C6 PG4 CB . -7.53 26.77 89.33
O4 PG4 CB . -7.23 25.42 89.29
C7 PG4 CB . -6.17 24.96 88.52
C8 PG4 CB . -4.92 25.74 88.82
O5 PG4 CB . -3.79 25.08 88.37
O1 PG4 DB . 8.77 7.94 103.03
C1 PG4 DB . 8.94 9.15 103.69
C2 PG4 DB . 9.77 10.05 102.83
O2 PG4 DB . 11.01 9.48 102.59
C3 PG4 DB . 12.17 10.22 102.67
C4 PG4 DB . 13.37 9.40 102.37
O3 PG4 DB . 13.34 8.25 103.15
C5 PG4 DB . 14.50 7.53 103.44
C6 PG4 DB . 14.22 6.70 104.65
O4 PG4 DB . 13.97 5.38 104.32
O1 PG4 EB . 9.22 20.53 104.03
C1 PG4 EB . 8.19 20.52 103.10
C2 PG4 EB . 8.31 21.69 102.17
O2 PG4 EB . 8.23 21.30 100.83
C3 PG4 EB . 7.09 21.49 100.07
C4 PG4 EB . 5.92 20.70 100.60
O3 PG4 EB . 5.99 19.36 100.21
C5 PG4 EB . 5.57 18.37 101.07
C6 PG4 EB . 6.39 17.14 100.85
O4 PG4 EB . 6.55 16.41 102.02
C7 PG4 EB . 7.26 16.91 103.10
C8 PG4 EB . 8.59 16.24 103.19
O5 PG4 EB . 9.49 17.13 103.77
#